data_6Y6M
#
_entry.id   6Y6M
#
_entity_poly.entity_id   1
_entity_poly.type   'polypeptide(L)'
_entity_poly.pdbx_seq_one_letter_code
;GADDEERETGIIEKLLHSYGFIQCCERQARLFFHFSQFSGNIDHLKIGDPVEFEMTYDRRTGKPIASQVSKIAPEVVLSE
ERVTGTVTTELRTDSANNVLNSSETTGRISYENRGECFFLPYTKDDVEGNVNLRAGDKVSFQIATNQRGNLGACHIRLEN
PAQPV
;
_entity_poly.pdbx_strand_id   A
#
# COMPACT_ATOMS: atom_id res chain seq x y z
N GLY A 1 -8.20 16.13 -10.27
CA GLY A 1 -6.85 16.04 -10.78
C GLY A 1 -6.75 15.12 -11.98
N ALA A 2 -5.67 14.35 -12.04
CA ALA A 2 -5.45 13.38 -13.10
C ALA A 2 -5.27 14.05 -14.47
N ASP A 3 -4.71 15.25 -14.47
CA ASP A 3 -4.50 15.98 -15.72
C ASP A 3 -3.29 15.41 -16.46
N ASP A 4 -2.29 14.97 -15.70
CA ASP A 4 -1.10 14.37 -16.26
C ASP A 4 -0.49 13.40 -15.25
N GLU A 5 -0.90 12.14 -15.35
CA GLU A 5 -0.39 11.09 -14.48
C GLU A 5 -0.76 9.73 -15.06
N GLU A 6 0.22 8.88 -15.16
CA GLU A 6 0.01 7.52 -15.61
C GLU A 6 0.63 6.55 -14.62
N ARG A 7 -0.20 6.04 -13.70
CA ARG A 7 0.27 5.10 -12.72
C ARG A 7 0.18 3.68 -13.29
N GLU A 8 1.32 3.13 -13.63
CA GLU A 8 1.37 1.84 -14.29
C GLU A 8 2.16 0.83 -13.46
N THR A 9 1.72 -0.41 -13.48
CA THR A 9 2.33 -1.45 -12.67
C THR A 9 3.07 -2.46 -13.54
N GLY A 10 4.18 -2.98 -13.05
CA GLY A 10 4.95 -3.94 -13.81
C GLY A 10 5.75 -4.87 -12.93
N ILE A 11 6.37 -5.87 -13.53
CA ILE A 11 7.16 -6.84 -12.80
C ILE A 11 8.60 -6.83 -13.31
N ILE A 12 9.56 -6.81 -12.40
CA ILE A 12 10.95 -6.94 -12.79
C ILE A 12 11.25 -8.39 -13.18
N GLU A 13 11.54 -8.59 -14.46
CA GLU A 13 11.74 -9.93 -15.00
C GLU A 13 13.22 -10.30 -14.95
N LYS A 14 14.08 -9.31 -15.05
CA LYS A 14 15.52 -9.55 -15.10
C LYS A 14 16.26 -8.28 -14.72
N LEU A 15 17.18 -8.41 -13.77
CA LEU A 15 17.97 -7.27 -13.32
C LEU A 15 19.34 -7.25 -13.97
N LEU A 16 19.67 -6.12 -14.57
CA LEU A 16 20.97 -5.88 -15.15
C LEU A 16 21.73 -4.92 -14.24
N HIS A 17 22.96 -4.59 -14.58
CA HIS A 17 23.74 -3.66 -13.78
C HIS A 17 23.51 -2.24 -14.29
N SER A 18 22.85 -1.44 -13.45
CA SER A 18 22.49 -0.05 -13.80
C SER A 18 21.41 -0.03 -14.87
N TYR A 19 20.64 -1.11 -14.96
CA TYR A 19 19.65 -1.28 -16.01
C TYR A 19 18.69 -2.41 -15.64
N GLY A 20 17.45 -2.35 -16.12
CA GLY A 20 16.49 -3.39 -15.78
C GLY A 20 15.30 -3.41 -16.73
N PHE A 21 14.54 -4.50 -16.70
CA PHE A 21 13.36 -4.65 -17.55
C PHE A 21 12.08 -4.76 -16.73
N ILE A 22 11.06 -4.02 -17.15
CA ILE A 22 9.74 -4.11 -16.54
C ILE A 22 8.78 -4.84 -17.48
N GLN A 23 8.19 -5.93 -16.97
CA GLN A 23 7.33 -6.78 -17.78
C GLN A 23 5.89 -6.28 -17.88
N CYS A 24 5.30 -6.58 -19.02
CA CYS A 24 3.96 -6.13 -19.39
C CYS A 24 2.84 -6.95 -18.72
N CYS A 25 3.20 -7.84 -17.81
CA CYS A 25 2.24 -8.79 -17.23
C CYS A 25 0.96 -8.10 -16.74
N GLU A 26 1.08 -7.03 -15.98
CA GLU A 26 -0.09 -6.37 -15.41
C GLU A 26 -0.44 -5.07 -16.14
N ARG A 27 0.39 -4.71 -17.11
CA ARG A 27 0.20 -3.47 -17.85
C ARG A 27 0.80 -3.60 -19.24
N GLN A 28 0.11 -3.08 -20.24
CA GLN A 28 0.51 -3.23 -21.63
C GLN A 28 1.74 -2.36 -21.97
N ALA A 29 2.77 -2.46 -21.17
CA ALA A 29 3.98 -1.67 -21.38
C ALA A 29 5.21 -2.41 -20.88
N ARG A 30 6.21 -2.53 -21.75
CA ARG A 30 7.50 -3.07 -21.35
C ARG A 30 8.53 -1.95 -21.32
N LEU A 31 8.84 -1.47 -20.13
CA LEU A 31 9.76 -0.34 -19.99
C LEU A 31 11.08 -0.79 -19.39
N PHE A 32 12.16 -0.28 -19.97
CA PHE A 32 13.49 -0.49 -19.40
C PHE A 32 13.81 0.68 -18.48
N PHE A 33 14.16 0.37 -17.24
CA PHE A 33 14.39 1.41 -16.25
C PHE A 33 15.82 1.36 -15.75
N HIS A 34 16.37 2.53 -15.42
CA HIS A 34 17.72 2.61 -14.90
C HIS A 34 17.69 2.71 -13.38
N PHE A 35 18.80 2.36 -12.75
CA PHE A 35 18.85 2.30 -11.29
C PHE A 35 18.80 3.68 -10.64
N SER A 36 18.97 4.71 -11.45
CA SER A 36 18.85 6.08 -10.95
C SER A 36 17.38 6.48 -10.88
N GLN A 37 16.53 5.67 -11.50
CA GLN A 37 15.08 5.92 -11.53
C GLN A 37 14.37 4.96 -10.57
N PHE A 38 15.05 4.55 -9.51
CA PHE A 38 14.45 3.64 -8.54
C PHE A 38 14.55 4.21 -7.13
N SER A 39 13.42 4.26 -6.44
CA SER A 39 13.36 4.76 -5.08
C SER A 39 13.31 3.61 -4.08
N GLY A 40 14.34 3.50 -3.26
CA GLY A 40 14.36 2.49 -2.24
C GLY A 40 15.66 1.69 -2.24
N ASN A 41 15.59 0.49 -1.71
CA ASN A 41 16.75 -0.40 -1.68
C ASN A 41 16.80 -1.25 -2.94
N ILE A 42 17.82 -1.02 -3.76
CA ILE A 42 18.01 -1.80 -4.98
C ILE A 42 18.38 -3.24 -4.62
N ASP A 43 18.94 -3.41 -3.43
CA ASP A 43 19.32 -4.72 -2.94
C ASP A 43 18.10 -5.44 -2.36
N HIS A 44 16.97 -4.76 -2.34
CA HIS A 44 15.71 -5.35 -1.92
C HIS A 44 14.76 -5.45 -3.11
N LEU A 45 15.32 -5.32 -4.30
CA LEU A 45 14.59 -5.53 -5.52
C LEU A 45 14.97 -6.90 -6.09
N LYS A 46 13.99 -7.67 -6.50
CA LYS A 46 14.22 -9.04 -6.89
C LYS A 46 13.52 -9.37 -8.21
N ILE A 47 13.83 -10.53 -8.76
CA ILE A 47 13.21 -10.98 -9.98
C ILE A 47 11.85 -11.59 -9.67
N GLY A 48 10.80 -11.00 -10.23
CA GLY A 48 9.45 -11.42 -9.91
C GLY A 48 8.78 -10.46 -8.96
N ASP A 49 9.43 -9.31 -8.76
CA ASP A 49 8.93 -8.28 -7.85
C ASP A 49 8.09 -7.26 -8.63
N PRO A 50 6.85 -7.00 -8.16
CA PRO A 50 5.95 -6.04 -8.80
C PRO A 50 6.12 -4.62 -8.26
N VAL A 51 6.29 -3.66 -9.15
CA VAL A 51 6.47 -2.27 -8.76
C VAL A 51 5.46 -1.38 -9.47
N GLU A 52 5.27 -0.18 -8.92
CA GLU A 52 4.39 0.81 -9.53
C GLU A 52 5.24 1.98 -10.02
N PHE A 53 5.05 2.35 -11.28
CA PHE A 53 5.83 3.41 -11.87
C PHE A 53 4.95 4.43 -12.60
N GLU A 54 5.46 5.63 -12.73
CA GLU A 54 4.76 6.68 -13.44
C GLU A 54 5.37 6.87 -14.82
N MET A 55 4.56 6.70 -15.84
CA MET A 55 5.03 6.79 -17.24
C MET A 55 4.77 8.18 -17.78
N THR A 56 5.83 8.90 -18.12
CA THR A 56 5.69 10.27 -18.58
C THR A 56 6.65 10.58 -19.73
N TYR A 57 6.25 11.53 -20.57
CA TYR A 57 7.11 11.97 -21.66
C TYR A 57 7.96 13.15 -21.23
N ASP A 58 9.25 12.93 -21.06
CA ASP A 58 10.15 14.00 -20.69
C ASP A 58 10.39 14.92 -21.89
N ARG A 59 9.86 16.13 -21.80
CA ARG A 59 10.00 17.10 -22.89
C ARG A 59 11.37 17.78 -22.86
N ARG A 60 12.13 17.51 -21.81
CA ARG A 60 13.47 18.09 -21.65
C ARG A 60 14.44 17.49 -22.65
N THR A 61 14.61 16.18 -22.60
CA THR A 61 15.48 15.47 -23.53
C THR A 61 14.68 14.97 -24.74
N GLY A 62 13.36 14.88 -24.57
CA GLY A 62 12.51 14.46 -25.66
C GLY A 62 12.35 12.96 -25.73
N LYS A 63 12.40 12.31 -24.57
CA LYS A 63 12.34 10.85 -24.49
C LYS A 63 11.33 10.43 -23.42
N PRO A 64 10.66 9.28 -23.61
CA PRO A 64 9.75 8.75 -22.60
C PRO A 64 10.50 8.09 -21.45
N ILE A 65 10.20 8.51 -20.22
CA ILE A 65 10.90 7.98 -19.06
C ILE A 65 9.92 7.54 -17.99
N ALA A 66 10.46 6.84 -17.01
CA ALA A 66 9.68 6.46 -15.85
C ALA A 66 10.08 7.35 -14.68
N SER A 67 9.20 7.47 -13.72
CA SER A 67 9.48 8.27 -12.54
C SER A 67 10.35 7.48 -11.55
N GLN A 68 10.21 7.76 -10.27
CA GLN A 68 11.09 7.18 -9.25
C GLN A 68 10.86 5.68 -9.06
N VAL A 69 9.81 5.14 -9.67
CA VAL A 69 9.47 3.72 -9.55
C VAL A 69 9.30 3.30 -8.10
N SER A 70 8.07 3.22 -7.64
CA SER A 70 7.80 2.95 -6.25
C SER A 70 7.47 1.47 -6.03
N LYS A 71 8.21 0.84 -5.13
CA LYS A 71 7.91 -0.52 -4.71
C LYS A 71 6.52 -0.56 -4.07
N ILE A 72 5.73 -1.57 -4.42
CA ILE A 72 4.37 -1.65 -3.93
C ILE A 72 4.35 -2.09 -2.47
N ALA A 73 3.91 -1.17 -1.60
CA ALA A 73 3.83 -1.40 -0.15
C ALA A 73 5.18 -1.73 0.44
N PRO A 74 6.07 -0.73 0.54
CA PRO A 74 7.39 -0.89 1.12
C PRO A 74 7.41 -0.68 2.64
N GLU A 75 7.04 0.53 3.06
CA GLU A 75 7.02 0.90 4.47
C GLU A 75 5.61 0.80 5.03
N VAL A 76 4.64 0.56 4.14
CA VAL A 76 3.24 0.48 4.55
C VAL A 76 2.95 -0.89 5.15
N VAL A 77 2.65 -0.92 6.44
CA VAL A 77 2.41 -2.16 7.14
C VAL A 77 0.92 -2.44 7.25
N LEU A 78 0.53 -3.68 6.96
CA LEU A 78 -0.88 -4.07 6.98
C LEU A 78 -1.40 -4.22 8.42
N SER A 79 -0.64 -3.68 9.37
CA SER A 79 -0.99 -3.69 10.80
C SER A 79 -0.96 -5.11 11.38
N GLU A 80 -0.68 -6.09 10.52
CA GLU A 80 -0.63 -7.50 10.89
C GLU A 80 -2.00 -7.99 11.39
N GLU A 81 -3.03 -7.20 11.13
CA GLU A 81 -4.37 -7.54 11.58
C GLU A 81 -5.34 -7.42 10.42
N ARG A 82 -5.96 -8.55 10.07
CA ARG A 82 -6.93 -8.57 8.99
C ARG A 82 -8.33 -8.42 9.55
N VAL A 83 -9.06 -7.44 9.06
CA VAL A 83 -10.39 -7.15 9.60
C VAL A 83 -11.45 -7.27 8.53
N THR A 84 -12.70 -7.34 8.97
CA THR A 84 -13.84 -7.38 8.08
C THR A 84 -14.81 -6.27 8.45
N GLY A 85 -15.51 -5.75 7.46
CA GLY A 85 -16.43 -4.66 7.73
C GLY A 85 -17.72 -4.83 6.97
N THR A 86 -18.74 -4.12 7.43
CA THR A 86 -20.04 -4.14 6.80
C THR A 86 -20.22 -2.88 5.96
N VAL A 87 -20.54 -3.05 4.69
CA VAL A 87 -20.77 -1.93 3.80
C VAL A 87 -22.04 -1.19 4.21
N THR A 88 -21.93 0.11 4.43
CA THR A 88 -23.07 0.89 4.83
C THR A 88 -23.47 1.91 3.77
N THR A 89 -22.57 2.18 2.83
CA THR A 89 -22.86 3.12 1.75
C THR A 89 -22.07 2.74 0.50
N GLU A 90 -22.75 2.77 -0.64
CA GLU A 90 -22.13 2.40 -1.92
C GLU A 90 -21.74 3.65 -2.70
N LEU A 91 -21.01 3.47 -3.80
CA LEU A 91 -20.66 4.57 -4.68
C LEU A 91 -21.11 4.25 -6.09
N ARG A 92 -21.56 5.26 -6.83
CA ARG A 92 -22.17 5.02 -8.13
C ARG A 92 -21.14 4.99 -9.25
N THR A 93 -20.93 3.79 -9.77
CA THR A 93 -20.11 3.57 -10.95
C THR A 93 -20.79 2.49 -11.77
N ASP A 94 -20.01 1.76 -12.58
CA ASP A 94 -20.50 0.55 -13.24
C ASP A 94 -21.68 0.88 -14.15
N SER A 95 -21.54 1.97 -14.89
CA SER A 95 -22.60 2.44 -15.78
C SER A 95 -22.71 1.54 -17.01
N ALA A 96 -23.39 2.04 -18.02
CA ALA A 96 -23.56 1.30 -19.27
C ALA A 96 -22.39 1.56 -20.22
N ASN A 97 -21.38 2.29 -19.75
CA ASN A 97 -20.22 2.61 -20.60
C ASN A 97 -18.97 2.88 -19.76
N ASN A 98 -19.11 3.67 -18.70
CA ASN A 98 -17.97 4.06 -17.89
C ASN A 98 -18.00 3.39 -16.53
N VAL A 99 -16.84 3.28 -15.91
CA VAL A 99 -16.71 2.73 -14.58
C VAL A 99 -15.46 3.29 -13.91
N LEU A 100 -15.56 3.59 -12.61
CA LEU A 100 -14.46 4.12 -11.78
C LEU A 100 -13.91 5.46 -12.30
N ASN A 101 -14.52 5.97 -13.36
CA ASN A 101 -14.13 7.24 -13.94
C ASN A 101 -14.45 8.37 -12.98
N SER A 102 -15.59 8.26 -12.32
CA SER A 102 -15.97 9.21 -11.29
C SER A 102 -15.31 8.85 -9.97
N SER A 103 -14.12 9.41 -9.74
CA SER A 103 -13.37 9.15 -8.52
C SER A 103 -13.78 10.15 -7.43
N GLU A 104 -14.81 10.92 -7.71
CA GLU A 104 -15.31 11.91 -6.76
C GLU A 104 -16.50 11.35 -5.97
N THR A 105 -16.66 10.04 -6.04
CA THR A 105 -17.70 9.35 -5.28
C THR A 105 -17.06 8.28 -4.38
N THR A 106 -17.55 8.17 -3.17
CA THR A 106 -16.99 7.22 -2.21
C THR A 106 -18.08 6.68 -1.29
N GLY A 107 -17.94 5.40 -0.95
CA GLY A 107 -18.88 4.78 -0.05
C GLY A 107 -18.37 4.76 1.38
N ARG A 108 -18.97 3.91 2.21
CA ARG A 108 -18.58 3.81 3.61
C ARG A 108 -18.59 2.35 4.08
N ILE A 109 -17.53 1.98 4.79
CA ILE A 109 -17.46 0.67 5.43
C ILE A 109 -17.47 0.84 6.94
N SER A 110 -18.32 0.08 7.62
CA SER A 110 -18.38 0.13 9.07
C SER A 110 -17.83 -1.16 9.65
N TYR A 111 -16.74 -1.05 10.40
CA TYR A 111 -16.18 -2.20 11.06
C TYR A 111 -16.11 -1.92 12.56
N GLU A 112 -16.55 -2.88 13.35
CA GLU A 112 -16.54 -2.75 14.79
C GLU A 112 -15.44 -3.65 15.35
N ASN A 113 -14.39 -3.03 15.86
CA ASN A 113 -13.21 -3.77 16.30
C ASN A 113 -12.33 -2.88 17.18
N ARG A 114 -11.66 -3.50 18.14
CA ARG A 114 -10.73 -2.81 19.04
C ARG A 114 -11.44 -1.75 19.88
N GLY A 115 -12.75 -1.90 20.02
CA GLY A 115 -13.53 -0.94 20.77
C GLY A 115 -13.87 0.29 19.93
N GLU A 116 -13.40 0.29 18.68
CA GLU A 116 -13.61 1.41 17.79
C GLU A 116 -14.72 1.11 16.80
N CYS A 117 -15.55 2.11 16.56
CA CYS A 117 -16.64 1.98 15.60
C CYS A 117 -16.76 3.27 14.79
N PHE A 118 -16.35 3.22 13.54
CA PHE A 118 -16.40 4.39 12.67
C PHE A 118 -16.44 3.95 11.21
N PHE A 119 -16.85 4.88 10.36
CA PHE A 119 -17.03 4.60 8.94
C PHE A 119 -15.79 5.00 8.16
N LEU A 120 -15.33 4.13 7.27
CA LEU A 120 -14.19 4.44 6.44
C LEU A 120 -14.62 4.71 5.01
N PRO A 121 -14.14 5.81 4.42
CA PRO A 121 -14.39 6.13 3.01
C PRO A 121 -13.63 5.17 2.10
N TYR A 122 -14.32 4.62 1.11
CA TYR A 122 -13.67 3.72 0.16
C TYR A 122 -14.16 4.00 -1.25
N THR A 123 -13.27 3.83 -2.20
CA THR A 123 -13.60 3.95 -3.60
C THR A 123 -13.47 2.58 -4.27
N LYS A 124 -14.04 2.43 -5.46
CA LYS A 124 -14.05 1.13 -6.13
C LYS A 124 -12.70 0.81 -6.77
N ASP A 125 -11.88 1.83 -7.00
CA ASP A 125 -10.60 1.64 -7.69
C ASP A 125 -9.58 0.92 -6.81
N ASP A 126 -9.86 0.82 -5.51
CA ASP A 126 -8.98 0.10 -4.59
C ASP A 126 -9.55 -1.30 -4.29
N VAL A 127 -10.69 -1.60 -4.89
CA VAL A 127 -11.36 -2.88 -4.68
C VAL A 127 -10.74 -3.94 -5.58
N GLU A 128 -9.99 -4.84 -4.98
CA GLU A 128 -9.31 -5.88 -5.74
C GLU A 128 -10.28 -7.00 -6.10
N GLY A 129 -10.07 -7.58 -7.26
CA GLY A 129 -10.91 -8.67 -7.71
C GLY A 129 -11.97 -8.21 -8.69
N ASN A 130 -12.19 -6.89 -8.74
CA ASN A 130 -13.16 -6.29 -9.65
C ASN A 130 -14.57 -6.78 -9.33
N VAL A 131 -14.84 -7.00 -8.05
CA VAL A 131 -16.15 -7.44 -7.59
C VAL A 131 -17.12 -6.27 -7.52
N ASN A 132 -18.37 -6.56 -7.23
CA ASN A 132 -19.36 -5.52 -7.06
C ASN A 132 -20.10 -5.67 -5.73
N LEU A 133 -19.45 -5.19 -4.68
CA LEU A 133 -20.00 -5.27 -3.33
C LEU A 133 -21.21 -4.35 -3.18
N ARG A 134 -22.14 -4.74 -2.32
CA ARG A 134 -23.37 -4.00 -2.11
C ARG A 134 -23.63 -3.85 -0.62
N ALA A 135 -24.08 -2.67 -0.22
CA ALA A 135 -24.25 -2.36 1.18
C ALA A 135 -25.15 -3.37 1.88
N GLY A 136 -24.59 -4.00 2.91
CA GLY A 136 -25.29 -5.05 3.61
C GLY A 136 -24.58 -6.39 3.53
N ASP A 137 -23.60 -6.51 2.63
CA ASP A 137 -22.77 -7.71 2.57
C ASP A 137 -21.55 -7.53 3.47
N LYS A 138 -20.73 -8.57 3.56
CA LYS A 138 -19.58 -8.55 4.46
C LYS A 138 -18.28 -8.65 3.67
N VAL A 139 -17.48 -7.61 3.75
CA VAL A 139 -16.24 -7.55 2.98
C VAL A 139 -15.03 -7.52 3.90
N SER A 140 -13.88 -7.87 3.36
CA SER A 140 -12.64 -7.87 4.11
C SER A 140 -11.71 -6.82 3.53
N PHE A 141 -11.03 -6.10 4.39
CA PHE A 141 -10.09 -5.09 3.96
C PHE A 141 -8.90 -5.03 4.90
N GLN A 142 -7.73 -4.78 4.33
CA GLN A 142 -6.50 -4.74 5.09
C GLN A 142 -6.13 -3.30 5.39
N ILE A 143 -6.07 -2.97 6.68
CA ILE A 143 -5.71 -1.63 7.09
C ILE A 143 -4.19 -1.44 6.98
N ALA A 144 -3.77 -0.85 5.88
CA ALA A 144 -2.35 -0.63 5.66
C ALA A 144 -1.93 0.73 6.19
N THR A 145 -1.14 0.71 7.25
CA THR A 145 -0.68 1.92 7.90
C THR A 145 0.55 2.47 7.18
N ASN A 146 0.38 3.63 6.56
CA ASN A 146 1.49 4.31 5.90
C ASN A 146 2.37 4.99 6.94
N GLN A 147 3.63 5.27 6.57
CA GLN A 147 4.61 5.84 7.50
C GLN A 147 4.14 7.20 8.04
N ARG A 148 3.22 7.83 7.31
CA ARG A 148 2.68 9.12 7.73
C ARG A 148 1.64 8.96 8.83
N GLY A 149 1.26 7.72 9.11
CA GLY A 149 0.27 7.46 10.16
C GLY A 149 -1.14 7.65 9.66
N ASN A 150 -1.27 8.05 8.40
CA ASN A 150 -2.58 8.23 7.78
C ASN A 150 -2.91 7.03 6.92
N LEU A 151 -4.12 6.51 7.07
CA LEU A 151 -4.55 5.34 6.31
C LEU A 151 -6.05 5.36 6.09
N GLY A 152 -6.55 4.35 5.40
CA GLY A 152 -7.97 4.19 5.18
C GLY A 152 -8.34 2.73 5.03
N ALA A 153 -8.99 2.39 3.94
CA ALA A 153 -9.35 1.01 3.67
C ALA A 153 -8.73 0.56 2.34
N CYS A 154 -7.99 -0.54 2.37
CA CYS A 154 -7.32 -1.02 1.18
C CYS A 154 -7.48 -2.53 1.06
N HIS A 155 -7.30 -3.07 -0.16
CA HIS A 155 -7.42 -4.50 -0.41
C HIS A 155 -8.83 -4.98 -0.13
N ILE A 156 -9.80 -4.13 -0.44
CA ILE A 156 -11.20 -4.42 -0.17
C ILE A 156 -11.75 -5.43 -1.18
N ARG A 157 -12.12 -6.60 -0.68
CA ARG A 157 -12.74 -7.61 -1.54
C ARG A 157 -13.95 -8.23 -0.85
N LEU A 158 -14.82 -8.85 -1.64
CA LEU A 158 -16.02 -9.47 -1.10
C LEU A 158 -15.76 -10.94 -0.80
N GLU A 159 -15.75 -11.26 0.49
CA GLU A 159 -15.48 -12.63 0.93
C GLU A 159 -16.77 -13.36 1.25
N ASN A 160 -17.56 -12.80 2.15
CA ASN A 160 -18.82 -13.41 2.56
C ASN A 160 -19.99 -12.56 2.06
N PRO A 161 -20.57 -12.94 0.91
CA PRO A 161 -21.65 -12.15 0.31
C PRO A 161 -23.01 -12.41 0.94
N ALA A 162 -23.90 -11.45 0.77
CA ALA A 162 -25.27 -11.59 1.22
C ALA A 162 -26.22 -11.48 0.04
N GLN A 163 -26.55 -12.62 -0.54
CA GLN A 163 -27.36 -12.64 -1.75
C GLN A 163 -28.81 -12.97 -1.42
N PRO A 164 -29.74 -12.10 -1.85
CA PRO A 164 -31.17 -12.30 -1.61
C PRO A 164 -31.74 -13.44 -2.46
N VAL A 165 -31.87 -14.59 -1.86
CA VAL A 165 -32.43 -15.76 -2.54
C VAL A 165 -33.93 -15.88 -2.27
N GLY A 1 0.24 12.37 -6.19
CA GLY A 1 -0.02 12.44 -7.61
C GLY A 1 -1.05 13.50 -7.95
N ALA A 2 -0.71 14.36 -8.89
CA ALA A 2 -1.62 15.42 -9.32
C ALA A 2 -1.94 15.29 -10.80
N ASP A 3 -0.98 15.65 -11.66
CA ASP A 3 -1.16 15.51 -13.10
C ASP A 3 -0.87 14.08 -13.52
N ASP A 4 0.14 13.49 -12.88
CA ASP A 4 0.49 12.09 -13.12
C ASP A 4 -0.40 11.18 -12.28
N GLU A 5 -1.68 11.17 -12.58
CA GLU A 5 -2.63 10.36 -11.84
C GLU A 5 -2.68 8.95 -12.40
N GLU A 6 -2.20 8.81 -13.63
CA GLU A 6 -2.14 7.51 -14.28
C GLU A 6 -0.87 6.78 -13.87
N ARG A 7 -0.93 6.07 -12.74
CA ARG A 7 0.20 5.27 -12.29
C ARG A 7 0.16 3.89 -12.94
N GLU A 8 1.28 3.49 -13.53
CA GLU A 8 1.37 2.22 -14.21
C GLU A 8 2.01 1.19 -13.29
N THR A 9 1.46 -0.01 -13.26
CA THR A 9 1.99 -1.06 -12.41
C THR A 9 2.68 -2.14 -13.25
N GLY A 10 3.80 -2.62 -12.77
CA GLY A 10 4.54 -3.61 -13.52
C GLY A 10 5.35 -4.53 -12.62
N ILE A 11 6.11 -5.42 -13.23
CA ILE A 11 6.95 -6.37 -12.52
C ILE A 11 8.34 -6.35 -13.14
N ILE A 12 9.35 -6.72 -12.40
CA ILE A 12 10.68 -6.84 -12.98
C ILE A 12 10.89 -8.24 -13.58
N GLU A 13 11.13 -8.29 -14.89
CA GLU A 13 11.36 -9.57 -15.58
C GLU A 13 12.79 -10.04 -15.42
N LYS A 14 13.72 -9.08 -15.36
CA LYS A 14 15.13 -9.40 -15.23
C LYS A 14 15.88 -8.20 -14.67
N LEU A 15 17.04 -8.46 -14.08
CA LEU A 15 17.84 -7.41 -13.49
C LEU A 15 19.25 -7.41 -14.07
N LEU A 16 19.60 -6.32 -14.71
CA LEU A 16 20.96 -6.10 -15.17
C LEU A 16 21.60 -5.08 -14.24
N HIS A 17 22.85 -4.73 -14.47
CA HIS A 17 23.48 -3.73 -13.65
C HIS A 17 23.32 -2.35 -14.30
N SER A 18 23.02 -1.36 -13.45
CA SER A 18 22.73 0.03 -13.82
C SER A 18 21.34 0.17 -14.44
N TYR A 19 20.77 -0.91 -14.98
CA TYR A 19 19.44 -0.86 -15.57
C TYR A 19 18.74 -2.21 -15.49
N GLY A 20 17.43 -2.18 -15.57
CA GLY A 20 16.63 -3.39 -15.54
C GLY A 20 15.44 -3.28 -16.48
N PHE A 21 14.65 -4.34 -16.58
CA PHE A 21 13.50 -4.37 -17.47
C PHE A 21 12.19 -4.58 -16.70
N ILE A 22 11.16 -3.89 -17.13
CA ILE A 22 9.83 -4.00 -16.54
C ILE A 22 8.93 -4.85 -17.42
N GLN A 23 8.36 -5.87 -16.84
CA GLN A 23 7.59 -6.88 -17.55
C GLN A 23 6.17 -6.42 -17.84
N CYS A 24 5.74 -6.65 -19.07
CA CYS A 24 4.42 -6.27 -19.55
C CYS A 24 3.33 -7.23 -19.08
N CYS A 25 3.70 -8.22 -18.30
CA CYS A 25 2.72 -9.16 -17.77
C CYS A 25 1.67 -8.44 -16.92
N GLU A 26 2.07 -7.35 -16.29
CA GLU A 26 1.17 -6.59 -15.44
C GLU A 26 0.70 -5.31 -16.14
N ARG A 27 1.62 -4.60 -16.81
CA ARG A 27 1.27 -3.38 -17.51
C ARG A 27 1.00 -3.69 -18.98
N GLN A 28 0.21 -2.84 -19.63
CA GLN A 28 -0.15 -3.05 -21.03
C GLN A 28 0.97 -2.68 -22.00
N ALA A 29 2.20 -2.62 -21.48
CA ALA A 29 3.37 -2.28 -22.29
C ALA A 29 4.65 -2.54 -21.48
N ARG A 30 5.69 -2.99 -22.18
CA ARG A 30 6.96 -3.29 -21.55
C ARG A 30 7.86 -2.04 -21.53
N LEU A 31 8.70 -1.91 -20.52
CA LEU A 31 9.58 -0.76 -20.37
C LEU A 31 10.92 -1.17 -19.78
N PHE A 32 11.91 -0.30 -19.90
CA PHE A 32 13.18 -0.50 -19.22
C PHE A 32 13.45 0.68 -18.30
N PHE A 33 14.15 0.45 -17.20
CA PHE A 33 14.43 1.52 -16.25
C PHE A 33 15.86 1.41 -15.75
N HIS A 34 16.43 2.54 -15.34
CA HIS A 34 17.78 2.55 -14.80
C HIS A 34 17.69 2.57 -13.28
N PHE A 35 18.76 2.17 -12.61
CA PHE A 35 18.77 2.13 -11.14
C PHE A 35 18.77 3.55 -10.55
N SER A 36 18.96 4.54 -11.41
CA SER A 36 18.87 5.93 -11.02
C SER A 36 17.41 6.32 -10.82
N GLN A 37 16.50 5.50 -11.34
CA GLN A 37 15.08 5.75 -11.22
C GLN A 37 14.40 4.70 -10.35
N PHE A 38 15.09 4.27 -9.30
CA PHE A 38 14.48 3.37 -8.33
C PHE A 38 14.60 3.96 -6.93
N SER A 39 13.46 4.24 -6.32
CA SER A 39 13.42 4.83 -4.99
C SER A 39 13.45 3.75 -3.92
N GLY A 40 14.65 3.46 -3.42
CA GLY A 40 14.81 2.48 -2.38
C GLY A 40 16.04 1.63 -2.60
N ASN A 41 16.33 0.75 -1.65
CA ASN A 41 17.45 -0.16 -1.78
C ASN A 41 17.24 -1.11 -2.95
N ILE A 42 18.17 -1.10 -3.89
CA ILE A 42 18.09 -1.98 -5.05
C ILE A 42 18.22 -3.44 -4.62
N ASP A 43 18.77 -3.64 -3.42
CA ASP A 43 18.88 -4.97 -2.84
C ASP A 43 17.51 -5.55 -2.50
N HIS A 44 16.55 -4.66 -2.27
CA HIS A 44 15.20 -5.06 -1.91
C HIS A 44 14.38 -5.38 -3.16
N LEU A 45 15.01 -5.26 -4.31
CA LEU A 45 14.35 -5.55 -5.57
C LEU A 45 14.82 -6.89 -6.12
N LYS A 46 13.86 -7.78 -6.35
CA LYS A 46 14.15 -9.10 -6.88
C LYS A 46 13.41 -9.29 -8.20
N ILE A 47 13.85 -10.27 -8.96
CA ILE A 47 13.19 -10.61 -10.20
C ILE A 47 11.86 -11.29 -9.91
N GLY A 48 10.78 -10.63 -10.29
CA GLY A 48 9.45 -11.10 -9.96
C GLY A 48 8.76 -10.18 -8.95
N ASP A 49 9.50 -9.17 -8.49
CA ASP A 49 8.95 -8.19 -7.56
C ASP A 49 8.12 -7.15 -8.30
N PRO A 50 6.91 -6.84 -7.79
CA PRO A 50 6.01 -5.86 -8.40
C PRO A 50 6.30 -4.42 -7.98
N VAL A 51 6.16 -3.50 -8.93
CA VAL A 51 6.39 -2.08 -8.69
C VAL A 51 5.34 -1.24 -9.39
N GLU A 52 5.19 0.01 -8.95
CA GLU A 52 4.33 0.95 -9.63
C GLU A 52 5.13 2.20 -10.02
N PHE A 53 4.94 2.66 -11.24
CA PHE A 53 5.77 3.70 -11.82
C PHE A 53 4.96 4.61 -12.72
N GLU A 54 5.45 5.81 -12.95
CA GLU A 54 4.78 6.76 -13.82
C GLU A 54 5.40 6.73 -15.22
N MET A 55 4.57 6.46 -16.21
CA MET A 55 5.01 6.48 -17.59
C MET A 55 4.86 7.89 -18.16
N THR A 56 5.97 8.57 -18.36
CA THR A 56 5.93 9.96 -18.79
C THR A 56 6.88 10.21 -19.94
N TYR A 57 6.72 11.35 -20.60
CA TYR A 57 7.58 11.73 -21.71
C TYR A 57 8.31 13.03 -21.35
N ASP A 58 9.63 12.99 -21.37
CA ASP A 58 10.42 14.14 -20.93
C ASP A 58 10.73 15.09 -22.08
N ARG A 59 10.54 16.37 -21.83
CA ARG A 59 10.71 17.42 -22.84
C ARG A 59 12.18 17.79 -23.07
N ARG A 60 13.06 17.37 -22.18
CA ARG A 60 14.47 17.72 -22.29
C ARG A 60 15.24 16.63 -23.06
N THR A 61 14.96 15.38 -22.74
CA THR A 61 15.61 14.26 -23.40
C THR A 61 14.87 13.86 -24.68
N GLY A 62 13.56 14.03 -24.67
CA GLY A 62 12.76 13.66 -25.82
C GLY A 62 12.47 12.18 -25.86
N LYS A 63 12.63 11.52 -24.72
CA LYS A 63 12.44 10.08 -24.62
C LYS A 63 11.36 9.76 -23.59
N PRO A 64 10.75 8.56 -23.67
CA PRO A 64 9.82 8.11 -22.66
C PRO A 64 10.56 7.61 -21.43
N ILE A 65 10.21 8.13 -20.27
CA ILE A 65 10.90 7.77 -19.04
C ILE A 65 9.92 7.49 -17.91
N ALA A 66 10.36 6.69 -16.97
CA ALA A 66 9.54 6.38 -15.80
C ALA A 66 9.98 7.21 -14.62
N SER A 67 9.10 7.37 -13.64
CA SER A 67 9.42 8.10 -12.43
C SER A 67 10.35 7.30 -11.52
N GLN A 68 10.23 7.53 -10.22
CA GLN A 68 11.12 6.95 -9.22
C GLN A 68 10.88 5.43 -9.05
N VAL A 69 9.86 4.90 -9.73
CA VAL A 69 9.51 3.48 -9.65
C VAL A 69 9.38 3.02 -8.19
N SER A 70 8.19 3.15 -7.65
CA SER A 70 7.95 2.85 -6.26
C SER A 70 7.57 1.40 -6.06
N LYS A 71 8.15 0.77 -5.05
CA LYS A 71 7.75 -0.57 -4.65
C LYS A 71 6.40 -0.50 -3.96
N ILE A 72 5.44 -1.26 -4.49
CA ILE A 72 4.04 -1.20 -4.03
C ILE A 72 3.94 -1.40 -2.53
N ALA A 73 3.53 -0.33 -1.83
CA ALA A 73 3.35 -0.36 -0.39
C ALA A 73 1.98 0.21 -0.03
N PRO A 74 1.30 -0.37 0.98
CA PRO A 74 -0.05 0.04 1.37
C PRO A 74 -0.08 1.39 2.07
N GLU A 75 -1.09 2.18 1.73
CA GLU A 75 -1.30 3.48 2.35
C GLU A 75 -2.23 3.34 3.55
N VAL A 76 -2.53 4.43 4.23
CA VAL A 76 -3.45 4.41 5.36
C VAL A 76 -4.89 4.43 4.84
N VAL A 77 -5.83 3.93 5.64
CA VAL A 77 -7.22 3.85 5.22
C VAL A 77 -7.91 5.20 5.28
N LEU A 78 -8.17 5.76 4.11
CA LEU A 78 -8.87 7.04 4.01
C LEU A 78 -10.32 6.85 3.57
N SER A 79 -10.52 6.08 2.51
CA SER A 79 -11.86 5.91 1.96
C SER A 79 -12.52 4.61 2.41
N GLU A 80 -13.18 4.67 3.56
CA GLU A 80 -13.98 3.57 4.10
C GLU A 80 -14.63 4.04 5.40
N GLU A 81 -15.97 4.09 5.38
CA GLU A 81 -16.76 4.52 6.53
C GLU A 81 -16.51 6.01 6.81
N ARG A 82 -16.89 6.84 5.86
CA ARG A 82 -16.70 8.27 5.98
C ARG A 82 -17.77 8.87 6.90
N VAL A 83 -17.36 9.25 8.10
CA VAL A 83 -18.28 9.75 9.10
C VAL A 83 -18.41 11.26 9.07
N THR A 84 -19.49 11.76 9.64
CA THR A 84 -19.66 13.18 9.84
C THR A 84 -19.81 13.46 11.33
N GLY A 85 -19.20 14.53 11.81
CA GLY A 85 -19.24 14.84 13.22
C GLY A 85 -19.49 16.30 13.48
N THR A 86 -19.87 16.61 14.70
CA THR A 86 -20.10 17.98 15.09
C THR A 86 -18.98 18.44 16.01
N VAL A 87 -18.34 19.54 15.66
CA VAL A 87 -17.28 20.10 16.49
C VAL A 87 -17.88 20.58 17.79
N THR A 88 -17.29 20.20 18.90
CA THR A 88 -17.76 20.63 20.20
C THR A 88 -16.81 21.62 20.83
N THR A 89 -15.59 21.67 20.31
CA THR A 89 -14.59 22.64 20.79
C THR A 89 -13.57 22.94 19.71
N GLU A 90 -13.44 24.20 19.36
CA GLU A 90 -12.47 24.62 18.36
C GLU A 90 -11.19 25.09 19.02
N LEU A 91 -10.05 24.66 18.50
CA LEU A 91 -8.78 25.23 18.93
C LEU A 91 -8.52 26.53 18.18
N ARG A 92 -9.23 27.55 18.61
CA ARG A 92 -9.11 28.88 18.03
C ARG A 92 -7.78 29.52 18.42
N THR A 93 -7.53 30.69 17.89
CA THR A 93 -6.41 31.48 18.34
C THR A 93 -6.80 32.21 19.63
N ASP A 94 -6.42 31.63 20.74
CA ASP A 94 -6.86 32.12 22.04
C ASP A 94 -5.86 33.11 22.60
N SER A 95 -5.80 34.26 21.96
CA SER A 95 -4.98 35.35 22.39
C SER A 95 -5.65 36.66 21.98
N ALA A 96 -5.05 37.78 22.32
CA ALA A 96 -5.57 39.07 21.91
C ALA A 96 -5.28 39.34 20.43
N ASN A 97 -6.06 38.68 19.57
CA ASN A 97 -5.94 38.82 18.10
C ASN A 97 -4.71 38.08 17.56
N ASN A 98 -3.75 37.81 18.43
CA ASN A 98 -2.53 37.11 18.03
C ASN A 98 -2.73 35.60 18.03
N VAL A 99 -1.77 34.88 17.47
CA VAL A 99 -1.80 33.42 17.42
C VAL A 99 -0.65 32.87 18.27
N LEU A 100 -0.95 31.90 19.14
CA LEU A 100 0.05 31.34 20.01
C LEU A 100 -0.32 29.95 20.51
N ASN A 101 -1.23 29.93 21.45
CA ASN A 101 -1.59 28.71 22.18
C ASN A 101 -2.49 27.77 21.37
N SER A 102 -2.49 27.94 20.06
CA SER A 102 -3.35 27.16 19.19
C SER A 102 -2.72 25.83 18.81
N SER A 103 -1.52 25.57 19.30
CA SER A 103 -0.84 24.31 19.04
C SER A 103 -0.84 23.41 20.27
N GLU A 104 -0.77 24.04 21.44
CA GLU A 104 -0.75 23.32 22.70
C GLU A 104 -2.13 22.78 23.05
N THR A 105 -3.15 23.45 22.54
CA THR A 105 -4.52 23.05 22.79
C THR A 105 -5.02 22.18 21.64
N THR A 106 -6.07 21.41 21.88
CA THR A 106 -6.57 20.49 20.89
C THR A 106 -8.07 20.59 20.79
N GLY A 107 -8.59 20.63 19.56
CA GLY A 107 -10.01 20.73 19.35
C GLY A 107 -10.72 19.41 19.57
N ARG A 108 -12.03 19.46 19.63
CA ARG A 108 -12.84 18.27 19.88
C ARG A 108 -13.93 18.12 18.82
N ILE A 109 -13.93 16.99 18.14
CA ILE A 109 -15.00 16.64 17.22
C ILE A 109 -15.76 15.45 17.79
N SER A 110 -17.08 15.57 17.89
CA SER A 110 -17.89 14.51 18.45
C SER A 110 -18.75 13.88 17.37
N TYR A 111 -18.66 12.56 17.24
CA TYR A 111 -19.46 11.83 16.28
C TYR A 111 -20.14 10.67 16.98
N GLU A 112 -21.35 10.34 16.55
CA GLU A 112 -22.06 9.21 17.12
C GLU A 112 -22.31 8.18 16.03
N ASN A 113 -21.66 7.02 16.17
CA ASN A 113 -21.73 5.97 15.17
C ASN A 113 -22.14 4.64 15.82
N ARG A 114 -23.37 4.22 15.53
CA ARG A 114 -23.86 2.92 15.99
C ARG A 114 -23.91 2.81 17.50
N GLY A 115 -24.13 3.94 18.18
CA GLY A 115 -24.28 3.94 19.61
C GLY A 115 -23.01 4.29 20.36
N GLU A 116 -21.92 4.54 19.64
CA GLU A 116 -20.70 5.05 20.28
C GLU A 116 -20.50 6.51 19.89
N CYS A 117 -20.12 7.30 20.87
CA CYS A 117 -19.84 8.71 20.63
C CYS A 117 -18.63 9.17 21.44
N PHE A 118 -17.46 9.09 20.83
CA PHE A 118 -16.24 9.53 21.49
C PHE A 118 -15.86 10.93 21.05
N PHE A 119 -14.98 11.56 21.81
CA PHE A 119 -14.49 12.88 21.45
C PHE A 119 -13.14 12.75 20.78
N LEU A 120 -13.05 13.24 19.56
CA LEU A 120 -11.86 13.08 18.74
C LEU A 120 -11.06 14.37 18.70
N PRO A 121 -9.75 14.27 18.96
CA PRO A 121 -8.85 15.42 18.92
C PRO A 121 -8.46 15.78 17.48
N TYR A 122 -8.36 17.06 17.21
CA TYR A 122 -7.90 17.53 15.91
C TYR A 122 -7.14 18.84 16.09
N THR A 123 -6.10 19.02 15.29
CA THR A 123 -5.35 20.27 15.29
C THR A 123 -5.70 21.07 14.05
N LYS A 124 -5.20 22.29 13.98
CA LYS A 124 -5.51 23.17 12.85
C LYS A 124 -4.78 22.67 11.60
N ASP A 125 -3.76 21.85 11.83
CA ASP A 125 -2.95 21.31 10.76
C ASP A 125 -3.62 20.10 10.11
N ASP A 126 -4.68 19.61 10.72
CA ASP A 126 -5.37 18.42 10.20
C ASP A 126 -6.44 18.83 9.18
N VAL A 127 -6.70 20.13 9.11
CA VAL A 127 -7.76 20.65 8.25
C VAL A 127 -7.24 20.88 6.84
N GLU A 128 -7.86 20.21 5.87
CA GLU A 128 -7.46 20.32 4.48
C GLU A 128 -8.49 21.13 3.70
N GLY A 129 -8.06 21.76 2.62
CA GLY A 129 -8.95 22.56 1.80
C GLY A 129 -9.06 23.98 2.29
N ASN A 130 -8.36 24.27 3.38
CA ASN A 130 -8.34 25.60 4.00
C ASN A 130 -9.72 25.99 4.51
N VAL A 131 -10.59 24.99 4.66
CA VAL A 131 -11.95 25.22 5.10
C VAL A 131 -11.98 25.64 6.56
N ASN A 132 -12.95 26.48 6.90
CA ASN A 132 -13.07 27.00 8.26
C ASN A 132 -14.24 26.35 8.99
N LEU A 133 -13.91 25.49 9.95
CA LEU A 133 -14.91 24.77 10.73
C LEU A 133 -15.01 25.36 12.13
N ARG A 134 -16.17 25.28 12.73
CA ARG A 134 -16.32 25.64 14.13
C ARG A 134 -17.44 24.82 14.78
N ALA A 135 -17.61 24.99 16.08
CA ALA A 135 -18.61 24.21 16.80
C ALA A 135 -20.02 24.63 16.42
N GLY A 136 -20.79 23.68 15.88
CA GLY A 136 -22.15 23.97 15.47
C GLY A 136 -22.39 23.73 13.98
N ASP A 137 -21.35 23.46 13.23
CA ASP A 137 -21.54 23.06 11.83
C ASP A 137 -21.15 21.60 11.64
N LYS A 138 -21.40 21.08 10.44
CA LYS A 138 -21.21 19.66 10.16
C LYS A 138 -20.04 19.43 9.22
N VAL A 139 -19.03 18.75 9.73
CA VAL A 139 -17.85 18.43 8.92
C VAL A 139 -17.70 16.92 8.77
N SER A 140 -16.99 16.51 7.73
CA SER A 140 -16.72 15.10 7.51
C SER A 140 -15.21 14.88 7.52
N PHE A 141 -14.78 13.85 8.22
CA PHE A 141 -13.36 13.58 8.35
C PHE A 141 -13.08 12.11 8.08
N GLN A 142 -11.95 11.85 7.48
CA GLN A 142 -11.56 10.48 7.15
C GLN A 142 -10.66 9.94 8.24
N ILE A 143 -11.17 8.96 8.97
CA ILE A 143 -10.42 8.36 10.06
C ILE A 143 -9.41 7.35 9.50
N ALA A 144 -8.18 7.80 9.32
CA ALA A 144 -7.13 6.94 8.77
C ALA A 144 -6.55 6.05 9.87
N THR A 145 -6.86 4.77 9.81
CA THR A 145 -6.39 3.82 10.81
C THR A 145 -5.01 3.31 10.46
N ASN A 146 -4.03 3.72 11.25
CA ASN A 146 -2.67 3.23 11.09
C ASN A 146 -2.60 1.81 11.64
N GLN A 147 -1.65 1.01 11.17
CA GLN A 147 -1.51 -0.38 11.60
C GLN A 147 -1.24 -0.49 13.09
N ARG A 148 -0.70 0.56 13.69
CA ARG A 148 -0.48 0.58 15.14
C ARG A 148 -1.80 0.71 15.88
N GLY A 149 -2.79 1.27 15.20
CA GLY A 149 -4.09 1.44 15.79
C GLY A 149 -4.30 2.83 16.37
N ASN A 150 -3.38 3.74 16.06
CA ASN A 150 -3.53 5.12 16.48
C ASN A 150 -4.02 5.96 15.31
N LEU A 151 -5.03 6.78 15.57
CA LEU A 151 -5.60 7.64 14.55
C LEU A 151 -6.27 8.86 15.19
N GLY A 152 -6.85 9.70 14.34
CA GLY A 152 -7.59 10.83 14.82
C GLY A 152 -8.57 11.32 13.78
N ALA A 153 -8.70 12.62 13.64
CA ALA A 153 -9.54 13.18 12.60
C ALA A 153 -8.66 13.79 11.51
N CYS A 154 -8.65 13.16 10.35
CA CYS A 154 -7.80 13.61 9.26
C CYS A 154 -8.63 14.03 8.06
N HIS A 155 -8.09 14.96 7.28
CA HIS A 155 -8.73 15.43 6.05
C HIS A 155 -10.14 15.95 6.33
N ILE A 156 -10.24 16.85 7.30
CA ILE A 156 -11.54 17.43 7.67
C ILE A 156 -12.07 18.29 6.52
N ARG A 157 -13.20 17.87 5.95
CA ARG A 157 -13.87 18.64 4.90
C ARG A 157 -15.22 19.14 5.41
N LEU A 158 -15.73 20.17 4.78
CA LEU A 158 -16.98 20.78 5.22
C LEU A 158 -18.15 20.27 4.39
N GLU A 159 -19.14 19.69 5.06
CA GLU A 159 -20.29 19.14 4.36
C GLU A 159 -21.49 20.07 4.46
N ASN A 160 -21.84 20.46 5.67
CA ASN A 160 -23.02 21.28 5.89
C ASN A 160 -22.72 22.40 6.88
N PRO A 161 -22.52 23.62 6.39
CA PRO A 161 -22.30 24.79 7.24
C PRO A 161 -23.59 25.29 7.86
N ALA A 162 -23.48 26.05 8.93
CA ALA A 162 -24.63 26.65 9.57
C ALA A 162 -24.29 28.04 10.09
N GLN A 163 -24.56 29.04 9.26
CA GLN A 163 -24.27 30.41 9.63
C GLN A 163 -25.54 31.10 10.12
N PRO A 164 -25.50 31.66 11.33
CA PRO A 164 -26.66 32.36 11.90
C PRO A 164 -26.95 33.65 11.16
N VAL A 165 -28.20 33.83 10.76
CA VAL A 165 -28.61 35.04 10.06
C VAL A 165 -28.76 36.21 11.03
N GLY A 1 -0.65 19.24 -15.17
CA GLY A 1 -1.41 19.07 -13.95
C GLY A 1 -1.48 17.62 -13.52
N ALA A 2 -2.51 17.27 -12.78
CA ALA A 2 -2.66 15.92 -12.24
C ALA A 2 -3.09 14.94 -13.32
N ASP A 3 -3.52 15.48 -14.46
CA ASP A 3 -3.93 14.65 -15.59
C ASP A 3 -2.70 14.19 -16.37
N ASP A 4 -1.58 14.85 -16.10
CA ASP A 4 -0.35 14.61 -16.84
C ASP A 4 0.50 13.52 -16.19
N GLU A 5 -0.13 12.70 -15.36
CA GLU A 5 0.58 11.66 -14.64
C GLU A 5 -0.36 10.51 -14.32
N GLU A 6 0.08 9.33 -14.68
CA GLU A 6 -0.66 8.10 -14.45
C GLU A 6 0.28 7.06 -13.87
N ARG A 7 -0.19 6.34 -12.87
CA ARG A 7 0.63 5.34 -12.19
C ARG A 7 0.49 3.97 -12.84
N GLU A 8 1.59 3.47 -13.37
CA GLU A 8 1.61 2.17 -14.02
C GLU A 8 2.20 1.12 -13.09
N THR A 9 1.68 -0.10 -13.17
CA THR A 9 2.16 -1.18 -12.34
C THR A 9 2.84 -2.25 -13.18
N GLY A 10 3.98 -2.73 -12.71
CA GLY A 10 4.71 -3.75 -13.43
C GLY A 10 5.51 -4.66 -12.53
N ILE A 11 6.16 -5.65 -13.12
CA ILE A 11 6.94 -6.62 -12.38
C ILE A 11 8.34 -6.72 -12.99
N ILE A 12 9.36 -6.85 -12.16
CA ILE A 12 10.72 -6.95 -12.67
C ILE A 12 10.93 -8.29 -13.38
N GLU A 13 11.23 -8.24 -14.67
CA GLU A 13 11.45 -9.46 -15.45
C GLU A 13 12.88 -9.96 -15.27
N LYS A 14 13.82 -9.03 -15.33
CA LYS A 14 15.24 -9.36 -15.26
C LYS A 14 16.03 -8.13 -14.82
N LEU A 15 16.97 -8.35 -13.92
CA LEU A 15 17.82 -7.26 -13.45
C LEU A 15 19.16 -7.26 -14.16
N LEU A 16 19.45 -6.16 -14.81
CA LEU A 16 20.74 -5.92 -15.43
C LEU A 16 21.48 -4.90 -14.59
N HIS A 17 22.68 -4.54 -15.01
CA HIS A 17 23.51 -3.67 -14.19
C HIS A 17 23.23 -2.22 -14.51
N SER A 18 22.62 -1.55 -13.52
CA SER A 18 22.29 -0.12 -13.58
C SER A 18 21.02 0.12 -14.40
N TYR A 19 20.38 -0.97 -14.86
CA TYR A 19 19.11 -0.87 -15.57
C TYR A 19 18.38 -2.20 -15.52
N GLY A 20 17.06 -2.16 -15.61
CA GLY A 20 16.28 -3.38 -15.54
C GLY A 20 15.08 -3.35 -16.46
N PHE A 21 14.53 -4.53 -16.73
CA PHE A 21 13.36 -4.65 -17.60
C PHE A 21 12.10 -4.89 -16.79
N ILE A 22 11.04 -4.19 -17.16
CA ILE A 22 9.76 -4.33 -16.50
C ILE A 22 8.80 -5.15 -17.36
N GLN A 23 8.23 -6.18 -16.74
CA GLN A 23 7.32 -7.09 -17.42
C GLN A 23 5.97 -6.42 -17.71
N CYS A 24 5.45 -6.75 -18.87
CA CYS A 24 4.16 -6.24 -19.33
C CYS A 24 3.00 -6.97 -18.66
N CYS A 25 3.32 -7.87 -17.76
CA CYS A 25 2.33 -8.79 -17.17
C CYS A 25 1.09 -8.07 -16.66
N GLU A 26 1.26 -6.91 -16.05
CA GLU A 26 0.13 -6.19 -15.45
C GLU A 26 -0.28 -4.97 -16.29
N ARG A 27 0.31 -4.83 -17.48
CA ARG A 27 0.04 -3.67 -18.34
C ARG A 27 0.21 -4.03 -19.81
N GLN A 28 0.43 -3.02 -20.65
CA GLN A 28 0.58 -3.24 -22.09
C GLN A 28 1.93 -2.74 -22.57
N ALA A 29 2.90 -2.63 -21.67
CA ALA A 29 4.17 -2.04 -22.00
C ALA A 29 5.33 -2.81 -21.37
N ARG A 30 6.36 -3.04 -22.16
CA ARG A 30 7.61 -3.61 -21.67
C ARG A 30 8.66 -2.52 -21.63
N LEU A 31 8.93 -2.01 -20.45
CA LEU A 31 9.78 -0.84 -20.30
C LEU A 31 11.11 -1.21 -19.66
N PHE A 32 12.08 -0.31 -19.81
CA PHE A 32 13.38 -0.47 -19.17
C PHE A 32 13.69 0.80 -18.39
N PHE A 33 14.26 0.64 -17.21
CA PHE A 33 14.55 1.78 -16.35
C PHE A 33 15.97 1.69 -15.83
N HIS A 34 16.57 2.83 -15.53
CA HIS A 34 17.91 2.85 -14.94
C HIS A 34 17.79 2.88 -13.43
N PHE A 35 18.87 2.52 -12.73
CA PHE A 35 18.84 2.47 -11.27
C PHE A 35 18.79 3.87 -10.65
N SER A 36 18.94 4.88 -11.48
CA SER A 36 18.75 6.26 -11.04
C SER A 36 17.26 6.59 -10.98
N GLN A 37 16.47 5.69 -11.56
CA GLN A 37 15.01 5.82 -11.55
C GLN A 37 14.40 4.87 -10.54
N PHE A 38 15.09 4.67 -9.42
CA PHE A 38 14.57 3.78 -8.38
C PHE A 38 14.79 4.41 -7.00
N SER A 39 13.81 4.27 -6.14
CA SER A 39 13.90 4.82 -4.79
C SER A 39 13.74 3.72 -3.75
N GLY A 40 14.77 3.54 -2.93
CA GLY A 40 14.71 2.54 -1.88
C GLY A 40 15.90 1.60 -1.92
N ASN A 41 15.76 0.46 -1.27
CA ASN A 41 16.82 -0.55 -1.26
C ASN A 41 16.83 -1.33 -2.58
N ILE A 42 17.89 -1.17 -3.36
CA ILE A 42 18.01 -1.84 -4.64
C ILE A 42 18.27 -3.34 -4.46
N ASP A 43 18.86 -3.70 -3.33
CA ASP A 43 19.17 -5.10 -3.04
C ASP A 43 17.92 -5.84 -2.56
N HIS A 44 16.88 -5.06 -2.25
CA HIS A 44 15.62 -5.64 -1.85
C HIS A 44 14.74 -5.88 -3.07
N LEU A 45 15.21 -5.40 -4.21
CA LEU A 45 14.51 -5.59 -5.48
C LEU A 45 15.03 -6.84 -6.19
N LYS A 46 14.13 -7.75 -6.52
CA LYS A 46 14.51 -8.98 -7.21
C LYS A 46 13.60 -9.23 -8.40
N ILE A 47 13.88 -10.31 -9.12
CA ILE A 47 13.06 -10.70 -10.25
C ILE A 47 11.73 -11.28 -9.77
N GLY A 48 10.63 -10.77 -10.31
CA GLY A 48 9.33 -11.21 -9.87
C GLY A 48 8.74 -10.30 -8.82
N ASP A 49 9.51 -9.29 -8.44
CA ASP A 49 9.10 -8.34 -7.43
C ASP A 49 8.39 -7.15 -8.10
N PRO A 50 7.14 -6.87 -7.69
CA PRO A 50 6.30 -5.83 -8.32
C PRO A 50 6.73 -4.40 -7.98
N VAL A 51 6.63 -3.51 -8.96
CA VAL A 51 7.00 -2.11 -8.79
C VAL A 51 5.94 -1.18 -9.39
N GLU A 52 5.89 0.05 -8.91
CA GLU A 52 4.99 1.06 -9.46
C GLU A 52 5.81 2.20 -10.05
N PHE A 53 5.39 2.68 -11.21
CA PHE A 53 6.12 3.73 -11.90
C PHE A 53 5.17 4.60 -12.71
N GLU A 54 5.72 5.63 -13.34
CA GLU A 54 4.93 6.48 -14.22
C GLU A 54 5.51 6.41 -15.62
N MET A 55 4.64 6.22 -16.59
CA MET A 55 5.06 6.19 -17.98
C MET A 55 4.93 7.57 -18.59
N THR A 56 6.05 8.19 -18.95
CA THR A 56 6.03 9.56 -19.41
C THR A 56 6.89 9.78 -20.65
N TYR A 57 6.39 10.57 -21.58
CA TYR A 57 7.14 10.94 -22.77
C TYR A 57 7.81 12.29 -22.55
N ASP A 58 9.13 12.29 -22.43
CA ASP A 58 9.87 13.51 -22.16
C ASP A 58 10.26 14.22 -23.44
N ARG A 59 9.81 15.46 -23.60
CA ARG A 59 10.08 16.25 -24.79
C ARG A 59 11.49 16.83 -24.76
N ARG A 60 12.06 16.92 -23.55
CA ARG A 60 13.38 17.51 -23.38
C ARG A 60 14.43 16.63 -24.04
N THR A 61 14.44 15.37 -23.67
CA THR A 61 15.36 14.40 -24.25
C THR A 61 14.80 13.81 -25.54
N GLY A 62 13.47 13.71 -25.62
CA GLY A 62 12.84 13.12 -26.79
C GLY A 62 12.80 11.62 -26.70
N LYS A 63 12.68 11.12 -25.48
CA LYS A 63 12.67 9.69 -25.23
C LYS A 63 11.56 9.34 -24.23
N PRO A 64 10.86 8.22 -24.43
CA PRO A 64 9.91 7.72 -23.44
C PRO A 64 10.63 7.17 -22.22
N ILE A 65 10.29 7.67 -21.04
CA ILE A 65 11.00 7.29 -19.83
C ILE A 65 10.05 7.08 -18.66
N ALA A 66 10.54 6.41 -17.64
CA ALA A 66 9.75 6.12 -16.46
C ALA A 66 10.08 7.11 -15.34
N SER A 67 9.32 7.02 -14.26
CA SER A 67 9.57 7.85 -13.08
C SER A 67 10.58 7.16 -12.16
N GLN A 68 10.61 7.57 -10.90
CA GLN A 68 11.62 7.08 -9.96
C GLN A 68 11.21 5.74 -9.34
N VAL A 69 10.37 4.99 -10.07
CA VAL A 69 9.91 3.63 -9.70
C VAL A 69 9.84 3.40 -8.20
N SER A 70 8.67 3.56 -7.63
CA SER A 70 8.50 3.42 -6.19
C SER A 70 8.11 2.00 -5.84
N LYS A 71 8.65 1.52 -4.73
CA LYS A 71 8.38 0.16 -4.26
C LYS A 71 7.00 0.06 -3.63
N ILE A 72 6.10 -0.65 -4.33
CA ILE A 72 4.73 -0.87 -3.84
C ILE A 72 4.77 -1.53 -2.47
N ALA A 73 5.18 -2.79 -2.44
CA ALA A 73 5.30 -3.52 -1.19
C ALA A 73 6.11 -4.79 -1.38
N PRO A 74 7.40 -4.77 -1.00
CA PRO A 74 8.19 -5.99 -0.88
C PRO A 74 7.90 -6.66 0.46
N GLU A 75 8.07 -7.96 0.55
CA GLU A 75 7.77 -8.65 1.80
C GLU A 75 9.04 -9.03 2.54
N VAL A 76 8.87 -9.59 3.74
CA VAL A 76 9.96 -9.92 4.62
C VAL A 76 10.82 -8.66 4.83
N VAL A 77 10.17 -7.64 5.35
CA VAL A 77 10.78 -6.35 5.56
C VAL A 77 11.46 -6.29 6.92
N LEU A 78 12.78 -6.16 6.91
CA LEU A 78 13.54 -6.02 8.14
C LEU A 78 13.41 -4.61 8.69
N SER A 79 12.99 -3.68 7.83
CA SER A 79 12.87 -2.28 8.21
C SER A 79 11.43 -1.96 8.64
N GLU A 80 10.91 -2.75 9.56
CA GLU A 80 9.58 -2.52 10.10
C GLU A 80 9.63 -2.30 11.60
N GLU A 81 9.98 -3.34 12.33
CA GLU A 81 10.05 -3.27 13.77
C GLU A 81 11.06 -4.29 14.29
N ARG A 82 12.22 -3.78 14.73
CA ARG A 82 13.24 -4.66 15.28
C ARG A 82 13.12 -4.71 16.80
N VAL A 83 13.18 -5.91 17.35
CA VAL A 83 12.99 -6.07 18.78
C VAL A 83 14.01 -7.06 19.35
N THR A 84 14.07 -7.12 20.67
CA THR A 84 14.89 -8.09 21.36
C THR A 84 14.01 -8.98 22.21
N GLY A 85 14.38 -10.24 22.33
CA GLY A 85 13.57 -11.17 23.09
C GLY A 85 14.40 -12.10 23.94
N THR A 86 13.74 -12.84 24.80
CA THR A 86 14.43 -13.81 25.63
C THR A 86 13.84 -15.19 25.40
N VAL A 87 14.70 -16.18 25.20
CA VAL A 87 14.27 -17.55 24.99
C VAL A 87 13.60 -18.09 26.24
N THR A 88 12.39 -18.60 26.08
CA THR A 88 11.67 -19.18 27.20
C THR A 88 11.54 -20.69 27.04
N THR A 89 11.76 -21.18 25.83
CA THR A 89 11.73 -22.60 25.55
C THR A 89 12.60 -22.92 24.35
N GLU A 90 13.47 -23.90 24.48
CA GLU A 90 14.39 -24.29 23.42
C GLU A 90 13.93 -25.58 22.75
N LEU A 91 14.73 -26.05 21.80
CA LEU A 91 14.38 -27.25 21.03
C LEU A 91 14.86 -28.51 21.74
N ARG A 92 14.30 -29.65 21.33
CA ARG A 92 14.64 -30.92 21.95
C ARG A 92 15.47 -31.78 21.01
N THR A 93 15.83 -31.22 19.85
CA THR A 93 16.61 -31.95 18.87
C THR A 93 18.10 -31.67 19.03
N ASP A 94 18.90 -32.38 18.22
CA ASP A 94 20.34 -32.12 18.10
C ASP A 94 21.09 -32.57 19.36
N SER A 95 20.38 -33.16 20.30
CA SER A 95 20.97 -33.63 21.53
C SER A 95 21.50 -35.05 21.36
N ALA A 96 22.82 -35.18 21.28
CA ALA A 96 23.48 -36.48 21.11
C ALA A 96 22.95 -37.21 19.88
N ASN A 97 23.22 -36.61 18.71
CA ASN A 97 22.84 -37.14 17.39
C ASN A 97 21.32 -37.37 17.24
N ASN A 98 20.55 -37.09 18.29
CA ASN A 98 19.11 -37.27 18.23
C ASN A 98 18.44 -36.07 17.55
N VAL A 99 18.43 -36.09 16.24
CA VAL A 99 17.76 -35.07 15.47
C VAL A 99 16.49 -35.62 14.84
N LEU A 100 15.61 -34.72 14.40
CA LEU A 100 14.35 -35.11 13.83
C LEU A 100 13.97 -34.12 12.75
N ASN A 101 13.98 -34.61 11.51
CA ASN A 101 13.59 -33.81 10.35
C ASN A 101 12.22 -33.19 10.54
N SER A 102 11.31 -33.97 11.12
CA SER A 102 9.98 -33.48 11.44
C SER A 102 10.06 -32.40 12.52
N SER A 103 10.06 -31.14 12.08
CA SER A 103 10.21 -30.02 12.98
C SER A 103 8.91 -29.73 13.75
N GLU A 104 8.47 -30.71 14.54
CA GLU A 104 7.27 -30.56 15.33
C GLU A 104 7.60 -30.03 16.71
N THR A 105 8.88 -29.94 17.01
CA THR A 105 9.35 -29.30 18.23
C THR A 105 9.60 -27.82 17.95
N THR A 106 8.86 -26.96 18.63
CA THR A 106 8.95 -25.54 18.37
C THR A 106 9.29 -24.78 19.64
N GLY A 107 10.36 -23.99 19.58
CA GLY A 107 10.77 -23.22 20.74
C GLY A 107 9.96 -21.95 20.87
N ARG A 108 10.21 -21.19 21.92
CA ARG A 108 9.46 -19.98 22.19
C ARG A 108 10.36 -18.83 22.58
N ILE A 109 10.16 -17.70 21.92
CA ILE A 109 10.84 -16.46 22.28
C ILE A 109 9.81 -15.47 22.83
N SER A 110 10.10 -14.90 23.99
CA SER A 110 9.18 -13.97 24.62
C SER A 110 9.73 -12.55 24.52
N TYR A 111 8.87 -11.62 24.11
CA TYR A 111 9.24 -10.22 24.03
C TYR A 111 8.07 -9.39 24.55
N GLU A 112 8.35 -8.18 25.01
CA GLU A 112 7.29 -7.31 25.49
C GLU A 112 7.15 -6.10 24.58
N ASN A 113 5.96 -5.89 24.09
CA ASN A 113 5.66 -4.75 23.25
C ASN A 113 4.31 -4.18 23.66
N ARG A 114 4.23 -2.86 23.76
CA ARG A 114 3.00 -2.17 24.13
C ARG A 114 2.57 -2.53 25.56
N GLY A 115 3.49 -3.05 26.35
CA GLY A 115 3.18 -3.37 27.73
C GLY A 115 2.63 -4.78 27.87
N GLU A 116 2.58 -5.50 26.77
CA GLU A 116 2.10 -6.87 26.78
C GLU A 116 3.16 -7.82 26.22
N CYS A 117 3.26 -8.99 26.83
CA CYS A 117 4.27 -9.96 26.44
C CYS A 117 3.65 -11.11 25.66
N PHE A 118 4.31 -11.50 24.57
CA PHE A 118 3.83 -12.59 23.75
C PHE A 118 4.94 -13.62 23.53
N PHE A 119 4.58 -14.73 22.92
CA PHE A 119 5.53 -15.80 22.67
C PHE A 119 5.55 -16.16 21.19
N LEU A 120 6.72 -16.11 20.58
CA LEU A 120 6.84 -16.45 19.17
C LEU A 120 7.46 -17.83 19.02
N PRO A 121 6.86 -18.69 18.19
CA PRO A 121 7.41 -20.01 17.88
C PRO A 121 8.58 -19.93 16.91
N TYR A 122 9.67 -20.63 17.24
CA TYR A 122 10.83 -20.65 16.36
C TYR A 122 11.41 -22.05 16.28
N THR A 123 12.06 -22.34 15.17
CA THR A 123 12.73 -23.62 14.99
C THR A 123 14.23 -23.41 14.81
N LYS A 124 14.95 -24.50 14.53
CA LYS A 124 16.38 -24.44 14.29
C LYS A 124 16.67 -23.82 12.92
N ASP A 125 15.65 -23.79 12.08
CA ASP A 125 15.78 -23.29 10.71
C ASP A 125 15.67 -21.76 10.67
N ASP A 126 15.02 -21.19 11.69
CA ASP A 126 14.80 -19.75 11.74
C ASP A 126 16.06 -19.00 12.17
N VAL A 127 16.92 -19.68 12.92
CA VAL A 127 18.14 -19.07 13.41
C VAL A 127 19.35 -19.53 12.61
N GLU A 128 19.98 -18.59 11.93
CA GLU A 128 21.16 -18.87 11.13
C GLU A 128 22.39 -18.31 11.83
N GLY A 129 23.57 -18.76 11.42
CA GLY A 129 24.80 -18.26 12.00
C GLY A 129 25.51 -19.31 12.86
N ASN A 130 24.81 -20.42 13.09
CA ASN A 130 25.36 -21.54 13.86
C ASN A 130 25.60 -21.13 15.33
N VAL A 131 24.97 -20.03 15.73
CA VAL A 131 25.12 -19.54 17.09
C VAL A 131 24.25 -20.37 18.03
N ASN A 132 24.87 -21.00 19.01
CA ASN A 132 24.15 -21.86 19.94
C ASN A 132 23.47 -21.04 21.04
N LEU A 133 22.15 -21.14 21.10
CA LEU A 133 21.36 -20.42 22.09
C LEU A 133 20.66 -21.39 23.03
N ARG A 134 20.45 -20.96 24.26
CA ARG A 134 19.69 -21.74 25.23
C ARG A 134 18.75 -20.80 25.99
N ALA A 135 17.67 -21.35 26.53
CA ALA A 135 16.71 -20.53 27.25
C ALA A 135 17.39 -19.80 28.40
N GLY A 136 17.29 -18.48 28.38
CA GLY A 136 17.92 -17.67 29.40
C GLY A 136 18.96 -16.70 28.85
N ASP A 137 19.38 -16.88 27.59
CA ASP A 137 20.26 -15.89 26.97
C ASP A 137 19.43 -14.90 26.15
N LYS A 138 20.08 -13.87 25.60
CA LYS A 138 19.36 -12.78 24.98
C LYS A 138 19.55 -12.78 23.47
N VAL A 139 18.43 -12.85 22.75
CA VAL A 139 18.47 -12.88 21.30
C VAL A 139 17.75 -11.67 20.71
N SER A 140 18.18 -11.24 19.54
CA SER A 140 17.54 -10.16 18.83
C SER A 140 17.09 -10.66 17.47
N PHE A 141 15.86 -10.33 17.09
CA PHE A 141 15.31 -10.80 15.84
C PHE A 141 14.55 -9.70 15.12
N GLN A 142 14.67 -9.69 13.81
CA GLN A 142 13.98 -8.70 12.99
C GLN A 142 12.67 -9.26 12.50
N ILE A 143 11.60 -8.56 12.78
CA ILE A 143 10.27 -9.01 12.40
C ILE A 143 10.00 -8.70 10.93
N ALA A 144 10.17 -9.72 10.10
CA ALA A 144 10.03 -9.60 8.67
C ALA A 144 8.59 -9.87 8.24
N THR A 145 7.90 -8.82 7.82
CA THR A 145 6.49 -8.92 7.48
C THR A 145 6.29 -9.50 6.08
N ASN A 146 5.69 -10.69 6.01
CA ASN A 146 5.30 -11.28 4.73
C ASN A 146 4.19 -10.46 4.10
N GLN A 147 4.02 -10.60 2.79
CA GLN A 147 3.02 -9.82 2.05
C GLN A 147 1.62 -10.04 2.60
N ARG A 148 1.37 -11.24 3.12
CA ARG A 148 0.07 -11.60 3.65
C ARG A 148 -0.16 -10.98 5.03
N GLY A 149 0.91 -10.47 5.63
CA GLY A 149 0.80 -9.94 6.98
C GLY A 149 1.01 -11.01 8.02
N ASN A 150 1.35 -12.20 7.56
CA ASN A 150 1.59 -13.34 8.43
C ASN A 150 3.08 -13.66 8.50
N LEU A 151 3.63 -13.61 9.70
CA LEU A 151 5.04 -13.87 9.90
C LEU A 151 5.30 -14.45 11.28
N GLY A 152 6.55 -14.77 11.56
CA GLY A 152 6.95 -15.21 12.88
C GLY A 152 8.17 -14.47 13.38
N ALA A 153 9.28 -15.18 13.52
CA ALA A 153 10.54 -14.55 13.90
C ALA A 153 11.59 -14.85 12.84
N CYS A 154 12.38 -13.86 12.47
CA CYS A 154 13.38 -14.04 11.43
C CYS A 154 14.67 -13.32 11.79
N HIS A 155 15.78 -13.79 11.21
CA HIS A 155 17.09 -13.17 11.40
C HIS A 155 17.47 -13.14 12.87
N ILE A 156 17.24 -14.25 13.55
CA ILE A 156 17.51 -14.35 14.98
C ILE A 156 19.01 -14.39 15.24
N ARG A 157 19.52 -13.36 15.91
CA ARG A 157 20.93 -13.30 16.27
C ARG A 157 21.09 -13.23 17.78
N LEU A 158 21.96 -14.07 18.31
CA LEU A 158 22.26 -14.07 19.73
C LEU A 158 23.33 -13.02 20.01
N GLU A 159 22.96 -12.00 20.80
CA GLU A 159 23.89 -10.92 21.09
C GLU A 159 24.61 -11.14 22.42
N ASN A 160 23.88 -11.56 23.44
CA ASN A 160 24.47 -11.78 24.76
C ASN A 160 24.16 -13.18 25.26
N PRO A 161 25.10 -14.12 25.05
CA PRO A 161 24.90 -15.52 25.42
C PRO A 161 25.20 -15.81 26.88
N ALA A 162 24.58 -16.87 27.39
CA ALA A 162 24.82 -17.33 28.75
C ALA A 162 25.70 -18.57 28.72
N GLN A 163 26.97 -18.40 29.06
CA GLN A 163 27.92 -19.51 29.03
C GLN A 163 29.03 -19.30 30.06
N PRO A 164 29.74 -20.37 30.42
CA PRO A 164 30.92 -20.27 31.29
C PRO A 164 32.06 -19.51 30.61
N VAL A 165 32.53 -18.46 31.25
CA VAL A 165 33.63 -17.67 30.72
C VAL A 165 34.78 -17.62 31.71
N GLY A 1 6.28 18.98 -21.21
CA GLY A 1 5.22 19.18 -20.23
C GLY A 1 5.15 18.04 -19.24
N ALA A 2 4.67 18.32 -18.03
CA ALA A 2 4.58 17.32 -16.99
C ALA A 2 3.18 17.30 -16.38
N ASP A 3 2.36 16.38 -16.85
CA ASP A 3 1.01 16.21 -16.33
C ASP A 3 0.96 14.98 -15.41
N ASP A 4 1.71 13.94 -15.84
CA ASP A 4 2.06 12.78 -15.02
C ASP A 4 0.89 12.15 -14.25
N GLU A 5 -0.30 12.14 -14.83
CA GLU A 5 -1.44 11.45 -14.21
C GLU A 5 -1.33 9.96 -14.43
N GLU A 6 -0.58 9.58 -15.46
CA GLU A 6 -0.45 8.18 -15.85
C GLU A 6 0.57 7.46 -14.97
N ARG A 7 0.08 6.90 -13.87
CA ARG A 7 0.91 6.10 -12.98
C ARG A 7 0.32 4.70 -12.89
N GLU A 8 0.99 3.76 -13.54
CA GLU A 8 0.48 2.39 -13.67
C GLU A 8 1.47 1.40 -13.09
N THR A 9 1.03 0.16 -12.89
CA THR A 9 1.85 -0.81 -12.17
C THR A 9 2.40 -1.90 -13.10
N GLY A 10 3.49 -2.52 -12.67
CA GLY A 10 4.09 -3.62 -13.41
C GLY A 10 5.01 -4.44 -12.52
N ILE A 11 5.73 -5.38 -13.11
CA ILE A 11 6.67 -6.20 -12.34
C ILE A 11 8.03 -6.19 -13.01
N ILE A 12 9.09 -6.38 -12.23
CA ILE A 12 10.45 -6.42 -12.78
C ILE A 12 10.65 -7.64 -13.66
N GLU A 13 11.11 -7.40 -14.88
CA GLU A 13 11.38 -8.47 -15.85
C GLU A 13 12.56 -9.30 -15.38
N LYS A 14 13.67 -8.61 -15.17
CA LYS A 14 14.91 -9.22 -14.73
C LYS A 14 15.89 -8.12 -14.33
N LEU A 15 16.96 -8.48 -13.64
CA LEU A 15 17.88 -7.47 -13.13
C LEU A 15 19.22 -7.53 -13.85
N LEU A 16 19.63 -6.38 -14.37
CA LEU A 16 20.91 -6.22 -15.04
C LEU A 16 21.70 -5.11 -14.33
N HIS A 17 22.89 -4.80 -14.80
CA HIS A 17 23.72 -3.81 -14.13
C HIS A 17 23.40 -2.41 -14.66
N SER A 18 23.05 -1.51 -13.74
CA SER A 18 22.71 -0.10 -14.05
C SER A 18 21.29 0.04 -14.60
N TYR A 19 20.85 -0.93 -15.38
CA TYR A 19 19.53 -0.88 -16.01
C TYR A 19 18.78 -2.19 -15.81
N GLY A 20 17.46 -2.09 -15.78
CA GLY A 20 16.61 -3.27 -15.69
C GLY A 20 15.39 -3.13 -16.57
N PHE A 21 14.61 -4.18 -16.69
CA PHE A 21 13.43 -4.14 -17.54
C PHE A 21 12.17 -4.39 -16.73
N ILE A 22 11.04 -3.90 -17.23
CA ILE A 22 9.75 -4.10 -16.59
C ILE A 22 8.87 -5.01 -17.45
N GLN A 23 8.31 -6.05 -16.83
CA GLN A 23 7.50 -7.03 -17.52
C GLN A 23 6.12 -6.47 -17.85
N CYS A 24 5.72 -6.67 -19.09
CA CYS A 24 4.42 -6.22 -19.58
C CYS A 24 3.30 -7.19 -19.18
N CYS A 25 3.64 -8.24 -18.44
CA CYS A 25 2.66 -9.24 -18.03
C CYS A 25 1.45 -8.59 -17.32
N GLU A 26 1.73 -7.62 -16.46
CA GLU A 26 0.68 -6.94 -15.71
C GLU A 26 0.08 -5.79 -16.52
N ARG A 27 0.94 -5.03 -17.19
CA ARG A 27 0.52 -3.84 -17.90
C ARG A 27 1.12 -3.84 -19.31
N GLN A 28 0.36 -3.38 -20.29
CA GLN A 28 0.77 -3.42 -21.70
C GLN A 28 1.89 -2.43 -22.01
N ALA A 29 2.97 -2.51 -21.24
CA ALA A 29 4.12 -1.65 -21.45
C ALA A 29 5.39 -2.34 -20.96
N ARG A 30 6.16 -2.88 -21.88
CA ARG A 30 7.46 -3.46 -21.54
C ARG A 30 8.49 -2.34 -21.57
N LEU A 31 8.83 -1.86 -20.38
CA LEU A 31 9.65 -0.67 -20.26
C LEU A 31 11.03 -1.01 -19.71
N PHE A 32 11.95 -0.08 -19.88
CA PHE A 32 13.27 -0.20 -19.29
C PHE A 32 13.45 0.90 -18.26
N PHE A 33 13.99 0.54 -17.11
CA PHE A 33 14.20 1.50 -16.05
C PHE A 33 15.61 1.35 -15.50
N HIS A 34 16.28 2.47 -15.28
CA HIS A 34 17.63 2.43 -14.73
C HIS A 34 17.54 2.37 -13.21
N PHE A 35 18.64 2.02 -12.56
CA PHE A 35 18.67 1.94 -11.11
C PHE A 35 18.58 3.34 -10.49
N SER A 36 18.72 4.35 -11.33
CA SER A 36 18.51 5.73 -10.91
C SER A 36 17.03 6.08 -10.96
N GLN A 37 16.25 5.18 -11.54
CA GLN A 37 14.81 5.37 -11.69
C GLN A 37 14.05 4.45 -10.74
N PHE A 38 14.68 4.08 -9.63
CA PHE A 38 14.00 3.26 -8.63
C PHE A 38 14.18 3.87 -7.26
N SER A 39 13.08 4.03 -6.55
CA SER A 39 13.10 4.61 -5.22
C SER A 39 13.21 3.53 -4.17
N GLY A 40 14.37 3.43 -3.55
CA GLY A 40 14.55 2.49 -2.47
C GLY A 40 15.82 1.67 -2.60
N ASN A 41 15.82 0.51 -1.98
CA ASN A 41 16.99 -0.37 -1.94
C ASN A 41 16.98 -1.39 -3.06
N ILE A 42 17.97 -1.31 -3.93
CA ILE A 42 18.11 -2.26 -5.01
C ILE A 42 18.77 -3.55 -4.53
N ASP A 43 19.50 -3.44 -3.41
CA ASP A 43 20.19 -4.60 -2.82
C ASP A 43 19.21 -5.70 -2.43
N HIS A 44 18.07 -5.29 -1.88
CA HIS A 44 17.05 -6.25 -1.42
C HIS A 44 15.98 -6.42 -2.49
N LEU A 45 16.25 -5.91 -3.68
CA LEU A 45 15.29 -5.93 -4.76
C LEU A 45 15.41 -7.23 -5.55
N LYS A 46 14.29 -7.83 -5.87
CA LYS A 46 14.27 -9.14 -6.51
C LYS A 46 13.37 -9.15 -7.75
N ILE A 47 13.65 -10.09 -8.63
CA ILE A 47 12.91 -10.23 -9.88
C ILE A 47 11.47 -10.69 -9.63
N GLY A 48 10.52 -10.16 -10.39
CA GLY A 48 9.14 -10.53 -10.22
C GLY A 48 8.43 -9.68 -9.19
N ASP A 49 9.08 -8.59 -8.79
CA ASP A 49 8.54 -7.72 -7.75
C ASP A 49 7.57 -6.69 -8.35
N PRO A 50 6.37 -6.55 -7.74
CA PRO A 50 5.37 -5.59 -8.20
C PRO A 50 5.69 -4.15 -7.82
N VAL A 51 5.83 -3.30 -8.82
CA VAL A 51 6.16 -1.90 -8.61
C VAL A 51 5.16 -1.01 -9.36
N GLU A 52 5.10 0.26 -8.99
CA GLU A 52 4.29 1.22 -9.71
C GLU A 52 5.21 2.24 -10.37
N PHE A 53 4.88 2.63 -11.60
CA PHE A 53 5.74 3.55 -12.32
C PHE A 53 4.95 4.69 -12.94
N GLU A 54 5.52 5.86 -12.86
CA GLU A 54 4.96 7.04 -13.50
C GLU A 54 5.52 7.14 -14.91
N MET A 55 4.69 6.81 -15.90
CA MET A 55 5.12 6.73 -17.28
C MET A 55 4.99 8.08 -17.96
N THR A 56 6.10 8.67 -18.34
CA THR A 56 6.09 9.99 -18.96
C THR A 56 7.14 10.08 -20.07
N TYR A 57 7.04 11.13 -20.85
CA TYR A 57 8.02 11.41 -21.89
C TYR A 57 8.78 12.68 -21.53
N ASP A 58 10.05 12.53 -21.18
CA ASP A 58 10.87 13.67 -20.84
C ASP A 58 11.41 14.32 -22.10
N ARG A 59 11.18 15.61 -22.25
CA ARG A 59 11.59 16.32 -23.45
C ARG A 59 13.07 16.65 -23.42
N ARG A 60 13.68 16.60 -22.25
CA ARG A 60 15.10 16.95 -22.12
C ARG A 60 15.96 15.79 -22.61
N THR A 61 15.58 14.58 -22.23
CA THR A 61 16.26 13.39 -22.68
C THR A 61 15.74 12.96 -24.05
N GLY A 62 14.44 13.18 -24.26
CA GLY A 62 13.82 12.82 -25.52
C GLY A 62 13.52 11.33 -25.60
N LYS A 63 13.37 10.71 -24.46
CA LYS A 63 13.14 9.27 -24.39
C LYS A 63 11.89 8.98 -23.56
N PRO A 64 11.16 7.91 -23.90
CA PRO A 64 10.08 7.42 -23.03
C PRO A 64 10.66 6.81 -21.77
N ILE A 65 10.23 7.29 -20.61
CA ILE A 65 10.88 6.91 -19.37
C ILE A 65 9.88 6.67 -18.24
N ALA A 66 10.28 5.79 -17.34
CA ALA A 66 9.58 5.60 -16.09
C ALA A 66 10.23 6.50 -15.06
N SER A 67 9.42 7.18 -14.27
CA SER A 67 9.92 8.10 -13.25
C SER A 67 10.61 7.34 -12.11
N GLN A 68 10.55 7.92 -10.92
CA GLN A 68 11.23 7.37 -9.74
C GLN A 68 10.83 5.93 -9.41
N VAL A 69 9.69 5.48 -9.96
CA VAL A 69 9.17 4.13 -9.71
C VAL A 69 9.03 3.86 -8.21
N SER A 70 7.82 4.06 -7.71
CA SER A 70 7.56 3.88 -6.29
C SER A 70 7.40 2.40 -5.97
N LYS A 71 7.72 2.03 -4.73
CA LYS A 71 7.63 0.64 -4.33
C LYS A 71 6.28 0.37 -3.68
N ILE A 72 5.44 -0.36 -4.40
CA ILE A 72 4.14 -0.79 -3.88
C ILE A 72 4.33 -1.54 -2.57
N ALA A 73 3.70 -1.05 -1.52
CA ALA A 73 3.75 -1.69 -0.21
C ALA A 73 3.07 -3.05 -0.27
N PRO A 74 3.80 -4.12 0.04
CA PRO A 74 3.28 -5.48 -0.02
C PRO A 74 2.12 -5.70 0.94
N GLU A 75 0.94 -5.93 0.38
CA GLU A 75 -0.21 -6.35 1.15
C GLU A 75 -0.01 -7.80 1.57
N VAL A 76 -0.93 -8.35 2.35
CA VAL A 76 -0.80 -9.73 2.80
C VAL A 76 -0.71 -10.67 1.60
N VAL A 77 0.50 -11.13 1.32
CA VAL A 77 0.75 -11.98 0.16
C VAL A 77 0.21 -13.38 0.36
N LEU A 78 -0.99 -13.63 -0.16
CA LEU A 78 -1.57 -14.95 -0.09
C LEU A 78 -0.74 -15.93 -0.89
N SER A 79 -0.66 -15.70 -2.20
CA SER A 79 0.09 -16.58 -3.07
C SER A 79 0.86 -15.76 -4.12
N GLU A 80 2.17 -15.84 -4.06
CA GLU A 80 3.03 -15.22 -5.06
C GLU A 80 4.40 -15.90 -5.04
N GLU A 81 4.96 -16.03 -3.85
CA GLU A 81 6.23 -16.70 -3.67
C GLU A 81 6.01 -18.21 -3.64
N ARG A 82 7.07 -18.95 -3.35
CA ARG A 82 7.01 -20.39 -3.35
C ARG A 82 8.25 -20.96 -2.66
N VAL A 83 8.31 -20.79 -1.35
CA VAL A 83 9.43 -21.34 -0.59
C VAL A 83 9.22 -22.82 -0.28
N THR A 84 10.32 -23.53 -0.14
CA THR A 84 10.28 -24.94 0.19
C THR A 84 10.96 -25.19 1.53
N GLY A 85 10.39 -26.06 2.34
CA GLY A 85 10.92 -26.29 3.66
C GLY A 85 10.82 -27.74 4.09
N THR A 86 11.71 -28.15 4.96
CA THR A 86 11.71 -29.49 5.48
C THR A 86 11.27 -29.48 6.94
N VAL A 87 10.40 -30.42 7.31
CA VAL A 87 9.96 -30.52 8.69
C VAL A 87 11.09 -30.98 9.58
N THR A 88 11.47 -30.15 10.53
CA THR A 88 12.53 -30.49 11.44
C THR A 88 11.97 -31.09 12.72
N THR A 89 10.75 -30.69 13.06
CA THR A 89 10.07 -31.21 14.23
C THR A 89 8.55 -31.14 14.04
N GLU A 90 7.88 -32.25 14.25
CA GLU A 90 6.42 -32.30 14.14
C GLU A 90 5.79 -32.11 15.52
N LEU A 91 4.47 -32.32 15.59
CA LEU A 91 3.76 -32.17 16.85
C LEU A 91 4.21 -33.21 17.86
N ARG A 92 4.58 -32.75 19.05
CA ARG A 92 5.02 -33.64 20.11
C ARG A 92 3.85 -34.51 20.59
N THR A 93 4.11 -35.80 20.72
CA THR A 93 3.16 -36.71 21.32
C THR A 93 3.73 -37.34 22.57
N ASP A 94 2.88 -37.52 23.55
CA ASP A 94 3.26 -38.16 24.81
C ASP A 94 2.48 -39.44 24.98
N SER A 95 1.88 -39.91 23.87
CA SER A 95 1.08 -41.11 23.88
C SER A 95 1.76 -42.19 23.05
N ALA A 96 1.14 -43.36 22.96
CA ALA A 96 1.71 -44.49 22.26
C ALA A 96 1.37 -44.44 20.77
N ASN A 97 2.22 -43.75 20.01
CA ASN A 97 2.12 -43.65 18.54
C ASN A 97 0.99 -42.71 18.12
N ASN A 98 -0.08 -42.68 18.89
CA ASN A 98 -1.20 -41.80 18.63
C ASN A 98 -0.83 -40.36 18.96
N VAL A 99 -0.74 -39.52 17.93
CA VAL A 99 -0.48 -38.10 18.14
C VAL A 99 -1.77 -37.38 18.53
N LEU A 100 -1.97 -37.20 19.84
CA LEU A 100 -3.13 -36.50 20.33
C LEU A 100 -2.76 -35.56 21.46
N ASN A 101 -2.43 -34.36 21.06
CA ASN A 101 -2.10 -33.28 21.98
C ASN A 101 -2.69 -32.00 21.42
N SER A 102 -3.98 -31.80 21.68
CA SER A 102 -4.79 -30.80 21.01
C SER A 102 -4.21 -29.38 21.06
N SER A 103 -3.42 -29.05 20.03
CA SER A 103 -2.94 -27.70 19.79
C SER A 103 -2.21 -27.09 20.99
N GLU A 104 -1.61 -27.93 21.82
CA GLU A 104 -0.90 -27.43 22.99
C GLU A 104 0.53 -27.06 22.64
N THR A 105 1.03 -27.62 21.53
CA THR A 105 2.38 -27.39 21.11
C THR A 105 2.44 -27.11 19.61
N THR A 106 3.49 -26.43 19.18
CA THR A 106 3.67 -26.12 17.77
C THR A 106 4.88 -26.88 17.22
N GLY A 107 4.87 -27.15 15.92
CA GLY A 107 5.99 -27.82 15.29
C GLY A 107 6.96 -26.82 14.67
N ARG A 108 7.94 -27.33 13.96
CA ARG A 108 8.94 -26.48 13.32
C ARG A 108 9.20 -26.89 11.88
N ILE A 109 9.06 -25.94 10.98
CA ILE A 109 9.45 -26.13 9.58
C ILE A 109 10.66 -25.25 9.28
N SER A 110 11.69 -25.85 8.71
CA SER A 110 12.89 -25.11 8.37
C SER A 110 12.95 -24.88 6.87
N TYR A 111 12.93 -23.62 6.47
CA TYR A 111 12.99 -23.28 5.06
C TYR A 111 14.22 -22.44 4.80
N GLU A 112 14.74 -22.54 3.58
CA GLU A 112 15.95 -21.81 3.22
C GLU A 112 15.63 -20.75 2.17
N ASN A 113 15.96 -19.51 2.49
CA ASN A 113 15.79 -18.41 1.58
C ASN A 113 17.07 -17.59 1.51
N ARG A 114 17.67 -17.51 0.32
CA ARG A 114 18.93 -16.79 0.12
C ARG A 114 20.07 -17.41 0.92
N GLY A 115 19.90 -18.68 1.29
CA GLY A 115 20.92 -19.38 2.07
C GLY A 115 20.65 -19.31 3.55
N GLU A 116 19.67 -18.49 3.93
CA GLU A 116 19.31 -18.35 5.34
C GLU A 116 18.19 -19.31 5.69
N CYS A 117 18.43 -20.15 6.67
CA CYS A 117 17.43 -21.11 7.14
C CYS A 117 16.67 -20.54 8.33
N PHE A 118 15.35 -20.46 8.20
CA PHE A 118 14.52 -19.92 9.26
C PHE A 118 13.50 -20.96 9.72
N PHE A 119 13.11 -20.88 10.99
CA PHE A 119 12.18 -21.82 11.56
C PHE A 119 10.81 -21.17 11.76
N LEU A 120 9.78 -21.80 11.22
CA LEU A 120 8.42 -21.29 11.34
C LEU A 120 7.57 -22.23 12.20
N PRO A 121 6.78 -21.66 13.12
CA PRO A 121 5.85 -22.43 13.95
C PRO A 121 4.56 -22.74 13.19
N TYR A 122 4.07 -23.96 13.32
CA TYR A 122 2.83 -24.36 12.68
C TYR A 122 2.08 -25.35 13.56
N THR A 123 0.77 -25.42 13.38
CA THR A 123 -0.04 -26.42 14.04
C THR A 123 -0.66 -27.34 12.99
N LYS A 124 -1.45 -28.30 13.44
CA LYS A 124 -2.13 -29.22 12.54
C LYS A 124 -3.25 -28.51 11.79
N ASP A 125 -3.69 -27.40 12.36
CA ASP A 125 -4.81 -26.64 11.80
C ASP A 125 -4.38 -25.81 10.60
N ASP A 126 -3.09 -25.50 10.52
CA ASP A 126 -2.56 -24.63 9.48
C ASP A 126 -2.21 -25.43 8.22
N VAL A 127 -2.50 -26.71 8.24
CA VAL A 127 -2.15 -27.59 7.13
C VAL A 127 -3.28 -27.61 6.08
N GLU A 128 -2.88 -27.56 4.82
CA GLU A 128 -3.83 -27.57 3.71
C GLU A 128 -4.17 -29.01 3.33
N GLY A 129 -5.45 -29.27 3.13
CA GLY A 129 -5.90 -30.60 2.76
C GLY A 129 -5.90 -31.56 3.92
N ASN A 130 -5.55 -31.06 5.11
CA ASN A 130 -5.49 -31.87 6.32
C ASN A 130 -4.55 -33.07 6.15
N VAL A 131 -3.46 -32.85 5.44
CA VAL A 131 -2.46 -33.89 5.23
C VAL A 131 -1.59 -34.03 6.48
N ASN A 132 -1.15 -35.25 6.77
CA ASN A 132 -0.33 -35.50 7.95
C ASN A 132 1.15 -35.40 7.60
N LEU A 133 1.91 -34.77 8.47
CA LEU A 133 3.34 -34.55 8.25
C LEU A 133 4.16 -35.33 9.27
N ARG A 134 5.36 -35.75 8.87
CA ARG A 134 6.31 -36.40 9.77
C ARG A 134 7.72 -35.94 9.44
N ALA A 135 8.39 -35.40 10.45
CA ALA A 135 9.68 -34.74 10.26
C ALA A 135 10.65 -35.57 9.45
N GLY A 136 11.20 -34.95 8.42
CA GLY A 136 12.05 -35.67 7.48
C GLY A 136 11.48 -35.62 6.09
N ASP A 137 10.20 -35.27 5.96
CA ASP A 137 9.60 -35.05 4.65
C ASP A 137 9.88 -33.61 4.19
N LYS A 138 9.58 -33.32 2.94
CA LYS A 138 9.86 -32.00 2.39
C LYS A 138 8.57 -31.38 1.83
N VAL A 139 8.16 -30.28 2.42
CA VAL A 139 6.89 -29.66 2.09
C VAL A 139 7.09 -28.29 1.48
N SER A 140 5.98 -27.65 1.14
CA SER A 140 5.99 -26.29 0.68
C SER A 140 4.76 -25.57 1.21
N PHE A 141 4.92 -24.30 1.51
CA PHE A 141 3.87 -23.52 2.13
C PHE A 141 3.90 -22.11 1.56
N GLN A 142 2.91 -21.31 1.91
CA GLN A 142 2.83 -19.95 1.45
C GLN A 142 3.02 -18.99 2.62
N ILE A 143 3.80 -17.94 2.39
CA ILE A 143 4.08 -16.97 3.45
C ILE A 143 3.33 -15.67 3.18
N ALA A 144 2.23 -15.47 3.89
CA ALA A 144 1.48 -14.23 3.77
C ALA A 144 2.16 -13.15 4.61
N THR A 145 2.80 -12.20 3.94
CA THR A 145 3.52 -11.17 4.64
C THR A 145 2.69 -9.91 4.77
N ASN A 146 2.13 -9.70 5.95
CA ASN A 146 1.44 -8.46 6.25
C ASN A 146 2.47 -7.35 6.47
N GLN A 147 2.06 -6.10 6.28
CA GLN A 147 2.99 -4.96 6.35
C GLN A 147 3.49 -4.72 7.79
N ARG A 148 3.27 -5.69 8.67
CA ARG A 148 3.80 -5.63 10.02
C ARG A 148 4.90 -6.67 10.19
N GLY A 149 5.07 -7.53 9.19
CA GLY A 149 6.09 -8.56 9.23
C GLY A 149 5.78 -9.65 10.24
N ASN A 150 4.51 -9.77 10.59
CA ASN A 150 4.05 -10.79 11.54
C ASN A 150 3.19 -11.82 10.82
N LEU A 151 3.70 -13.03 10.68
CA LEU A 151 2.98 -14.09 9.97
C LEU A 151 3.40 -15.48 10.45
N GLY A 152 2.80 -16.49 9.86
CA GLY A 152 3.19 -17.86 10.10
C GLY A 152 3.27 -18.63 8.81
N ALA A 153 3.14 -19.95 8.87
CA ALA A 153 3.18 -20.75 7.66
C ALA A 153 1.77 -21.10 7.24
N CYS A 154 1.33 -20.55 6.12
CA CYS A 154 -0.05 -20.66 5.69
C CYS A 154 -0.20 -21.68 4.58
N HIS A 155 -1.27 -22.46 4.65
CA HIS A 155 -1.62 -23.43 3.60
C HIS A 155 -0.44 -24.35 3.29
N ILE A 156 -0.01 -25.09 4.30
CA ILE A 156 1.10 -26.03 4.14
C ILE A 156 0.62 -27.30 3.46
N ARG A 157 1.27 -27.68 2.38
CA ARG A 157 0.89 -28.90 1.67
C ARG A 157 2.10 -29.81 1.49
N LEU A 158 1.87 -31.11 1.54
CA LEU A 158 2.92 -32.09 1.33
C LEU A 158 3.17 -32.27 -0.16
N GLU A 159 4.23 -31.66 -0.66
CA GLU A 159 4.55 -31.71 -2.07
C GLU A 159 5.28 -33.00 -2.41
N ASN A 160 6.37 -33.26 -1.70
CA ASN A 160 7.19 -34.43 -1.96
C ASN A 160 7.21 -35.36 -0.75
N PRO A 161 6.37 -36.39 -0.76
CA PRO A 161 6.29 -37.35 0.35
C PRO A 161 7.46 -38.35 0.33
N ALA A 162 7.73 -38.95 1.48
CA ALA A 162 8.76 -39.95 1.59
C ALA A 162 8.14 -41.33 1.81
N GLN A 163 8.51 -42.28 0.97
CA GLN A 163 7.99 -43.63 1.08
C GLN A 163 9.13 -44.64 0.98
N PRO A 164 9.55 -45.22 2.12
CA PRO A 164 10.64 -46.20 2.16
C PRO A 164 10.16 -47.63 1.88
N VAL A 165 11.10 -48.49 1.53
CA VAL A 165 10.79 -49.90 1.27
C VAL A 165 10.82 -50.70 2.58
N GLY A 1 -0.14 19.13 -14.07
CA GLY A 1 -1.57 19.36 -14.12
C GLY A 1 -2.38 18.08 -14.00
N ALA A 2 -2.05 17.28 -12.98
CA ALA A 2 -2.72 16.01 -12.72
C ALA A 2 -2.45 14.99 -13.82
N ASP A 3 -1.45 15.25 -14.63
CA ASP A 3 -1.06 14.34 -15.72
C ASP A 3 -0.29 13.16 -15.14
N ASP A 4 0.30 13.38 -13.97
CA ASP A 4 1.11 12.37 -13.30
C ASP A 4 0.23 11.49 -12.41
N GLU A 5 -1.03 11.33 -12.80
CA GLU A 5 -1.96 10.50 -12.07
C GLU A 5 -1.95 9.07 -12.60
N GLU A 6 -1.45 8.91 -13.82
CA GLU A 6 -1.37 7.62 -14.47
C GLU A 6 -0.18 6.83 -13.95
N ARG A 7 -0.47 5.82 -13.15
CA ARG A 7 0.55 4.92 -12.67
C ARG A 7 0.53 3.61 -13.47
N GLU A 8 1.65 3.31 -14.08
CA GLU A 8 1.83 2.11 -14.88
C GLU A 8 2.43 1.03 -13.98
N THR A 9 1.92 -0.19 -14.07
CA THR A 9 2.38 -1.25 -13.19
C THR A 9 3.02 -2.40 -13.97
N GLY A 10 4.10 -2.94 -13.43
CA GLY A 10 4.79 -4.02 -14.08
C GLY A 10 5.61 -4.85 -13.12
N ILE A 11 6.33 -5.82 -13.64
CA ILE A 11 7.16 -6.69 -12.80
C ILE A 11 8.60 -6.67 -13.31
N ILE A 12 9.56 -6.72 -12.41
CA ILE A 12 10.95 -6.85 -12.82
C ILE A 12 11.20 -8.24 -13.39
N GLU A 13 11.54 -8.29 -14.67
CA GLU A 13 11.73 -9.56 -15.37
C GLU A 13 13.17 -10.03 -15.24
N LYS A 14 14.10 -9.08 -15.30
CA LYS A 14 15.52 -9.37 -15.25
C LYS A 14 16.27 -8.18 -14.70
N LEU A 15 17.27 -8.43 -13.88
CA LEU A 15 18.09 -7.36 -13.34
C LEU A 15 19.44 -7.33 -14.03
N LEU A 16 19.59 -6.38 -14.93
CA LEU A 16 20.84 -6.16 -15.62
C LEU A 16 21.74 -5.26 -14.76
N HIS A 17 22.91 -4.91 -15.27
CA HIS A 17 23.88 -4.18 -14.47
C HIS A 17 23.67 -2.68 -14.64
N SER A 18 23.16 -2.05 -13.58
CA SER A 18 22.84 -0.62 -13.57
C SER A 18 21.67 -0.31 -14.50
N TYR A 19 20.87 -1.34 -14.78
CA TYR A 19 19.76 -1.25 -15.71
C TYR A 19 18.78 -2.39 -15.45
N GLY A 20 17.49 -2.11 -15.54
CA GLY A 20 16.49 -3.11 -15.20
C GLY A 20 15.44 -3.30 -16.29
N PHE A 21 14.80 -4.46 -16.29
CA PHE A 21 13.79 -4.79 -17.29
C PHE A 21 12.43 -5.04 -16.63
N ILE A 22 11.40 -4.38 -17.14
CA ILE A 22 10.06 -4.53 -16.60
C ILE A 22 9.14 -5.22 -17.60
N GLN A 23 8.48 -6.30 -17.14
CA GLN A 23 7.56 -7.04 -18.00
C GLN A 23 6.18 -6.41 -17.97
N CYS A 24 5.50 -6.48 -19.11
CA CYS A 24 4.24 -5.81 -19.34
C CYS A 24 3.05 -6.54 -18.72
N CYS A 25 3.29 -7.66 -18.05
CA CYS A 25 2.22 -8.55 -17.59
C CYS A 25 1.12 -7.85 -16.77
N GLU A 26 1.44 -6.73 -16.14
CA GLU A 26 0.46 -6.01 -15.32
C GLU A 26 -0.16 -4.83 -16.06
N ARG A 27 0.10 -4.75 -17.36
CA ARG A 27 -0.35 -3.64 -18.18
C ARG A 27 -0.25 -4.01 -19.65
N GLN A 28 -0.18 -3.02 -20.52
CA GLN A 28 -0.05 -3.28 -21.94
C GLN A 28 1.19 -2.56 -22.48
N ALA A 29 2.14 -2.29 -21.61
CA ALA A 29 3.36 -1.59 -21.99
C ALA A 29 4.58 -2.21 -21.34
N ARG A 30 5.58 -2.53 -22.16
CA ARG A 30 6.84 -3.06 -21.65
C ARG A 30 7.87 -1.94 -21.50
N LEU A 31 8.34 -1.74 -20.28
CA LEU A 31 9.29 -0.67 -20.00
C LEU A 31 10.61 -1.22 -19.46
N PHE A 32 11.63 -0.38 -19.52
CA PHE A 32 12.90 -0.67 -18.89
C PHE A 32 13.34 0.56 -18.10
N PHE A 33 14.03 0.35 -17.00
CA PHE A 33 14.34 1.45 -16.11
C PHE A 33 15.81 1.42 -15.68
N HIS A 34 16.31 2.57 -15.24
CA HIS A 34 17.66 2.67 -14.72
C HIS A 34 17.61 2.62 -13.20
N PHE A 35 18.70 2.19 -12.58
CA PHE A 35 18.73 2.07 -11.12
C PHE A 35 18.71 3.45 -10.47
N SER A 36 18.98 4.48 -11.26
CA SER A 36 18.92 5.85 -10.77
C SER A 36 17.47 6.32 -10.72
N GLN A 37 16.58 5.53 -11.31
CA GLN A 37 15.15 5.84 -11.32
C GLN A 37 14.38 4.92 -10.39
N PHE A 38 15.05 4.41 -9.36
CA PHE A 38 14.39 3.54 -8.39
C PHE A 38 14.55 4.13 -6.99
N SER A 39 13.44 4.57 -6.41
CA SER A 39 13.47 5.13 -5.08
C SER A 39 13.25 4.02 -4.05
N GLY A 40 14.29 3.74 -3.29
CA GLY A 40 14.24 2.68 -2.29
C GLY A 40 15.58 1.97 -2.20
N ASN A 41 15.55 0.70 -1.83
CA ASN A 41 16.76 -0.09 -1.78
C ASN A 41 16.81 -1.08 -2.92
N ILE A 42 17.85 -0.98 -3.74
CA ILE A 42 18.07 -1.96 -4.80
C ILE A 42 18.44 -3.30 -4.17
N ASP A 43 18.87 -3.23 -2.91
CA ASP A 43 19.23 -4.40 -2.11
C ASP A 43 18.04 -5.35 -1.99
N HIS A 44 16.84 -4.77 -1.96
CA HIS A 44 15.63 -5.53 -1.72
C HIS A 44 14.78 -5.62 -2.98
N LEU A 45 15.41 -5.43 -4.13
CA LEU A 45 14.73 -5.55 -5.40
C LEU A 45 15.25 -6.77 -6.14
N LYS A 46 14.41 -7.77 -6.34
CA LYS A 46 14.82 -9.00 -6.99
C LYS A 46 14.00 -9.25 -8.24
N ILE A 47 14.27 -10.35 -8.92
CA ILE A 47 13.52 -10.73 -10.10
C ILE A 47 12.16 -11.29 -9.70
N GLY A 48 11.09 -10.64 -10.17
CA GLY A 48 9.76 -11.07 -9.81
C GLY A 48 9.07 -10.08 -8.89
N ASP A 49 9.77 -9.00 -8.55
CA ASP A 49 9.19 -7.94 -7.72
C ASP A 49 8.22 -7.09 -8.53
N PRO A 50 6.95 -6.99 -8.09
CA PRO A 50 5.96 -6.16 -8.74
C PRO A 50 6.05 -4.70 -8.29
N VAL A 51 6.16 -3.79 -9.25
CA VAL A 51 6.33 -2.39 -8.93
C VAL A 51 5.31 -1.53 -9.69
N GLU A 52 5.03 -0.36 -9.14
CA GLU A 52 4.19 0.61 -9.81
C GLU A 52 4.98 1.89 -10.05
N PHE A 53 4.99 2.33 -11.29
CA PHE A 53 5.82 3.47 -11.67
C PHE A 53 5.02 4.46 -12.48
N GLU A 54 5.58 5.64 -12.65
CA GLU A 54 4.91 6.71 -13.35
C GLU A 54 5.47 6.81 -14.76
N MET A 55 4.67 6.42 -15.74
CA MET A 55 5.10 6.42 -17.13
C MET A 55 4.82 7.79 -17.74
N THR A 56 5.89 8.54 -18.02
CA THR A 56 5.74 9.91 -18.48
C THR A 56 6.62 10.17 -19.70
N TYR A 57 6.49 11.36 -20.27
CA TYR A 57 7.30 11.75 -21.41
C TYR A 57 8.18 12.93 -21.03
N ASP A 58 9.49 12.76 -21.16
CA ASP A 58 10.41 13.82 -20.83
C ASP A 58 10.41 14.90 -21.90
N ARG A 59 10.16 16.12 -21.48
CA ARG A 59 10.06 17.26 -22.38
C ARG A 59 11.43 17.77 -22.79
N ARG A 60 12.49 17.23 -22.20
CA ARG A 60 13.83 17.65 -22.53
C ARG A 60 14.43 16.77 -23.62
N THR A 61 14.45 15.46 -23.39
CA THR A 61 15.02 14.52 -24.35
C THR A 61 13.99 14.10 -25.40
N GLY A 62 12.72 14.22 -25.07
CA GLY A 62 11.68 13.78 -25.98
C GLY A 62 11.54 12.27 -26.00
N LYS A 63 11.82 11.65 -24.87
CA LYS A 63 11.74 10.21 -24.74
C LYS A 63 10.73 9.82 -23.66
N PRO A 64 10.04 8.68 -23.82
CA PRO A 64 9.19 8.14 -22.77
C PRO A 64 10.03 7.55 -21.64
N ILE A 65 9.78 8.00 -20.42
CA ILE A 65 10.59 7.59 -19.29
C ILE A 65 9.73 7.17 -18.11
N ALA A 66 10.33 6.45 -17.19
CA ALA A 66 9.67 6.09 -15.96
C ALA A 66 10.22 6.93 -14.82
N SER A 67 9.33 7.37 -13.95
CA SER A 67 9.72 8.15 -12.78
C SER A 67 10.48 7.28 -11.78
N GLN A 68 10.49 7.69 -10.52
CA GLN A 68 11.37 7.09 -9.50
C GLN A 68 10.91 5.71 -9.01
N VAL A 69 10.19 4.97 -9.86
CA VAL A 69 9.76 3.56 -9.63
C VAL A 69 9.75 3.14 -8.16
N SER A 70 8.57 3.09 -7.57
CA SER A 70 8.43 2.65 -6.20
C SER A 70 7.77 1.27 -6.16
N LYS A 71 8.21 0.43 -5.22
CA LYS A 71 7.61 -0.88 -5.06
C LYS A 71 6.20 -0.71 -4.48
N ILE A 72 5.27 -1.55 -4.94
CA ILE A 72 3.88 -1.47 -4.51
C ILE A 72 3.76 -1.53 -3.00
N ALA A 73 3.23 -0.46 -2.41
CA ALA A 73 3.14 -0.33 -0.98
C ALA A 73 1.68 -0.39 -0.52
N PRO A 74 1.45 -0.64 0.78
CA PRO A 74 0.09 -0.66 1.35
C PRO A 74 -0.60 0.69 1.24
N GLU A 75 -1.93 0.65 1.26
CA GLU A 75 -2.75 1.85 1.14
C GLU A 75 -2.93 2.50 2.52
N VAL A 76 -3.69 3.60 2.58
CA VAL A 76 -3.90 4.34 3.81
C VAL A 76 -4.52 3.46 4.89
N VAL A 77 -4.20 3.75 6.16
CA VAL A 77 -4.68 2.97 7.28
C VAL A 77 -5.93 3.57 7.88
N LEU A 78 -7.06 2.89 7.72
CA LEU A 78 -8.32 3.34 8.31
C LEU A 78 -8.86 2.31 9.30
N SER A 79 -8.00 1.38 9.71
CA SER A 79 -8.42 0.33 10.62
C SER A 79 -7.74 0.45 11.97
N GLU A 80 -7.97 1.56 12.66
CA GLU A 80 -7.46 1.74 14.01
C GLU A 80 -8.60 1.89 15.01
N GLU A 81 -9.68 2.52 14.58
CA GLU A 81 -10.90 2.64 15.38
C GLU A 81 -12.05 3.14 14.51
N ARG A 82 -13.26 2.71 14.84
CA ARG A 82 -14.45 3.20 14.18
C ARG A 82 -15.22 4.15 15.10
N VAL A 83 -15.30 5.40 14.70
CA VAL A 83 -16.03 6.39 15.47
C VAL A 83 -17.43 6.55 14.93
N THR A 84 -18.31 7.08 15.75
CA THR A 84 -19.68 7.31 15.35
C THR A 84 -19.93 8.82 15.23
N GLY A 85 -20.67 9.21 14.22
CA GLY A 85 -20.90 10.62 13.99
C GLY A 85 -22.36 10.95 13.78
N THR A 86 -22.68 12.21 13.90
CA THR A 86 -24.02 12.68 13.65
C THR A 86 -24.00 13.76 12.57
N VAL A 87 -24.83 13.60 11.56
CA VAL A 87 -24.91 14.57 10.49
C VAL A 87 -25.52 15.87 10.99
N THR A 88 -24.82 16.97 10.77
CA THR A 88 -25.35 18.28 11.11
C THR A 88 -25.78 19.04 9.85
N THR A 89 -25.25 18.61 8.71
CA THR A 89 -25.56 19.23 7.44
C THR A 89 -25.46 18.20 6.31
N GLU A 90 -26.50 18.12 5.50
CA GLU A 90 -26.51 17.20 4.36
C GLU A 90 -26.30 17.95 3.06
N LEU A 91 -26.33 17.22 1.96
CA LEU A 91 -26.20 17.79 0.63
C LEU A 91 -27.38 18.71 0.35
N ARG A 92 -27.12 19.86 -0.26
CA ARG A 92 -28.18 20.83 -0.50
C ARG A 92 -29.23 20.30 -1.46
N THR A 93 -30.44 20.15 -0.97
CA THR A 93 -31.57 19.74 -1.78
C THR A 93 -32.79 20.59 -1.44
N ASP A 94 -33.11 21.53 -2.33
CA ASP A 94 -34.20 22.46 -2.08
C ASP A 94 -35.56 21.82 -2.39
N SER A 95 -35.94 21.83 -3.65
CA SER A 95 -37.19 21.25 -4.08
C SER A 95 -37.00 19.79 -4.47
N ALA A 96 -38.08 19.02 -4.46
CA ALA A 96 -38.03 17.60 -4.83
C ALA A 96 -37.95 17.45 -6.36
N ASN A 97 -37.16 18.30 -6.97
CA ASN A 97 -37.04 18.36 -8.43
C ASN A 97 -35.61 18.73 -8.81
N ASN A 98 -34.92 19.41 -7.89
CA ASN A 98 -33.56 19.85 -8.13
C ASN A 98 -32.60 19.13 -7.19
N VAL A 99 -31.84 18.21 -7.74
CA VAL A 99 -30.83 17.48 -6.98
C VAL A 99 -29.50 17.53 -7.73
N LEU A 100 -28.63 18.43 -7.31
CA LEU A 100 -27.36 18.63 -7.98
C LEU A 100 -26.23 18.12 -7.11
N ASN A 101 -25.87 16.88 -7.34
CA ASN A 101 -24.81 16.22 -6.60
C ASN A 101 -23.46 16.59 -7.22
N SER A 102 -23.10 17.84 -7.04
CA SER A 102 -21.82 18.33 -7.46
C SER A 102 -20.90 18.50 -6.25
N SER A 103 -19.62 18.72 -6.50
CA SER A 103 -18.64 18.83 -5.43
C SER A 103 -18.64 20.24 -4.80
N GLU A 104 -19.63 21.06 -5.16
CA GLU A 104 -19.74 22.41 -4.59
C GLU A 104 -20.49 22.36 -3.26
N THR A 105 -21.27 21.31 -3.08
CA THR A 105 -22.00 21.10 -1.85
C THR A 105 -21.33 19.99 -1.05
N THR A 106 -21.19 20.20 0.24
CA THR A 106 -20.52 19.24 1.10
C THR A 106 -21.18 19.22 2.47
N GLY A 107 -21.51 18.03 2.94
CA GLY A 107 -22.12 17.89 4.23
C GLY A 107 -21.12 17.90 5.35
N ARG A 108 -21.60 18.00 6.57
CA ARG A 108 -20.74 18.01 7.74
C ARG A 108 -21.20 16.99 8.78
N ILE A 109 -20.25 16.22 9.29
CA ILE A 109 -20.52 15.24 10.33
C ILE A 109 -19.86 15.68 11.63
N SER A 110 -20.64 15.75 12.70
CA SER A 110 -20.09 16.08 14.00
C SER A 110 -19.85 14.80 14.81
N TYR A 111 -18.60 14.54 15.18
CA TYR A 111 -18.29 13.38 16.00
C TYR A 111 -17.49 13.82 17.22
N GLU A 112 -17.58 13.05 18.29
CA GLU A 112 -16.92 13.39 19.53
C GLU A 112 -15.88 12.34 19.88
N ASN A 113 -14.63 12.77 19.99
CA ASN A 113 -13.53 11.88 20.33
C ASN A 113 -12.51 12.66 21.16
N ARG A 114 -11.99 12.02 22.21
CA ARG A 114 -11.05 12.67 23.13
C ARG A 114 -11.72 13.82 23.84
N GLY A 115 -13.06 13.79 23.89
CA GLY A 115 -13.82 14.86 24.52
C GLY A 115 -14.03 16.03 23.59
N GLU A 116 -13.37 16.00 22.44
CA GLU A 116 -13.44 17.07 21.46
C GLU A 116 -14.41 16.70 20.35
N CYS A 117 -15.21 17.64 19.91
CA CYS A 117 -16.14 17.42 18.83
C CYS A 117 -15.70 18.14 17.57
N PHE A 118 -15.50 17.39 16.50
CA PHE A 118 -15.03 17.94 15.24
C PHE A 118 -16.08 17.78 14.15
N PHE A 119 -15.90 18.51 13.06
CA PHE A 119 -16.81 18.45 11.93
C PHE A 119 -16.08 17.99 10.67
N LEU A 120 -16.52 16.87 10.11
CA LEU A 120 -15.88 16.31 8.94
C LEU A 120 -16.74 16.54 7.70
N PRO A 121 -16.11 16.81 6.55
CA PRO A 121 -16.81 17.01 5.29
C PRO A 121 -17.08 15.68 4.56
N TYR A 122 -18.19 15.61 3.85
CA TYR A 122 -18.52 14.40 3.10
C TYR A 122 -19.42 14.73 1.91
N THR A 123 -19.30 13.92 0.87
CA THR A 123 -20.19 13.98 -0.28
C THR A 123 -20.87 12.63 -0.49
N LYS A 124 -21.96 12.59 -1.25
CA LYS A 124 -22.72 11.35 -1.43
C LYS A 124 -21.88 10.28 -2.11
N ASP A 125 -20.96 10.71 -2.97
CA ASP A 125 -20.09 9.81 -3.71
C ASP A 125 -19.13 9.06 -2.79
N ASP A 126 -18.91 9.60 -1.60
CA ASP A 126 -17.95 9.03 -0.66
C ASP A 126 -18.67 8.27 0.45
N VAL A 127 -19.95 8.03 0.25
CA VAL A 127 -20.77 7.31 1.21
C VAL A 127 -20.70 5.81 0.96
N GLU A 128 -20.41 5.06 2.01
CA GLU A 128 -20.31 3.61 1.92
C GLU A 128 -21.65 3.00 2.34
N GLY A 129 -22.03 1.89 1.71
CA GLY A 129 -23.32 1.30 1.98
C GLY A 129 -24.38 1.78 1.03
N ASN A 130 -24.09 2.89 0.34
CA ASN A 130 -25.01 3.49 -0.63
C ASN A 130 -26.33 3.89 0.04
N VAL A 131 -26.27 4.13 1.34
CA VAL A 131 -27.45 4.51 2.11
C VAL A 131 -27.59 6.02 2.13
N ASN A 132 -28.82 6.50 1.97
CA ASN A 132 -29.09 7.92 2.00
C ASN A 132 -29.15 8.42 3.44
N LEU A 133 -28.06 9.07 3.87
CA LEU A 133 -27.98 9.61 5.24
C LEU A 133 -28.54 11.02 5.28
N ARG A 134 -29.10 11.39 6.43
CA ARG A 134 -29.66 12.72 6.62
C ARG A 134 -29.20 13.29 7.95
N ALA A 135 -29.49 14.55 8.17
CA ALA A 135 -29.13 15.19 9.41
C ALA A 135 -30.04 14.72 10.54
N GLY A 136 -29.43 14.10 11.54
CA GLY A 136 -30.18 13.62 12.69
C GLY A 136 -30.08 12.12 12.88
N ASP A 137 -29.72 11.38 11.84
CA ASP A 137 -29.52 9.95 11.99
C ASP A 137 -28.06 9.64 12.23
N LYS A 138 -27.78 8.41 12.66
CA LYS A 138 -26.45 8.05 13.12
C LYS A 138 -25.66 7.33 12.05
N VAL A 139 -24.52 7.91 11.74
CA VAL A 139 -23.61 7.34 10.76
C VAL A 139 -22.25 7.06 11.38
N SER A 140 -21.50 6.16 10.79
CA SER A 140 -20.16 5.87 11.26
C SER A 140 -19.19 6.01 10.10
N PHE A 141 -18.02 6.55 10.36
CA PHE A 141 -17.03 6.74 9.32
C PHE A 141 -15.66 6.30 9.79
N GLN A 142 -14.85 5.83 8.87
CA GLN A 142 -13.52 5.33 9.20
C GLN A 142 -12.47 6.38 8.86
N ILE A 143 -11.81 6.87 9.89
CA ILE A 143 -10.78 7.88 9.72
C ILE A 143 -9.50 7.24 9.22
N ALA A 144 -9.15 7.54 7.97
CA ALA A 144 -7.94 7.01 7.36
C ALA A 144 -6.78 7.95 7.60
N THR A 145 -5.84 7.51 8.43
CA THR A 145 -4.67 8.30 8.74
C THR A 145 -3.63 8.18 7.62
N ASN A 146 -3.55 9.21 6.79
CA ASN A 146 -2.58 9.24 5.70
C ASN A 146 -1.16 9.33 6.23
N GLN A 147 -0.19 9.02 5.37
CA GLN A 147 1.21 8.98 5.77
C GLN A 147 1.73 10.37 6.12
N ARG A 148 1.04 11.41 5.67
CA ARG A 148 1.44 12.78 5.97
C ARG A 148 0.60 13.33 7.12
N GLY A 149 -0.21 12.47 7.73
CA GLY A 149 -0.95 12.83 8.93
C GLY A 149 -2.06 13.83 8.69
N ASN A 150 -2.49 13.98 7.45
CA ASN A 150 -3.61 14.86 7.13
C ASN A 150 -4.70 14.07 6.45
N LEU A 151 -5.93 14.21 6.93
CA LEU A 151 -7.04 13.42 6.42
C LEU A 151 -8.37 14.16 6.55
N GLY A 152 -9.43 13.51 6.09
CA GLY A 152 -10.77 14.04 6.27
C GLY A 152 -11.70 12.98 6.80
N ALA A 153 -12.64 12.55 5.99
CA ALA A 153 -13.55 11.48 6.36
C ALA A 153 -13.71 10.51 5.22
N CYS A 154 -13.55 9.23 5.51
CA CYS A 154 -13.67 8.19 4.49
C CYS A 154 -14.64 7.12 4.97
N HIS A 155 -15.31 6.48 4.03
CA HIS A 155 -16.27 5.42 4.33
C HIS A 155 -17.36 5.91 5.27
N ILE A 156 -18.10 6.93 4.86
CA ILE A 156 -19.24 7.38 5.65
C ILE A 156 -20.37 6.39 5.44
N ARG A 157 -20.74 5.69 6.50
CA ARG A 157 -21.71 4.62 6.39
C ARG A 157 -22.81 4.78 7.42
N LEU A 158 -24.05 4.67 6.98
CA LEU A 158 -25.19 4.79 7.86
C LEU A 158 -25.46 3.46 8.52
N GLU A 159 -25.30 3.42 9.84
CA GLU A 159 -25.44 2.19 10.60
C GLU A 159 -26.76 2.15 11.38
N ASN A 160 -27.28 3.32 11.73
CA ASN A 160 -28.53 3.39 12.47
C ASN A 160 -29.35 4.58 12.02
N PRO A 161 -30.44 4.33 11.29
CA PRO A 161 -31.28 5.38 10.70
C PRO A 161 -32.30 5.97 11.67
N ALA A 162 -32.79 7.14 11.32
CA ALA A 162 -33.86 7.79 12.07
C ALA A 162 -34.99 8.15 11.12
N GLN A 163 -36.23 7.93 11.59
CA GLN A 163 -37.43 8.12 10.75
C GLN A 163 -37.42 7.20 9.54
N PRO A 164 -37.82 5.93 9.73
CA PRO A 164 -37.92 4.96 8.65
C PRO A 164 -39.19 5.15 7.83
N VAL A 165 -39.06 5.88 6.71
CA VAL A 165 -40.21 6.18 5.86
C VAL A 165 -40.06 5.53 4.50
N GLY A 1 -0.69 21.41 -7.66
CA GLY A 1 -0.01 20.75 -6.57
C GLY A 1 0.10 19.25 -6.79
N ALA A 2 -0.41 18.80 -7.93
CA ALA A 2 -0.37 17.39 -8.28
C ALA A 2 0.58 17.15 -9.44
N ASP A 3 1.69 16.47 -9.16
CA ASP A 3 2.69 16.18 -10.17
C ASP A 3 2.66 14.70 -10.54
N ASP A 4 2.71 13.86 -9.52
CA ASP A 4 2.78 12.42 -9.68
C ASP A 4 1.36 11.85 -9.70
N GLU A 5 0.72 11.99 -10.83
CA GLU A 5 -0.69 11.68 -10.98
C GLU A 5 -0.95 10.24 -11.39
N GLU A 6 -0.64 9.94 -12.63
CA GLU A 6 -1.03 8.68 -13.24
C GLU A 6 0.05 7.62 -13.08
N ARG A 7 -0.10 6.80 -12.06
CA ARG A 7 0.87 5.77 -11.73
C ARG A 7 0.61 4.49 -12.51
N GLU A 8 1.68 3.89 -12.98
CA GLU A 8 1.63 2.64 -13.73
C GLU A 8 2.21 1.51 -12.90
N THR A 9 1.54 0.37 -12.92
CA THR A 9 1.99 -0.78 -12.16
C THR A 9 2.61 -1.84 -13.07
N GLY A 10 3.68 -2.47 -12.57
CA GLY A 10 4.33 -3.54 -13.33
C GLY A 10 5.25 -4.36 -12.45
N ILE A 11 5.88 -5.37 -13.02
CA ILE A 11 6.80 -6.21 -12.27
C ILE A 11 8.18 -6.17 -12.88
N ILE A 12 9.20 -6.35 -12.06
CA ILE A 12 10.57 -6.40 -12.54
C ILE A 12 10.80 -7.65 -13.37
N GLU A 13 11.23 -7.48 -14.61
CA GLU A 13 11.46 -8.60 -15.51
C GLU A 13 12.79 -9.26 -15.18
N LYS A 14 13.84 -8.46 -15.11
CA LYS A 14 15.19 -8.94 -14.80
C LYS A 14 16.01 -7.86 -14.15
N LEU A 15 17.18 -8.24 -13.67
CA LEU A 15 18.08 -7.29 -13.01
C LEU A 15 19.46 -7.35 -13.65
N LEU A 16 19.71 -6.40 -14.52
CA LEU A 16 21.02 -6.23 -15.14
C LEU A 16 21.78 -5.16 -14.36
N HIS A 17 22.99 -4.86 -14.77
CA HIS A 17 23.80 -3.88 -14.04
C HIS A 17 23.58 -2.49 -14.61
N SER A 18 23.33 -1.54 -13.71
CA SER A 18 23.08 -0.13 -14.05
C SER A 18 21.66 0.09 -14.60
N TYR A 19 21.04 -0.96 -15.13
CA TYR A 19 19.71 -0.84 -15.71
C TYR A 19 18.95 -2.16 -15.61
N GLY A 20 17.64 -2.10 -15.78
CA GLY A 20 16.81 -3.29 -15.72
C GLY A 20 15.59 -3.18 -16.61
N PHE A 21 14.69 -4.16 -16.53
CA PHE A 21 13.52 -4.19 -17.38
C PHE A 21 12.26 -4.43 -16.56
N ILE A 22 11.14 -3.89 -17.04
CA ILE A 22 9.85 -4.06 -16.40
C ILE A 22 8.93 -4.88 -17.31
N GLN A 23 8.37 -5.94 -16.75
CA GLN A 23 7.59 -6.90 -17.54
C GLN A 23 6.17 -6.41 -17.77
N CYS A 24 5.72 -6.58 -19.01
CA CYS A 24 4.39 -6.17 -19.42
C CYS A 24 3.29 -7.17 -19.03
N CYS A 25 3.66 -8.28 -18.40
CA CYS A 25 2.69 -9.33 -18.06
C CYS A 25 1.49 -8.78 -17.28
N GLU A 26 1.75 -7.82 -16.41
CA GLU A 26 0.72 -7.23 -15.56
C GLU A 26 0.22 -5.90 -16.14
N ARG A 27 0.45 -5.69 -17.43
CA ARG A 27 0.07 -4.43 -18.07
C ARG A 27 0.05 -4.57 -19.59
N GLN A 28 0.12 -3.46 -20.31
CA GLN A 28 0.07 -3.49 -21.77
C GLN A 28 1.28 -2.78 -22.38
N ALA A 29 2.33 -2.64 -21.59
CA ALA A 29 3.54 -1.97 -22.05
C ALA A 29 4.80 -2.57 -21.44
N ARG A 30 5.70 -3.02 -22.30
CA ARG A 30 7.02 -3.46 -21.85
C ARG A 30 7.93 -2.25 -21.79
N LEU A 31 8.62 -2.07 -20.68
CA LEU A 31 9.38 -0.86 -20.46
C LEU A 31 10.72 -1.16 -19.77
N PHE A 32 11.66 -0.25 -19.90
CA PHE A 32 12.96 -0.38 -19.27
C PHE A 32 13.14 0.70 -18.22
N PHE A 33 13.90 0.40 -17.18
CA PHE A 33 14.16 1.37 -16.13
C PHE A 33 15.62 1.35 -15.74
N HIS A 34 16.10 2.45 -15.20
CA HIS A 34 17.48 2.55 -14.76
C HIS A 34 17.53 2.62 -13.25
N PHE A 35 18.62 2.11 -12.67
CA PHE A 35 18.77 2.04 -11.22
C PHE A 35 18.80 3.44 -10.60
N SER A 36 19.11 4.45 -11.42
CA SER A 36 19.14 5.83 -10.98
C SER A 36 17.73 6.35 -10.68
N GLN A 37 16.74 5.72 -11.29
CA GLN A 37 15.35 6.11 -11.12
C GLN A 37 14.61 5.10 -10.28
N PHE A 38 15.27 4.61 -9.24
CA PHE A 38 14.63 3.68 -8.31
C PHE A 38 14.63 4.26 -6.90
N SER A 39 13.48 4.25 -6.27
CA SER A 39 13.36 4.71 -4.90
C SER A 39 13.39 3.52 -3.94
N GLY A 40 14.52 3.33 -3.27
CA GLY A 40 14.64 2.25 -2.31
C GLY A 40 16.01 1.61 -2.39
N ASN A 41 16.18 0.51 -1.66
CA ASN A 41 17.45 -0.21 -1.66
C ASN A 41 17.42 -1.35 -2.68
N ILE A 42 18.27 -1.24 -3.69
CA ILE A 42 18.27 -2.15 -4.84
C ILE A 42 18.52 -3.61 -4.43
N ASP A 43 19.17 -3.80 -3.30
CA ASP A 43 19.49 -5.15 -2.82
C ASP A 43 18.24 -5.91 -2.43
N HIS A 44 17.16 -5.19 -2.16
CA HIS A 44 15.90 -5.81 -1.76
C HIS A 44 14.94 -5.90 -2.93
N LEU A 45 15.44 -5.58 -4.12
CA LEU A 45 14.63 -5.70 -5.33
C LEU A 45 14.89 -7.05 -5.97
N LYS A 46 13.83 -7.77 -6.31
CA LYS A 46 13.95 -9.10 -6.89
C LYS A 46 13.24 -9.16 -8.24
N ILE A 47 13.41 -10.27 -8.93
CA ILE A 47 12.77 -10.49 -10.21
C ILE A 47 11.33 -10.95 -9.99
N GLY A 48 10.39 -10.29 -10.65
CA GLY A 48 8.99 -10.63 -10.46
C GLY A 48 8.33 -9.79 -9.40
N ASP A 49 9.12 -8.88 -8.81
CA ASP A 49 8.63 -8.01 -7.75
C ASP A 49 7.85 -6.83 -8.34
N PRO A 50 6.63 -6.57 -7.82
CA PRO A 50 5.77 -5.48 -8.31
C PRO A 50 6.28 -4.09 -7.91
N VAL A 51 6.42 -3.22 -8.91
CA VAL A 51 6.88 -1.85 -8.68
C VAL A 51 5.89 -0.84 -9.28
N GLU A 52 5.89 0.36 -8.72
CA GLU A 52 5.00 1.41 -9.18
C GLU A 52 5.81 2.54 -9.82
N PHE A 53 5.50 2.86 -11.06
CA PHE A 53 6.26 3.83 -11.82
C PHE A 53 5.35 4.69 -12.68
N GLU A 54 5.74 5.92 -12.96
CA GLU A 54 4.98 6.76 -13.86
C GLU A 54 5.69 6.84 -15.21
N MET A 55 4.95 6.59 -16.28
CA MET A 55 5.52 6.62 -17.62
C MET A 55 5.57 8.05 -18.13
N THR A 56 6.77 8.56 -18.35
CA THR A 56 6.93 9.96 -18.70
C THR A 56 7.88 10.14 -19.87
N TYR A 57 7.94 11.36 -20.39
CA TYR A 57 8.82 11.69 -21.49
C TYR A 57 9.57 12.96 -21.16
N ASP A 58 10.88 12.87 -21.01
CA ASP A 58 11.70 14.03 -20.70
C ASP A 58 11.96 14.84 -21.97
N ARG A 59 11.45 16.06 -22.00
CA ARG A 59 11.50 16.89 -23.19
C ARG A 59 12.87 17.53 -23.40
N ARG A 60 13.74 17.36 -22.42
CA ARG A 60 15.06 17.99 -22.45
C ARG A 60 16.12 17.01 -22.95
N THR A 61 16.00 15.75 -22.56
CA THR A 61 16.92 14.72 -23.01
C THR A 61 16.45 14.11 -24.33
N GLY A 62 15.13 14.01 -24.48
CA GLY A 62 14.57 13.44 -25.70
C GLY A 62 14.34 11.94 -25.57
N LYS A 63 14.50 11.42 -24.36
CA LYS A 63 14.31 9.99 -24.11
C LYS A 63 13.00 9.76 -23.35
N PRO A 64 12.32 8.64 -23.63
CA PRO A 64 11.20 8.20 -22.82
C PRO A 64 11.69 7.49 -21.57
N ILE A 65 11.26 7.95 -20.41
CA ILE A 65 11.78 7.42 -19.16
C ILE A 65 10.68 7.29 -18.13
N ALA A 66 10.92 6.42 -17.16
CA ALA A 66 9.99 6.26 -16.06
C ALA A 66 10.38 7.18 -14.92
N SER A 67 9.43 7.49 -14.07
CA SER A 67 9.68 8.30 -12.89
C SER A 67 10.62 7.54 -11.93
N GLN A 68 10.71 8.02 -10.70
CA GLN A 68 11.68 7.51 -9.74
C GLN A 68 11.28 6.13 -9.17
N VAL A 69 10.39 5.42 -9.90
CA VAL A 69 9.95 4.06 -9.58
C VAL A 69 9.88 3.78 -8.08
N SER A 70 8.71 4.01 -7.49
CA SER A 70 8.55 3.81 -6.07
C SER A 70 8.17 2.37 -5.79
N LYS A 71 8.77 1.78 -4.77
CA LYS A 71 8.49 0.42 -4.40
C LYS A 71 7.14 0.32 -3.72
N ILE A 72 6.24 -0.45 -4.32
CA ILE A 72 4.93 -0.69 -3.72
C ILE A 72 5.10 -1.29 -2.33
N ALA A 73 4.78 -0.47 -1.33
CA ALA A 73 4.87 -0.89 0.07
C ALA A 73 3.69 -1.79 0.42
N PRO A 74 3.77 -2.51 1.56
CA PRO A 74 2.66 -3.36 2.04
C PRO A 74 1.33 -2.60 2.07
N GLU A 75 0.46 -2.94 1.13
CA GLU A 75 -0.81 -2.27 0.96
C GLU A 75 -1.87 -2.88 1.89
N VAL A 76 -3.14 -2.60 1.60
CA VAL A 76 -4.24 -3.26 2.29
C VAL A 76 -4.14 -4.76 2.06
N VAL A 77 -4.39 -5.55 3.09
CA VAL A 77 -4.26 -7.00 2.99
C VAL A 77 -5.32 -7.56 2.06
N LEU A 78 -4.98 -7.61 0.78
CA LEU A 78 -5.91 -7.99 -0.27
C LEU A 78 -5.86 -9.49 -0.53
N SER A 79 -4.89 -10.15 0.08
CA SER A 79 -4.72 -11.58 -0.11
C SER A 79 -4.34 -12.25 1.20
N GLU A 80 -5.31 -12.92 1.80
CA GLU A 80 -5.10 -13.70 3.02
C GLU A 80 -5.36 -15.16 2.70
N GLU A 81 -6.58 -15.44 2.27
CA GLU A 81 -6.97 -16.75 1.81
C GLU A 81 -7.80 -16.59 0.53
N ARG A 82 -7.32 -17.17 -0.57
CA ARG A 82 -7.95 -16.99 -1.86
C ARG A 82 -9.17 -17.90 -1.97
N VAL A 83 -10.35 -17.30 -1.91
CA VAL A 83 -11.60 -18.04 -1.89
C VAL A 83 -12.41 -17.81 -3.15
N THR A 84 -13.56 -18.47 -3.22
CA THR A 84 -14.54 -18.22 -4.27
C THR A 84 -15.85 -17.80 -3.62
N GLY A 85 -16.76 -17.24 -4.40
CA GLY A 85 -18.01 -16.76 -3.84
C GLY A 85 -19.19 -17.03 -4.72
N THR A 86 -20.32 -17.31 -4.09
CA THR A 86 -21.57 -17.50 -4.82
C THR A 86 -22.48 -16.31 -4.57
N VAL A 87 -22.99 -15.71 -5.64
CA VAL A 87 -23.89 -14.58 -5.52
C VAL A 87 -25.26 -15.05 -5.06
N THR A 88 -25.74 -14.49 -3.98
CA THR A 88 -27.08 -14.82 -3.50
C THR A 88 -28.06 -13.70 -3.82
N THR A 89 -27.52 -12.50 -4.02
CA THR A 89 -28.33 -11.34 -4.36
C THR A 89 -27.68 -10.52 -5.47
N GLU A 90 -28.44 -10.28 -6.53
CA GLU A 90 -27.95 -9.54 -7.68
C GLU A 90 -28.06 -8.05 -7.46
N LEU A 91 -27.69 -7.28 -8.47
CA LEU A 91 -27.91 -5.84 -8.47
C LEU A 91 -29.12 -5.53 -9.34
N ARG A 92 -29.44 -4.26 -9.47
CA ARG A 92 -30.56 -3.85 -10.29
C ARG A 92 -30.11 -2.75 -11.25
N THR A 93 -31.01 -2.33 -12.12
CA THR A 93 -30.73 -1.25 -13.05
C THR A 93 -31.78 -0.16 -12.95
N ASP A 94 -32.87 -0.50 -12.28
CA ASP A 94 -34.05 0.35 -12.14
C ASP A 94 -34.83 0.38 -13.45
N SER A 95 -34.16 0.80 -14.51
CA SER A 95 -34.74 0.77 -15.84
C SER A 95 -34.23 -0.45 -16.60
N ALA A 96 -34.99 -0.90 -17.58
CA ALA A 96 -34.59 -2.08 -18.35
C ALA A 96 -33.55 -1.73 -19.40
N ASN A 97 -33.68 -0.54 -19.99
CA ASN A 97 -32.78 -0.14 -21.07
C ASN A 97 -31.85 0.99 -20.61
N ASN A 98 -32.01 1.42 -19.37
CA ASN A 98 -31.18 2.49 -18.82
C ASN A 98 -30.64 2.06 -17.47
N VAL A 99 -29.41 2.43 -17.19
CA VAL A 99 -28.80 2.11 -15.91
C VAL A 99 -28.50 3.39 -15.13
N LEU A 100 -28.98 3.43 -13.89
CA LEU A 100 -28.76 4.56 -13.02
C LEU A 100 -28.74 4.10 -11.58
N ASN A 101 -27.55 3.92 -11.06
CA ASN A 101 -27.39 3.33 -9.73
C ASN A 101 -26.44 4.15 -8.85
N SER A 102 -25.18 4.24 -9.27
CA SER A 102 -24.12 4.83 -8.46
C SER A 102 -23.87 3.96 -7.22
N SER A 103 -24.21 2.67 -7.36
CA SER A 103 -24.04 1.69 -6.30
C SER A 103 -24.83 2.10 -5.05
N GLU A 104 -26.12 2.38 -5.24
CA GLU A 104 -26.98 2.76 -4.13
C GLU A 104 -27.40 1.51 -3.36
N THR A 105 -27.60 0.42 -4.09
CA THR A 105 -27.91 -0.85 -3.50
C THR A 105 -26.64 -1.69 -3.43
N THR A 106 -26.70 -2.78 -2.69
CA THR A 106 -25.54 -3.63 -2.51
C THR A 106 -25.92 -5.09 -2.61
N GLY A 107 -25.11 -5.86 -3.33
CA GLY A 107 -25.40 -7.27 -3.51
C GLY A 107 -24.81 -8.10 -2.38
N ARG A 108 -25.06 -9.40 -2.42
CA ARG A 108 -24.58 -10.28 -1.37
C ARG A 108 -23.87 -11.50 -1.96
N ILE A 109 -22.66 -11.73 -1.49
CA ILE A 109 -21.90 -12.92 -1.86
C ILE A 109 -21.77 -13.83 -0.65
N SER A 110 -22.15 -15.08 -0.79
CA SER A 110 -22.07 -16.03 0.30
C SER A 110 -20.87 -16.95 0.15
N TYR A 111 -20.10 -17.13 1.21
CA TYR A 111 -19.00 -18.07 1.20
C TYR A 111 -18.86 -18.72 2.58
N GLU A 112 -18.18 -19.85 2.62
CA GLU A 112 -17.96 -20.56 3.87
C GLU A 112 -16.48 -20.61 4.18
N ASN A 113 -16.11 -20.12 5.35
CA ASN A 113 -14.73 -20.07 5.77
C ASN A 113 -14.60 -20.49 7.22
N ARG A 114 -13.97 -21.64 7.47
CA ARG A 114 -13.67 -22.10 8.82
C ARG A 114 -14.94 -22.41 9.61
N GLY A 115 -16.03 -22.68 8.89
CA GLY A 115 -17.29 -22.96 9.54
C GLY A 115 -18.13 -21.70 9.68
N GLU A 116 -17.58 -20.59 9.24
CA GLU A 116 -18.29 -19.32 9.26
C GLU A 116 -18.93 -19.05 7.92
N CYS A 117 -20.22 -18.73 7.94
CA CYS A 117 -20.96 -18.46 6.72
C CYS A 117 -21.49 -17.04 6.73
N PHE A 118 -20.81 -16.15 6.01
CA PHE A 118 -21.18 -14.75 6.00
C PHE A 118 -21.60 -14.31 4.61
N PHE A 119 -22.42 -13.27 4.56
CA PHE A 119 -22.84 -12.66 3.32
C PHE A 119 -22.14 -11.32 3.18
N LEU A 120 -21.33 -11.17 2.14
CA LEU A 120 -20.51 -9.97 2.01
C LEU A 120 -21.11 -9.02 0.99
N PRO A 121 -21.10 -7.72 1.31
CA PRO A 121 -21.59 -6.69 0.40
C PRO A 121 -20.62 -6.41 -0.74
N TYR A 122 -21.15 -6.32 -1.94
CA TYR A 122 -20.34 -5.97 -3.10
C TYR A 122 -21.09 -4.98 -3.97
N THR A 123 -20.36 -4.14 -4.68
CA THR A 123 -20.96 -3.21 -5.60
C THR A 123 -20.52 -3.50 -7.03
N LYS A 124 -21.02 -2.73 -7.97
CA LYS A 124 -20.67 -2.93 -9.38
C LYS A 124 -19.22 -2.53 -9.61
N ASP A 125 -18.69 -1.74 -8.70
CA ASP A 125 -17.33 -1.23 -8.81
C ASP A 125 -16.30 -2.28 -8.39
N ASP A 126 -16.78 -3.38 -7.82
CA ASP A 126 -15.91 -4.41 -7.27
C ASP A 126 -15.63 -5.51 -8.30
N VAL A 127 -16.42 -5.56 -9.37
CA VAL A 127 -16.28 -6.61 -10.38
C VAL A 127 -15.58 -6.07 -11.63
N GLU A 128 -14.68 -6.86 -12.17
CA GLU A 128 -13.92 -6.46 -13.35
C GLU A 128 -14.41 -7.22 -14.59
N GLY A 129 -13.94 -6.78 -15.75
CA GLY A 129 -14.26 -7.45 -17.00
C GLY A 129 -15.59 -7.02 -17.57
N ASN A 130 -16.30 -6.17 -16.84
CA ASN A 130 -17.63 -5.68 -17.26
C ASN A 130 -18.62 -6.83 -17.36
N VAL A 131 -18.35 -7.89 -16.61
CA VAL A 131 -19.18 -9.08 -16.69
C VAL A 131 -20.39 -8.95 -15.77
N ASN A 132 -21.57 -9.06 -16.35
CA ASN A 132 -22.79 -9.00 -15.56
C ASN A 132 -23.11 -10.37 -14.97
N LEU A 133 -22.68 -10.55 -13.73
CA LEU A 133 -22.87 -11.79 -12.99
C LEU A 133 -24.32 -11.93 -12.51
N ARG A 134 -24.78 -13.17 -12.38
CA ARG A 134 -26.14 -13.42 -11.92
C ARG A 134 -26.10 -14.27 -10.66
N ALA A 135 -27.19 -14.29 -9.92
CA ALA A 135 -27.24 -15.06 -8.69
C ALA A 135 -27.30 -16.55 -9.00
N GLY A 136 -26.37 -17.31 -8.43
CA GLY A 136 -26.33 -18.73 -8.64
C GLY A 136 -25.03 -19.21 -9.28
N ASP A 137 -24.35 -18.35 -10.03
CA ASP A 137 -23.06 -18.74 -10.62
C ASP A 137 -21.93 -18.50 -9.63
N LYS A 138 -20.71 -18.84 -10.03
CA LYS A 138 -19.58 -18.80 -9.11
C LYS A 138 -18.51 -17.83 -9.57
N VAL A 139 -18.16 -16.91 -8.68
CA VAL A 139 -17.13 -15.93 -8.95
C VAL A 139 -15.99 -16.12 -7.97
N SER A 140 -14.89 -15.42 -8.22
CA SER A 140 -13.78 -15.40 -7.29
C SER A 140 -13.54 -13.97 -6.84
N PHE A 141 -13.34 -13.79 -5.55
CA PHE A 141 -13.12 -12.46 -5.00
C PHE A 141 -11.95 -12.47 -4.03
N GLN A 142 -11.31 -11.32 -3.88
CA GLN A 142 -10.18 -11.17 -3.00
C GLN A 142 -10.54 -10.24 -1.85
N ILE A 143 -10.25 -10.67 -0.64
CA ILE A 143 -10.67 -9.96 0.56
C ILE A 143 -9.56 -9.04 1.07
N ALA A 144 -9.76 -7.74 0.91
CA ALA A 144 -8.79 -6.76 1.38
C ALA A 144 -9.22 -6.12 2.69
N THR A 145 -8.49 -6.44 3.75
CA THR A 145 -8.84 -6.00 5.09
C THR A 145 -8.01 -4.79 5.52
N ASN A 146 -8.71 -3.71 5.87
CA ASN A 146 -8.06 -2.53 6.41
C ASN A 146 -7.91 -2.64 7.93
N GLN A 147 -7.23 -1.66 8.52
CA GLN A 147 -6.91 -1.69 9.95
C GLN A 147 -8.16 -1.76 10.82
N ARG A 148 -9.26 -1.22 10.33
CA ARG A 148 -10.48 -1.13 11.14
C ARG A 148 -11.35 -2.37 11.00
N GLY A 149 -10.82 -3.41 10.36
CA GLY A 149 -11.52 -4.68 10.29
C GLY A 149 -12.74 -4.65 9.39
N ASN A 150 -12.85 -3.61 8.59
CA ASN A 150 -13.95 -3.50 7.64
C ASN A 150 -13.44 -3.77 6.24
N LEU A 151 -14.13 -4.64 5.53
CA LEU A 151 -13.71 -5.03 4.18
C LEU A 151 -14.91 -5.46 3.35
N GLY A 152 -14.64 -5.86 2.12
CA GLY A 152 -15.68 -6.34 1.24
C GLY A 152 -15.13 -7.32 0.23
N ALA A 153 -15.91 -7.62 -0.79
CA ALA A 153 -15.46 -8.51 -1.85
C ALA A 153 -15.04 -7.70 -3.06
N CYS A 154 -13.73 -7.69 -3.32
CA CYS A 154 -13.19 -6.88 -4.41
C CYS A 154 -12.45 -7.76 -5.42
N HIS A 155 -12.15 -7.19 -6.59
CA HIS A 155 -11.50 -7.93 -7.67
C HIS A 155 -12.35 -9.12 -8.08
N ILE A 156 -13.66 -8.92 -8.05
CA ILE A 156 -14.60 -9.98 -8.40
C ILE A 156 -14.44 -10.35 -9.87
N ARG A 157 -14.00 -11.57 -10.09
CA ARG A 157 -13.76 -12.06 -11.43
C ARG A 157 -14.61 -13.31 -11.65
N LEU A 158 -15.43 -13.29 -12.68
CA LEU A 158 -16.34 -14.38 -12.96
C LEU A 158 -15.60 -15.49 -13.69
N GLU A 159 -15.27 -16.54 -12.97
CA GLU A 159 -14.49 -17.64 -13.54
C GLU A 159 -15.40 -18.78 -13.99
N ASN A 160 -16.50 -18.99 -13.29
CA ASN A 160 -17.44 -20.04 -13.66
C ASN A 160 -18.85 -19.48 -13.82
N PRO A 161 -19.15 -18.93 -15.00
CA PRO A 161 -20.42 -18.26 -15.26
C PRO A 161 -21.53 -19.22 -15.66
N ALA A 162 -22.71 -18.67 -15.92
CA ALA A 162 -23.84 -19.47 -16.33
C ALA A 162 -24.01 -19.42 -17.85
N GLN A 163 -24.38 -20.54 -18.43
CA GLN A 163 -24.66 -20.61 -19.85
C GLN A 163 -26.17 -20.69 -20.06
N PRO A 164 -26.76 -19.71 -20.77
CA PRO A 164 -28.19 -19.70 -21.07
C PRO A 164 -28.62 -20.95 -21.82
N VAL A 165 -29.74 -21.53 -21.40
CA VAL A 165 -30.23 -22.78 -21.97
C VAL A 165 -30.74 -22.57 -23.40
N GLY A 1 -7.57 17.33 -12.18
CA GLY A 1 -6.93 17.95 -13.34
C GLY A 1 -5.66 17.23 -13.74
N ALA A 2 -5.73 15.91 -13.83
CA ALA A 2 -4.58 15.10 -14.19
C ALA A 2 -4.65 14.67 -15.64
N ASP A 3 -3.86 15.33 -16.48
CA ASP A 3 -3.79 14.96 -17.90
C ASP A 3 -2.39 14.50 -18.26
N ASP A 4 -1.42 14.87 -17.43
CA ASP A 4 -0.02 14.61 -17.73
C ASP A 4 0.53 13.47 -16.89
N GLU A 5 -0.36 12.78 -16.19
CA GLU A 5 0.06 11.65 -15.38
C GLU A 5 -0.89 10.48 -15.57
N GLU A 6 -0.28 9.37 -15.86
CA GLU A 6 -0.97 8.10 -15.98
C GLU A 6 -0.04 7.00 -15.49
N ARG A 7 -0.10 6.74 -14.18
CA ARG A 7 0.81 5.78 -13.57
C ARG A 7 0.33 4.35 -13.76
N GLU A 8 1.24 3.46 -14.11
CA GLU A 8 0.92 2.08 -14.34
C GLU A 8 1.74 1.17 -13.43
N THR A 9 1.31 -0.07 -13.28
CA THR A 9 2.04 -1.02 -12.48
C THR A 9 2.86 -1.95 -13.36
N GLY A 10 3.84 -2.62 -12.78
CA GLY A 10 4.65 -3.56 -13.52
C GLY A 10 5.40 -4.51 -12.61
N ILE A 11 6.13 -5.44 -13.21
CA ILE A 11 6.90 -6.42 -12.45
C ILE A 11 8.33 -6.45 -12.96
N ILE A 12 9.29 -6.60 -12.05
CA ILE A 12 10.69 -6.68 -12.45
C ILE A 12 10.94 -7.94 -13.26
N GLU A 13 11.23 -7.75 -14.55
CA GLU A 13 11.43 -8.86 -15.47
C GLU A 13 12.83 -9.44 -15.30
N LYS A 14 13.82 -8.57 -15.40
CA LYS A 14 15.21 -8.96 -15.23
C LYS A 14 15.99 -7.83 -14.60
N LEU A 15 17.17 -8.15 -14.10
CA LEU A 15 18.02 -7.17 -13.44
C LEU A 15 19.42 -7.25 -13.97
N LEU A 16 19.75 -6.33 -14.86
CA LEU A 16 21.12 -6.12 -15.29
C LEU A 16 21.73 -5.07 -14.41
N HIS A 17 22.98 -4.73 -14.64
CA HIS A 17 23.65 -3.78 -13.77
C HIS A 17 23.45 -2.36 -14.28
N SER A 18 22.92 -1.50 -13.40
CA SER A 18 22.66 -0.08 -13.68
C SER A 18 21.35 0.11 -14.48
N TYR A 19 20.84 -0.95 -15.09
CA TYR A 19 19.61 -0.88 -15.87
C TYR A 19 18.86 -2.22 -15.83
N GLY A 20 17.53 -2.15 -15.88
CA GLY A 20 16.72 -3.35 -15.80
C GLY A 20 15.51 -3.32 -16.73
N PHE A 21 14.68 -4.35 -16.65
CA PHE A 21 13.52 -4.47 -17.53
C PHE A 21 12.24 -4.71 -16.73
N ILE A 22 11.12 -4.25 -17.26
CA ILE A 22 9.83 -4.37 -16.60
C ILE A 22 8.88 -5.26 -17.43
N GLN A 23 8.27 -6.22 -16.76
CA GLN A 23 7.37 -7.17 -17.41
C GLN A 23 5.99 -6.55 -17.65
N CYS A 24 5.38 -6.95 -18.75
CA CYS A 24 4.11 -6.40 -19.21
C CYS A 24 2.90 -7.00 -18.47
N CYS A 25 3.15 -7.89 -17.51
CA CYS A 25 2.07 -8.56 -16.78
C CYS A 25 1.07 -7.56 -16.19
N GLU A 26 1.55 -6.39 -15.77
CA GLU A 26 0.68 -5.37 -15.20
C GLU A 26 0.54 -4.18 -16.14
N ARG A 27 1.55 -3.97 -16.99
CA ARG A 27 1.58 -2.82 -17.89
C ARG A 27 1.44 -3.28 -19.33
N GLN A 28 0.60 -2.60 -20.10
CA GLN A 28 0.38 -2.98 -21.50
C GLN A 28 1.57 -2.58 -22.38
N ALA A 29 2.78 -2.85 -21.88
CA ALA A 29 4.03 -2.55 -22.57
C ALA A 29 5.21 -3.05 -21.73
N ARG A 30 6.26 -3.49 -22.39
CA ARG A 30 7.47 -3.95 -21.71
C ARG A 30 8.53 -2.86 -21.77
N LEU A 31 8.84 -2.29 -20.61
CA LEU A 31 9.67 -1.11 -20.54
C LEU A 31 11.00 -1.38 -19.87
N PHE A 32 11.95 -0.48 -20.08
CA PHE A 32 13.25 -0.54 -19.43
C PHE A 32 13.38 0.61 -18.45
N PHE A 33 14.13 0.42 -17.38
CA PHE A 33 14.31 1.45 -16.37
C PHE A 33 15.75 1.45 -15.88
N HIS A 34 16.19 2.58 -15.32
CA HIS A 34 17.53 2.70 -14.80
C HIS A 34 17.51 2.62 -13.28
N PHE A 35 18.64 2.27 -12.68
CA PHE A 35 18.71 2.11 -11.23
C PHE A 35 18.56 3.45 -10.50
N SER A 36 18.76 4.54 -11.20
CA SER A 36 18.61 5.87 -10.62
C SER A 36 17.14 6.28 -10.61
N GLN A 37 16.33 5.46 -11.27
CA GLN A 37 14.89 5.68 -11.33
C GLN A 37 14.17 4.64 -10.47
N PHE A 38 14.76 4.30 -9.33
CA PHE A 38 14.15 3.33 -8.43
C PHE A 38 14.10 3.87 -7.01
N SER A 39 12.90 3.87 -6.43
CA SER A 39 12.69 4.34 -5.07
C SER A 39 12.59 3.14 -4.13
N GLY A 40 13.65 2.92 -3.37
CA GLY A 40 13.68 1.82 -2.44
C GLY A 40 15.08 1.28 -2.28
N ASN A 41 15.18 0.00 -2.01
CA ASN A 41 16.47 -0.65 -1.85
C ASN A 41 16.77 -1.53 -3.07
N ILE A 42 17.64 -1.06 -3.95
CA ILE A 42 17.99 -1.82 -5.15
C ILE A 42 18.69 -3.13 -4.77
N ASP A 43 19.31 -3.14 -3.59
CA ASP A 43 20.00 -4.33 -3.10
C ASP A 43 18.98 -5.40 -2.69
N HIS A 44 17.78 -4.94 -2.34
CA HIS A 44 16.73 -5.83 -1.86
C HIS A 44 15.78 -6.20 -2.98
N LEU A 45 15.92 -5.50 -4.11
CA LEU A 45 15.07 -5.75 -5.27
C LEU A 45 15.37 -7.12 -5.87
N LYS A 46 14.35 -7.75 -6.42
CA LYS A 46 14.48 -9.11 -6.95
C LYS A 46 13.58 -9.28 -8.18
N ILE A 47 13.76 -10.38 -8.88
CA ILE A 47 12.97 -10.65 -10.06
C ILE A 47 11.59 -11.14 -9.65
N GLY A 48 10.56 -10.61 -10.30
CA GLY A 48 9.20 -10.97 -9.93
C GLY A 48 8.64 -10.03 -8.88
N ASP A 49 9.34 -8.93 -8.65
CA ASP A 49 8.93 -7.94 -7.68
C ASP A 49 7.98 -6.94 -8.32
N PRO A 50 6.79 -6.74 -7.73
CA PRO A 50 5.78 -5.82 -8.25
C PRO A 50 6.04 -4.37 -7.85
N VAL A 51 6.02 -3.49 -8.85
CA VAL A 51 6.26 -2.06 -8.64
C VAL A 51 5.26 -1.23 -9.44
N GLU A 52 5.16 0.05 -9.12
CA GLU A 52 4.36 0.97 -9.91
C GLU A 52 5.20 2.18 -10.32
N PHE A 53 4.92 2.70 -11.50
CA PHE A 53 5.73 3.76 -12.08
C PHE A 53 4.91 4.63 -13.00
N GLU A 54 5.56 5.65 -13.57
CA GLU A 54 4.90 6.53 -14.53
C GLU A 54 5.69 6.57 -15.83
N MET A 55 5.09 6.06 -16.89
CA MET A 55 5.68 6.16 -18.21
C MET A 55 5.45 7.54 -18.78
N THR A 56 6.52 8.32 -18.88
CA THR A 56 6.41 9.69 -19.33
C THR A 56 7.44 10.00 -20.41
N TYR A 57 7.27 11.12 -21.07
CA TYR A 57 8.19 11.51 -22.13
C TYR A 57 8.87 12.82 -21.75
N ASP A 58 10.16 12.75 -21.48
CA ASP A 58 10.90 13.95 -21.11
C ASP A 58 11.05 14.86 -22.31
N ARG A 59 10.38 16.00 -22.26
CA ARG A 59 10.37 16.94 -23.37
C ARG A 59 11.69 17.67 -23.52
N ARG A 60 12.61 17.46 -22.57
CA ARG A 60 13.93 18.04 -22.67
C ARG A 60 14.80 17.23 -23.63
N THR A 61 14.97 15.96 -23.31
CA THR A 61 15.83 15.09 -24.10
C THR A 61 15.08 14.45 -25.28
N GLY A 62 13.79 14.23 -25.09
CA GLY A 62 12.99 13.59 -26.12
C GLY A 62 13.03 12.08 -25.99
N LYS A 63 13.16 11.59 -24.77
CA LYS A 63 13.21 10.15 -24.51
C LYS A 63 12.09 9.73 -23.58
N PRO A 64 11.48 8.56 -23.83
CA PRO A 64 10.48 7.99 -22.93
C PRO A 64 11.15 7.35 -21.72
N ILE A 65 10.73 7.76 -20.55
CA ILE A 65 11.31 7.26 -19.32
C ILE A 65 10.25 7.03 -18.26
N ALA A 66 10.60 6.31 -17.21
CA ALA A 66 9.70 6.06 -16.11
C ALA A 66 10.05 6.98 -14.95
N SER A 67 9.12 7.15 -14.03
CA SER A 67 9.38 7.87 -12.80
C SER A 67 10.36 7.08 -11.94
N GLN A 68 10.50 7.46 -10.68
CA GLN A 68 11.45 6.81 -9.79
C GLN A 68 10.93 5.47 -9.27
N VAL A 69 10.03 4.83 -10.02
CA VAL A 69 9.55 3.46 -9.77
C VAL A 69 9.42 3.14 -8.27
N SER A 70 8.23 3.32 -7.74
CA SER A 70 7.99 3.05 -6.34
C SER A 70 7.49 1.62 -6.15
N LYS A 71 8.07 0.91 -5.21
CA LYS A 71 7.59 -0.40 -4.84
C LYS A 71 6.22 -0.27 -4.18
N ILE A 72 5.31 -1.17 -4.49
CA ILE A 72 3.95 -1.09 -3.97
C ILE A 72 3.91 -1.43 -2.49
N ALA A 73 3.84 -0.40 -1.66
CA ALA A 73 3.80 -0.58 -0.21
C ALA A 73 2.60 0.14 0.38
N PRO A 74 1.49 -0.58 0.56
CA PRO A 74 0.25 -0.03 1.08
C PRO A 74 0.16 -0.08 2.60
N GLU A 75 1.28 -0.35 3.25
CA GLU A 75 1.29 -0.51 4.70
C GLU A 75 2.02 0.66 5.35
N VAL A 76 1.41 1.25 6.37
CA VAL A 76 2.07 2.26 7.17
C VAL A 76 3.27 1.66 7.87
N VAL A 77 4.45 2.16 7.55
CA VAL A 77 5.67 1.63 8.11
C VAL A 77 5.91 2.17 9.52
N LEU A 78 5.71 1.30 10.48
CA LEU A 78 5.92 1.63 11.89
C LEU A 78 7.36 1.33 12.28
N SER A 79 7.80 0.11 12.02
CA SER A 79 9.12 -0.32 12.43
C SER A 79 10.18 -0.02 11.37
N GLU A 80 10.43 1.28 11.14
CA GLU A 80 11.55 1.67 10.30
C GLU A 80 12.80 1.81 11.17
N GLU A 81 12.77 2.79 12.07
CA GLU A 81 13.82 2.98 13.05
C GLU A 81 13.23 3.64 14.29
N ARG A 82 13.56 3.12 15.47
CA ARG A 82 13.04 3.68 16.71
C ARG A 82 13.79 4.95 17.07
N VAL A 83 13.08 6.06 17.13
CA VAL A 83 13.68 7.35 17.41
C VAL A 83 13.22 7.91 18.75
N THR A 84 13.91 8.92 19.21
CA THR A 84 13.61 9.56 20.48
C THR A 84 13.59 11.08 20.32
N GLY A 85 12.78 11.76 21.13
CA GLY A 85 12.68 13.19 21.04
C GLY A 85 12.33 13.83 22.36
N THR A 86 12.35 15.15 22.40
CA THR A 86 12.03 15.89 23.60
C THR A 86 10.88 16.85 23.36
N VAL A 87 9.94 16.88 24.29
CA VAL A 87 8.77 17.75 24.18
C VAL A 87 9.18 19.21 24.21
N THR A 88 8.66 20.00 23.27
CA THR A 88 8.95 21.42 23.24
C THR A 88 7.70 22.26 23.48
N THR A 89 6.53 21.62 23.46
CA THR A 89 5.28 22.32 23.69
C THR A 89 4.28 21.44 24.44
N GLU A 90 3.68 22.00 25.47
CA GLU A 90 2.74 21.28 26.32
C GLU A 90 1.33 21.33 25.75
N LEU A 91 0.40 20.68 26.45
CA LEU A 91 -1.01 20.71 26.08
C LEU A 91 -1.76 21.57 27.09
N ARG A 92 -3.02 21.91 26.78
CA ARG A 92 -3.80 22.76 27.65
C ARG A 92 -4.89 21.96 28.37
N THR A 93 -4.75 21.89 29.68
CA THR A 93 -5.75 21.24 30.53
C THR A 93 -6.00 22.10 31.76
N ASP A 94 -7.27 22.22 32.15
CA ASP A 94 -7.62 23.02 33.31
C ASP A 94 -8.01 22.12 34.47
N SER A 95 -8.43 20.91 34.15
CA SER A 95 -8.89 19.96 35.15
C SER A 95 -8.78 18.56 34.60
N ALA A 96 -8.90 17.57 35.46
CA ALA A 96 -8.90 16.17 35.03
C ALA A 96 -10.17 15.89 34.23
N ASN A 97 -11.22 16.65 34.51
CA ASN A 97 -12.47 16.53 33.78
C ASN A 97 -12.51 17.53 32.64
N ASN A 98 -11.60 18.49 32.65
CA ASN A 98 -11.55 19.51 31.61
C ASN A 98 -10.29 19.32 30.78
N VAL A 99 -10.41 18.47 29.79
CA VAL A 99 -9.34 18.21 28.85
C VAL A 99 -9.71 18.71 27.46
N LEU A 100 -8.73 19.23 26.75
CA LEU A 100 -8.97 19.78 25.44
C LEU A 100 -8.35 18.93 24.38
N ASN A 101 -9.19 18.11 23.81
CA ASN A 101 -8.81 17.24 22.71
C ASN A 101 -9.12 17.91 21.38
N SER A 102 -9.39 19.20 21.45
CA SER A 102 -9.63 20.01 20.28
C SER A 102 -8.41 19.97 19.36
N SER A 103 -8.63 19.56 18.11
CA SER A 103 -7.53 19.32 17.18
C SER A 103 -6.85 20.62 16.74
N GLU A 104 -7.39 21.76 17.16
CA GLU A 104 -6.71 23.04 16.94
C GLU A 104 -5.48 23.09 17.83
N THR A 105 -5.56 22.36 18.93
CA THR A 105 -4.51 22.33 19.92
C THR A 105 -3.69 21.07 19.79
N THR A 106 -2.45 21.21 19.40
CA THR A 106 -1.56 20.09 19.30
C THR A 106 -0.19 20.44 19.89
N GLY A 107 0.41 19.49 20.57
CA GLY A 107 1.71 19.73 21.17
C GLY A 107 2.81 19.56 20.15
N ARG A 108 4.05 19.80 20.57
CA ARG A 108 5.18 19.70 19.68
C ARG A 108 6.32 18.92 20.31
N ILE A 109 6.79 17.92 19.58
CA ILE A 109 7.96 17.16 19.96
C ILE A 109 9.09 17.43 18.99
N SER A 110 10.25 17.77 19.51
CA SER A 110 11.40 18.02 18.66
C SER A 110 12.38 16.86 18.77
N TYR A 111 12.60 16.18 17.66
CA TYR A 111 13.54 15.09 17.63
C TYR A 111 14.64 15.39 16.64
N GLU A 112 15.83 14.96 16.97
CA GLU A 112 17.01 15.28 16.18
C GLU A 112 17.43 14.05 15.38
N ASN A 113 17.23 14.10 14.07
CA ASN A 113 17.48 12.96 13.22
C ASN A 113 18.36 13.34 12.03
N ARG A 114 19.57 12.77 11.99
CA ARG A 114 20.46 12.92 10.84
C ARG A 114 20.85 14.39 10.63
N GLY A 115 20.81 15.17 11.70
CA GLY A 115 21.16 16.57 11.62
C GLY A 115 19.96 17.47 11.40
N GLU A 116 18.80 16.87 11.27
CA GLU A 116 17.56 17.61 11.07
C GLU A 116 16.68 17.51 12.31
N CYS A 117 16.13 18.62 12.74
CA CYS A 117 15.25 18.64 13.88
C CYS A 117 13.84 19.08 13.47
N PHE A 118 12.94 18.12 13.39
CA PHE A 118 11.58 18.39 12.96
C PHE A 118 10.66 18.52 14.17
N PHE A 119 9.57 19.27 13.99
CA PHE A 119 8.56 19.40 15.04
C PHE A 119 7.36 18.52 14.73
N LEU A 120 7.03 17.67 15.67
CA LEU A 120 5.93 16.73 15.51
C LEU A 120 4.73 17.17 16.33
N PRO A 121 3.54 17.22 15.71
CA PRO A 121 2.30 17.50 16.40
C PRO A 121 1.74 16.24 17.09
N TYR A 122 1.32 16.38 18.33
CA TYR A 122 0.77 15.23 19.06
C TYR A 122 -0.43 15.64 19.91
N THR A 123 -1.26 14.65 20.24
CA THR A 123 -2.37 14.83 21.16
C THR A 123 -2.21 13.88 22.36
N LYS A 124 -3.11 13.96 23.32
CA LYS A 124 -2.98 13.19 24.56
C LYS A 124 -3.35 11.71 24.36
N ASP A 125 -4.19 11.43 23.38
CA ASP A 125 -4.77 10.08 23.24
C ASP A 125 -3.77 9.07 22.67
N ASP A 126 -2.64 9.57 22.19
CA ASP A 126 -1.62 8.68 21.64
C ASP A 126 -0.53 8.36 22.67
N VAL A 127 -0.54 9.11 23.77
CA VAL A 127 0.48 8.95 24.80
C VAL A 127 0.35 7.60 25.51
N GLU A 128 1.30 6.72 25.26
CA GLU A 128 1.31 5.38 25.84
C GLU A 128 1.55 5.45 27.35
N GLY A 129 0.67 4.82 28.10
CA GLY A 129 0.82 4.77 29.54
C GLY A 129 -0.07 5.75 30.25
N ASN A 130 -0.85 6.53 29.48
CA ASN A 130 -1.79 7.52 30.04
C ASN A 130 -1.02 8.63 30.74
N VAL A 131 0.25 8.75 30.42
CA VAL A 131 1.15 9.67 31.11
C VAL A 131 0.73 11.12 30.95
N ASN A 132 0.75 11.86 32.05
CA ASN A 132 0.56 13.30 32.01
C ASN A 132 1.93 13.98 31.87
N LEU A 133 2.42 13.98 30.63
CA LEU A 133 3.77 14.43 30.33
C LEU A 133 3.87 15.96 30.31
N ARG A 134 5.06 16.46 30.67
CA ARG A 134 5.35 17.88 30.59
C ARG A 134 6.30 18.15 29.45
N ALA A 135 6.48 19.41 29.08
CA ALA A 135 7.49 19.74 28.10
C ALA A 135 8.87 19.66 28.73
N GLY A 136 9.77 18.92 28.09
CA GLY A 136 11.09 18.72 28.63
C GLY A 136 11.35 17.26 28.94
N ASP A 137 10.27 16.50 29.15
CA ASP A 137 10.38 15.07 29.39
C ASP A 137 10.92 14.36 28.15
N LYS A 138 11.81 13.42 28.35
CA LYS A 138 12.40 12.66 27.26
C LYS A 138 11.48 11.50 26.90
N VAL A 139 10.96 11.51 25.68
CA VAL A 139 9.99 10.51 25.27
C VAL A 139 10.49 9.67 24.11
N SER A 140 9.91 8.48 23.97
CA SER A 140 10.22 7.60 22.86
C SER A 140 8.96 7.34 22.05
N PHE A 141 9.05 7.52 20.74
CA PHE A 141 7.90 7.34 19.87
C PHE A 141 8.34 6.60 18.61
N GLN A 142 7.41 5.89 18.00
CA GLN A 142 7.72 5.17 16.78
C GLN A 142 7.06 5.85 15.59
N ILE A 143 7.81 6.06 14.54
CA ILE A 143 7.32 6.76 13.36
C ILE A 143 6.58 5.80 12.44
N ALA A 144 5.39 6.20 12.02
CA ALA A 144 4.58 5.39 11.12
C ALA A 144 4.07 6.25 9.96
N THR A 145 4.61 5.99 8.77
CA THR A 145 4.24 6.73 7.57
C THR A 145 3.01 6.11 6.91
N ASN A 146 1.90 6.84 6.95
CA ASN A 146 0.66 6.38 6.33
C ASN A 146 0.70 6.66 4.82
N GLN A 147 -0.31 6.19 4.10
CA GLN A 147 -0.32 6.24 2.64
C GLN A 147 -0.38 7.66 2.09
N ARG A 148 -0.57 8.65 2.95
CA ARG A 148 -0.54 10.04 2.51
C ARG A 148 0.86 10.62 2.59
N GLY A 149 1.77 9.87 3.21
CA GLY A 149 3.12 10.36 3.40
C GLY A 149 3.21 11.36 4.55
N ASN A 150 2.16 11.42 5.35
CA ASN A 150 2.11 12.33 6.49
C ASN A 150 2.16 11.54 7.79
N LEU A 151 3.16 11.81 8.60
CA LEU A 151 3.31 11.12 9.87
C LEU A 151 3.67 12.11 10.96
N GLY A 152 3.87 11.59 12.15
CA GLY A 152 4.29 12.39 13.27
C GLY A 152 4.89 11.53 14.35
N ALA A 153 4.03 10.88 15.11
CA ALA A 153 4.45 9.95 16.15
C ALA A 153 3.28 9.04 16.49
N CYS A 154 3.58 7.94 17.16
CA CYS A 154 2.54 7.02 17.60
C CYS A 154 2.99 6.31 18.87
N HIS A 155 2.01 6.01 19.73
CA HIS A 155 2.22 5.41 21.06
C HIS A 155 3.43 6.01 21.75
N ILE A 156 3.44 7.34 21.80
CA ILE A 156 4.51 8.09 22.45
C ILE A 156 4.57 7.71 23.92
N ARG A 157 5.67 7.10 24.32
CA ARG A 157 5.82 6.63 25.68
C ARG A 157 6.84 7.47 26.42
N LEU A 158 6.63 7.64 27.71
CA LEU A 158 7.58 8.34 28.55
C LEU A 158 8.81 7.47 28.75
N GLU A 159 9.97 8.01 28.43
CA GLU A 159 11.20 7.25 28.53
C GLU A 159 11.95 7.67 29.79
N ASN A 160 12.34 8.94 29.83
CA ASN A 160 13.10 9.46 30.95
C ASN A 160 12.52 10.81 31.37
N PRO A 161 11.87 10.86 32.54
CA PRO A 161 11.15 12.06 33.01
C PRO A 161 12.10 13.19 33.40
N ALA A 162 11.59 14.41 33.33
CA ALA A 162 12.36 15.60 33.61
C ALA A 162 11.76 16.40 34.76
N GLN A 163 12.42 16.35 35.92
CA GLN A 163 12.07 17.17 37.08
C GLN A 163 10.76 16.74 37.74
N PRO A 164 10.84 16.11 38.92
CA PRO A 164 9.67 15.79 39.72
C PRO A 164 9.15 17.03 40.46
N VAL A 165 8.02 17.55 40.00
CA VAL A 165 7.41 18.75 40.60
C VAL A 165 8.36 19.95 40.49
N GLY A 1 -1.43 18.47 -4.14
CA GLY A 1 -2.59 17.83 -4.73
C GLY A 1 -2.28 17.24 -6.09
N ALA A 2 -2.93 16.15 -6.42
CA ALA A 2 -2.71 15.50 -7.71
C ALA A 2 -4.00 14.95 -8.28
N ASP A 3 -4.18 15.13 -9.58
CA ASP A 3 -5.33 14.59 -10.29
C ASP A 3 -4.88 13.57 -11.34
N ASP A 4 -3.92 14.01 -12.14
CA ASP A 4 -3.35 13.21 -13.20
C ASP A 4 -2.41 12.15 -12.64
N GLU A 5 -3.01 11.14 -12.03
CA GLU A 5 -2.28 9.98 -11.53
C GLU A 5 -1.69 9.20 -12.70
N GLU A 6 -2.55 8.45 -13.37
CA GLU A 6 -2.21 7.66 -14.56
C GLU A 6 -0.84 7.00 -14.46
N ARG A 7 -0.73 5.97 -13.64
CA ARG A 7 0.52 5.25 -13.46
C ARG A 7 0.33 3.79 -13.81
N GLU A 8 1.40 3.17 -14.28
CA GLU A 8 1.33 1.81 -14.78
C GLU A 8 1.90 0.84 -13.76
N THR A 9 1.23 -0.28 -13.59
CA THR A 9 1.70 -1.32 -12.70
C THR A 9 2.42 -2.41 -13.47
N GLY A 10 3.54 -2.87 -12.93
CA GLY A 10 4.30 -3.90 -13.61
C GLY A 10 5.12 -4.75 -12.66
N ILE A 11 5.74 -5.78 -13.20
CA ILE A 11 6.60 -6.67 -12.42
C ILE A 11 7.98 -6.74 -13.06
N ILE A 12 9.01 -6.87 -12.24
CA ILE A 12 10.38 -6.93 -12.73
C ILE A 12 10.60 -8.22 -13.53
N GLU A 13 11.02 -8.09 -14.80
CA GLU A 13 11.26 -9.25 -15.64
C GLU A 13 12.68 -9.75 -15.46
N LYS A 14 13.63 -8.83 -15.48
CA LYS A 14 15.04 -9.18 -15.39
C LYS A 14 15.80 -8.08 -14.66
N LEU A 15 16.75 -8.49 -13.83
CA LEU A 15 17.58 -7.52 -13.14
C LEU A 15 19.02 -7.61 -13.61
N LEU A 16 19.44 -6.57 -14.32
CA LEU A 16 20.83 -6.40 -14.70
C LEU A 16 21.37 -5.26 -13.86
N HIS A 17 22.65 -4.92 -14.00
CA HIS A 17 23.23 -3.91 -13.14
C HIS A 17 23.08 -2.53 -13.77
N SER A 18 22.58 -1.59 -12.96
CA SER A 18 22.36 -0.19 -13.37
C SER A 18 21.11 -0.04 -14.26
N TYR A 19 20.73 -1.11 -14.94
CA TYR A 19 19.56 -1.09 -15.80
C TYR A 19 18.80 -2.41 -15.71
N GLY A 20 17.47 -2.34 -15.75
CA GLY A 20 16.66 -3.53 -15.67
C GLY A 20 15.47 -3.49 -16.60
N PHE A 21 14.67 -4.55 -16.59
CA PHE A 21 13.52 -4.65 -17.47
C PHE A 21 12.21 -4.79 -16.70
N ILE A 22 11.21 -4.03 -17.11
CA ILE A 22 9.87 -4.14 -16.52
C ILE A 22 8.99 -4.98 -17.44
N GLN A 23 8.33 -5.98 -16.86
CA GLN A 23 7.54 -6.93 -17.63
C GLN A 23 6.13 -6.43 -17.88
N CYS A 24 5.69 -6.55 -19.13
CA CYS A 24 4.40 -6.05 -19.57
C CYS A 24 3.26 -6.99 -19.17
N CYS A 25 3.57 -8.08 -18.48
CA CYS A 25 2.56 -9.09 -18.15
C CYS A 25 1.38 -8.50 -17.38
N GLU A 26 1.63 -7.45 -16.60
CA GLU A 26 0.59 -6.83 -15.77
C GLU A 26 -0.04 -5.63 -16.45
N ARG A 27 0.46 -5.30 -17.64
CA ARG A 27 0.05 -4.08 -18.33
C ARG A 27 0.12 -4.33 -19.84
N GLN A 28 0.21 -3.26 -20.64
CA GLN A 28 0.47 -3.40 -22.07
C GLN A 28 1.78 -2.69 -22.41
N ALA A 29 2.60 -2.46 -21.38
CA ALA A 29 3.83 -1.71 -21.55
C ALA A 29 4.99 -2.38 -20.80
N ARG A 30 6.10 -2.53 -21.50
CA ARG A 30 7.33 -3.05 -20.91
C ARG A 30 8.44 -2.00 -21.08
N LEU A 31 9.08 -1.62 -19.99
CA LEU A 31 10.02 -0.51 -20.03
C LEU A 31 11.41 -0.91 -19.53
N PHE A 32 12.39 -0.10 -19.91
CA PHE A 32 13.74 -0.22 -19.39
C PHE A 32 13.90 0.75 -18.23
N PHE A 33 14.02 0.24 -17.02
CA PHE A 33 14.13 1.13 -15.87
C PHE A 33 15.57 1.21 -15.39
N HIS A 34 15.99 2.42 -15.06
CA HIS A 34 17.34 2.66 -14.59
C HIS A 34 17.36 2.67 -13.08
N PHE A 35 18.49 2.29 -12.49
CA PHE A 35 18.60 2.21 -11.04
C PHE A 35 18.65 3.61 -10.42
N SER A 36 18.93 4.61 -11.24
CA SER A 36 18.90 5.99 -10.82
C SER A 36 17.45 6.43 -10.57
N GLN A 37 16.52 5.73 -11.22
CA GLN A 37 15.11 6.04 -11.11
C GLN A 37 14.38 4.98 -10.30
N PHE A 38 15.01 4.51 -9.23
CA PHE A 38 14.36 3.58 -8.32
C PHE A 38 14.50 4.08 -6.89
N SER A 39 13.38 4.33 -6.25
CA SER A 39 13.37 4.85 -4.90
C SER A 39 13.42 3.69 -3.90
N GLY A 40 14.57 3.52 -3.28
CA GLY A 40 14.71 2.49 -2.27
C GLY A 40 15.96 1.66 -2.49
N ASN A 41 16.06 0.54 -1.78
CA ASN A 41 17.20 -0.35 -1.93
C ASN A 41 17.04 -1.20 -3.18
N ILE A 42 17.66 -0.76 -4.27
CA ILE A 42 17.58 -1.49 -5.53
C ILE A 42 18.38 -2.79 -5.41
N ASP A 43 19.39 -2.77 -4.54
CA ASP A 43 20.22 -3.94 -4.29
C ASP A 43 19.42 -5.05 -3.61
N HIS A 44 18.32 -4.68 -2.97
CA HIS A 44 17.48 -5.64 -2.27
C HIS A 44 16.27 -6.03 -3.11
N LEU A 45 16.32 -5.69 -4.40
CA LEU A 45 15.22 -5.98 -5.32
C LEU A 45 15.38 -7.36 -5.93
N LYS A 46 14.26 -8.02 -6.21
CA LYS A 46 14.27 -9.34 -6.82
C LYS A 46 13.43 -9.36 -8.09
N ILE A 47 13.55 -10.44 -8.85
CA ILE A 47 12.79 -10.61 -10.08
C ILE A 47 11.38 -11.08 -9.75
N GLY A 48 10.38 -10.33 -10.20
CA GLY A 48 9.01 -10.66 -9.90
C GLY A 48 8.40 -9.70 -8.89
N ASP A 49 9.23 -8.78 -8.40
CA ASP A 49 8.77 -7.77 -7.46
C ASP A 49 7.81 -6.80 -8.14
N PRO A 50 6.57 -6.65 -7.62
CA PRO A 50 5.58 -5.72 -8.15
C PRO A 50 5.97 -4.27 -7.91
N VAL A 51 6.05 -3.50 -8.98
CA VAL A 51 6.46 -2.11 -8.88
C VAL A 51 5.44 -1.17 -9.53
N GLU A 52 5.39 0.06 -9.04
CA GLU A 52 4.54 1.09 -9.61
C GLU A 52 5.41 2.14 -10.27
N PHE A 53 5.18 2.39 -11.55
CA PHE A 53 5.99 3.37 -12.26
C PHE A 53 5.11 4.33 -13.04
N GLU A 54 5.55 5.57 -13.12
CA GLU A 54 4.84 6.61 -13.83
C GLU A 54 5.44 6.77 -15.22
N MET A 55 4.77 6.21 -16.22
CA MET A 55 5.26 6.21 -17.59
C MET A 55 4.95 7.53 -18.27
N THR A 56 5.96 8.09 -18.93
CA THR A 56 5.81 9.38 -19.58
C THR A 56 7.02 9.68 -20.46
N TYR A 57 6.88 10.66 -21.35
CA TYR A 57 7.95 11.02 -22.26
C TYR A 57 8.69 12.24 -21.77
N ASP A 58 10.02 12.16 -21.79
CA ASP A 58 10.86 13.29 -21.41
C ASP A 58 11.27 14.07 -22.64
N ARG A 59 11.16 15.40 -22.56
CA ARG A 59 11.48 16.26 -23.69
C ARG A 59 12.99 16.51 -23.83
N ARG A 60 13.76 16.17 -22.81
CA ARG A 60 15.20 16.40 -22.84
C ARG A 60 15.88 15.41 -23.77
N THR A 61 15.75 14.13 -23.44
CA THR A 61 16.36 13.07 -24.22
C THR A 61 15.40 12.55 -25.29
N GLY A 62 14.10 12.68 -25.05
CA GLY A 62 13.11 12.28 -26.03
C GLY A 62 12.77 10.81 -25.95
N LYS A 63 13.47 10.10 -25.08
CA LYS A 63 13.27 8.68 -24.90
C LYS A 63 12.28 8.44 -23.76
N PRO A 64 11.40 7.43 -23.88
CA PRO A 64 10.38 7.15 -22.87
C PRO A 64 10.99 6.75 -21.53
N ILE A 65 10.56 7.42 -20.47
CA ILE A 65 11.10 7.17 -19.15
C ILE A 65 9.99 6.93 -18.14
N ALA A 66 10.39 6.69 -16.89
CA ALA A 66 9.45 6.48 -15.82
C ALA A 66 9.86 7.31 -14.62
N SER A 67 9.01 7.32 -13.60
CA SER A 67 9.35 7.99 -12.35
C SER A 67 10.35 7.17 -11.54
N GLN A 68 10.43 7.45 -10.25
CA GLN A 68 11.40 6.77 -9.38
C GLN A 68 10.95 5.34 -9.02
N VAL A 69 10.11 4.74 -9.87
CA VAL A 69 9.67 3.34 -9.77
C VAL A 69 9.55 2.87 -8.32
N SER A 70 8.40 3.10 -7.72
CA SER A 70 8.22 2.79 -6.31
C SER A 70 7.70 1.37 -6.14
N LYS A 71 8.28 0.65 -5.18
CA LYS A 71 7.77 -0.66 -4.82
C LYS A 71 6.35 -0.54 -4.29
N ILE A 72 5.47 -1.41 -4.74
CA ILE A 72 4.06 -1.31 -4.39
C ILE A 72 3.84 -1.63 -2.91
N ALA A 73 3.70 -0.59 -2.12
CA ALA A 73 3.44 -0.73 -0.68
C ALA A 73 1.94 -0.63 -0.42
N PRO A 74 1.43 -1.37 0.58
CA PRO A 74 0.00 -1.36 0.91
C PRO A 74 -0.43 -0.08 1.61
N GLU A 75 -1.59 0.43 1.24
CA GLU A 75 -2.17 1.59 1.90
C GLU A 75 -2.83 1.17 3.22
N VAL A 76 -2.04 1.16 4.28
CA VAL A 76 -2.55 0.82 5.60
C VAL A 76 -2.89 2.11 6.35
N VAL A 77 -3.80 2.03 7.31
CA VAL A 77 -4.22 3.22 8.07
C VAL A 77 -3.08 3.78 8.91
N LEU A 78 -2.45 4.83 8.41
CA LEU A 78 -1.36 5.50 9.13
C LEU A 78 -1.86 6.82 9.70
N SER A 79 -3.17 7.01 9.61
CA SER A 79 -3.81 8.27 9.97
C SER A 79 -4.08 8.37 11.46
N GLU A 80 -3.28 7.69 12.27
CA GLU A 80 -3.43 7.72 13.72
C GLU A 80 -2.57 8.80 14.34
N GLU A 81 -1.36 8.41 14.76
CA GLU A 81 -0.44 9.32 15.41
C GLU A 81 0.95 8.70 15.42
N ARG A 82 1.93 9.41 14.88
CA ARG A 82 3.30 8.93 14.85
C ARG A 82 3.85 8.79 16.27
N VAL A 83 4.21 7.58 16.64
CA VAL A 83 4.70 7.32 17.99
C VAL A 83 6.13 6.85 17.99
N THR A 84 6.78 6.98 19.14
CA THR A 84 8.16 6.58 19.29
C THR A 84 8.26 5.48 20.36
N GLY A 85 9.11 4.49 20.13
CA GLY A 85 9.24 3.40 21.06
C GLY A 85 10.68 2.98 21.26
N THR A 86 10.87 1.98 22.09
CA THR A 86 12.20 1.46 22.35
C THR A 86 12.20 -0.06 22.19
N VAL A 87 13.15 -0.57 21.43
CA VAL A 87 13.26 -2.00 21.21
C VAL A 87 13.73 -2.69 22.47
N THR A 88 13.02 -3.72 22.88
CA THR A 88 13.43 -4.47 24.05
C THR A 88 14.01 -5.82 23.66
N THR A 89 13.49 -6.37 22.56
CA THR A 89 13.96 -7.66 22.06
C THR A 89 13.89 -7.68 20.53
N GLU A 90 15.02 -7.93 19.88
CA GLU A 90 15.05 -8.10 18.44
C GLU A 90 14.72 -9.54 18.07
N LEU A 91 14.88 -9.87 16.79
CA LEU A 91 14.75 -11.25 16.35
C LEU A 91 15.83 -12.10 17.01
N ARG A 92 15.41 -13.00 17.89
CA ARG A 92 16.34 -13.79 18.68
C ARG A 92 17.25 -14.65 17.81
N THR A 93 18.48 -14.83 18.25
CA THR A 93 19.44 -15.65 17.52
C THR A 93 19.83 -16.86 18.37
N ASP A 94 20.11 -17.98 17.72
CA ASP A 94 20.47 -19.21 18.42
C ASP A 94 21.99 -19.36 18.56
N SER A 95 22.68 -19.54 17.44
CA SER A 95 24.12 -19.77 17.46
C SER A 95 24.88 -18.48 17.73
N ALA A 96 24.83 -17.55 16.78
CA ALA A 96 25.48 -16.25 16.93
C ALA A 96 24.86 -15.24 15.98
N ASN A 97 25.49 -15.04 14.83
CA ASN A 97 24.96 -14.14 13.82
C ASN A 97 24.20 -14.94 12.77
N ASN A 98 23.02 -15.42 13.16
CA ASN A 98 22.23 -16.27 12.29
C ASN A 98 21.03 -15.52 11.72
N VAL A 99 20.09 -15.20 12.61
CA VAL A 99 18.82 -14.54 12.29
C VAL A 99 18.05 -15.32 11.21
N LEU A 100 18.48 -16.55 10.98
CA LEU A 100 17.83 -17.44 10.04
C LEU A 100 17.07 -18.48 10.85
N ASN A 101 15.89 -18.09 11.25
CA ASN A 101 15.11 -18.88 12.20
C ASN A 101 13.68 -19.06 11.72
N SER A 102 13.51 -19.19 10.41
CA SER A 102 12.21 -19.50 9.81
C SER A 102 11.11 -18.53 10.26
N SER A 103 11.51 -17.31 10.65
CA SER A 103 10.60 -16.29 11.16
C SER A 103 9.67 -16.84 12.26
N GLU A 104 10.18 -17.79 13.05
CA GLU A 104 9.37 -18.42 14.09
C GLU A 104 9.46 -17.63 15.41
N THR A 105 10.01 -16.44 15.35
CA THR A 105 10.16 -15.60 16.52
C THR A 105 9.78 -14.16 16.21
N THR A 106 9.02 -13.55 17.09
CA THR A 106 8.67 -12.15 16.95
C THR A 106 9.55 -11.28 17.85
N GLY A 107 9.77 -10.04 17.45
CA GLY A 107 10.51 -9.11 18.27
C GLY A 107 9.59 -8.34 19.20
N ARG A 108 10.18 -7.52 20.06
CA ARG A 108 9.41 -6.76 21.03
C ARG A 108 9.80 -5.29 21.03
N ILE A 109 8.83 -4.44 20.79
CA ILE A 109 9.00 -3.00 20.90
C ILE A 109 8.05 -2.45 21.97
N SER A 110 8.55 -1.60 22.84
CA SER A 110 7.75 -1.04 23.91
C SER A 110 7.54 0.47 23.70
N TYR A 111 6.40 0.97 24.15
CA TYR A 111 6.10 2.41 24.04
C TYR A 111 5.01 2.78 25.05
N GLU A 112 4.82 4.08 25.25
CA GLU A 112 3.77 4.59 26.13
C GLU A 112 3.13 5.82 25.51
N ASN A 113 1.87 5.69 25.11
CA ASN A 113 1.12 6.81 24.54
C ASN A 113 -0.36 6.46 24.45
N ARG A 114 -1.21 7.49 24.48
CA ARG A 114 -2.66 7.33 24.40
C ARG A 114 -3.18 6.59 25.63
N GLY A 115 -2.39 6.61 26.71
CA GLY A 115 -2.78 5.94 27.92
C GLY A 115 -2.46 4.46 27.90
N GLU A 116 -1.79 4.01 26.84
CA GLU A 116 -1.51 2.60 26.68
C GLU A 116 -0.03 2.29 26.80
N CYS A 117 0.27 1.18 27.46
CA CYS A 117 1.64 0.71 27.62
C CYS A 117 1.68 -0.81 27.48
N PHE A 118 2.12 -1.28 26.32
CA PHE A 118 2.20 -2.70 26.06
C PHE A 118 3.30 -3.00 25.05
N PHE A 119 3.60 -4.28 24.89
CA PHE A 119 4.67 -4.71 24.00
C PHE A 119 4.10 -5.16 22.65
N LEU A 120 4.68 -4.65 21.57
CA LEU A 120 4.22 -4.98 20.24
C LEU A 120 5.19 -5.94 19.56
N PRO A 121 4.66 -6.99 18.92
CA PRO A 121 5.47 -7.94 18.16
C PRO A 121 5.74 -7.44 16.74
N TYR A 122 6.98 -7.55 16.31
CA TYR A 122 7.35 -7.15 14.95
C TYR A 122 8.25 -8.19 14.31
N THR A 123 8.33 -8.19 13.00
CA THR A 123 9.21 -9.07 12.28
C THR A 123 10.32 -8.28 11.58
N LYS A 124 11.26 -8.98 10.96
CA LYS A 124 12.43 -8.34 10.35
C LYS A 124 12.04 -7.38 9.24
N ASP A 125 11.03 -7.76 8.47
CA ASP A 125 10.62 -7.02 7.29
C ASP A 125 9.66 -5.88 7.62
N ASP A 126 9.28 -5.75 8.88
CA ASP A 126 8.44 -4.63 9.32
C ASP A 126 9.23 -3.33 9.35
N VAL A 127 10.55 -3.44 9.30
CA VAL A 127 11.42 -2.28 9.31
C VAL A 127 11.52 -1.69 7.90
N GLU A 128 11.01 -0.48 7.74
CA GLU A 128 10.95 0.16 6.43
C GLU A 128 12.35 0.46 5.91
N GLY A 129 12.75 -0.26 4.88
CA GLY A 129 14.06 -0.06 4.30
C GLY A 129 15.07 -1.10 4.77
N ASN A 130 14.62 -1.96 5.68
CA ASN A 130 15.49 -3.02 6.24
C ASN A 130 16.70 -2.40 6.93
N VAL A 131 16.47 -1.76 8.06
CA VAL A 131 17.53 -1.07 8.80
C VAL A 131 17.97 -1.89 10.01
N ASN A 132 19.24 -1.79 10.35
CA ASN A 132 19.80 -2.53 11.47
C ASN A 132 19.49 -1.83 12.79
N LEU A 133 18.60 -2.43 13.58
CA LEU A 133 18.20 -1.88 14.86
C LEU A 133 18.73 -2.76 15.98
N ARG A 134 19.04 -2.17 17.14
CA ARG A 134 19.60 -2.92 18.26
C ARG A 134 18.92 -2.50 19.55
N ALA A 135 18.37 -3.46 20.28
CA ALA A 135 17.58 -3.18 21.46
C ALA A 135 18.30 -2.26 22.44
N GLY A 136 17.66 -1.15 22.74
CA GLY A 136 18.28 -0.13 23.57
C GLY A 136 18.43 1.18 22.82
N ASP A 137 17.93 1.21 21.60
CA ASP A 137 17.93 2.43 20.78
C ASP A 137 16.53 3.04 20.71
N LYS A 138 16.39 4.08 19.91
CA LYS A 138 15.11 4.73 19.73
C LYS A 138 14.59 4.54 18.32
N VAL A 139 13.40 3.99 18.20
CA VAL A 139 12.77 3.80 16.90
C VAL A 139 11.39 4.44 16.88
N SER A 140 10.96 4.85 15.70
CA SER A 140 9.62 5.39 15.52
C SER A 140 8.82 4.45 14.63
N PHE A 141 7.64 4.07 15.08
CA PHE A 141 6.81 3.16 14.31
C PHE A 141 5.39 3.71 14.20
N GLN A 142 4.65 3.23 13.21
CA GLN A 142 3.29 3.67 13.01
C GLN A 142 2.33 2.54 13.33
N ILE A 143 1.40 2.81 14.23
CA ILE A 143 0.37 1.84 14.57
C ILE A 143 -0.70 1.83 13.50
N ALA A 144 -0.59 0.87 12.60
CA ALA A 144 -1.42 0.82 11.42
C ALA A 144 -2.38 -0.35 11.47
N THR A 145 -3.59 -0.15 10.95
CA THR A 145 -4.58 -1.21 10.90
C THR A 145 -4.96 -1.53 9.46
N ASN A 146 -4.67 -2.76 9.04
CA ASN A 146 -5.04 -3.23 7.70
C ASN A 146 -6.32 -4.06 7.80
N GLN A 147 -6.87 -4.43 6.65
CA GLN A 147 -8.19 -5.06 6.57
C GLN A 147 -8.34 -6.26 7.51
N ARG A 148 -7.32 -7.12 7.56
CA ARG A 148 -7.40 -8.35 8.37
C ARG A 148 -7.36 -8.06 9.86
N GLY A 149 -6.80 -6.92 10.25
CA GLY A 149 -6.69 -6.58 11.65
C GLY A 149 -5.56 -7.34 12.34
N ASN A 150 -4.65 -7.90 11.56
CA ASN A 150 -3.51 -8.63 12.11
C ASN A 150 -2.24 -7.81 11.95
N LEU A 151 -2.08 -6.82 12.82
CA LEU A 151 -0.96 -5.89 12.72
C LEU A 151 -0.20 -5.83 14.04
N GLY A 152 0.96 -5.19 13.99
CA GLY A 152 1.74 -4.95 15.19
C GLY A 152 2.44 -3.61 15.12
N ALA A 153 3.72 -3.65 14.83
CA ALA A 153 4.48 -2.43 14.63
C ALA A 153 5.17 -2.49 13.29
N CYS A 154 4.72 -1.66 12.34
CA CYS A 154 5.25 -1.71 10.98
C CYS A 154 5.75 -0.34 10.56
N HIS A 155 6.46 -0.29 9.43
CA HIS A 155 7.07 0.94 8.93
C HIS A 155 8.01 1.51 9.98
N ILE A 156 8.76 0.63 10.62
CA ILE A 156 9.66 1.01 11.69
C ILE A 156 10.83 1.85 11.16
N ARG A 157 10.93 3.07 11.66
CA ARG A 157 12.00 3.99 11.30
C ARG A 157 13.02 4.05 12.44
N LEU A 158 14.30 3.95 12.13
CA LEU A 158 15.33 4.10 13.13
C LEU A 158 15.50 5.58 13.45
N GLU A 159 15.04 5.97 14.62
CA GLU A 159 14.96 7.37 15.00
C GLU A 159 16.31 7.87 15.51
N ASN A 160 16.75 7.28 16.61
CA ASN A 160 18.06 7.60 17.18
C ASN A 160 18.82 6.32 17.42
N PRO A 161 19.79 6.01 16.56
CA PRO A 161 20.56 4.76 16.64
C PRO A 161 21.51 4.76 17.83
N ALA A 162 21.90 3.57 18.25
CA ALA A 162 22.90 3.43 19.29
C ALA A 162 24.30 3.43 18.69
N GLN A 163 24.39 3.93 17.47
CA GLN A 163 25.64 3.97 16.73
C GLN A 163 26.34 5.30 16.95
N PRO A 164 27.67 5.29 17.12
CA PRO A 164 28.45 6.51 17.30
C PRO A 164 28.49 7.36 16.03
N VAL A 165 27.73 8.44 16.03
CA VAL A 165 27.70 9.35 14.89
C VAL A 165 28.03 10.77 15.33
N GLY A 1 2.14 17.57 -19.12
CA GLY A 1 1.62 18.70 -18.39
C GLY A 1 1.43 18.38 -16.91
N ALA A 2 1.37 17.08 -16.62
CA ALA A 2 1.22 16.61 -15.25
C ALA A 2 1.77 15.20 -15.09
N ASP A 3 2.38 14.93 -13.95
CA ASP A 3 2.94 13.62 -13.66
C ASP A 3 1.87 12.73 -13.04
N ASP A 4 0.98 13.36 -12.30
CA ASP A 4 0.03 12.68 -11.45
C ASP A 4 -1.21 12.24 -12.22
N GLU A 5 -1.04 11.27 -13.11
CA GLU A 5 -2.17 10.72 -13.84
C GLU A 5 -1.93 9.27 -14.25
N GLU A 6 -0.95 9.06 -15.10
CA GLU A 6 -0.66 7.72 -15.61
C GLU A 6 0.33 7.00 -14.71
N ARG A 7 -0.20 6.21 -13.78
CA ARG A 7 0.60 5.49 -12.81
C ARG A 7 0.07 4.07 -12.64
N GLU A 8 0.88 3.09 -13.01
CA GLU A 8 0.48 1.69 -12.93
C GLU A 8 1.66 0.82 -12.47
N THR A 9 1.37 -0.43 -12.17
CA THR A 9 2.37 -1.33 -11.60
C THR A 9 3.02 -2.20 -12.67
N GLY A 10 4.04 -2.95 -12.24
CA GLY A 10 4.72 -3.87 -13.14
C GLY A 10 5.65 -4.79 -12.36
N ILE A 11 5.90 -5.98 -12.86
CA ILE A 11 6.83 -6.89 -12.20
C ILE A 11 8.18 -6.87 -12.90
N ILE A 12 9.24 -7.08 -12.14
CA ILE A 12 10.59 -7.05 -12.68
C ILE A 12 10.84 -8.26 -13.59
N GLU A 13 11.17 -7.97 -14.85
CA GLU A 13 11.48 -9.00 -15.85
C GLU A 13 12.83 -9.64 -15.55
N LYS A 14 13.85 -8.81 -15.46
CA LYS A 14 15.21 -9.26 -15.22
C LYS A 14 16.07 -8.06 -14.85
N LEU A 15 17.18 -8.32 -14.16
CA LEU A 15 18.02 -7.23 -13.68
C LEU A 15 19.40 -7.28 -14.34
N LEU A 16 19.68 -6.24 -15.10
CA LEU A 16 20.98 -6.04 -15.70
C LEU A 16 21.75 -5.06 -14.82
N HIS A 17 22.96 -4.72 -15.19
CA HIS A 17 23.75 -3.81 -14.39
C HIS A 17 23.48 -2.38 -14.83
N SER A 18 23.06 -1.54 -13.88
CA SER A 18 22.74 -0.13 -14.11
C SER A 18 21.32 0.05 -14.67
N TYR A 19 20.76 -0.99 -15.28
CA TYR A 19 19.40 -0.90 -15.81
C TYR A 19 18.70 -2.25 -15.77
N GLY A 20 17.38 -2.23 -15.76
CA GLY A 20 16.61 -3.46 -15.76
C GLY A 20 15.35 -3.33 -16.59
N PHE A 21 14.58 -4.41 -16.68
CA PHE A 21 13.36 -4.40 -17.48
C PHE A 21 12.13 -4.69 -16.63
N ILE A 22 11.02 -4.07 -16.99
CA ILE A 22 9.75 -4.29 -16.32
C ILE A 22 8.82 -5.09 -17.24
N GLN A 23 8.17 -6.09 -16.67
CA GLN A 23 7.32 -7.00 -17.43
C GLN A 23 5.91 -6.44 -17.60
N CYS A 24 5.34 -6.72 -18.77
CA CYS A 24 4.03 -6.23 -19.16
C CYS A 24 2.88 -7.02 -18.55
N CYS A 25 3.18 -8.01 -17.72
CA CYS A 25 2.14 -8.84 -17.10
C CYS A 25 1.09 -7.97 -16.40
N GLU A 26 1.52 -6.81 -15.88
CA GLU A 26 0.61 -5.90 -15.20
C GLU A 26 -0.08 -4.98 -16.20
N ARG A 27 0.64 -4.53 -17.22
CA ARG A 27 0.09 -3.64 -18.23
C ARG A 27 0.80 -3.87 -19.56
N GLN A 28 0.08 -3.68 -20.66
CA GLN A 28 0.58 -3.99 -22.00
C GLN A 28 1.67 -3.00 -22.45
N ALA A 29 2.84 -3.07 -21.81
CA ALA A 29 4.01 -2.29 -22.19
C ALA A 29 5.23 -2.77 -21.43
N ARG A 30 6.37 -2.87 -22.10
CA ARG A 30 7.62 -3.25 -21.45
C ARG A 30 8.52 -2.02 -21.32
N LEU A 31 8.84 -1.65 -20.09
CA LEU A 31 9.67 -0.47 -19.84
C LEU A 31 11.04 -0.87 -19.32
N PHE A 32 12.04 -0.06 -19.64
CA PHE A 32 13.37 -0.24 -19.10
C PHE A 32 13.68 0.88 -18.12
N PHE A 33 14.22 0.53 -16.97
CA PHE A 33 14.47 1.53 -15.94
C PHE A 33 15.94 1.47 -15.52
N HIS A 34 16.51 2.63 -15.23
CA HIS A 34 17.88 2.71 -14.76
C HIS A 34 17.90 2.73 -13.24
N PHE A 35 19.00 2.28 -12.66
CA PHE A 35 19.13 2.22 -11.20
C PHE A 35 19.19 3.61 -10.58
N SER A 36 19.30 4.63 -11.41
CA SER A 36 19.27 6.01 -10.95
C SER A 36 17.82 6.44 -10.75
N GLN A 37 16.90 5.65 -11.26
CA GLN A 37 15.48 5.98 -11.23
C GLN A 37 14.69 4.97 -10.40
N PHE A 38 15.29 4.47 -9.32
CA PHE A 38 14.59 3.56 -8.42
C PHE A 38 14.51 4.18 -7.02
N SER A 39 13.30 4.28 -6.50
CA SER A 39 13.09 4.87 -5.19
C SER A 39 13.04 3.77 -4.12
N GLY A 40 14.18 3.53 -3.49
CA GLY A 40 14.27 2.55 -2.44
C GLY A 40 15.59 1.80 -2.46
N ASN A 41 15.67 0.75 -1.67
CA ASN A 41 16.89 -0.04 -1.62
C ASN A 41 16.87 -1.12 -2.70
N ILE A 42 17.86 -1.08 -3.58
CA ILE A 42 17.91 -2.00 -4.70
C ILE A 42 18.17 -3.44 -4.22
N ASP A 43 18.69 -3.56 -3.00
CA ASP A 43 18.95 -4.87 -2.40
C ASP A 43 17.64 -5.60 -2.11
N HIS A 44 16.58 -4.84 -1.95
CA HIS A 44 15.26 -5.40 -1.69
C HIS A 44 14.49 -5.61 -2.99
N LEU A 45 15.16 -5.31 -4.10
CA LEU A 45 14.56 -5.41 -5.41
C LEU A 45 15.06 -6.67 -6.11
N LYS A 46 14.14 -7.47 -6.63
CA LYS A 46 14.48 -8.75 -7.23
C LYS A 46 13.58 -9.05 -8.42
N ILE A 47 13.83 -10.17 -9.08
CA ILE A 47 13.06 -10.55 -10.27
C ILE A 47 11.73 -11.18 -9.86
N GLY A 48 10.67 -10.86 -10.61
CA GLY A 48 9.35 -11.36 -10.29
C GLY A 48 8.70 -10.55 -9.19
N ASP A 49 9.31 -9.43 -8.86
CA ASP A 49 8.84 -8.56 -7.79
C ASP A 49 8.04 -7.41 -8.37
N PRO A 50 6.87 -7.10 -7.77
CA PRO A 50 6.00 -6.03 -8.25
C PRO A 50 6.42 -4.64 -7.78
N VAL A 51 6.53 -3.72 -8.73
CA VAL A 51 6.81 -2.32 -8.44
C VAL A 51 5.69 -1.44 -8.98
N GLU A 52 5.68 -0.19 -8.58
CA GLU A 52 4.74 0.79 -9.09
C GLU A 52 5.49 1.93 -9.76
N PHE A 53 5.19 2.19 -11.01
CA PHE A 53 5.96 3.16 -11.75
C PHE A 53 5.09 4.17 -12.47
N GLU A 54 5.62 5.37 -12.58
CA GLU A 54 4.97 6.47 -13.26
C GLU A 54 5.59 6.59 -14.65
N MET A 55 4.76 6.51 -15.68
CA MET A 55 5.25 6.48 -17.05
C MET A 55 5.10 7.84 -17.70
N THR A 56 6.22 8.45 -18.09
CA THR A 56 6.20 9.78 -18.66
C THR A 56 7.21 9.92 -19.79
N TYR A 57 6.92 10.83 -20.71
CA TYR A 57 7.84 11.11 -21.81
C TYR A 57 8.71 12.30 -21.46
N ASP A 58 9.97 12.06 -21.18
CA ASP A 58 10.86 13.12 -20.74
C ASP A 58 11.42 13.88 -21.93
N ARG A 59 11.00 15.13 -22.07
CA ARG A 59 11.44 15.97 -23.17
C ARG A 59 12.80 16.59 -22.89
N ARG A 60 13.32 16.41 -21.67
CA ARG A 60 14.65 16.90 -21.33
C ARG A 60 15.68 16.10 -22.11
N THR A 61 15.51 14.79 -22.09
CA THR A 61 16.38 13.89 -22.82
C THR A 61 15.82 13.58 -24.20
N GLY A 62 14.49 13.57 -24.31
CA GLY A 62 13.85 13.28 -25.57
C GLY A 62 13.56 11.81 -25.73
N LYS A 63 13.37 11.12 -24.60
CA LYS A 63 13.13 9.68 -24.60
C LYS A 63 11.95 9.34 -23.68
N PRO A 64 11.26 8.23 -23.97
CA PRO A 64 10.20 7.74 -23.09
C PRO A 64 10.79 7.00 -21.89
N ILE A 65 10.40 7.40 -20.69
CA ILE A 65 11.03 6.83 -19.51
C ILE A 65 10.02 6.52 -18.42
N ALA A 66 10.52 5.86 -17.39
CA ALA A 66 9.76 5.66 -16.17
C ALA A 66 10.28 6.64 -15.13
N SER A 67 9.41 7.05 -14.23
CA SER A 67 9.79 7.98 -13.17
C SER A 67 10.71 7.29 -12.16
N GLN A 68 10.65 7.73 -10.92
CA GLN A 68 11.55 7.26 -9.88
C GLN A 68 11.17 5.87 -9.37
N VAL A 69 10.51 5.07 -10.24
CA VAL A 69 10.08 3.70 -9.96
C VAL A 69 9.96 3.37 -8.46
N SER A 70 8.75 3.49 -7.95
CA SER A 70 8.51 3.28 -6.54
C SER A 70 8.22 1.81 -6.27
N LYS A 71 8.50 1.39 -5.06
CA LYS A 71 8.19 0.03 -4.65
C LYS A 71 6.87 -0.01 -3.93
N ILE A 72 5.96 -0.84 -4.44
CA ILE A 72 4.60 -0.92 -3.91
C ILE A 72 4.59 -1.02 -2.39
N ALA A 73 4.13 0.03 -1.75
CA ALA A 73 4.06 0.10 -0.30
C ALA A 73 2.79 -0.58 0.20
N PRO A 74 2.86 -1.21 1.39
CA PRO A 74 1.69 -1.86 1.99
C PRO A 74 0.56 -0.86 2.23
N GLU A 75 -0.51 -0.99 1.45
CA GLU A 75 -1.68 -0.13 1.58
C GLU A 75 -2.58 -0.61 2.71
N VAL A 76 -3.86 -0.29 2.60
CA VAL A 76 -4.85 -0.70 3.57
C VAL A 76 -4.92 -2.22 3.66
N VAL A 77 -4.96 -2.74 4.89
CA VAL A 77 -5.03 -4.16 5.10
C VAL A 77 -6.46 -4.65 4.85
N LEU A 78 -6.65 -5.28 3.71
CA LEU A 78 -7.98 -5.70 3.26
C LEU A 78 -8.27 -7.11 3.74
N SER A 79 -7.91 -7.39 4.98
CA SER A 79 -8.12 -8.71 5.58
C SER A 79 -8.17 -8.62 7.10
N GLU A 80 -8.69 -7.51 7.60
CA GLU A 80 -8.78 -7.29 9.04
C GLU A 80 -10.02 -7.97 9.60
N GLU A 81 -10.03 -9.29 9.46
CA GLU A 81 -11.11 -10.15 9.93
C GLU A 81 -12.38 -9.95 9.11
N ARG A 82 -12.76 -10.97 8.34
CA ARG A 82 -14.00 -10.92 7.57
C ARG A 82 -15.20 -11.14 8.47
N VAL A 83 -15.62 -10.09 9.14
CA VAL A 83 -16.73 -10.19 10.08
C VAL A 83 -18.06 -10.22 9.35
N THR A 84 -19.11 -10.53 10.08
CA THR A 84 -20.44 -10.52 9.53
C THR A 84 -21.29 -9.46 10.23
N GLY A 85 -22.24 -8.91 9.54
CA GLY A 85 -23.08 -7.88 10.12
C GLY A 85 -24.54 -8.13 9.87
N THR A 86 -25.38 -7.62 10.75
CA THR A 86 -26.81 -7.75 10.58
C THR A 86 -27.38 -6.40 10.17
N VAL A 87 -28.12 -6.38 9.08
CA VAL A 87 -28.69 -5.15 8.56
C VAL A 87 -29.80 -4.64 9.46
N THR A 88 -29.55 -3.54 10.14
CA THR A 88 -30.57 -2.93 10.97
C THR A 88 -31.24 -1.79 10.23
N THR A 89 -30.62 -1.39 9.13
CA THR A 89 -31.05 -0.25 8.35
C THR A 89 -30.57 -0.41 6.91
N GLU A 90 -31.49 -0.53 5.98
CA GLU A 90 -31.13 -0.67 4.58
C GLU A 90 -31.37 0.62 3.83
N LEU A 91 -30.56 0.88 2.81
CA LEU A 91 -30.77 2.02 1.96
C LEU A 91 -31.59 1.56 0.76
N ARG A 92 -32.63 2.30 0.45
CA ARG A 92 -33.56 1.91 -0.57
C ARG A 92 -33.75 3.05 -1.56
N THR A 93 -34.56 2.84 -2.57
CA THR A 93 -34.89 3.88 -3.51
C THR A 93 -35.71 4.96 -2.81
N ASP A 94 -35.03 6.02 -2.41
CA ASP A 94 -35.66 7.12 -1.69
C ASP A 94 -36.19 8.14 -2.69
N SER A 95 -35.67 8.05 -3.91
CA SER A 95 -36.07 8.92 -5.00
C SER A 95 -37.47 8.51 -5.50
N ALA A 96 -37.85 8.99 -6.68
CA ALA A 96 -39.14 8.65 -7.23
C ALA A 96 -39.09 7.27 -7.90
N ASN A 97 -39.31 6.25 -7.09
CA ASN A 97 -39.39 4.84 -7.54
C ASN A 97 -38.04 4.27 -7.92
N ASN A 98 -37.32 4.93 -8.81
CA ASN A 98 -36.04 4.44 -9.26
C ASN A 98 -34.92 5.12 -8.48
N VAL A 99 -33.68 4.79 -8.80
CA VAL A 99 -32.52 5.31 -8.08
C VAL A 99 -32.10 6.65 -8.66
N LEU A 100 -31.68 7.56 -7.80
CA LEU A 100 -31.08 8.82 -8.22
C LEU A 100 -29.58 8.76 -8.01
N ASN A 101 -29.18 9.00 -6.77
CA ASN A 101 -27.78 8.96 -6.39
C ASN A 101 -27.50 7.77 -5.48
N SER A 102 -28.52 7.41 -4.68
CA SER A 102 -28.44 6.31 -3.72
C SER A 102 -27.65 6.74 -2.48
N SER A 103 -26.64 7.58 -2.66
CA SER A 103 -25.88 8.12 -1.54
C SER A 103 -26.74 9.12 -0.75
N GLU A 104 -27.90 9.43 -1.30
CA GLU A 104 -28.89 10.29 -0.66
C GLU A 104 -29.38 9.66 0.65
N THR A 105 -29.26 8.34 0.72
CA THR A 105 -29.62 7.61 1.91
C THR A 105 -28.59 6.51 2.18
N THR A 106 -27.90 6.60 3.30
CA THR A 106 -26.90 5.62 3.65
C THR A 106 -27.48 4.59 4.60
N GLY A 107 -27.18 3.33 4.35
CA GLY A 107 -27.67 2.27 5.19
C GLY A 107 -26.92 2.19 6.50
N ARG A 108 -27.26 1.21 7.33
CA ARG A 108 -26.63 1.08 8.63
C ARG A 108 -26.52 -0.40 9.01
N ILE A 109 -25.29 -0.84 9.23
CA ILE A 109 -25.03 -2.23 9.58
C ILE A 109 -24.55 -2.32 11.02
N SER A 110 -25.16 -3.22 11.78
CA SER A 110 -24.77 -3.46 13.16
C SER A 110 -24.01 -4.77 13.26
N TYR A 111 -22.80 -4.70 13.80
CA TYR A 111 -22.01 -5.90 14.02
C TYR A 111 -21.28 -5.78 15.36
N GLU A 112 -21.10 -6.89 16.03
CA GLU A 112 -20.37 -6.90 17.29
C GLU A 112 -19.15 -7.78 17.20
N ASN A 113 -17.99 -7.15 17.25
CA ASN A 113 -16.73 -7.87 17.26
C ASN A 113 -16.06 -7.71 18.60
N ARG A 114 -15.80 -8.84 19.26
CA ARG A 114 -15.05 -8.87 20.50
C ARG A 114 -15.78 -8.06 21.59
N GLY A 115 -17.08 -7.90 21.44
CA GLY A 115 -17.87 -7.15 22.41
C GLY A 115 -18.06 -5.69 22.02
N GLU A 116 -17.48 -5.27 20.90
CA GLU A 116 -17.64 -3.91 20.43
C GLU A 116 -18.71 -3.84 19.34
N CYS A 117 -19.73 -3.04 19.58
CA CYS A 117 -20.81 -2.88 18.63
C CYS A 117 -20.67 -1.56 17.86
N PHE A 118 -20.40 -1.66 16.57
CA PHE A 118 -20.26 -0.47 15.73
C PHE A 118 -21.32 -0.46 14.63
N PHE A 119 -21.75 0.73 14.26
CA PHE A 119 -22.66 0.91 13.14
C PHE A 119 -21.88 1.38 11.93
N LEU A 120 -22.02 0.67 10.82
CA LEU A 120 -21.30 1.02 9.60
C LEU A 120 -22.23 1.68 8.59
N PRO A 121 -21.94 2.94 8.22
CA PRO A 121 -22.59 3.60 7.10
C PRO A 121 -22.04 3.08 5.77
N TYR A 122 -22.93 2.75 4.85
CA TYR A 122 -22.50 2.23 3.56
C TYR A 122 -23.37 2.78 2.44
N THR A 123 -22.85 2.72 1.22
CA THR A 123 -23.60 3.12 0.04
C THR A 123 -23.71 1.94 -0.93
N LYS A 124 -24.30 2.19 -2.09
CA LYS A 124 -24.47 1.16 -3.11
C LYS A 124 -23.14 0.63 -3.61
N ASP A 125 -22.13 1.49 -3.60
CA ASP A 125 -20.84 1.16 -4.19
C ASP A 125 -20.00 0.30 -3.25
N ASP A 126 -20.46 0.17 -2.01
CA ASP A 126 -19.75 -0.62 -1.01
C ASP A 126 -20.23 -2.06 -1.04
N VAL A 127 -21.34 -2.29 -1.72
CA VAL A 127 -21.91 -3.63 -1.81
C VAL A 127 -21.26 -4.41 -2.96
N GLU A 128 -20.76 -5.60 -2.64
CA GLU A 128 -20.08 -6.43 -3.62
C GLU A 128 -21.11 -7.17 -4.47
N GLY A 129 -20.98 -7.07 -5.78
CA GLY A 129 -21.90 -7.74 -6.68
C GLY A 129 -23.19 -6.98 -6.86
N ASN A 130 -23.32 -5.84 -6.19
CA ASN A 130 -24.50 -4.96 -6.32
C ASN A 130 -25.78 -5.70 -5.92
N VAL A 131 -25.66 -6.56 -4.92
CA VAL A 131 -26.79 -7.35 -4.46
C VAL A 131 -27.78 -6.49 -3.67
N ASN A 132 -29.08 -6.70 -3.93
CA ASN A 132 -30.12 -6.01 -3.19
C ASN A 132 -30.36 -6.70 -1.86
N LEU A 133 -30.03 -6.01 -0.78
CA LEU A 133 -30.08 -6.61 0.55
C LEU A 133 -31.31 -6.13 1.33
N ARG A 134 -31.78 -6.98 2.22
CA ARG A 134 -32.96 -6.70 3.03
C ARG A 134 -32.58 -6.61 4.51
N ALA A 135 -33.10 -5.60 5.20
CA ALA A 135 -32.79 -5.45 6.61
C ALA A 135 -33.26 -6.66 7.41
N GLY A 136 -32.30 -7.38 7.96
CA GLY A 136 -32.59 -8.57 8.72
C GLY A 136 -31.97 -9.82 8.13
N ASP A 137 -31.31 -9.69 6.98
CA ASP A 137 -30.57 -10.81 6.41
C ASP A 137 -29.12 -10.79 6.91
N LYS A 138 -28.32 -11.73 6.43
CA LYS A 138 -26.98 -11.88 6.92
C LYS A 138 -25.96 -11.53 5.83
N VAL A 139 -25.21 -10.46 6.07
CA VAL A 139 -24.20 -10.01 5.13
C VAL A 139 -22.83 -10.04 5.78
N SER A 140 -21.79 -10.19 4.97
CA SER A 140 -20.43 -10.18 5.46
C SER A 140 -19.63 -9.11 4.75
N PHE A 141 -18.85 -8.36 5.50
CA PHE A 141 -18.03 -7.31 4.94
C PHE A 141 -16.60 -7.42 5.46
N GLN A 142 -15.66 -7.08 4.62
CA GLN A 142 -14.25 -7.17 4.98
C GLN A 142 -13.77 -5.84 5.53
N ILE A 143 -13.32 -5.85 6.77
CA ILE A 143 -12.81 -4.64 7.38
C ILE A 143 -11.38 -4.39 6.89
N ALA A 144 -11.11 -3.15 6.50
CA ALA A 144 -9.79 -2.79 6.00
C ALA A 144 -9.24 -1.61 6.79
N THR A 145 -8.22 -1.85 7.58
CA THR A 145 -7.64 -0.83 8.43
C THR A 145 -6.39 -0.23 7.79
N ASN A 146 -6.32 1.10 7.77
CA ASN A 146 -5.18 1.81 7.24
C ASN A 146 -4.35 2.44 8.36
N GLN A 147 -3.49 3.37 7.98
CA GLN A 147 -2.55 3.97 8.93
C GLN A 147 -3.27 4.97 9.83
N ARG A 148 -4.22 5.71 9.26
CA ARG A 148 -4.92 6.75 10.01
C ARG A 148 -5.94 6.12 10.97
N GLY A 149 -6.29 4.87 10.72
CA GLY A 149 -7.22 4.18 11.59
C GLY A 149 -8.66 4.48 11.23
N ASN A 150 -8.87 4.89 9.99
CA ASN A 150 -10.20 5.27 9.53
C ASN A 150 -10.70 4.31 8.46
N LEU A 151 -11.84 3.68 8.72
CA LEU A 151 -12.41 2.73 7.79
C LEU A 151 -13.94 2.70 7.86
N GLY A 152 -14.53 1.85 7.04
CA GLY A 152 -15.96 1.66 7.06
C GLY A 152 -16.31 0.22 6.75
N ALA A 153 -17.14 0.01 5.74
CA ALA A 153 -17.48 -1.33 5.29
C ALA A 153 -17.52 -1.40 3.77
N CYS A 154 -16.63 -2.19 3.20
CA CYS A 154 -16.54 -2.29 1.75
C CYS A 154 -16.59 -3.75 1.32
N HIS A 155 -16.96 -3.97 0.06
CA HIS A 155 -17.07 -5.31 -0.51
C HIS A 155 -18.06 -6.17 0.29
N ILE A 156 -19.17 -5.55 0.65
CA ILE A 156 -20.20 -6.22 1.45
C ILE A 156 -20.98 -7.21 0.61
N ARG A 157 -20.88 -8.49 0.95
CA ARG A 157 -21.58 -9.53 0.20
C ARG A 157 -22.66 -10.19 1.06
N LEU A 158 -23.77 -10.51 0.42
CA LEU A 158 -24.86 -11.22 1.09
C LEU A 158 -24.59 -12.72 1.07
N GLU A 159 -24.49 -13.31 2.26
CA GLU A 159 -24.26 -14.74 2.37
C GLU A 159 -25.57 -15.50 2.36
N ASN A 160 -26.49 -15.12 3.25
CA ASN A 160 -27.76 -15.81 3.35
C ASN A 160 -28.88 -14.83 3.66
N PRO A 161 -29.91 -14.80 2.79
CA PRO A 161 -31.07 -13.92 2.97
C PRO A 161 -32.07 -14.46 3.97
N ALA A 162 -32.87 -13.57 4.54
CA ALA A 162 -33.89 -13.94 5.49
C ALA A 162 -35.28 -13.74 4.91
N GLN A 163 -36.23 -14.51 5.39
CA GLN A 163 -37.60 -14.43 4.92
C GLN A 163 -38.45 -13.71 5.97
N PRO A 164 -39.65 -13.19 5.58
CA PRO A 164 -40.56 -12.50 6.51
C PRO A 164 -40.84 -13.33 7.76
N VAL A 165 -40.29 -12.88 8.88
CA VAL A 165 -40.46 -13.56 10.16
C VAL A 165 -41.89 -13.44 10.67
N GLY A 1 4.46 17.28 -18.91
CA GLY A 1 3.49 18.23 -18.41
C GLY A 1 3.13 17.98 -16.96
N ALA A 2 2.87 16.72 -16.65
CA ALA A 2 2.51 16.33 -15.29
C ALA A 2 3.06 14.95 -14.97
N ASP A 3 3.36 14.71 -13.70
CA ASP A 3 4.04 13.50 -13.27
C ASP A 3 3.05 12.38 -12.93
N ASP A 4 2.09 12.70 -12.07
CA ASP A 4 1.25 11.69 -11.44
C ASP A 4 -0.06 11.46 -12.18
N GLU A 5 -0.10 11.75 -13.47
CA GLU A 5 -1.33 11.59 -14.25
C GLU A 5 -1.78 10.14 -14.29
N GLU A 6 -1.13 9.37 -15.12
CA GLU A 6 -1.48 7.99 -15.33
C GLU A 6 -0.27 7.10 -15.09
N ARG A 7 -0.39 6.21 -14.13
CA ARG A 7 0.72 5.35 -13.77
C ARG A 7 0.31 3.89 -13.80
N GLU A 8 1.27 3.01 -14.04
CA GLU A 8 0.99 1.59 -14.14
C GLU A 8 1.98 0.82 -13.28
N THR A 9 1.60 -0.36 -12.87
CA THR A 9 2.48 -1.23 -12.13
C THR A 9 3.31 -2.08 -13.07
N GLY A 10 4.30 -2.75 -12.54
CA GLY A 10 5.12 -3.62 -13.34
C GLY A 10 5.89 -4.61 -12.50
N ILE A 11 6.40 -5.65 -13.14
CA ILE A 11 7.16 -6.68 -12.44
C ILE A 11 8.57 -6.72 -13.00
N ILE A 12 9.55 -6.83 -12.13
CA ILE A 12 10.94 -6.91 -12.55
C ILE A 12 11.18 -8.20 -13.33
N GLU A 13 11.40 -8.06 -14.63
CA GLU A 13 11.62 -9.20 -15.50
C GLU A 13 12.98 -9.82 -15.24
N LYS A 14 13.99 -8.97 -15.25
CA LYS A 14 15.35 -9.39 -15.01
C LYS A 14 16.18 -8.16 -14.62
N LEU A 15 17.26 -8.39 -13.89
CA LEU A 15 18.07 -7.31 -13.38
C LEU A 15 19.46 -7.33 -13.99
N LEU A 16 19.84 -6.20 -14.55
CA LEU A 16 21.18 -5.97 -15.04
C LEU A 16 21.82 -4.89 -14.19
N HIS A 17 23.06 -4.53 -14.47
CA HIS A 17 23.72 -3.52 -13.67
C HIS A 17 23.48 -2.14 -14.27
N SER A 18 22.98 -1.23 -13.41
CA SER A 18 22.65 0.15 -13.76
C SER A 18 21.28 0.26 -14.45
N TYR A 19 20.74 -0.87 -14.91
CA TYR A 19 19.45 -0.88 -15.59
C TYR A 19 18.81 -2.26 -15.57
N GLY A 20 17.51 -2.30 -15.82
CA GLY A 20 16.79 -3.56 -15.82
C GLY A 20 15.55 -3.52 -16.69
N PHE A 21 14.79 -4.60 -16.70
CA PHE A 21 13.59 -4.67 -17.52
C PHE A 21 12.33 -4.81 -16.67
N ILE A 22 11.26 -4.18 -17.12
CA ILE A 22 9.97 -4.24 -16.45
C ILE A 22 8.95 -4.99 -17.32
N GLN A 23 8.43 -6.09 -16.78
CA GLN A 23 7.48 -6.92 -17.51
C GLN A 23 6.15 -6.23 -17.70
N CYS A 24 5.51 -6.53 -18.83
CA CYS A 24 4.25 -5.93 -19.20
C CYS A 24 3.07 -6.59 -18.49
N CYS A 25 3.33 -7.57 -17.64
CA CYS A 25 2.27 -8.34 -16.97
C CYS A 25 1.27 -7.43 -16.24
N GLU A 26 1.73 -6.29 -15.74
CA GLU A 26 0.88 -5.39 -14.96
C GLU A 26 0.49 -4.15 -15.77
N ARG A 27 0.75 -4.19 -17.08
CA ARG A 27 0.54 -3.01 -17.92
C ARG A 27 0.28 -3.40 -19.37
N GLN A 28 0.28 -2.42 -20.27
CA GLN A 28 -0.03 -2.69 -21.67
C GLN A 28 1.18 -2.49 -22.57
N ALA A 29 2.36 -2.47 -21.97
CA ALA A 29 3.60 -2.28 -22.73
C ALA A 29 4.79 -2.78 -21.94
N ARG A 30 5.81 -3.24 -22.66
CA ARG A 30 7.04 -3.71 -22.04
C ARG A 30 8.05 -2.55 -21.99
N LEU A 31 8.71 -2.39 -20.85
CA LEU A 31 9.60 -1.24 -20.65
C LEU A 31 10.92 -1.65 -20.02
N PHE A 32 11.89 -0.75 -20.13
CA PHE A 32 13.16 -0.91 -19.44
C PHE A 32 13.41 0.31 -18.58
N PHE A 33 14.10 0.13 -17.47
CA PHE A 33 14.34 1.25 -16.56
C PHE A 33 15.79 1.24 -16.11
N HIS A 34 16.32 2.42 -15.79
CA HIS A 34 17.67 2.52 -15.25
C HIS A 34 17.60 2.90 -13.78
N PHE A 35 18.62 2.50 -13.03
CA PHE A 35 18.58 2.56 -11.56
C PHE A 35 18.65 3.99 -11.02
N SER A 36 18.63 4.98 -11.90
CA SER A 36 18.61 6.37 -11.47
C SER A 36 17.19 6.75 -11.04
N GLN A 37 16.22 5.93 -11.44
CA GLN A 37 14.81 6.20 -11.18
C GLN A 37 14.16 5.14 -10.30
N PHE A 38 14.88 4.67 -9.28
CA PHE A 38 14.28 3.69 -8.36
C PHE A 38 14.40 4.15 -6.91
N SER A 39 13.27 4.23 -6.23
CA SER A 39 13.23 4.63 -4.84
C SER A 39 13.08 3.43 -3.93
N GLY A 40 14.15 3.06 -3.25
CA GLY A 40 14.10 1.96 -2.32
C GLY A 40 15.41 1.19 -2.29
N ASN A 41 15.50 0.21 -1.41
CA ASN A 41 16.68 -0.62 -1.31
C ASN A 41 16.80 -1.50 -2.55
N ILE A 42 17.79 -1.20 -3.39
CA ILE A 42 17.99 -1.93 -4.63
C ILE A 42 18.33 -3.40 -4.37
N ASP A 43 18.88 -3.66 -3.19
CA ASP A 43 19.22 -5.02 -2.77
C ASP A 43 17.95 -5.82 -2.49
N HIS A 44 16.87 -5.12 -2.19
CA HIS A 44 15.59 -5.75 -1.88
C HIS A 44 14.72 -5.88 -3.12
N LEU A 45 15.26 -5.47 -4.26
CA LEU A 45 14.56 -5.60 -5.52
C LEU A 45 15.00 -6.90 -6.19
N LYS A 46 14.06 -7.81 -6.38
CA LYS A 46 14.38 -9.14 -6.89
C LYS A 46 13.67 -9.41 -8.21
N ILE A 47 13.78 -10.63 -8.72
CA ILE A 47 13.10 -11.02 -9.95
C ILE A 47 11.70 -11.52 -9.63
N GLY A 48 10.71 -11.04 -10.37
CA GLY A 48 9.33 -11.35 -10.06
C GLY A 48 8.79 -10.43 -8.98
N ASP A 49 9.57 -9.40 -8.69
CA ASP A 49 9.27 -8.44 -7.64
C ASP A 49 8.50 -7.25 -8.24
N PRO A 50 7.29 -6.97 -7.74
CA PRO A 50 6.42 -5.93 -8.28
C PRO A 50 6.79 -4.51 -7.84
N VAL A 51 6.64 -3.56 -8.77
CA VAL A 51 6.87 -2.15 -8.48
C VAL A 51 5.78 -1.29 -9.14
N GLU A 52 5.63 -0.06 -8.66
CA GLU A 52 4.70 0.88 -9.27
C GLU A 52 5.47 2.09 -9.80
N PHE A 53 5.21 2.46 -11.04
CA PHE A 53 5.95 3.57 -11.64
C PHE A 53 5.04 4.40 -12.52
N GLU A 54 5.41 5.65 -12.71
CA GLU A 54 4.67 6.57 -13.55
C GLU A 54 5.41 6.76 -14.87
N MET A 55 4.70 6.63 -15.97
CA MET A 55 5.32 6.67 -17.29
C MET A 55 5.09 8.01 -17.97
N THR A 56 6.16 8.68 -18.34
CA THR A 56 6.06 9.99 -18.96
C THR A 56 7.11 10.16 -20.06
N TYR A 57 6.98 11.23 -20.83
CA TYR A 57 7.94 11.53 -21.90
C TYR A 57 8.62 12.86 -21.60
N ASP A 58 9.94 12.82 -21.48
CA ASP A 58 10.70 14.03 -21.17
C ASP A 58 10.94 14.83 -22.43
N ARG A 59 10.46 16.08 -22.42
CA ARG A 59 10.55 16.95 -23.59
C ARG A 59 11.95 17.57 -23.75
N ARG A 60 12.81 17.38 -22.77
CA ARG A 60 14.14 17.98 -22.80
C ARG A 60 15.10 17.12 -23.61
N THR A 61 15.26 15.86 -23.20
CA THR A 61 16.13 14.93 -23.91
C THR A 61 15.36 14.15 -24.99
N GLY A 62 14.04 14.12 -24.85
CA GLY A 62 13.20 13.55 -25.89
C GLY A 62 13.10 12.04 -25.81
N LYS A 63 13.09 11.49 -24.61
CA LYS A 63 12.99 10.05 -24.45
C LYS A 63 11.83 9.68 -23.53
N PRO A 64 11.21 8.50 -23.76
CA PRO A 64 10.23 7.94 -22.83
C PRO A 64 10.92 7.41 -21.58
N ILE A 65 10.46 7.85 -20.42
CA ILE A 65 11.06 7.46 -19.16
C ILE A 65 10.01 7.19 -18.10
N ALA A 66 10.47 6.82 -16.92
CA ALA A 66 9.59 6.56 -15.81
C ALA A 66 9.93 7.49 -14.66
N SER A 67 9.00 7.60 -13.73
CA SER A 67 9.21 8.37 -12.52
C SER A 67 10.17 7.60 -11.60
N GLN A 68 10.23 7.99 -10.34
CA GLN A 68 11.21 7.46 -9.40
C GLN A 68 10.88 6.02 -8.96
N VAL A 69 10.01 5.34 -9.71
CA VAL A 69 9.57 3.96 -9.44
C VAL A 69 9.40 3.68 -7.94
N SER A 70 8.18 3.86 -7.47
CA SER A 70 7.89 3.67 -6.07
C SER A 70 7.69 2.19 -5.79
N LYS A 71 8.47 1.64 -4.88
CA LYS A 71 8.36 0.25 -4.52
C LYS A 71 7.11 0.04 -3.68
N ILE A 72 6.22 -0.82 -4.18
CA ILE A 72 4.92 -1.04 -3.55
C ILE A 72 5.06 -1.50 -2.10
N ALA A 73 4.55 -0.69 -1.19
CA ALA A 73 4.60 -0.99 0.22
C ALA A 73 3.23 -0.80 0.87
N PRO A 74 2.90 -1.60 1.90
CA PRO A 74 1.62 -1.49 2.60
C PRO A 74 1.57 -0.28 3.52
N GLU A 75 0.58 0.57 3.31
CA GLU A 75 0.39 1.75 4.13
C GLU A 75 -0.44 1.44 5.37
N VAL A 76 0.21 1.48 6.53
CA VAL A 76 -0.45 1.26 7.79
C VAL A 76 -0.96 2.59 8.34
N VAL A 77 -2.10 2.57 9.00
CA VAL A 77 -2.69 3.79 9.53
C VAL A 77 -2.01 4.21 10.83
N LEU A 78 -0.89 4.90 10.69
CA LEU A 78 -0.08 5.33 11.82
C LEU A 78 -0.64 6.61 12.44
N SER A 79 -1.90 6.92 12.12
CA SER A 79 -2.46 8.21 12.48
C SER A 79 -3.87 8.09 13.10
N GLU A 80 -4.09 7.05 13.89
CA GLU A 80 -5.38 6.90 14.56
C GLU A 80 -5.48 7.85 15.76
N GLU A 81 -4.47 7.80 16.62
CA GLU A 81 -4.40 8.67 17.78
C GLU A 81 -3.00 8.61 18.40
N ARG A 82 -2.49 9.76 18.82
CA ARG A 82 -1.16 9.83 19.43
C ARG A 82 -1.29 9.78 20.94
N VAL A 83 -0.78 8.71 21.53
CA VAL A 83 -0.82 8.54 22.97
C VAL A 83 0.59 8.35 23.50
N THR A 84 0.73 8.37 24.81
CA THR A 84 2.01 8.08 25.43
C THR A 84 1.95 6.72 26.10
N GLY A 85 3.07 6.03 26.14
CA GLY A 85 3.09 4.72 26.70
C GLY A 85 3.92 4.64 27.94
N THR A 86 3.40 3.93 28.92
CA THR A 86 4.14 3.67 30.14
C THR A 86 4.30 2.17 30.32
N VAL A 87 5.53 1.69 30.20
CA VAL A 87 5.81 0.28 30.31
C VAL A 87 5.55 -0.21 31.72
N THR A 88 4.76 -1.26 31.85
CA THR A 88 4.47 -1.82 33.16
C THR A 88 5.16 -3.16 33.34
N THR A 89 5.51 -3.79 32.23
CA THR A 89 6.22 -5.06 32.25
C THR A 89 7.14 -5.16 31.04
N GLU A 90 8.41 -5.42 31.29
CA GLU A 90 9.40 -5.48 30.23
C GLU A 90 9.39 -6.84 29.55
N LEU A 91 10.27 -7.01 28.57
CA LEU A 91 10.44 -8.29 27.89
C LEU A 91 10.98 -9.31 28.88
N ARG A 92 10.29 -10.44 29.01
CA ARG A 92 10.69 -11.47 29.96
C ARG A 92 11.99 -12.13 29.52
N THR A 93 13.00 -12.06 30.37
CA THR A 93 14.22 -12.77 30.14
C THR A 93 14.04 -14.25 30.45
N ASP A 94 13.78 -15.03 29.42
CA ASP A 94 13.64 -16.48 29.58
C ASP A 94 14.99 -17.12 29.35
N SER A 95 15.98 -16.24 29.26
CA SER A 95 17.37 -16.62 29.18
C SER A 95 18.11 -15.89 30.30
N ALA A 96 19.07 -16.56 30.91
CA ALA A 96 19.78 -16.00 32.06
C ALA A 96 20.67 -14.83 31.66
N ASN A 97 20.07 -13.65 31.61
CA ASN A 97 20.78 -12.38 31.39
C ASN A 97 21.21 -12.21 29.93
N ASN A 98 21.46 -13.30 29.23
CA ASN A 98 21.89 -13.25 27.84
C ASN A 98 20.79 -12.68 26.96
N VAL A 99 19.55 -13.15 27.20
CA VAL A 99 18.31 -12.58 26.62
C VAL A 99 18.39 -12.41 25.08
N LEU A 100 19.21 -13.23 24.43
CA LEU A 100 19.49 -13.07 23.00
C LEU A 100 18.34 -13.52 22.09
N ASN A 101 17.29 -14.04 22.70
CA ASN A 101 16.15 -14.56 21.95
C ASN A 101 14.85 -13.91 22.40
N SER A 102 14.94 -12.65 22.81
CA SER A 102 13.78 -11.93 23.30
C SER A 102 13.06 -11.20 22.16
N SER A 103 13.19 -11.75 20.96
CA SER A 103 12.58 -11.14 19.77
C SER A 103 11.06 -11.32 19.77
N GLU A 104 10.61 -12.46 20.27
CA GLU A 104 9.21 -12.84 20.14
C GLU A 104 8.41 -12.50 21.40
N THR A 105 9.07 -12.55 22.54
CA THR A 105 8.40 -12.30 23.81
C THR A 105 8.00 -10.83 23.90
N THR A 106 6.73 -10.60 24.18
CA THR A 106 6.18 -9.26 24.20
C THR A 106 6.11 -8.70 25.61
N GLY A 107 6.49 -7.44 25.75
CA GLY A 107 6.32 -6.77 27.02
C GLY A 107 4.94 -6.15 27.13
N ARG A 108 4.73 -5.32 28.13
CA ARG A 108 3.44 -4.67 28.34
C ARG A 108 3.58 -3.17 28.49
N ILE A 109 2.92 -2.45 27.60
CA ILE A 109 2.87 -0.99 27.67
C ILE A 109 1.45 -0.57 28.03
N SER A 110 1.32 0.21 29.09
CA SER A 110 0.03 0.66 29.55
C SER A 110 -0.21 2.12 29.17
N TYR A 111 -1.44 2.42 28.80
CA TYR A 111 -1.84 3.79 28.51
C TYR A 111 -3.30 3.95 28.91
N GLU A 112 -3.76 5.19 29.01
CA GLU A 112 -5.15 5.44 29.39
C GLU A 112 -5.75 6.48 28.46
N ASN A 113 -6.87 6.13 27.85
CA ASN A 113 -7.54 7.01 26.90
C ASN A 113 -9.04 7.06 27.15
N ARG A 114 -9.51 8.18 27.69
CA ARG A 114 -10.93 8.44 27.91
C ARG A 114 -11.55 7.43 28.89
N GLY A 115 -10.74 6.93 29.81
CA GLY A 115 -11.22 5.99 30.79
C GLY A 115 -10.97 4.55 30.41
N GLU A 116 -10.39 4.33 29.24
CA GLU A 116 -10.03 3.01 28.80
C GLU A 116 -8.52 2.80 28.92
N CYS A 117 -8.13 1.95 29.85
CA CYS A 117 -6.72 1.64 30.06
C CYS A 117 -6.45 0.19 29.67
N PHE A 118 -5.46 -0.02 28.81
CA PHE A 118 -5.12 -1.36 28.35
C PHE A 118 -3.61 -1.59 28.38
N PHE A 119 -3.21 -2.84 28.23
CA PHE A 119 -1.81 -3.21 28.10
C PHE A 119 -1.54 -3.69 26.68
N LEU A 120 -0.59 -3.08 26.00
CA LEU A 120 -0.25 -3.47 24.64
C LEU A 120 1.06 -4.25 24.63
N PRO A 121 1.09 -5.39 23.93
CA PRO A 121 2.29 -6.19 23.76
C PRO A 121 3.26 -5.55 22.78
N TYR A 122 4.53 -5.48 23.14
CA TYR A 122 5.54 -4.92 22.25
C TYR A 122 6.79 -5.80 22.24
N THR A 123 7.44 -5.91 21.10
CA THR A 123 8.70 -6.62 21.00
C THR A 123 9.85 -5.65 20.80
N LYS A 124 11.05 -6.18 20.63
CA LYS A 124 12.22 -5.36 20.34
C LYS A 124 12.15 -4.81 18.93
N ASP A 125 11.38 -5.49 18.10
CA ASP A 125 11.25 -5.10 16.71
C ASP A 125 10.33 -3.90 16.55
N ASP A 126 9.42 -3.73 17.50
CA ASP A 126 8.41 -2.68 17.43
C ASP A 126 9.00 -1.30 17.73
N VAL A 127 10.04 -1.25 18.55
CA VAL A 127 10.66 0.02 18.90
C VAL A 127 11.69 0.43 17.85
N GLU A 128 11.44 1.58 17.22
CA GLU A 128 12.30 2.09 16.16
C GLU A 128 13.38 2.98 16.77
N GLY A 129 14.61 2.82 16.30
CA GLY A 129 15.73 3.53 16.88
C GLY A 129 16.60 2.64 17.74
N ASN A 130 16.01 1.52 18.17
CA ASN A 130 16.71 0.55 19.03
C ASN A 130 17.14 1.19 20.34
N VAL A 131 16.17 1.49 21.20
CA VAL A 131 16.45 2.12 22.47
C VAL A 131 16.26 1.13 23.61
N ASN A 132 17.03 1.30 24.68
CA ASN A 132 16.90 0.45 25.86
C ASN A 132 15.91 1.07 26.85
N LEU A 133 14.72 0.54 26.86
CA LEU A 133 13.66 1.04 27.72
C LEU A 133 13.26 -0.01 28.76
N ARG A 134 12.95 0.45 29.96
CA ARG A 134 12.47 -0.43 31.02
C ARG A 134 11.06 -0.04 31.42
N ALA A 135 10.50 -0.76 32.38
CA ALA A 135 9.19 -0.43 32.89
C ALA A 135 9.25 0.81 33.77
N GLY A 136 8.34 1.74 33.53
CA GLY A 136 8.33 2.98 34.27
C GLY A 136 8.84 4.15 33.45
N ASP A 137 9.48 3.83 32.32
CA ASP A 137 10.01 4.87 31.44
C ASP A 137 8.91 5.35 30.49
N LYS A 138 8.93 6.63 30.14
CA LYS A 138 7.90 7.21 29.30
C LYS A 138 8.28 7.19 27.84
N VAL A 139 7.50 6.45 27.07
CA VAL A 139 7.72 6.31 25.64
C VAL A 139 6.50 6.81 24.86
N SER A 140 6.67 6.99 23.58
CA SER A 140 5.57 7.35 22.71
C SER A 140 5.38 6.28 21.65
N PHE A 141 4.15 5.85 21.45
CA PHE A 141 3.85 4.88 20.42
C PHE A 141 2.62 5.31 19.65
N GLN A 142 2.65 5.06 18.35
CA GLN A 142 1.51 5.36 17.51
C GLN A 142 0.70 4.11 17.27
N ILE A 143 -0.60 4.23 17.50
CA ILE A 143 -1.50 3.12 17.26
C ILE A 143 -1.79 3.02 15.78
N ALA A 144 -1.08 2.12 15.12
CA ALA A 144 -1.15 1.98 13.68
C ALA A 144 -2.00 0.79 13.27
N THR A 145 -3.16 1.08 12.70
CA THR A 145 -4.08 0.04 12.26
C THR A 145 -3.64 -0.52 10.90
N ASN A 146 -3.41 -1.82 10.84
CA ASN A 146 -3.03 -2.44 9.57
C ASN A 146 -4.27 -2.83 8.76
N GLN A 147 -4.06 -3.53 7.67
CA GLN A 147 -5.12 -3.83 6.72
C GLN A 147 -5.95 -5.03 7.15
N ARG A 148 -5.67 -5.54 8.34
CA ARG A 148 -6.42 -6.66 8.89
C ARG A 148 -7.19 -6.25 10.14
N GLY A 149 -7.09 -4.98 10.49
CA GLY A 149 -7.83 -4.46 11.62
C GLY A 149 -7.21 -4.79 12.96
N ASN A 150 -5.93 -5.12 12.96
CA ASN A 150 -5.23 -5.43 14.20
C ASN A 150 -4.02 -4.51 14.32
N LEU A 151 -3.57 -4.27 15.55
CA LEU A 151 -2.45 -3.38 15.77
C LEU A 151 -1.75 -3.68 17.08
N GLY A 152 -0.68 -2.95 17.32
CA GLY A 152 0.05 -3.02 18.56
C GLY A 152 0.69 -1.69 18.88
N ALA A 153 1.92 -1.72 19.37
CA ALA A 153 2.64 -0.48 19.61
C ALA A 153 3.94 -0.50 18.82
N CYS A 154 4.01 0.31 17.78
CA CYS A 154 5.16 0.33 16.89
C CYS A 154 5.73 1.74 16.78
N HIS A 155 6.97 1.84 16.29
CA HIS A 155 7.67 3.12 16.17
C HIS A 155 7.82 3.76 17.55
N ILE A 156 7.98 2.90 18.55
CA ILE A 156 8.14 3.32 19.93
C ILE A 156 9.37 4.21 20.08
N ARG A 157 9.16 5.40 20.61
CA ARG A 157 10.27 6.32 20.87
C ARG A 157 10.27 6.75 22.33
N LEU A 158 11.43 6.59 22.97
CA LEU A 158 11.60 7.02 24.34
C LEU A 158 11.70 8.54 24.38
N GLU A 159 10.57 9.20 24.67
CA GLU A 159 10.50 10.65 24.68
C GLU A 159 11.14 11.21 25.94
N ASN A 160 10.97 10.52 27.05
CA ASN A 160 11.57 10.94 28.30
C ASN A 160 12.17 9.76 29.05
N PRO A 161 13.50 9.60 28.99
CA PRO A 161 14.18 8.51 29.68
C PRO A 161 14.24 8.71 31.18
N ALA A 162 14.30 7.61 31.91
CA ALA A 162 14.35 7.67 33.35
C ALA A 162 15.74 7.25 33.84
N GLN A 163 16.61 8.25 33.96
CA GLN A 163 17.97 8.03 34.44
C GLN A 163 18.09 8.45 35.90
N PRO A 164 18.94 7.76 36.68
CA PRO A 164 19.13 8.07 38.10
C PRO A 164 19.79 9.44 38.30
N VAL A 165 19.00 10.40 38.76
CA VAL A 165 19.49 11.74 39.01
C VAL A 165 19.46 12.06 40.50
N GLY A 1 0.69 19.89 -10.82
CA GLY A 1 -0.52 19.60 -10.06
C GLY A 1 -1.28 18.42 -10.62
N ALA A 2 -1.07 18.14 -11.89
CA ALA A 2 -1.72 17.01 -12.55
C ALA A 2 -0.69 16.01 -13.05
N ASP A 3 0.54 16.19 -12.60
CA ASP A 3 1.66 15.33 -13.01
C ASP A 3 1.49 13.91 -12.47
N ASP A 4 1.01 13.82 -11.23
CA ASP A 4 0.83 12.52 -10.58
C ASP A 4 -0.42 11.83 -11.10
N GLU A 5 -0.44 11.50 -12.38
CA GLU A 5 -1.58 10.87 -12.98
C GLU A 5 -1.21 9.48 -13.51
N GLU A 6 -0.26 9.46 -14.41
CA GLU A 6 0.19 8.22 -15.05
C GLU A 6 1.02 7.36 -14.10
N ARG A 7 0.37 6.64 -13.19
CA ARG A 7 1.08 5.67 -12.36
C ARG A 7 0.74 4.26 -12.81
N GLU A 8 1.74 3.55 -13.29
CA GLU A 8 1.56 2.25 -13.90
C GLU A 8 2.17 1.15 -13.03
N THR A 9 1.68 -0.07 -13.18
CA THR A 9 2.21 -1.20 -12.43
C THR A 9 2.95 -2.16 -13.36
N GLY A 10 4.11 -2.64 -12.92
CA GLY A 10 4.89 -3.56 -13.71
C GLY A 10 5.66 -4.54 -12.85
N ILE A 11 6.38 -5.46 -13.49
CA ILE A 11 7.17 -6.46 -12.76
C ILE A 11 8.62 -6.41 -13.21
N ILE A 12 9.53 -6.62 -12.28
CA ILE A 12 10.95 -6.72 -12.62
C ILE A 12 11.21 -8.05 -13.31
N GLU A 13 11.43 -8.01 -14.62
CA GLU A 13 11.65 -9.23 -15.40
C GLU A 13 13.03 -9.81 -15.12
N LYS A 14 14.02 -8.93 -15.09
CA LYS A 14 15.40 -9.35 -14.91
C LYS A 14 16.21 -8.20 -14.32
N LEU A 15 17.36 -8.51 -13.77
CA LEU A 15 18.21 -7.51 -13.19
C LEU A 15 19.56 -7.46 -13.87
N LEU A 16 19.86 -6.31 -14.46
CA LEU A 16 21.14 -6.04 -15.06
C LEU A 16 21.85 -4.98 -14.22
N HIS A 17 23.05 -4.58 -14.59
CA HIS A 17 23.80 -3.67 -13.77
C HIS A 17 23.49 -2.23 -14.18
N SER A 18 22.92 -1.48 -13.22
CA SER A 18 22.57 -0.06 -13.40
C SER A 18 21.29 0.14 -14.21
N TYR A 19 20.75 -0.94 -14.77
CA TYR A 19 19.50 -0.86 -15.52
C TYR A 19 18.82 -2.21 -15.59
N GLY A 20 17.58 -2.23 -16.03
CA GLY A 20 16.83 -3.47 -16.16
C GLY A 20 15.61 -3.31 -17.04
N PHE A 21 14.72 -4.30 -17.01
CA PHE A 21 13.51 -4.27 -17.83
C PHE A 21 12.26 -4.46 -16.98
N ILE A 22 11.22 -3.70 -17.30
CA ILE A 22 9.95 -3.83 -16.62
C ILE A 22 8.97 -4.62 -17.50
N GLN A 23 8.51 -5.73 -16.96
CA GLN A 23 7.65 -6.65 -17.69
C GLN A 23 6.23 -6.10 -17.80
N CYS A 24 5.61 -6.34 -18.94
CA CYS A 24 4.28 -5.83 -19.25
C CYS A 24 3.17 -6.63 -18.59
N CYS A 25 3.53 -7.63 -17.79
CA CYS A 25 2.55 -8.56 -17.22
C CYS A 25 1.39 -7.82 -16.51
N GLU A 26 1.71 -6.90 -15.62
CA GLU A 26 0.68 -6.19 -14.86
C GLU A 26 0.24 -4.92 -15.59
N ARG A 27 0.57 -4.86 -16.87
CA ARG A 27 0.28 -3.72 -17.72
C ARG A 27 -0.04 -4.25 -19.12
N GLN A 28 0.08 -3.40 -20.13
CA GLN A 28 0.07 -3.87 -21.52
C GLN A 28 1.16 -3.17 -22.33
N ALA A 29 2.19 -2.71 -21.62
CA ALA A 29 3.32 -2.04 -22.25
C ALA A 29 4.58 -2.23 -21.42
N ARG A 30 5.59 -2.86 -22.02
CA ARG A 30 6.85 -3.11 -21.35
C ARG A 30 7.78 -1.91 -21.52
N LEU A 31 8.68 -1.71 -20.55
CA LEU A 31 9.58 -0.57 -20.57
C LEU A 31 10.96 -0.96 -20.06
N PHE A 32 11.94 -0.12 -20.37
CA PHE A 32 13.27 -0.25 -19.81
C PHE A 32 13.46 0.79 -18.73
N PHE A 33 14.16 0.45 -17.66
CA PHE A 33 14.36 1.41 -16.59
C PHE A 33 15.79 1.33 -16.10
N HIS A 34 16.31 2.47 -15.66
CA HIS A 34 17.65 2.52 -15.10
C HIS A 34 17.54 2.63 -13.59
N PHE A 35 18.59 2.19 -12.90
CA PHE A 35 18.57 2.17 -11.43
C PHE A 35 18.56 3.59 -10.86
N SER A 36 18.82 4.57 -11.70
CA SER A 36 18.73 5.97 -11.30
C SER A 36 17.26 6.37 -11.10
N GLN A 37 16.39 5.64 -11.77
CA GLN A 37 14.95 5.90 -11.71
C GLN A 37 14.29 5.03 -10.64
N PHE A 38 15.07 4.54 -9.69
CA PHE A 38 14.51 3.73 -8.61
C PHE A 38 14.89 4.31 -7.26
N SER A 39 13.88 4.60 -6.45
CA SER A 39 14.09 5.15 -5.12
C SER A 39 13.69 4.13 -4.06
N GLY A 40 14.69 3.48 -3.49
CA GLY A 40 14.44 2.48 -2.47
C GLY A 40 15.62 1.55 -2.30
N ASN A 41 15.43 0.47 -1.54
CA ASN A 41 16.50 -0.49 -1.30
C ASN A 41 16.57 -1.49 -2.45
N ILE A 42 17.54 -1.31 -3.32
CA ILE A 42 17.71 -2.17 -4.48
C ILE A 42 18.12 -3.60 -4.05
N ASP A 43 18.71 -3.70 -2.87
CA ASP A 43 19.14 -4.98 -2.33
C ASP A 43 17.95 -5.85 -1.94
N HIS A 44 16.77 -5.23 -1.90
CA HIS A 44 15.55 -5.94 -1.55
C HIS A 44 14.72 -6.21 -2.80
N LEU A 45 15.26 -5.85 -3.95
CA LEU A 45 14.56 -6.00 -5.22
C LEU A 45 15.09 -7.20 -5.99
N LYS A 46 14.28 -8.24 -6.10
CA LYS A 46 14.64 -9.39 -6.92
C LYS A 46 13.70 -9.53 -8.10
N ILE A 47 13.93 -10.55 -8.90
CA ILE A 47 13.11 -10.81 -10.08
C ILE A 47 11.74 -11.35 -9.66
N GLY A 48 10.69 -10.91 -10.35
CA GLY A 48 9.34 -11.35 -10.05
C GLY A 48 8.63 -10.42 -9.10
N ASP A 49 9.31 -9.38 -8.66
CA ASP A 49 8.74 -8.42 -7.74
C ASP A 49 8.09 -7.26 -8.50
N PRO A 50 6.82 -6.95 -8.18
CA PRO A 50 6.06 -5.89 -8.85
C PRO A 50 6.37 -4.48 -8.30
N VAL A 51 6.41 -3.51 -9.21
CA VAL A 51 6.72 -2.14 -8.86
C VAL A 51 5.67 -1.18 -9.42
N GLU A 52 5.56 0.00 -8.82
CA GLU A 52 4.67 1.04 -9.30
C GLU A 52 5.50 2.21 -9.81
N PHE A 53 5.28 2.60 -11.06
CA PHE A 53 6.10 3.63 -11.67
C PHE A 53 5.27 4.62 -12.46
N GLU A 54 5.67 5.87 -12.39
CA GLU A 54 5.06 6.91 -13.20
C GLU A 54 5.80 7.00 -14.52
N MET A 55 5.07 7.22 -15.60
CA MET A 55 5.66 7.28 -16.94
C MET A 55 5.31 8.61 -17.60
N THR A 56 6.31 9.44 -17.83
CA THR A 56 6.08 10.74 -18.42
C THR A 56 7.08 11.04 -19.53
N TYR A 57 6.78 12.04 -20.33
CA TYR A 57 7.66 12.46 -21.41
C TYR A 57 8.54 13.61 -20.95
N ASP A 58 9.84 13.36 -20.84
CA ASP A 58 10.77 14.40 -20.43
C ASP A 58 11.03 15.36 -21.58
N ARG A 59 10.79 16.64 -21.32
CA ARG A 59 10.91 17.68 -22.35
C ARG A 59 12.37 18.09 -22.56
N ARG A 60 13.24 17.60 -21.70
CA ARG A 60 14.66 17.92 -21.80
C ARG A 60 15.34 17.03 -22.84
N THR A 61 15.22 15.72 -22.66
CA THR A 61 15.83 14.76 -23.57
C THR A 61 14.91 14.44 -24.75
N GLY A 62 13.64 14.20 -24.46
CA GLY A 62 12.70 13.85 -25.51
C GLY A 62 12.32 12.39 -25.47
N LYS A 63 12.87 11.65 -24.52
CA LYS A 63 12.56 10.23 -24.36
C LYS A 63 11.47 10.04 -23.32
N PRO A 64 10.65 8.99 -23.45
CA PRO A 64 9.70 8.62 -22.43
C PRO A 64 10.43 7.94 -21.28
N ILE A 65 10.25 8.46 -20.08
CA ILE A 65 11.00 7.98 -18.94
C ILE A 65 10.08 7.58 -17.80
N ALA A 66 10.62 6.81 -16.88
CA ALA A 66 9.90 6.45 -15.67
C ALA A 66 10.35 7.36 -14.54
N SER A 67 9.46 7.58 -13.59
CA SER A 67 9.77 8.38 -12.43
C SER A 67 10.63 7.56 -11.46
N GLN A 68 10.62 7.94 -10.18
CA GLN A 68 11.51 7.32 -9.19
C GLN A 68 11.06 5.92 -8.77
N VAL A 69 10.21 5.29 -9.60
CA VAL A 69 9.70 3.92 -9.42
C VAL A 69 9.49 3.57 -7.93
N SER A 70 8.27 3.76 -7.47
CA SER A 70 7.95 3.50 -6.08
C SER A 70 7.73 2.01 -5.85
N LYS A 71 8.54 1.43 -4.97
CA LYS A 71 8.45 0.01 -4.68
C LYS A 71 7.14 -0.31 -3.95
N ILE A 72 6.28 -1.05 -4.61
CA ILE A 72 5.05 -1.56 -3.99
C ILE A 72 5.38 -2.35 -2.74
N ALA A 73 5.11 -1.76 -1.59
CA ALA A 73 5.42 -2.35 -0.30
C ALA A 73 4.81 -1.50 0.81
N PRO A 74 4.68 -2.04 2.04
CA PRO A 74 4.22 -1.25 3.19
C PRO A 74 5.05 0.01 3.38
N GLU A 75 4.37 1.12 3.64
CA GLU A 75 5.02 2.41 3.80
C GLU A 75 5.73 2.51 5.15
N VAL A 76 6.15 3.72 5.50
CA VAL A 76 6.86 3.97 6.76
C VAL A 76 6.09 3.37 7.94
N VAL A 77 6.84 2.81 8.89
CA VAL A 77 6.25 2.15 10.05
C VAL A 77 5.56 3.17 10.96
N LEU A 78 4.28 3.41 10.70
CA LEU A 78 3.50 4.37 11.45
C LEU A 78 2.81 3.70 12.63
N SER A 79 2.52 2.42 12.49
CA SER A 79 1.78 1.70 13.49
C SER A 79 2.63 0.59 14.11
N GLU A 80 3.18 0.87 15.28
CA GLU A 80 3.95 -0.11 16.04
C GLU A 80 3.35 -0.22 17.44
N GLU A 81 3.50 0.84 18.22
CA GLU A 81 2.91 0.93 19.53
C GLU A 81 2.16 2.24 19.67
N ARG A 82 0.90 2.17 20.08
CA ARG A 82 0.09 3.37 20.19
C ARG A 82 0.35 4.07 21.52
N VAL A 83 0.68 5.36 21.45
CA VAL A 83 1.04 6.12 22.64
C VAL A 83 0.10 7.30 22.83
N THR A 84 0.17 7.90 24.01
CA THR A 84 -0.60 9.09 24.31
C THR A 84 0.32 10.25 24.66
N GLY A 85 -0.08 11.45 24.30
CA GLY A 85 0.76 12.60 24.55
C GLY A 85 -0.05 13.80 24.99
N THR A 86 0.63 14.77 25.57
CA THR A 86 -0.01 16.01 26.00
C THR A 86 0.38 17.14 25.07
N VAL A 87 -0.59 17.96 24.68
CA VAL A 87 -0.31 19.08 23.80
C VAL A 87 0.49 20.13 24.56
N THR A 88 1.66 20.46 24.05
CA THR A 88 2.49 21.47 24.65
C THR A 88 2.22 22.82 24.01
N THR A 89 1.81 22.80 22.76
CA THR A 89 1.51 24.02 22.02
C THR A 89 0.52 23.73 20.89
N GLU A 90 -0.44 24.62 20.72
CA GLU A 90 -1.48 24.44 19.71
C GLU A 90 -1.18 25.27 18.46
N LEU A 91 -2.16 25.29 17.56
CA LEU A 91 -2.11 26.11 16.37
C LEU A 91 -2.57 27.53 16.71
N ARG A 92 -1.87 28.53 16.21
CA ARG A 92 -2.21 29.90 16.54
C ARG A 92 -3.49 30.35 15.83
N THR A 93 -4.29 31.11 16.54
CA THR A 93 -5.54 31.66 16.02
C THR A 93 -5.30 32.96 15.25
N ASP A 94 -4.13 33.05 14.65
CA ASP A 94 -3.69 34.26 13.94
C ASP A 94 -4.56 34.54 12.71
N SER A 95 -5.68 35.19 12.94
CA SER A 95 -6.60 35.62 11.90
C SER A 95 -7.54 36.67 12.47
N ALA A 96 -8.54 37.07 11.70
CA ALA A 96 -9.49 38.08 12.12
C ALA A 96 -10.69 37.47 12.85
N ASN A 97 -11.73 37.13 12.09
CA ASN A 97 -12.99 36.63 12.68
C ASN A 97 -13.05 35.11 12.60
N ASN A 98 -12.09 34.51 11.92
CA ASN A 98 -12.06 33.08 11.73
C ASN A 98 -10.66 32.59 12.08
N VAL A 99 -10.35 31.35 11.74
CA VAL A 99 -9.03 30.81 11.97
C VAL A 99 -8.28 30.66 10.65
N LEU A 100 -6.99 30.44 10.73
CA LEU A 100 -6.19 30.22 9.55
C LEU A 100 -6.12 28.74 9.28
N ASN A 101 -7.11 28.30 8.52
CA ASN A 101 -7.29 26.88 8.22
C ASN A 101 -6.10 26.32 7.44
N SER A 102 -5.40 27.17 6.71
CA SER A 102 -4.17 26.78 6.04
C SER A 102 -3.05 26.71 7.09
N SER A 103 -2.71 25.50 7.50
CA SER A 103 -1.77 25.30 8.60
C SER A 103 -0.33 25.55 8.17
N GLU A 104 0.09 26.81 8.25
CA GLU A 104 1.49 27.16 8.02
C GLU A 104 2.27 27.02 9.33
N THR A 105 1.53 27.06 10.43
CA THR A 105 2.11 26.93 11.76
C THR A 105 1.97 25.50 12.26
N THR A 106 2.80 25.12 13.21
CA THR A 106 2.80 23.77 13.74
C THR A 106 2.76 23.80 15.26
N GLY A 107 2.06 22.84 15.84
CA GLY A 107 1.96 22.76 17.28
C GLY A 107 3.02 21.86 17.86
N ARG A 108 2.89 21.52 19.13
CA ARG A 108 3.84 20.68 19.82
C ARG A 108 3.12 19.64 20.67
N ILE A 109 3.53 18.38 20.52
CA ILE A 109 3.06 17.32 21.39
C ILE A 109 4.23 16.82 22.24
N SER A 110 4.04 16.79 23.54
CA SER A 110 5.08 16.33 24.45
C SER A 110 4.71 14.98 25.03
N TYR A 111 5.59 14.00 24.85
CA TYR A 111 5.38 12.69 25.43
C TYR A 111 6.69 12.18 26.02
N GLU A 112 6.58 11.26 26.97
CA GLU A 112 7.72 10.69 27.64
C GLU A 112 7.60 9.18 27.68
N ASN A 113 8.57 8.50 27.08
CA ASN A 113 8.55 7.04 27.02
C ASN A 113 9.89 6.47 27.47
N ARG A 114 9.91 5.89 28.66
CA ARG A 114 11.09 5.25 29.20
C ARG A 114 12.28 6.21 29.28
N GLY A 115 12.00 7.46 29.63
CA GLY A 115 13.05 8.44 29.82
C GLY A 115 13.30 9.32 28.62
N GLU A 116 12.64 9.05 27.50
CA GLU A 116 12.75 9.93 26.34
C GLU A 116 11.61 10.93 26.33
N CYS A 117 11.95 12.20 26.29
CA CYS A 117 10.96 13.26 26.24
C CYS A 117 11.20 14.13 25.03
N PHE A 118 10.38 13.95 24.01
CA PHE A 118 10.53 14.69 22.76
C PHE A 118 9.35 15.61 22.53
N PHE A 119 9.60 16.68 21.80
CA PHE A 119 8.55 17.57 21.34
C PHE A 119 8.25 17.29 19.88
N LEU A 120 7.04 16.85 19.58
CA LEU A 120 6.69 16.42 18.24
C LEU A 120 5.88 17.50 17.53
N PRO A 121 6.31 17.87 16.32
CA PRO A 121 5.57 18.81 15.48
C PRO A 121 4.36 18.15 14.82
N TYR A 122 3.24 18.85 14.82
CA TYR A 122 2.04 18.37 14.17
C TYR A 122 1.23 19.56 13.68
N THR A 123 0.36 19.34 12.72
CA THR A 123 -0.52 20.40 12.28
C THR A 123 -1.97 20.04 12.57
N LYS A 124 -2.86 20.98 12.36
CA LYS A 124 -4.29 20.77 12.52
C LYS A 124 -4.78 19.73 11.51
N ASP A 125 -4.02 19.57 10.43
CA ASP A 125 -4.41 18.68 9.36
C ASP A 125 -3.89 17.25 9.58
N ASP A 126 -3.11 17.06 10.64
CA ASP A 126 -2.59 15.74 10.98
C ASP A 126 -3.52 14.98 11.90
N VAL A 127 -4.53 15.67 12.42
CA VAL A 127 -5.49 15.05 13.34
C VAL A 127 -6.81 14.71 12.64
N GLU A 128 -7.29 13.50 12.85
CA GLU A 128 -8.51 13.04 12.22
C GLU A 128 -9.71 13.27 13.14
N GLY A 129 -10.85 13.59 12.55
CA GLY A 129 -12.06 13.80 13.33
C GLY A 129 -12.55 15.23 13.30
N ASN A 130 -11.68 16.14 12.84
CA ASN A 130 -11.98 17.58 12.82
C ASN A 130 -12.40 18.05 14.21
N VAL A 131 -11.58 17.71 15.20
CA VAL A 131 -11.90 18.01 16.59
C VAL A 131 -10.89 18.99 17.17
N ASN A 132 -11.29 19.70 18.21
CA ASN A 132 -10.43 20.72 18.82
C ASN A 132 -9.48 20.12 19.85
N LEU A 133 -8.19 20.29 19.61
CA LEU A 133 -7.16 19.89 20.56
C LEU A 133 -6.61 21.13 21.24
N ARG A 134 -6.41 21.09 22.54
CA ARG A 134 -5.84 22.22 23.25
C ARG A 134 -4.91 21.74 24.36
N ALA A 135 -3.99 22.60 24.77
CA ALA A 135 -3.03 22.23 25.79
C ALA A 135 -3.71 21.83 27.08
N GLY A 136 -3.47 20.60 27.51
CA GLY A 136 -4.05 20.12 28.75
C GLY A 136 -4.95 18.92 28.58
N ASP A 137 -5.42 18.65 27.36
CA ASP A 137 -6.19 17.43 27.11
C ASP A 137 -5.26 16.32 26.66
N LYS A 138 -5.80 15.12 26.50
CA LYS A 138 -4.97 13.95 26.25
C LYS A 138 -5.29 13.32 24.90
N VAL A 139 -4.29 13.28 24.03
CA VAL A 139 -4.46 12.74 22.69
C VAL A 139 -3.58 11.51 22.47
N SER A 140 -3.93 10.74 21.47
CA SER A 140 -3.14 9.58 21.09
C SER A 140 -2.62 9.79 19.67
N PHE A 141 -1.33 9.57 19.46
CA PHE A 141 -0.73 9.79 18.15
C PHE A 141 0.16 8.61 17.78
N GLN A 142 0.36 8.42 16.49
CA GLN A 142 1.22 7.35 16.01
C GLN A 142 2.50 7.93 15.43
N ILE A 143 3.60 7.25 15.69
CA ILE A 143 4.91 7.74 15.31
C ILE A 143 5.50 6.89 14.19
N ALA A 144 5.60 7.44 12.99
CA ALA A 144 6.13 6.71 11.87
C ALA A 144 7.65 6.85 11.80
N THR A 145 8.35 5.78 12.14
CA THR A 145 9.80 5.77 12.15
C THR A 145 10.37 5.19 10.86
N ASN A 146 11.10 6.02 10.14
CA ASN A 146 11.82 5.57 8.95
C ASN A 146 13.18 5.02 9.37
N GLN A 147 13.84 4.28 8.48
CA GLN A 147 15.14 3.65 8.76
C GLN A 147 16.18 4.71 9.17
N ARG A 148 15.99 5.93 8.67
CA ARG A 148 16.91 7.03 8.98
C ARG A 148 16.76 7.50 10.42
N GLY A 149 15.70 7.07 11.08
CA GLY A 149 15.45 7.50 12.45
C GLY A 149 14.81 8.88 12.49
N ASN A 150 14.17 9.25 11.40
CA ASN A 150 13.46 10.53 11.33
C ASN A 150 11.96 10.28 11.39
N LEU A 151 11.30 10.91 12.35
CA LEU A 151 9.87 10.71 12.53
C LEU A 151 9.19 11.94 13.14
N GLY A 152 7.87 11.93 13.12
CA GLY A 152 7.10 13.01 13.69
C GLY A 152 5.75 12.53 14.16
N ALA A 153 4.86 13.46 14.49
CA ALA A 153 3.53 13.09 14.97
C ALA A 153 2.49 13.25 13.85
N CYS A 154 1.88 12.14 13.47
CA CYS A 154 0.85 12.17 12.43
C CYS A 154 -0.28 11.22 12.81
N HIS A 155 -1.45 11.43 12.24
CA HIS A 155 -2.64 10.62 12.57
C HIS A 155 -2.94 10.70 14.06
N ILE A 156 -3.31 11.89 14.51
CA ILE A 156 -3.62 12.13 15.91
C ILE A 156 -5.10 11.87 16.18
N ARG A 157 -5.37 11.22 17.32
CA ARG A 157 -6.73 10.97 17.74
C ARG A 157 -6.95 11.48 19.16
N LEU A 158 -8.01 12.26 19.35
CA LEU A 158 -8.35 12.78 20.67
C LEU A 158 -9.11 11.74 21.47
N GLU A 159 -8.48 11.21 22.50
CA GLU A 159 -9.07 10.14 23.31
C GLU A 159 -9.84 10.71 24.50
N ASN A 160 -9.22 11.63 25.22
CA ASN A 160 -9.84 12.18 26.42
C ASN A 160 -9.83 13.70 26.38
N PRO A 161 -10.97 14.30 26.02
CA PRO A 161 -11.15 15.74 26.00
C PRO A 161 -11.59 16.28 27.35
N ALA A 162 -11.22 17.52 27.64
CA ALA A 162 -11.61 18.15 28.89
C ALA A 162 -12.96 18.84 28.74
N GLN A 163 -14.01 18.15 29.17
CA GLN A 163 -15.37 18.66 29.04
C GLN A 163 -16.11 18.59 30.37
N PRO A 164 -16.97 19.59 30.67
CA PRO A 164 -17.82 19.57 31.85
C PRO A 164 -19.15 18.88 31.60
N VAL A 165 -19.76 18.37 32.65
CA VAL A 165 -21.03 17.66 32.55
C VAL A 165 -22.20 18.64 32.55
N GLY A 1 1.27 21.62 -17.12
CA GLY A 1 0.78 20.91 -18.28
C GLY A 1 0.00 19.67 -17.91
N ALA A 2 0.27 18.58 -18.61
CA ALA A 2 -0.43 17.33 -18.38
C ALA A 2 0.46 16.16 -18.74
N ASP A 3 1.31 15.77 -17.81
CA ASP A 3 2.31 14.74 -18.06
C ASP A 3 2.02 13.49 -17.24
N ASP A 4 1.85 13.67 -15.94
CA ASP A 4 1.63 12.55 -15.04
C ASP A 4 0.15 12.38 -14.75
N GLU A 5 -0.54 11.74 -15.68
CA GLU A 5 -1.95 11.41 -15.53
C GLU A 5 -2.14 9.90 -15.63
N GLU A 6 -1.15 9.25 -16.19
CA GLU A 6 -1.20 7.84 -16.47
C GLU A 6 -0.33 7.06 -15.49
N ARG A 7 -0.94 6.31 -14.60
CA ARG A 7 -0.22 5.48 -13.65
C ARG A 7 -0.29 4.04 -14.10
N GLU A 8 0.75 3.26 -13.80
CA GLU A 8 0.78 1.86 -14.22
C GLU A 8 1.71 1.02 -13.35
N THR A 9 1.36 -0.24 -13.22
CA THR A 9 2.11 -1.17 -12.40
C THR A 9 2.69 -2.30 -13.26
N GLY A 10 3.68 -2.99 -12.73
CA GLY A 10 4.28 -4.11 -13.42
C GLY A 10 5.11 -4.98 -12.51
N ILE A 11 5.76 -5.98 -13.09
CA ILE A 11 6.59 -6.89 -12.32
C ILE A 11 8.01 -6.85 -12.86
N ILE A 12 9.01 -6.94 -11.99
CA ILE A 12 10.40 -6.91 -12.43
C ILE A 12 10.71 -8.15 -13.27
N GLU A 13 11.07 -7.92 -14.52
CA GLU A 13 11.34 -9.00 -15.47
C GLU A 13 12.78 -9.49 -15.32
N LYS A 14 13.71 -8.55 -15.33
CA LYS A 14 15.13 -8.85 -15.25
C LYS A 14 15.88 -7.71 -14.58
N LEU A 15 16.92 -8.05 -13.84
CA LEU A 15 17.78 -7.04 -13.24
C LEU A 15 19.19 -7.16 -13.77
N LEU A 16 19.58 -6.17 -14.55
CA LEU A 16 20.92 -6.08 -15.09
C LEU A 16 21.64 -4.95 -14.39
N HIS A 17 22.87 -4.68 -14.77
CA HIS A 17 23.66 -3.70 -14.06
C HIS A 17 23.40 -2.32 -14.64
N SER A 18 22.96 -1.42 -13.76
CA SER A 18 22.64 -0.03 -14.08
C SER A 18 21.23 0.12 -14.66
N TYR A 19 20.66 -0.96 -15.18
CA TYR A 19 19.33 -0.90 -15.77
C TYR A 19 18.56 -2.21 -15.57
N GLY A 20 17.26 -2.07 -15.34
CA GLY A 20 16.41 -3.24 -15.15
C GLY A 20 15.19 -3.19 -16.05
N PHE A 21 14.51 -4.32 -16.19
CA PHE A 21 13.37 -4.42 -17.09
C PHE A 21 12.09 -4.74 -16.34
N ILE A 22 10.99 -4.19 -16.82
CA ILE A 22 9.69 -4.40 -16.22
C ILE A 22 8.80 -5.22 -17.16
N GLN A 23 8.16 -6.24 -16.61
CA GLN A 23 7.33 -7.16 -17.39
C GLN A 23 5.99 -6.54 -17.76
N CYS A 24 5.51 -6.89 -18.93
CA CYS A 24 4.30 -6.34 -19.50
C CYS A 24 3.04 -6.98 -18.92
N CYS A 25 3.20 -7.86 -17.94
CA CYS A 25 2.08 -8.63 -17.40
C CYS A 25 0.90 -7.74 -16.99
N GLU A 26 1.18 -6.51 -16.58
CA GLU A 26 0.13 -5.61 -16.10
C GLU A 26 -0.11 -4.46 -17.09
N ARG A 27 0.54 -4.52 -18.26
CA ARG A 27 0.51 -3.40 -19.19
C ARG A 27 0.47 -3.89 -20.64
N GLN A 28 0.52 -2.96 -21.58
CA GLN A 28 0.56 -3.31 -23.00
C GLN A 28 1.97 -3.10 -23.53
N ALA A 29 2.91 -2.92 -22.60
CA ALA A 29 4.29 -2.64 -22.95
C ALA A 29 5.21 -3.06 -21.81
N ARG A 30 6.35 -3.63 -22.16
CA ARG A 30 7.39 -3.92 -21.18
C ARG A 30 8.41 -2.79 -21.18
N LEU A 31 8.58 -2.15 -20.04
CA LEU A 31 9.43 -0.96 -19.95
C LEU A 31 10.78 -1.27 -19.32
N PHE A 32 11.70 -0.36 -19.53
CA PHE A 32 13.03 -0.46 -18.95
C PHE A 32 13.34 0.81 -18.15
N PHE A 33 14.05 0.65 -17.06
CA PHE A 33 14.39 1.78 -16.20
C PHE A 33 15.81 1.61 -15.67
N HIS A 34 16.50 2.72 -15.44
CA HIS A 34 17.83 2.64 -14.87
C HIS A 34 17.77 2.92 -13.37
N PHE A 35 18.85 2.60 -12.68
CA PHE A 35 18.86 2.59 -11.21
C PHE A 35 18.69 4.00 -10.61
N SER A 36 18.61 5.01 -11.46
CA SER A 36 18.40 6.37 -11.00
C SER A 36 16.92 6.60 -10.68
N GLN A 37 16.06 5.73 -11.19
CA GLN A 37 14.62 5.85 -10.97
C GLN A 37 14.09 4.73 -10.07
N PHE A 38 14.85 4.36 -9.05
CA PHE A 38 14.37 3.39 -8.08
C PHE A 38 14.46 3.95 -6.67
N SER A 39 13.37 3.84 -5.93
CA SER A 39 13.31 4.35 -4.57
C SER A 39 13.87 3.32 -3.58
N GLY A 40 15.03 3.62 -3.02
CA GLY A 40 15.59 2.77 -2.01
C GLY A 40 16.80 2.00 -2.49
N ASN A 41 17.10 0.90 -1.82
CA ASN A 41 18.24 0.06 -2.17
C ASN A 41 17.84 -1.01 -3.18
N ILE A 42 18.65 -1.16 -4.22
CA ILE A 42 18.43 -2.18 -5.23
C ILE A 42 18.75 -3.57 -4.66
N ASP A 43 19.38 -3.56 -3.48
CA ASP A 43 19.83 -4.78 -2.80
C ASP A 43 18.66 -5.70 -2.48
N HIS A 44 17.48 -5.12 -2.27
CA HIS A 44 16.31 -5.89 -1.87
C HIS A 44 15.31 -6.05 -3.01
N LEU A 45 15.74 -5.77 -4.23
CA LEU A 45 14.85 -5.95 -5.37
C LEU A 45 15.15 -7.28 -6.05
N LYS A 46 14.12 -8.06 -6.27
CA LYS A 46 14.25 -9.35 -6.94
C LYS A 46 13.43 -9.36 -8.23
N ILE A 47 13.74 -10.32 -9.09
CA ILE A 47 12.91 -10.56 -10.24
C ILE A 47 11.59 -11.18 -9.78
N GLY A 48 10.49 -10.54 -10.11
CA GLY A 48 9.20 -11.00 -9.63
C GLY A 48 8.58 -10.04 -8.63
N ASP A 49 9.36 -9.04 -8.20
CA ASP A 49 8.84 -8.02 -7.29
C ASP A 49 7.84 -7.13 -8.02
N PRO A 50 6.66 -6.92 -7.41
CA PRO A 50 5.64 -6.04 -7.96
C PRO A 50 5.96 -4.57 -7.71
N VAL A 51 6.04 -3.79 -8.78
CA VAL A 51 6.40 -2.38 -8.65
C VAL A 51 5.36 -1.48 -9.30
N GLU A 52 5.27 -0.28 -8.78
CA GLU A 52 4.39 0.74 -9.30
C GLU A 52 5.24 1.85 -9.91
N PHE A 53 4.97 2.18 -11.17
CA PHE A 53 5.75 3.19 -11.85
C PHE A 53 4.85 4.20 -12.55
N GLU A 54 5.48 5.16 -13.19
CA GLU A 54 4.79 6.30 -13.75
C GLU A 54 5.52 6.77 -15.00
N MET A 55 4.98 6.46 -16.17
CA MET A 55 5.64 6.72 -17.43
C MET A 55 5.41 8.15 -17.88
N THR A 56 6.48 8.86 -18.21
CA THR A 56 6.39 10.24 -18.66
C THR A 56 7.47 10.53 -19.70
N TYR A 57 7.31 11.63 -20.43
CA TYR A 57 8.30 12.05 -21.41
C TYR A 57 9.06 13.27 -20.91
N ASP A 58 10.33 13.09 -20.59
CA ASP A 58 11.16 14.21 -20.16
C ASP A 58 11.61 15.01 -21.37
N ARG A 59 11.05 16.22 -21.50
CA ARG A 59 11.30 17.08 -22.65
C ARG A 59 12.73 17.62 -22.66
N ARG A 60 13.42 17.50 -21.53
CA ARG A 60 14.77 18.02 -21.40
C ARG A 60 15.77 17.10 -22.09
N THR A 61 15.75 15.83 -21.71
CA THR A 61 16.68 14.86 -22.26
C THR A 61 16.17 14.29 -23.58
N GLY A 62 14.84 14.11 -23.69
CA GLY A 62 14.25 13.67 -24.95
C GLY A 62 14.10 12.15 -25.04
N LYS A 63 13.90 11.48 -23.91
CA LYS A 63 13.68 10.04 -23.92
C LYS A 63 12.52 9.68 -22.99
N PRO A 64 11.77 8.61 -23.32
CA PRO A 64 10.68 8.14 -22.46
C PRO A 64 11.23 7.45 -21.22
N ILE A 65 10.79 7.89 -20.05
CA ILE A 65 11.30 7.35 -18.80
C ILE A 65 10.17 7.04 -17.83
N ALA A 66 10.51 6.32 -16.78
CA ALA A 66 9.59 6.05 -15.71
C ALA A 66 9.94 6.90 -14.51
N SER A 67 9.00 7.09 -13.61
CA SER A 67 9.24 7.81 -12.38
C SER A 67 10.12 6.97 -11.46
N GLN A 68 10.19 7.37 -10.19
CA GLN A 68 11.15 6.79 -9.25
C GLN A 68 10.77 5.39 -8.76
N VAL A 69 9.94 4.68 -9.54
CA VAL A 69 9.59 3.26 -9.32
C VAL A 69 9.52 2.84 -7.85
N SER A 70 8.31 2.81 -7.31
CA SER A 70 8.13 2.41 -5.93
C SER A 70 7.55 1.00 -5.89
N LYS A 71 8.04 0.18 -4.99
CA LYS A 71 7.53 -1.18 -4.88
C LYS A 71 6.15 -1.16 -4.23
N ILE A 72 5.28 -2.04 -4.66
CA ILE A 72 3.90 -2.05 -4.18
C ILE A 72 3.81 -2.64 -2.79
N ALA A 73 3.38 -1.82 -1.84
CA ALA A 73 3.27 -2.24 -0.45
C ALA A 73 1.95 -2.96 -0.21
N PRO A 74 1.92 -3.93 0.72
CA PRO A 74 0.70 -4.69 1.03
C PRO A 74 -0.39 -3.84 1.67
N GLU A 75 -0.04 -3.10 2.72
CA GLU A 75 -0.99 -2.35 3.54
C GLU A 75 -2.05 -3.26 4.14
N VAL A 76 -1.83 -3.66 5.39
CA VAL A 76 -2.76 -4.54 6.08
C VAL A 76 -3.95 -3.74 6.60
N VAL A 77 -5.13 -4.02 6.04
CA VAL A 77 -6.33 -3.28 6.42
C VAL A 77 -6.78 -3.64 7.84
N LEU A 78 -6.54 -2.72 8.77
CA LEU A 78 -6.89 -2.94 10.17
C LEU A 78 -8.23 -2.30 10.53
N SER A 79 -8.93 -1.79 9.53
CA SER A 79 -10.19 -1.14 9.79
C SER A 79 -11.14 -1.28 8.61
N GLU A 80 -12.08 -2.20 8.72
CA GLU A 80 -13.19 -2.31 7.79
C GLU A 80 -14.48 -2.46 8.57
N GLU A 81 -14.61 -3.60 9.24
CA GLU A 81 -15.72 -3.86 10.13
C GLU A 81 -15.38 -5.07 11.00
N ARG A 82 -15.90 -5.07 12.22
CA ARG A 82 -15.60 -6.14 13.16
C ARG A 82 -16.52 -7.33 12.88
N VAL A 83 -15.98 -8.34 12.21
CA VAL A 83 -16.74 -9.54 11.90
C VAL A 83 -16.87 -10.42 13.13
N THR A 84 -17.88 -11.26 13.13
CA THR A 84 -18.14 -12.13 14.27
C THR A 84 -18.16 -13.59 13.83
N GLY A 85 -17.62 -14.46 14.68
CA GLY A 85 -17.61 -15.86 14.37
C GLY A 85 -17.85 -16.70 15.61
N THR A 86 -18.06 -17.98 15.42
CA THR A 86 -18.27 -18.90 16.52
C THR A 86 -17.01 -19.72 16.74
N VAL A 87 -16.55 -19.78 17.99
CA VAL A 87 -15.40 -20.60 18.33
C VAL A 87 -15.77 -22.06 18.21
N THR A 88 -15.06 -22.78 17.37
CA THR A 88 -15.34 -24.19 17.18
C THR A 88 -14.51 -25.03 18.13
N THR A 89 -13.38 -24.47 18.56
CA THR A 89 -12.50 -25.11 19.52
C THR A 89 -11.74 -24.03 20.30
N GLU A 90 -11.83 -24.09 21.62
CA GLU A 90 -11.29 -23.03 22.46
C GLU A 90 -9.94 -23.42 23.05
N LEU A 91 -9.31 -22.44 23.71
CA LEU A 91 -8.04 -22.65 24.38
C LEU A 91 -8.25 -23.41 25.68
N ARG A 92 -7.33 -24.31 26.00
CA ARG A 92 -7.44 -25.09 27.21
C ARG A 92 -6.37 -24.71 28.20
N THR A 93 -6.79 -24.10 29.29
CA THR A 93 -5.90 -23.68 30.36
C THR A 93 -6.21 -24.46 31.64
N ASP A 94 -5.20 -24.73 32.43
CA ASP A 94 -5.39 -25.50 33.66
C ASP A 94 -6.01 -24.64 34.75
N SER A 95 -5.63 -23.38 34.81
CA SER A 95 -6.15 -22.47 35.81
C SER A 95 -6.13 -21.04 35.27
N ALA A 96 -6.56 -20.10 36.09
CA ALA A 96 -6.54 -18.69 35.73
C ALA A 96 -5.12 -18.14 35.84
N ASN A 97 -4.39 -18.62 36.84
CA ASN A 97 -2.99 -18.22 37.01
C ASN A 97 -2.06 -19.27 36.43
N ASN A 98 -2.63 -20.40 36.02
CA ASN A 98 -1.85 -21.43 35.36
C ASN A 98 -2.22 -21.50 33.90
N VAL A 99 -1.46 -20.79 33.11
CA VAL A 99 -1.68 -20.71 31.69
C VAL A 99 -0.34 -20.45 30.99
N LEU A 100 0.34 -21.53 30.65
CA LEU A 100 1.65 -21.43 30.06
C LEU A 100 1.80 -22.44 28.93
N ASN A 101 1.58 -21.95 27.73
CA ASN A 101 1.73 -22.75 26.53
C ASN A 101 2.53 -21.98 25.49
N SER A 102 2.38 -20.66 25.54
CA SER A 102 3.13 -19.75 24.69
C SER A 102 2.89 -20.04 23.20
N SER A 103 1.68 -19.71 22.75
CA SER A 103 1.28 -19.78 21.34
C SER A 103 1.51 -21.14 20.69
N GLU A 104 1.59 -22.21 21.48
CA GLU A 104 1.78 -23.54 20.91
C GLU A 104 0.46 -24.09 20.37
N THR A 105 -0.61 -23.91 21.15
CA THR A 105 -1.92 -24.38 20.77
C THR A 105 -2.80 -23.22 20.37
N THR A 106 -3.34 -23.28 19.17
CA THR A 106 -4.19 -22.24 18.66
C THR A 106 -5.66 -22.70 18.64
N GLY A 107 -6.53 -21.83 19.11
CA GLY A 107 -7.95 -22.13 19.06
C GLY A 107 -8.51 -21.89 17.66
N ARG A 108 -9.76 -22.24 17.45
CA ARG A 108 -10.36 -22.12 16.12
C ARG A 108 -11.64 -21.29 16.16
N ILE A 109 -11.66 -20.23 15.35
CA ILE A 109 -12.86 -19.43 15.17
C ILE A 109 -13.38 -19.63 13.74
N SER A 110 -14.65 -19.94 13.60
CA SER A 110 -15.22 -20.19 12.30
C SER A 110 -16.28 -19.14 11.95
N TYR A 111 -16.18 -18.61 10.75
CA TYR A 111 -17.17 -17.66 10.26
C TYR A 111 -17.38 -17.89 8.77
N GLU A 112 -18.53 -17.48 8.27
CA GLU A 112 -18.85 -17.68 6.87
C GLU A 112 -18.83 -16.34 6.14
N ASN A 113 -18.25 -16.34 4.95
CA ASN A 113 -18.16 -15.11 4.17
C ASN A 113 -17.95 -15.42 2.68
N ARG A 114 -18.76 -14.80 1.84
CA ARG A 114 -18.59 -14.87 0.38
C ARG A 114 -18.61 -16.31 -0.13
N GLY A 115 -19.35 -17.16 0.58
CA GLY A 115 -19.50 -18.54 0.19
C GLY A 115 -18.50 -19.45 0.86
N GLU A 116 -17.49 -18.86 1.47
CA GLU A 116 -16.42 -19.62 2.09
C GLU A 116 -16.57 -19.64 3.61
N CYS A 117 -16.38 -20.81 4.19
CA CYS A 117 -16.39 -20.97 5.63
C CYS A 117 -14.98 -21.20 6.14
N PHE A 118 -14.44 -20.23 6.86
CA PHE A 118 -13.04 -20.28 7.27
C PHE A 118 -12.89 -20.72 8.72
N PHE A 119 -11.73 -21.31 9.01
CA PHE A 119 -11.36 -21.65 10.37
C PHE A 119 -10.07 -20.90 10.73
N LEU A 120 -10.17 -19.97 11.66
CA LEU A 120 -9.08 -19.08 11.98
C LEU A 120 -8.42 -19.46 13.30
N PRO A 121 -7.08 -19.47 13.35
CA PRO A 121 -6.34 -19.69 14.59
C PRO A 121 -6.32 -18.46 15.47
N TYR A 122 -6.59 -18.64 16.75
CA TYR A 122 -6.53 -17.54 17.69
C TYR A 122 -5.83 -17.98 18.97
N THR A 123 -5.06 -17.08 19.54
CA THR A 123 -4.42 -17.34 20.82
C THR A 123 -4.99 -16.41 21.87
N LYS A 124 -4.51 -16.51 23.09
CA LYS A 124 -4.96 -15.64 24.17
C LYS A 124 -4.34 -14.24 24.03
N ASP A 125 -3.28 -14.16 23.24
CA ASP A 125 -2.59 -12.89 23.00
C ASP A 125 -3.28 -12.10 21.88
N ASP A 126 -4.22 -12.74 21.18
CA ASP A 126 -4.91 -12.10 20.06
C ASP A 126 -6.15 -11.36 20.54
N VAL A 127 -6.65 -11.72 21.70
CA VAL A 127 -7.86 -11.13 22.23
C VAL A 127 -7.52 -10.00 23.22
N GLU A 128 -7.83 -8.77 22.81
CA GLU A 128 -7.56 -7.61 23.63
C GLU A 128 -8.76 -7.31 24.54
N GLY A 129 -8.48 -7.15 25.82
CA GLY A 129 -9.51 -6.99 26.81
C GLY A 129 -9.34 -7.96 27.96
N ASN A 130 -8.51 -8.97 27.72
CA ASN A 130 -8.18 -9.99 28.72
C ASN A 130 -9.45 -10.70 29.19
N VAL A 131 -10.28 -11.10 28.24
CA VAL A 131 -11.55 -11.74 28.55
C VAL A 131 -11.54 -13.21 28.12
N ASN A 132 -12.33 -14.02 28.79
CA ASN A 132 -12.42 -15.44 28.50
C ASN A 132 -13.47 -15.70 27.43
N LEU A 133 -13.03 -16.19 26.27
CA LEU A 133 -13.93 -16.54 25.17
C LEU A 133 -13.89 -18.04 24.92
N ARG A 134 -15.02 -18.64 24.59
CA ARG A 134 -15.05 -20.09 24.41
C ARG A 134 -16.09 -20.51 23.38
N ALA A 135 -16.14 -21.79 23.06
CA ALA A 135 -17.05 -22.30 22.06
C ALA A 135 -18.50 -22.14 22.47
N GLY A 136 -19.28 -21.45 21.65
CA GLY A 136 -20.67 -21.25 21.95
C GLY A 136 -21.06 -19.78 22.08
N ASP A 137 -20.12 -18.95 22.50
CA ASP A 137 -20.37 -17.50 22.51
C ASP A 137 -19.78 -16.86 21.26
N LYS A 138 -20.16 -15.61 21.01
CA LYS A 138 -19.77 -14.95 19.78
C LYS A 138 -18.83 -13.80 20.05
N VAL A 139 -17.72 -13.82 19.33
CA VAL A 139 -16.67 -12.83 19.51
C VAL A 139 -16.48 -12.02 18.25
N SER A 140 -16.02 -10.80 18.41
CA SER A 140 -15.73 -9.93 17.28
C SER A 140 -14.23 -9.82 17.09
N PHE A 141 -13.79 -9.88 15.85
CA PHE A 141 -12.37 -9.76 15.54
C PHE A 141 -12.18 -8.98 14.25
N GLN A 142 -11.06 -8.27 14.16
CA GLN A 142 -10.78 -7.46 12.98
C GLN A 142 -9.80 -8.19 12.07
N ILE A 143 -10.29 -8.58 10.90
CA ILE A 143 -9.46 -9.25 9.92
C ILE A 143 -8.60 -8.23 9.18
N ALA A 144 -7.30 -8.29 9.41
CA ALA A 144 -6.39 -7.45 8.66
C ALA A 144 -5.94 -8.19 7.41
N THR A 145 -6.45 -7.75 6.27
CA THR A 145 -6.19 -8.45 5.02
C THR A 145 -4.87 -8.00 4.40
N ASN A 146 -3.95 -8.94 4.27
CA ASN A 146 -2.69 -8.71 3.59
C ASN A 146 -2.91 -8.87 2.09
N GLN A 147 -2.08 -8.21 1.29
CA GLN A 147 -2.15 -8.33 -0.16
C GLN A 147 -1.87 -9.77 -0.57
N ARG A 148 -1.07 -10.45 0.25
CA ARG A 148 -0.75 -11.86 0.03
C ARG A 148 -1.98 -12.74 0.29
N GLY A 149 -2.95 -12.18 1.02
CA GLY A 149 -4.15 -12.92 1.35
C GLY A 149 -3.96 -13.86 2.50
N ASN A 150 -2.84 -13.73 3.20
CA ASN A 150 -2.58 -14.51 4.40
C ASN A 150 -2.74 -13.63 5.63
N LEU A 151 -3.66 -13.99 6.50
CA LEU A 151 -3.93 -13.19 7.68
C LEU A 151 -4.39 -14.05 8.85
N GLY A 152 -4.71 -13.42 9.97
CA GLY A 152 -5.21 -14.11 11.13
C GLY A 152 -6.25 -13.29 11.86
N ALA A 153 -6.69 -13.76 13.01
CA ALA A 153 -7.69 -13.06 13.81
C ALA A 153 -7.03 -12.31 14.95
N CYS A 154 -7.05 -10.98 14.87
CA CYS A 154 -6.42 -10.16 15.90
C CYS A 154 -7.41 -9.13 16.42
N HIS A 155 -7.07 -8.52 17.57
CA HIS A 155 -7.93 -7.53 18.21
C HIS A 155 -9.29 -8.14 18.55
N ILE A 156 -9.26 -9.41 18.93
CA ILE A 156 -10.47 -10.15 19.27
C ILE A 156 -11.05 -9.66 20.59
N ARG A 157 -12.38 -9.62 20.67
CA ARG A 157 -13.04 -9.26 21.92
C ARG A 157 -14.39 -9.97 22.04
N LEU A 158 -14.73 -10.39 23.25
CA LEU A 158 -16.01 -11.02 23.52
C LEU A 158 -17.11 -9.97 23.57
N GLU A 159 -17.93 -9.92 22.54
CA GLU A 159 -18.97 -8.92 22.44
C GLU A 159 -20.35 -9.49 22.77
N ASN A 160 -20.59 -10.73 22.39
CA ASN A 160 -21.88 -11.35 22.61
C ASN A 160 -21.75 -12.73 23.24
N PRO A 161 -21.74 -12.79 24.58
CA PRO A 161 -21.67 -14.07 25.30
C PRO A 161 -23.02 -14.78 25.33
N ALA A 162 -23.01 -16.09 25.51
CA ALA A 162 -24.24 -16.86 25.54
C ALA A 162 -24.86 -16.82 26.93
N GLN A 163 -24.13 -16.23 27.84
CA GLN A 163 -24.55 -16.07 29.23
C GLN A 163 -23.54 -15.20 29.98
N PRO A 164 -23.90 -13.97 30.33
CA PRO A 164 -23.04 -13.09 31.12
C PRO A 164 -22.81 -13.63 32.53
N VAL A 165 -21.56 -13.83 32.89
CA VAL A 165 -21.20 -14.33 34.21
C VAL A 165 -20.48 -13.25 35.02
N GLY A 1 0.76 19.68 -7.86
CA GLY A 1 -0.37 19.70 -6.96
C GLY A 1 -0.88 18.31 -6.64
N ALA A 2 -0.90 17.45 -7.66
CA ALA A 2 -1.40 16.10 -7.51
C ALA A 2 -0.48 15.11 -8.22
N ASP A 3 0.25 14.34 -7.45
CA ASP A 3 1.18 13.35 -8.01
C ASP A 3 0.47 12.01 -8.22
N ASP A 4 -0.49 11.73 -7.36
CA ASP A 4 -1.15 10.43 -7.33
C ASP A 4 -2.32 10.37 -8.30
N GLU A 5 -2.03 10.39 -9.60
CA GLU A 5 -3.07 10.24 -10.61
C GLU A 5 -2.90 8.96 -11.41
N GLU A 6 -2.19 9.04 -12.51
CA GLU A 6 -1.99 7.90 -13.39
C GLU A 6 -0.66 7.20 -13.07
N ARG A 7 -0.72 6.17 -12.26
CA ARG A 7 0.45 5.36 -11.97
C ARG A 7 0.16 3.90 -12.25
N GLU A 8 1.12 3.23 -12.85
CA GLU A 8 0.89 1.93 -13.46
C GLU A 8 1.77 0.87 -12.81
N THR A 9 1.25 -0.35 -12.78
CA THR A 9 1.91 -1.44 -12.09
C THR A 9 2.61 -2.39 -13.07
N GLY A 10 3.76 -2.90 -12.65
CA GLY A 10 4.50 -3.85 -13.46
C GLY A 10 5.31 -4.80 -12.60
N ILE A 11 5.97 -5.75 -13.24
CA ILE A 11 6.76 -6.74 -12.51
C ILE A 11 8.17 -6.77 -13.08
N ILE A 12 9.17 -6.91 -12.21
CA ILE A 12 10.56 -6.97 -12.65
C ILE A 12 10.81 -8.23 -13.47
N GLU A 13 11.34 -8.06 -14.68
CA GLU A 13 11.59 -9.19 -15.58
C GLU A 13 12.96 -9.80 -15.32
N LYS A 14 13.97 -8.96 -15.31
CA LYS A 14 15.34 -9.40 -15.14
C LYS A 14 16.18 -8.25 -14.63
N LEU A 15 16.97 -8.49 -13.59
CA LEU A 15 17.82 -7.46 -13.03
C LEU A 15 19.21 -7.50 -13.66
N LEU A 16 19.46 -6.51 -14.51
CA LEU A 16 20.77 -6.30 -15.08
C LEU A 16 21.44 -5.16 -14.33
N HIS A 17 22.66 -4.82 -14.71
CA HIS A 17 23.38 -3.77 -14.00
C HIS A 17 23.13 -2.41 -14.65
N SER A 18 22.90 -1.40 -13.79
CA SER A 18 22.65 -0.03 -14.22
C SER A 18 21.23 0.16 -14.75
N TYR A 19 20.69 -0.86 -15.39
CA TYR A 19 19.36 -0.80 -15.98
C TYR A 19 18.59 -2.10 -15.76
N GLY A 20 17.27 -2.00 -15.71
CA GLY A 20 16.44 -3.18 -15.51
C GLY A 20 15.26 -3.23 -16.46
N PHE A 21 14.58 -4.37 -16.52
CA PHE A 21 13.44 -4.54 -17.42
C PHE A 21 12.16 -4.79 -16.63
N ILE A 22 11.07 -4.21 -17.11
CA ILE A 22 9.76 -4.38 -16.49
C ILE A 22 8.83 -5.18 -17.40
N GLN A 23 8.20 -6.19 -16.83
CA GLN A 23 7.32 -7.09 -17.57
C GLN A 23 6.00 -6.41 -17.92
N CYS A 24 5.55 -6.66 -19.15
CA CYS A 24 4.28 -6.17 -19.63
C CYS A 24 3.11 -7.04 -19.13
N CYS A 25 3.43 -8.04 -18.33
CA CYS A 25 2.43 -8.95 -17.79
C CYS A 25 1.33 -8.20 -17.03
N GLU A 26 1.67 -7.07 -16.43
CA GLU A 26 0.72 -6.31 -15.63
C GLU A 26 0.40 -4.95 -16.27
N ARG A 27 1.19 -4.58 -17.28
CA ARG A 27 1.05 -3.28 -17.93
C ARG A 27 1.18 -3.47 -19.43
N GLN A 28 0.33 -2.79 -20.19
CA GLN A 28 0.26 -2.93 -21.64
C GLN A 28 1.51 -2.40 -22.38
N ALA A 29 2.69 -2.69 -21.82
CA ALA A 29 3.97 -2.31 -22.42
C ALA A 29 5.11 -2.73 -21.51
N ARG A 30 6.15 -3.35 -22.08
CA ARG A 30 7.36 -3.63 -21.33
C ARG A 30 8.28 -2.41 -21.39
N LEU A 31 8.95 -2.11 -20.29
CA LEU A 31 9.77 -0.89 -20.21
C LEU A 31 11.13 -1.19 -19.62
N PHE A 32 12.04 -0.27 -19.84
CA PHE A 32 13.36 -0.30 -19.23
C PHE A 32 13.50 0.87 -18.28
N PHE A 33 14.14 0.67 -17.16
CA PHE A 33 14.32 1.75 -16.20
C PHE A 33 15.74 1.76 -15.65
N HIS A 34 16.24 2.96 -15.40
CA HIS A 34 17.55 3.13 -14.82
C HIS A 34 17.43 3.01 -13.30
N PHE A 35 18.42 2.38 -12.68
CA PHE A 35 18.39 2.18 -11.23
C PHE A 35 18.43 3.51 -10.48
N SER A 36 18.86 4.57 -11.18
CA SER A 36 18.92 5.90 -10.58
C SER A 36 17.51 6.45 -10.36
N GLN A 37 16.51 5.81 -10.96
CA GLN A 37 15.12 6.22 -10.78
C GLN A 37 14.39 5.29 -9.82
N PHE A 38 15.09 4.30 -9.30
CA PHE A 38 14.47 3.37 -8.37
C PHE A 38 14.52 3.93 -6.96
N SER A 39 13.36 4.21 -6.40
CA SER A 39 13.27 4.78 -5.07
C SER A 39 13.38 3.68 -4.01
N GLY A 40 14.61 3.41 -3.58
CA GLY A 40 14.84 2.44 -2.54
C GLY A 40 16.14 1.72 -2.74
N ASN A 41 16.41 0.73 -1.89
CA ASN A 41 17.62 -0.07 -2.01
C ASN A 41 17.45 -1.10 -3.11
N ILE A 42 18.35 -1.08 -4.08
CA ILE A 42 18.28 -2.00 -5.22
C ILE A 42 18.47 -3.45 -4.77
N ASP A 43 19.15 -3.63 -3.64
CA ASP A 43 19.38 -4.97 -3.09
C ASP A 43 18.13 -5.50 -2.40
N HIS A 44 17.08 -4.69 -2.39
CA HIS A 44 15.79 -5.10 -1.84
C HIS A 44 14.83 -5.43 -2.97
N LEU A 45 15.37 -5.49 -4.18
CA LEU A 45 14.58 -5.79 -5.36
C LEU A 45 14.98 -7.13 -5.93
N LYS A 46 13.99 -7.99 -6.17
CA LYS A 46 14.24 -9.29 -6.78
C LYS A 46 13.49 -9.42 -8.11
N ILE A 47 13.81 -10.46 -8.86
CA ILE A 47 13.09 -10.76 -10.08
C ILE A 47 11.72 -11.33 -9.74
N GLY A 48 10.67 -10.60 -10.09
CA GLY A 48 9.34 -11.01 -9.72
C GLY A 48 8.73 -10.09 -8.70
N ASP A 49 9.40 -8.96 -8.45
CA ASP A 49 8.88 -7.93 -7.57
C ASP A 49 7.79 -7.13 -8.26
N PRO A 50 6.65 -6.89 -7.60
CA PRO A 50 5.59 -6.06 -8.11
C PRO A 50 5.82 -4.58 -7.79
N VAL A 51 6.14 -3.82 -8.82
CA VAL A 51 6.48 -2.42 -8.65
C VAL A 51 5.45 -1.51 -9.31
N GLU A 52 5.29 -0.32 -8.77
CA GLU A 52 4.45 0.69 -9.37
C GLU A 52 5.31 1.81 -9.93
N PHE A 53 5.06 2.17 -11.18
CA PHE A 53 5.89 3.14 -11.86
C PHE A 53 5.05 4.21 -12.53
N GLU A 54 5.73 5.16 -13.14
CA GLU A 54 5.09 6.31 -13.74
C GLU A 54 5.83 6.65 -15.03
N MET A 55 5.23 6.33 -16.17
CA MET A 55 5.90 6.52 -17.45
C MET A 55 5.75 7.95 -17.93
N THR A 56 6.87 8.59 -18.20
CA THR A 56 6.86 9.96 -18.69
C THR A 56 7.93 10.16 -19.75
N TYR A 57 7.79 11.22 -20.54
CA TYR A 57 8.77 11.54 -21.57
C TYR A 57 9.73 12.60 -21.06
N ASP A 58 11.01 12.27 -21.06
CA ASP A 58 12.04 13.20 -20.59
C ASP A 58 12.27 14.28 -21.64
N ARG A 59 12.05 15.52 -21.24
CA ARG A 59 12.16 16.66 -22.14
C ARG A 59 13.61 17.08 -22.34
N ARG A 60 14.53 16.47 -21.60
CA ARG A 60 15.95 16.80 -21.70
C ARG A 60 16.58 16.13 -22.91
N THR A 61 16.72 14.81 -22.84
CA THR A 61 17.40 14.05 -23.87
C THR A 61 16.40 13.35 -24.78
N GLY A 62 15.11 13.47 -24.46
CA GLY A 62 14.07 12.98 -25.35
C GLY A 62 13.86 11.48 -25.26
N LYS A 63 14.06 10.91 -24.08
CA LYS A 63 13.87 9.48 -23.87
C LYS A 63 12.63 9.23 -23.01
N PRO A 64 11.74 8.32 -23.44
CA PRO A 64 10.63 7.88 -22.61
C PRO A 64 11.14 7.00 -21.48
N ILE A 65 10.81 7.35 -20.25
CA ILE A 65 11.37 6.66 -19.10
C ILE A 65 10.34 6.47 -17.99
N ALA A 66 10.76 5.85 -16.91
CA ALA A 66 9.92 5.66 -15.75
C ALA A 66 10.39 6.56 -14.62
N SER A 67 9.44 7.00 -13.81
CA SER A 67 9.73 7.88 -12.67
C SER A 67 10.40 7.11 -11.52
N GLN A 68 10.15 7.58 -10.30
CA GLN A 68 10.78 7.06 -9.07
C GLN A 68 10.32 5.65 -8.69
N VAL A 69 9.96 4.83 -9.71
CA VAL A 69 9.52 3.42 -9.56
C VAL A 69 9.49 2.93 -8.11
N SER A 70 8.31 2.89 -7.52
CA SER A 70 8.18 2.55 -6.12
C SER A 70 7.56 1.18 -5.94
N LYS A 71 8.15 0.36 -5.07
CA LYS A 71 7.59 -0.96 -4.79
C LYS A 71 6.27 -0.81 -4.05
N ILE A 72 5.30 -1.65 -4.42
CA ILE A 72 3.95 -1.52 -3.90
C ILE A 72 3.87 -1.88 -2.41
N ALA A 73 3.36 -0.93 -1.64
CA ALA A 73 3.19 -1.11 -0.19
C ALA A 73 1.71 -1.18 0.17
N PRO A 74 1.26 -2.29 0.81
CA PRO A 74 -0.13 -2.47 1.22
C PRO A 74 -0.54 -1.61 2.40
N GLU A 75 -1.78 -1.13 2.37
CA GLU A 75 -2.34 -0.35 3.47
C GLU A 75 -3.77 -0.80 3.72
N VAL A 76 -4.67 -0.31 2.89
CA VAL A 76 -6.06 -0.73 2.93
C VAL A 76 -6.36 -1.65 1.76
N VAL A 77 -6.88 -2.83 2.07
CA VAL A 77 -7.25 -3.78 1.06
C VAL A 77 -8.71 -3.65 0.68
N LEU A 78 -8.97 -3.39 -0.59
CA LEU A 78 -10.32 -3.23 -1.10
C LEU A 78 -11.07 -4.56 -1.00
N SER A 79 -10.34 -5.65 -1.07
CA SER A 79 -10.93 -6.97 -1.05
C SER A 79 -10.25 -7.89 -0.03
N GLU A 80 -10.91 -8.08 1.10
CA GLU A 80 -10.45 -9.03 2.10
C GLU A 80 -11.65 -9.73 2.71
N GLU A 81 -12.22 -9.13 3.74
CA GLU A 81 -13.37 -9.71 4.40
C GLU A 81 -14.66 -9.20 3.77
N ARG A 82 -14.93 -9.68 2.56
CA ARG A 82 -16.15 -9.32 1.85
C ARG A 82 -17.36 -9.93 2.55
N VAL A 83 -18.43 -9.16 2.68
CA VAL A 83 -19.60 -9.58 3.44
C VAL A 83 -20.89 -9.16 2.75
N THR A 84 -22.00 -9.67 3.24
CA THR A 84 -23.31 -9.28 2.76
C THR A 84 -24.07 -8.58 3.87
N GLY A 85 -24.79 -7.53 3.51
CA GLY A 85 -25.47 -6.74 4.51
C GLY A 85 -26.94 -6.55 4.22
N THR A 86 -27.71 -6.32 5.26
CA THR A 86 -29.13 -6.02 5.13
C THR A 86 -29.38 -4.57 5.52
N VAL A 87 -30.03 -3.82 4.64
CA VAL A 87 -30.33 -2.43 4.92
C VAL A 87 -31.36 -2.33 6.03
N THR A 88 -31.00 -1.67 7.12
CA THR A 88 -31.93 -1.50 8.22
C THR A 88 -32.42 -0.06 8.30
N THR A 89 -31.71 0.85 7.65
CA THR A 89 -32.12 2.24 7.60
C THR A 89 -31.63 2.88 6.31
N GLU A 90 -32.52 3.56 5.61
CA GLU A 90 -32.20 4.16 4.32
C GLU A 90 -31.96 5.66 4.44
N LEU A 91 -31.77 6.30 3.30
CA LEU A 91 -31.53 7.74 3.25
C LEU A 91 -32.86 8.47 3.16
N ARG A 92 -32.99 9.54 3.94
CA ARG A 92 -34.25 10.28 4.02
C ARG A 92 -34.46 11.12 2.77
N THR A 93 -33.42 11.22 1.96
CA THR A 93 -33.47 11.95 0.71
C THR A 93 -33.75 11.02 -0.45
N ASP A 94 -32.94 9.98 -0.52
CA ASP A 94 -32.93 9.05 -1.63
C ASP A 94 -34.00 7.97 -1.47
N SER A 95 -35.05 8.30 -0.73
CA SER A 95 -36.16 7.38 -0.54
C SER A 95 -36.93 7.20 -1.84
N ALA A 96 -36.96 8.26 -2.66
CA ALA A 96 -37.67 8.23 -3.93
C ALA A 96 -37.31 9.44 -4.80
N ASN A 97 -37.96 10.57 -4.55
CA ASN A 97 -37.79 11.76 -5.38
C ASN A 97 -37.44 12.99 -4.54
N ASN A 98 -37.37 12.81 -3.22
CA ASN A 98 -37.10 13.93 -2.32
C ASN A 98 -35.59 14.14 -2.15
N VAL A 99 -34.85 13.94 -3.23
CA VAL A 99 -33.40 14.08 -3.21
C VAL A 99 -33.00 15.53 -3.45
N LEU A 100 -32.57 16.21 -2.40
CA LEU A 100 -32.07 17.56 -2.49
C LEU A 100 -30.63 17.57 -2.00
N ASN A 101 -30.26 18.61 -1.31
CA ASN A 101 -28.91 18.74 -0.78
C ASN A 101 -28.94 18.61 0.73
N SER A 102 -29.36 17.44 1.20
CA SER A 102 -29.43 17.17 2.62
C SER A 102 -28.73 15.84 2.90
N SER A 103 -27.42 15.83 2.72
CA SER A 103 -26.63 14.62 2.89
C SER A 103 -26.28 14.39 4.36
N GLU A 104 -27.11 14.93 5.24
CA GLU A 104 -26.96 14.74 6.68
C GLU A 104 -27.60 13.43 7.10
N THR A 105 -28.32 12.83 6.17
CA THR A 105 -28.93 11.53 6.37
C THR A 105 -27.90 10.42 6.14
N THR A 106 -27.76 9.53 7.11
CA THR A 106 -26.83 8.43 6.99
C THR A 106 -27.53 7.10 7.24
N GLY A 107 -27.53 6.24 6.23
CA GLY A 107 -28.20 4.97 6.33
C GLY A 107 -27.45 3.99 7.22
N ARG A 108 -28.06 2.83 7.44
CA ARG A 108 -27.47 1.80 8.29
C ARG A 108 -27.54 0.44 7.59
N ILE A 109 -26.40 -0.22 7.49
CA ILE A 109 -26.34 -1.57 6.97
C ILE A 109 -25.97 -2.54 8.08
N SER A 110 -26.78 -3.57 8.26
CA SER A 110 -26.50 -4.56 9.28
C SER A 110 -25.94 -5.82 8.63
N TYR A 111 -24.78 -6.26 9.09
CA TYR A 111 -24.14 -7.45 8.53
C TYR A 111 -23.66 -8.33 9.68
N GLU A 112 -23.52 -9.62 9.43
CA GLU A 112 -23.09 -10.55 10.45
C GLU A 112 -21.72 -11.12 10.11
N ASN A 113 -20.75 -10.87 10.98
CA ASN A 113 -19.41 -11.38 10.81
C ASN A 113 -18.86 -11.76 12.18
N ARG A 114 -18.26 -12.95 12.27
CA ARG A 114 -17.71 -13.47 13.53
C ARG A 114 -18.81 -13.67 14.57
N GLY A 115 -20.04 -13.79 14.09
CA GLY A 115 -21.17 -14.01 14.98
C GLY A 115 -21.69 -12.73 15.59
N GLU A 116 -21.39 -11.61 14.94
CA GLU A 116 -21.81 -10.31 15.43
C GLU A 116 -22.42 -9.47 14.30
N CYS A 117 -23.55 -8.84 14.58
CA CYS A 117 -24.21 -8.00 13.60
C CYS A 117 -24.14 -6.53 14.00
N PHE A 118 -23.47 -5.73 13.19
CA PHE A 118 -23.27 -4.32 13.49
C PHE A 118 -23.98 -3.45 12.47
N PHE A 119 -24.00 -2.14 12.74
CA PHE A 119 -24.67 -1.17 11.86
C PHE A 119 -23.63 -0.23 11.25
N LEU A 120 -23.57 -0.23 9.92
CA LEU A 120 -22.60 0.57 9.19
C LEU A 120 -23.25 1.78 8.52
N PRO A 121 -22.62 2.95 8.65
CA PRO A 121 -23.06 4.17 7.96
C PRO A 121 -22.68 4.16 6.48
N TYR A 122 -23.59 4.61 5.62
CA TYR A 122 -23.31 4.68 4.20
C TYR A 122 -24.09 5.81 3.55
N THR A 123 -23.63 6.22 2.38
CA THR A 123 -24.30 7.23 1.58
C THR A 123 -24.60 6.67 0.19
N LYS A 124 -25.31 7.42 -0.64
CA LYS A 124 -25.57 7.00 -2.02
C LYS A 124 -24.26 6.96 -2.81
N ASP A 125 -23.29 7.72 -2.34
CA ASP A 125 -22.00 7.86 -3.01
C ASP A 125 -21.17 6.57 -2.90
N ASP A 126 -21.50 5.76 -1.90
CA ASP A 126 -20.79 4.51 -1.67
C ASP A 126 -21.39 3.38 -2.48
N VAL A 127 -22.46 3.68 -3.21
CA VAL A 127 -23.20 2.66 -3.94
C VAL A 127 -22.71 2.53 -5.38
N GLU A 128 -22.58 1.29 -5.85
CA GLU A 128 -22.13 1.01 -7.21
C GLU A 128 -23.29 1.14 -8.19
N GLY A 129 -23.12 1.98 -9.20
CA GLY A 129 -24.15 2.19 -10.19
C GLY A 129 -25.28 3.06 -9.68
N ASN A 130 -25.07 3.66 -8.50
CA ASN A 130 -26.03 4.54 -7.84
C ASN A 130 -27.45 3.96 -7.80
N VAL A 131 -27.54 2.64 -7.78
CA VAL A 131 -28.82 1.95 -7.73
C VAL A 131 -29.53 2.27 -6.42
N ASN A 132 -30.86 2.26 -6.47
CA ASN A 132 -31.67 2.64 -5.32
C ASN A 132 -31.77 1.49 -4.34
N LEU A 133 -31.52 1.78 -3.07
CA LEU A 133 -31.59 0.78 -2.01
C LEU A 133 -32.91 0.89 -1.28
N ARG A 134 -33.39 -0.23 -0.79
CA ARG A 134 -34.60 -0.25 0.02
C ARG A 134 -34.38 -1.13 1.23
N ALA A 135 -34.71 -0.59 2.40
CA ALA A 135 -34.46 -1.29 3.64
C ALA A 135 -35.27 -2.57 3.72
N GLY A 136 -34.58 -3.66 4.08
CA GLY A 136 -35.22 -4.95 4.13
C GLY A 136 -34.61 -5.92 3.14
N ASP A 137 -33.99 -5.41 2.08
CA ASP A 137 -33.37 -6.26 1.07
C ASP A 137 -31.88 -6.42 1.32
N LYS A 138 -31.23 -7.22 0.49
CA LYS A 138 -29.86 -7.63 0.73
C LYS A 138 -28.89 -6.93 -0.23
N VAL A 139 -27.83 -6.37 0.33
CA VAL A 139 -26.77 -5.75 -0.47
C VAL A 139 -25.42 -6.40 -0.15
N SER A 140 -24.43 -6.15 -0.99
CA SER A 140 -23.10 -6.64 -0.75
C SER A 140 -22.10 -5.50 -0.88
N PHE A 141 -21.26 -5.32 0.13
CA PHE A 141 -20.29 -4.25 0.14
C PHE A 141 -18.91 -4.79 0.45
N GLN A 142 -17.88 -4.13 -0.06
CA GLN A 142 -16.52 -4.58 0.17
C GLN A 142 -15.91 -3.79 1.31
N ILE A 143 -15.51 -4.51 2.35
CA ILE A 143 -14.84 -3.90 3.47
C ILE A 143 -13.37 -3.66 3.13
N ALA A 144 -13.02 -2.40 2.92
CA ALA A 144 -11.65 -2.02 2.72
C ALA A 144 -10.95 -1.93 4.07
N THR A 145 -10.09 -2.90 4.33
CA THR A 145 -9.46 -3.01 5.63
C THR A 145 -8.13 -2.29 5.66
N ASN A 146 -8.13 -1.12 6.28
CA ASN A 146 -6.89 -0.41 6.57
C ASN A 146 -6.12 -1.19 7.62
N GLN A 147 -4.80 -1.04 7.65
CA GLN A 147 -3.98 -1.84 8.57
C GLN A 147 -4.29 -1.49 10.03
N ARG A 148 -4.87 -0.31 10.24
CA ARG A 148 -5.34 0.10 11.57
C ARG A 148 -6.58 -0.70 11.97
N GLY A 149 -7.29 -1.23 10.99
CA GLY A 149 -8.50 -1.99 11.28
C GLY A 149 -9.70 -1.10 11.53
N ASN A 150 -9.64 0.12 11.03
CA ASN A 150 -10.74 1.06 11.19
C ASN A 150 -11.24 1.52 9.83
N LEU A 151 -12.48 1.16 9.50
CA LEU A 151 -13.04 1.45 8.18
C LEU A 151 -14.54 1.71 8.27
N GLY A 152 -15.14 1.95 7.11
CA GLY A 152 -16.58 2.09 7.02
C GLY A 152 -17.18 1.10 6.06
N ALA A 153 -18.04 1.56 5.16
CA ALA A 153 -18.63 0.71 4.15
C ALA A 153 -18.53 1.36 2.78
N CYS A 154 -17.96 0.64 1.82
CA CYS A 154 -17.77 1.17 0.48
C CYS A 154 -18.06 0.11 -0.58
N HIS A 155 -18.27 0.55 -1.81
CA HIS A 155 -18.56 -0.34 -2.93
C HIS A 155 -19.79 -1.19 -2.65
N ILE A 156 -20.87 -0.52 -2.29
CA ILE A 156 -22.11 -1.20 -1.98
C ILE A 156 -22.87 -1.54 -3.24
N ARG A 157 -23.02 -2.82 -3.50
CA ARG A 157 -23.67 -3.29 -4.70
C ARG A 157 -24.97 -4.02 -4.36
N LEU A 158 -26.04 -3.63 -5.03
CA LEU A 158 -27.35 -4.23 -4.83
C LEU A 158 -27.46 -5.52 -5.63
N GLU A 159 -27.25 -6.64 -4.96
CA GLU A 159 -27.27 -7.95 -5.62
C GLU A 159 -28.70 -8.47 -5.76
N ASN A 160 -29.59 -7.98 -4.89
CA ASN A 160 -31.00 -8.34 -4.98
C ASN A 160 -31.86 -7.08 -4.84
N PRO A 161 -32.40 -6.57 -5.96
CA PRO A 161 -33.22 -5.37 -5.97
C PRO A 161 -34.66 -5.64 -5.53
N ALA A 162 -35.30 -4.60 -5.01
CA ALA A 162 -36.64 -4.72 -4.45
C ALA A 162 -37.69 -4.17 -5.40
N GLN A 163 -38.53 -5.07 -5.92
CA GLN A 163 -39.70 -4.70 -6.72
C GLN A 163 -39.30 -3.97 -8.02
N PRO A 164 -39.11 -4.74 -9.11
CA PRO A 164 -38.80 -4.18 -10.42
C PRO A 164 -40.06 -3.62 -11.10
N VAL A 165 -39.92 -3.24 -12.37
CA VAL A 165 -41.04 -2.68 -13.12
C VAL A 165 -41.68 -3.73 -14.02
N GLY A 1 3.64 18.06 -21.03
CA GLY A 1 2.79 17.00 -20.52
C GLY A 1 2.77 16.98 -19.01
N ALA A 2 1.89 16.18 -18.45
CA ALA A 2 1.77 16.06 -17.01
C ALA A 2 2.53 14.84 -16.50
N ASP A 3 3.45 15.07 -15.57
CA ASP A 3 4.30 14.01 -15.04
C ASP A 3 3.53 13.11 -14.08
N ASP A 4 2.91 13.73 -13.08
CA ASP A 4 2.17 13.01 -12.05
C ASP A 4 0.70 12.83 -12.43
N GLU A 5 0.46 12.39 -13.66
CA GLU A 5 -0.90 12.24 -14.13
C GLU A 5 -1.35 10.79 -14.09
N GLU A 6 -0.46 9.88 -14.43
CA GLU A 6 -0.81 8.46 -14.56
C GLU A 6 0.29 7.56 -13.98
N ARG A 7 -0.11 6.59 -13.18
CA ARG A 7 0.82 5.63 -12.61
C ARG A 7 0.28 4.21 -12.72
N GLU A 8 1.18 3.27 -13.03
CA GLU A 8 0.81 1.87 -13.25
C GLU A 8 1.85 0.96 -12.63
N THR A 9 1.59 -0.34 -12.61
CA THR A 9 2.51 -1.28 -11.98
C THR A 9 3.15 -2.21 -13.02
N GLY A 10 4.19 -2.93 -12.60
CA GLY A 10 4.87 -3.86 -13.48
C GLY A 10 5.70 -4.87 -12.71
N ILE A 11 6.24 -5.86 -13.41
CA ILE A 11 7.06 -6.88 -12.81
C ILE A 11 8.47 -6.82 -13.37
N ILE A 12 9.46 -6.88 -12.51
CA ILE A 12 10.86 -6.92 -12.95
C ILE A 12 11.15 -8.22 -13.68
N GLU A 13 11.52 -8.08 -14.95
CA GLU A 13 11.88 -9.22 -15.79
C GLU A 13 13.19 -9.84 -15.33
N LYS A 14 14.21 -9.01 -15.27
CA LYS A 14 15.55 -9.45 -14.91
C LYS A 14 16.33 -8.26 -14.36
N LEU A 15 17.13 -8.50 -13.33
CA LEU A 15 17.95 -7.44 -12.76
C LEU A 15 19.37 -7.51 -13.31
N LEU A 16 19.66 -6.61 -14.23
CA LEU A 16 21.00 -6.45 -14.76
C LEU A 16 21.68 -5.32 -13.98
N HIS A 17 22.91 -5.03 -14.33
CA HIS A 17 23.63 -3.98 -13.64
C HIS A 17 23.41 -2.64 -14.34
N SER A 18 22.91 -1.68 -13.56
CA SER A 18 22.67 -0.30 -14.01
C SER A 18 21.34 -0.17 -14.75
N TYR A 19 20.88 -1.25 -15.39
CA TYR A 19 19.62 -1.21 -16.11
C TYR A 19 18.78 -2.46 -15.82
N GLY A 20 17.46 -2.30 -15.84
CA GLY A 20 16.56 -3.41 -15.59
C GLY A 20 15.35 -3.36 -16.51
N PHE A 21 14.65 -4.48 -16.64
CA PHE A 21 13.51 -4.58 -17.54
C PHE A 21 12.22 -4.87 -16.79
N ILE A 22 11.10 -4.35 -17.29
CA ILE A 22 9.79 -4.53 -16.67
C ILE A 22 8.83 -5.20 -17.65
N GLN A 23 8.19 -6.28 -17.20
CA GLN A 23 7.25 -7.01 -18.05
C GLN A 23 5.91 -6.29 -18.14
N CYS A 24 5.29 -6.40 -19.31
CA CYS A 24 4.04 -5.69 -19.62
C CYS A 24 2.80 -6.37 -19.03
N CYS A 25 3.01 -7.47 -18.32
CA CYS A 25 1.90 -8.29 -17.83
C CYS A 25 0.89 -7.48 -17.00
N GLU A 26 1.35 -6.45 -16.31
CA GLU A 26 0.48 -5.61 -15.48
C GLU A 26 0.00 -4.37 -16.22
N ARG A 27 0.52 -4.17 -17.42
CA ARG A 27 0.24 -2.96 -18.18
C ARG A 27 -0.16 -3.31 -19.61
N GLN A 28 -0.07 -2.35 -20.53
CA GLN A 28 -0.34 -2.60 -21.94
C GLN A 28 0.91 -2.33 -22.78
N ALA A 29 2.03 -2.24 -22.09
CA ALA A 29 3.30 -1.95 -22.74
C ALA A 29 4.46 -2.29 -21.81
N ARG A 30 5.50 -2.88 -22.36
CA ARG A 30 6.67 -3.24 -21.56
C ARG A 30 7.61 -2.05 -21.48
N LEU A 31 8.37 -1.97 -20.39
CA LEU A 31 9.24 -0.83 -20.16
C LEU A 31 10.57 -1.28 -19.60
N PHE A 32 11.56 -0.40 -19.68
CA PHE A 32 12.85 -0.65 -19.06
C PHE A 32 13.21 0.54 -18.19
N PHE A 33 13.83 0.27 -17.05
CA PHE A 33 14.15 1.33 -16.11
C PHE A 33 15.63 1.24 -15.73
N HIS A 34 16.23 2.38 -15.48
CA HIS A 34 17.62 2.42 -15.04
C HIS A 34 17.67 2.49 -13.52
N PHE A 35 18.80 2.14 -12.94
CA PHE A 35 18.94 2.14 -11.49
C PHE A 35 18.97 3.56 -10.92
N SER A 36 18.96 4.55 -11.80
CA SER A 36 18.89 5.94 -11.40
C SER A 36 17.42 6.35 -11.18
N GLN A 37 16.51 5.45 -11.55
CA GLN A 37 15.08 5.71 -11.45
C GLN A 37 14.41 4.74 -10.49
N PHE A 38 15.05 4.45 -9.37
CA PHE A 38 14.45 3.55 -8.39
C PHE A 38 14.32 4.22 -7.02
N SER A 39 13.21 3.98 -6.35
CA SER A 39 12.94 4.55 -5.04
C SER A 39 12.84 3.43 -4.01
N GLY A 40 13.78 3.40 -3.07
CA GLY A 40 13.77 2.39 -2.04
C GLY A 40 15.11 1.72 -1.88
N ASN A 41 15.12 0.56 -1.27
CA ASN A 41 16.36 -0.18 -1.07
C ASN A 41 16.71 -0.98 -2.31
N ILE A 42 17.73 -0.55 -3.04
CA ILE A 42 18.14 -1.24 -4.26
C ILE A 42 18.74 -2.60 -3.90
N ASP A 43 19.26 -2.71 -2.68
CA ASP A 43 19.85 -3.94 -2.18
C ASP A 43 18.80 -5.03 -2.03
N HIS A 44 17.55 -4.61 -1.90
CA HIS A 44 16.46 -5.53 -1.61
C HIS A 44 15.60 -5.79 -2.85
N LEU A 45 16.16 -5.51 -4.01
CA LEU A 45 15.46 -5.80 -5.26
C LEU A 45 15.73 -7.24 -5.69
N LYS A 46 14.68 -7.94 -6.08
CA LYS A 46 14.80 -9.32 -6.54
C LYS A 46 14.11 -9.46 -7.90
N ILE A 47 14.38 -10.57 -8.57
CA ILE A 47 13.75 -10.84 -9.86
C ILE A 47 12.34 -11.39 -9.64
N GLY A 48 11.36 -10.86 -10.36
CA GLY A 48 9.99 -11.29 -10.19
C GLY A 48 9.25 -10.41 -9.20
N ASP A 49 9.86 -9.29 -8.85
CA ASP A 49 9.29 -8.36 -7.88
C ASP A 49 8.34 -7.38 -8.58
N PRO A 50 7.14 -7.15 -8.01
CA PRO A 50 6.17 -6.19 -8.53
C PRO A 50 6.40 -4.77 -8.01
N VAL A 51 6.51 -3.81 -8.91
CA VAL A 51 6.75 -2.43 -8.53
C VAL A 51 5.69 -1.51 -9.11
N GLU A 52 5.56 -0.33 -8.52
CA GLU A 52 4.65 0.69 -9.01
C GLU A 52 5.43 1.89 -9.56
N PHE A 53 5.12 2.29 -10.78
CA PHE A 53 5.84 3.37 -11.42
C PHE A 53 4.88 4.38 -12.03
N GLU A 54 5.31 5.62 -12.07
CA GLU A 54 4.51 6.67 -12.68
C GLU A 54 5.06 6.96 -14.07
N MET A 55 4.22 6.77 -15.08
CA MET A 55 4.66 6.87 -16.47
C MET A 55 4.47 8.29 -16.96
N THR A 56 5.48 8.82 -17.62
CA THR A 56 5.48 10.22 -17.99
C THR A 56 6.41 10.46 -19.20
N TYR A 57 6.33 11.64 -19.77
CA TYR A 57 7.15 11.97 -20.93
C TYR A 57 7.93 13.25 -20.67
N ASP A 58 9.24 13.12 -20.50
CA ASP A 58 10.09 14.28 -20.28
C ASP A 58 10.45 14.92 -21.60
N ARG A 59 9.97 16.13 -21.83
CA ARG A 59 10.21 16.83 -23.09
C ARG A 59 11.60 17.46 -23.12
N ARG A 60 12.29 17.47 -21.98
CA ARG A 60 13.63 18.03 -21.91
C ARG A 60 14.60 17.05 -22.57
N THR A 61 14.43 15.77 -22.31
CA THR A 61 15.21 14.75 -22.96
C THR A 61 14.56 14.31 -24.27
N GLY A 62 13.24 14.18 -24.24
CA GLY A 62 12.50 13.79 -25.43
C GLY A 62 12.38 12.28 -25.56
N LYS A 63 12.32 11.60 -24.43
CA LYS A 63 12.18 10.15 -24.43
C LYS A 63 11.09 9.71 -23.46
N PRO A 64 10.45 8.56 -23.70
CA PRO A 64 9.46 8.00 -22.78
C PRO A 64 10.14 7.45 -21.53
N ILE A 65 9.70 7.90 -20.37
CA ILE A 65 10.36 7.53 -19.13
C ILE A 65 9.36 7.23 -18.02
N ALA A 66 9.78 6.40 -17.09
CA ALA A 66 9.03 6.18 -15.88
C ALA A 66 9.65 7.02 -14.78
N SER A 67 8.88 7.32 -13.75
CA SER A 67 9.38 8.06 -12.61
C SER A 67 10.34 7.18 -11.80
N GLN A 68 10.60 7.58 -10.57
CA GLN A 68 11.59 6.91 -9.73
C GLN A 68 11.13 5.55 -9.22
N VAL A 69 10.23 4.88 -9.96
CA VAL A 69 9.78 3.49 -9.70
C VAL A 69 9.77 3.12 -8.22
N SER A 70 8.59 3.19 -7.63
CA SER A 70 8.42 2.97 -6.20
C SER A 70 8.21 1.49 -5.89
N LYS A 71 8.63 1.10 -4.69
CA LYS A 71 8.46 -0.27 -4.22
C LYS A 71 7.11 -0.45 -3.54
N ILE A 72 6.47 -1.58 -3.82
CA ILE A 72 5.20 -1.89 -3.20
C ILE A 72 5.43 -2.60 -1.87
N ALA A 73 4.71 -2.16 -0.84
CA ALA A 73 4.83 -2.74 0.49
C ALA A 73 4.12 -4.10 0.55
N PRO A 74 4.61 -5.01 1.43
CA PRO A 74 4.01 -6.34 1.60
C PRO A 74 2.57 -6.28 2.10
N GLU A 75 1.85 -7.38 1.92
CA GLU A 75 0.45 -7.47 2.29
C GLU A 75 0.30 -8.10 3.68
N VAL A 76 -0.91 -8.02 4.22
CA VAL A 76 -1.21 -8.62 5.51
C VAL A 76 -1.34 -10.14 5.35
N VAL A 77 -0.84 -10.90 6.31
CA VAL A 77 -0.76 -12.34 6.19
C VAL A 77 -2.09 -13.03 6.47
N LEU A 78 -2.82 -13.35 5.42
CA LEU A 78 -4.07 -14.10 5.53
C LEU A 78 -3.82 -15.60 5.48
N SER A 79 -2.77 -15.99 4.75
CA SER A 79 -2.48 -17.40 4.56
C SER A 79 -1.38 -17.88 5.50
N GLU A 80 -1.82 -18.48 6.61
CA GLU A 80 -0.90 -19.10 7.55
C GLU A 80 -1.58 -20.29 8.20
N GLU A 81 -2.57 -20.01 9.03
CA GLU A 81 -3.28 -21.05 9.76
C GLU A 81 -4.78 -20.85 9.62
N ARG A 82 -5.53 -21.95 9.60
CA ARG A 82 -6.98 -21.88 9.50
C ARG A 82 -7.63 -22.24 10.84
N VAL A 83 -8.48 -21.36 11.34
CA VAL A 83 -9.04 -21.53 12.67
C VAL A 83 -10.56 -21.56 12.64
N THR A 84 -11.13 -22.14 13.69
CA THR A 84 -12.58 -22.15 13.88
C THR A 84 -12.92 -21.43 15.18
N GLY A 85 -14.00 -20.66 15.15
CA GLY A 85 -14.37 -19.91 16.32
C GLY A 85 -15.86 -19.91 16.57
N THR A 86 -16.25 -19.41 17.73
CA THR A 86 -17.64 -19.31 18.09
C THR A 86 -18.02 -17.84 18.24
N VAL A 87 -19.16 -17.45 17.69
CA VAL A 87 -19.63 -16.09 17.87
C VAL A 87 -20.01 -15.86 19.32
N THR A 88 -19.29 -14.97 19.97
CA THR A 88 -19.53 -14.70 21.36
C THR A 88 -20.53 -13.56 21.50
N THR A 89 -20.47 -12.62 20.58
CA THR A 89 -21.38 -11.49 20.55
C THR A 89 -21.57 -11.01 19.12
N GLU A 90 -22.82 -11.02 18.64
CA GLU A 90 -23.12 -10.61 17.28
C GLU A 90 -23.33 -9.11 17.21
N LEU A 91 -23.67 -8.60 16.04
CA LEU A 91 -23.93 -7.18 15.86
C LEU A 91 -25.42 -6.95 15.68
N ARG A 92 -25.84 -5.71 15.86
CA ARG A 92 -27.22 -5.31 15.59
C ARG A 92 -27.61 -5.73 14.19
N THR A 93 -28.70 -6.47 14.09
CA THR A 93 -29.19 -6.90 12.80
C THR A 93 -30.72 -6.86 12.76
N ASP A 94 -31.30 -6.32 13.83
CA ASP A 94 -32.74 -6.23 13.94
C ASP A 94 -33.25 -4.96 13.28
N SER A 95 -34.29 -5.10 12.48
CA SER A 95 -34.91 -3.97 11.81
C SER A 95 -36.31 -4.36 11.32
N ALA A 96 -37.13 -3.35 11.09
CA ALA A 96 -38.47 -3.58 10.57
C ALA A 96 -38.45 -3.52 9.04
N ASN A 97 -37.31 -3.14 8.49
CA ASN A 97 -37.16 -3.03 7.04
C ASN A 97 -36.20 -4.09 6.52
N ASN A 98 -34.93 -3.99 6.90
CA ASN A 98 -33.92 -4.90 6.42
C ASN A 98 -32.68 -4.84 7.31
N VAL A 99 -31.75 -5.76 7.10
CA VAL A 99 -30.56 -5.89 7.95
C VAL A 99 -29.52 -4.80 7.65
N LEU A 100 -29.95 -3.56 7.63
CA LEU A 100 -29.05 -2.45 7.35
C LEU A 100 -28.62 -1.78 8.63
N ASN A 101 -27.55 -2.30 9.18
CA ASN A 101 -26.95 -1.76 10.38
C ASN A 101 -25.60 -1.13 10.05
N SER A 102 -25.26 -1.17 8.77
CA SER A 102 -23.95 -0.72 8.28
C SER A 102 -22.79 -1.32 9.08
N SER A 103 -22.12 -0.51 9.88
CA SER A 103 -20.99 -0.97 10.67
C SER A 103 -20.93 -0.22 12.00
N GLU A 104 -22.11 0.08 12.55
CA GLU A 104 -22.20 0.79 13.83
C GLU A 104 -21.58 -0.04 14.95
N THR A 105 -21.90 -1.32 14.96
CA THR A 105 -21.56 -2.20 16.06
C THR A 105 -20.24 -2.91 15.82
N THR A 106 -19.79 -3.67 16.81
CA THR A 106 -18.62 -4.52 16.67
C THR A 106 -18.86 -5.83 17.42
N GLY A 107 -18.66 -6.94 16.73
CA GLY A 107 -18.91 -8.23 17.35
C GLY A 107 -17.66 -8.85 17.95
N ARG A 108 -17.82 -9.99 18.60
CA ARG A 108 -16.71 -10.70 19.20
C ARG A 108 -16.78 -12.19 18.86
N ILE A 109 -15.64 -12.73 18.42
CA ILE A 109 -15.52 -14.15 18.18
C ILE A 109 -14.53 -14.76 19.18
N SER A 110 -14.93 -15.86 19.81
CA SER A 110 -14.10 -16.53 20.79
C SER A 110 -13.55 -17.82 20.20
N TYR A 111 -12.23 -17.95 20.20
CA TYR A 111 -11.60 -19.16 19.68
C TYR A 111 -10.41 -19.55 20.55
N GLU A 112 -10.10 -20.84 20.58
CA GLU A 112 -8.95 -21.33 21.32
C GLU A 112 -7.86 -21.75 20.35
N ASN A 113 -6.70 -21.15 20.50
CA ASN A 113 -5.58 -21.43 19.62
C ASN A 113 -4.34 -21.67 20.46
N ARG A 114 -3.75 -22.85 20.30
CA ARG A 114 -2.52 -23.22 21.01
C ARG A 114 -2.75 -23.20 22.53
N GLY A 115 -3.98 -23.53 22.92
CA GLY A 115 -4.31 -23.63 24.33
C GLY A 115 -4.94 -22.36 24.89
N GLU A 116 -4.72 -21.25 24.21
CA GLU A 116 -5.17 -19.95 24.69
C GLU A 116 -6.47 -19.54 24.01
N CYS A 117 -7.40 -19.02 24.79
CA CYS A 117 -8.67 -18.53 24.28
C CYS A 117 -8.67 -17.01 24.18
N PHE A 118 -9.01 -16.48 23.02
CA PHE A 118 -9.04 -15.04 22.81
C PHE A 118 -10.36 -14.60 22.23
N PHE A 119 -10.61 -13.30 22.30
CA PHE A 119 -11.85 -12.73 21.79
C PHE A 119 -11.52 -11.65 20.75
N LEU A 120 -11.89 -11.89 19.50
CA LEU A 120 -11.54 -10.96 18.43
C LEU A 120 -12.74 -10.15 17.99
N PRO A 121 -12.54 -8.85 17.69
CA PRO A 121 -13.58 -7.98 17.17
C PRO A 121 -13.80 -8.19 15.66
N TYR A 122 -14.99 -7.85 15.18
CA TYR A 122 -15.30 -7.96 13.75
C TYR A 122 -16.55 -7.16 13.43
N THR A 123 -16.76 -6.88 12.16
CA THR A 123 -17.91 -6.12 11.72
C THR A 123 -18.80 -6.94 10.79
N LYS A 124 -19.87 -6.32 10.31
CA LYS A 124 -20.81 -6.99 9.41
C LYS A 124 -20.19 -7.17 8.02
N ASP A 125 -19.17 -6.36 7.73
CA ASP A 125 -18.57 -6.34 6.41
C ASP A 125 -17.49 -7.42 6.26
N ASP A 126 -17.14 -8.05 7.38
CA ASP A 126 -16.07 -9.05 7.39
C ASP A 126 -16.58 -10.42 7.01
N VAL A 127 -17.86 -10.67 7.22
CA VAL A 127 -18.46 -11.97 6.92
C VAL A 127 -19.04 -11.96 5.50
N GLU A 128 -18.57 -12.89 4.69
CA GLU A 128 -18.99 -12.98 3.30
C GLU A 128 -20.20 -13.88 3.15
N GLY A 129 -20.92 -13.72 2.05
CA GLY A 129 -22.10 -14.52 1.81
C GLY A 129 -23.38 -13.80 2.22
N ASN A 130 -23.21 -12.74 3.02
CA ASN A 130 -24.34 -11.94 3.53
C ASN A 130 -25.17 -12.75 4.52
N VAL A 131 -24.59 -13.84 5.02
CA VAL A 131 -25.27 -14.69 5.98
C VAL A 131 -25.33 -14.01 7.33
N ASN A 132 -26.54 -13.72 7.78
CA ASN A 132 -26.73 -13.04 9.05
C ASN A 132 -26.73 -14.03 10.20
N LEU A 133 -25.54 -14.35 10.65
CA LEU A 133 -25.32 -15.27 11.76
C LEU A 133 -25.48 -14.54 13.09
N ARG A 134 -25.90 -15.29 14.11
CA ARG A 134 -26.06 -14.73 15.44
C ARG A 134 -24.98 -15.32 16.35
N ALA A 135 -24.98 -14.93 17.62
CA ALA A 135 -24.04 -15.50 18.56
C ALA A 135 -24.46 -16.91 18.96
N GLY A 136 -23.51 -17.83 18.91
CA GLY A 136 -23.79 -19.23 19.17
C GLY A 136 -23.51 -20.11 17.97
N ASP A 137 -23.35 -19.48 16.82
CA ASP A 137 -23.02 -20.19 15.58
C ASP A 137 -21.52 -20.49 15.52
N LYS A 138 -21.15 -21.53 14.79
CA LYS A 138 -19.75 -21.90 14.63
C LYS A 138 -19.24 -21.50 13.26
N VAL A 139 -18.14 -20.77 13.25
CA VAL A 139 -17.65 -20.17 12.02
C VAL A 139 -16.19 -20.45 11.79
N SER A 140 -15.77 -20.29 10.54
CA SER A 140 -14.38 -20.36 10.16
C SER A 140 -13.98 -19.05 9.49
N PHE A 141 -12.77 -18.58 9.77
CA PHE A 141 -12.32 -17.28 9.29
C PHE A 141 -10.80 -17.27 9.12
N GLN A 142 -10.28 -16.25 8.46
CA GLN A 142 -8.85 -16.11 8.28
C GLN A 142 -8.28 -15.06 9.21
N ILE A 143 -7.19 -15.40 9.86
CA ILE A 143 -6.50 -14.48 10.75
C ILE A 143 -5.37 -13.77 10.03
N ALA A 144 -5.60 -12.52 9.65
CA ALA A 144 -4.58 -11.76 8.95
C ALA A 144 -3.67 -11.05 9.95
N THR A 145 -2.45 -11.54 10.05
CA THR A 145 -1.49 -10.98 10.99
C THR A 145 -0.68 -9.85 10.34
N ASN A 146 -0.68 -8.69 10.99
CA ASN A 146 0.14 -7.57 10.57
C ASN A 146 1.40 -7.55 11.44
N GLN A 147 2.41 -6.79 11.01
CA GLN A 147 3.72 -6.76 11.66
C GLN A 147 3.62 -6.30 13.12
N ARG A 148 2.57 -5.55 13.44
CA ARG A 148 2.35 -5.07 14.81
C ARG A 148 1.93 -6.23 15.72
N GLY A 149 1.50 -7.33 15.12
CA GLY A 149 1.05 -8.46 15.90
C GLY A 149 -0.40 -8.34 16.31
N ASN A 150 -1.05 -7.29 15.83
CA ASN A 150 -2.46 -7.08 16.09
C ASN A 150 -3.27 -7.55 14.89
N LEU A 151 -4.15 -8.52 15.11
CA LEU A 151 -4.93 -9.07 14.01
C LEU A 151 -6.41 -9.18 14.37
N GLY A 152 -7.23 -9.33 13.35
CA GLY A 152 -8.65 -9.51 13.53
C GLY A 152 -9.17 -10.61 12.64
N ALA A 153 -10.48 -10.78 12.62
CA ALA A 153 -11.08 -11.82 11.79
C ALA A 153 -11.62 -11.24 10.49
N CYS A 154 -11.11 -11.73 9.36
CA CYS A 154 -11.57 -11.28 8.07
C CYS A 154 -11.95 -12.49 7.22
N HIS A 155 -12.86 -12.28 6.25
CA HIS A 155 -13.40 -13.35 5.42
C HIS A 155 -14.00 -14.44 6.29
N ILE A 156 -15.06 -14.06 6.99
CA ILE A 156 -15.75 -14.95 7.89
C ILE A 156 -16.88 -15.66 7.16
N ARG A 157 -17.00 -16.96 7.37
CA ARG A 157 -18.08 -17.72 6.76
C ARG A 157 -18.75 -18.59 7.80
N LEU A 158 -20.01 -18.89 7.57
CA LEU A 158 -20.76 -19.76 8.46
C LEU A 158 -20.86 -21.16 7.88
N GLU A 159 -20.41 -22.15 8.64
CA GLU A 159 -20.50 -23.54 8.20
C GLU A 159 -21.49 -24.32 9.06
N ASN A 160 -21.48 -24.08 10.36
CA ASN A 160 -22.38 -24.77 11.27
C ASN A 160 -23.30 -23.78 11.98
N PRO A 161 -24.55 -23.66 11.50
CA PRO A 161 -25.51 -22.69 12.02
C PRO A 161 -26.23 -23.17 13.29
N ALA A 162 -26.70 -22.23 14.08
CA ALA A 162 -27.46 -22.53 15.28
C ALA A 162 -28.94 -22.77 14.95
N GLN A 163 -29.61 -23.54 15.79
CA GLN A 163 -30.99 -23.92 15.53
C GLN A 163 -31.94 -22.75 15.80
N PRO A 164 -32.77 -22.39 14.80
CA PRO A 164 -33.76 -21.31 14.94
C PRO A 164 -34.82 -21.62 16.00
N VAL A 165 -34.80 -20.83 17.08
CA VAL A 165 -35.73 -21.02 18.18
C VAL A 165 -37.02 -20.24 17.93
N GLY A 1 0.55 20.32 -13.29
CA GLY A 1 0.38 19.09 -12.55
C GLY A 1 -0.78 18.28 -13.06
N ALA A 2 -1.24 17.33 -12.23
CA ALA A 2 -2.39 16.46 -12.55
C ALA A 2 -2.01 15.38 -13.57
N ASP A 3 -0.85 15.55 -14.20
CA ASP A 3 -0.33 14.56 -15.14
C ASP A 3 0.34 13.44 -14.35
N ASP A 4 0.65 13.75 -13.10
CA ASP A 4 1.34 12.84 -12.19
C ASP A 4 0.40 11.72 -11.71
N GLU A 5 -0.81 11.67 -12.26
CA GLU A 5 -1.82 10.74 -11.81
C GLU A 5 -1.66 9.37 -12.47
N GLU A 6 -1.00 9.36 -13.61
CA GLU A 6 -0.85 8.13 -14.39
C GLU A 6 0.30 7.28 -13.86
N ARG A 7 0.01 6.40 -12.91
CA ARG A 7 0.99 5.44 -12.44
C ARG A 7 0.65 4.06 -12.97
N GLU A 8 1.60 3.50 -13.70
CA GLU A 8 1.42 2.22 -14.34
C GLU A 8 2.10 1.14 -13.49
N THR A 9 1.44 0.01 -13.30
CA THR A 9 1.99 -1.04 -12.47
C THR A 9 2.68 -2.09 -13.32
N GLY A 10 3.68 -2.75 -12.73
CA GLY A 10 4.43 -3.76 -13.46
C GLY A 10 5.25 -4.62 -12.53
N ILE A 11 6.01 -5.54 -13.10
CA ILE A 11 6.84 -6.43 -12.31
C ILE A 11 8.25 -6.42 -12.86
N ILE A 12 9.26 -6.56 -12.01
CA ILE A 12 10.63 -6.70 -12.48
C ILE A 12 10.79 -8.04 -13.19
N GLU A 13 11.13 -7.98 -14.47
CA GLU A 13 11.28 -9.16 -15.30
C GLU A 13 12.71 -9.68 -15.18
N LYS A 14 13.65 -8.75 -15.25
CA LYS A 14 15.06 -9.09 -15.17
C LYS A 14 15.85 -7.96 -14.54
N LEU A 15 16.99 -8.31 -13.95
CA LEU A 15 17.86 -7.32 -13.35
C LEU A 15 19.22 -7.35 -14.04
N LEU A 16 19.49 -6.30 -14.77
CA LEU A 16 20.76 -6.12 -15.44
C LEU A 16 21.61 -5.17 -14.59
N HIS A 17 22.82 -4.88 -15.01
CA HIS A 17 23.70 -4.05 -14.21
C HIS A 17 23.52 -2.59 -14.59
N SER A 18 23.00 -1.81 -13.63
CA SER A 18 22.72 -0.38 -13.81
C SER A 18 21.52 -0.16 -14.73
N TYR A 19 20.75 -1.22 -14.92
CA TYR A 19 19.59 -1.20 -15.81
C TYR A 19 18.60 -2.30 -15.41
N GLY A 20 17.32 -1.97 -15.46
CA GLY A 20 16.32 -2.91 -15.01
C GLY A 20 15.23 -3.14 -16.04
N PHE A 21 14.57 -4.29 -15.94
CA PHE A 21 13.57 -4.68 -16.91
C PHE A 21 12.20 -4.84 -16.23
N ILE A 22 11.17 -4.22 -16.80
CA ILE A 22 9.83 -4.33 -16.27
C ILE A 22 8.92 -5.07 -17.25
N GLN A 23 8.23 -6.11 -16.78
CA GLN A 23 7.43 -6.94 -17.66
C GLN A 23 6.04 -6.34 -17.90
N CYS A 24 5.56 -6.54 -19.11
CA CYS A 24 4.31 -5.95 -19.58
C CYS A 24 3.09 -6.73 -19.10
N CYS A 25 3.28 -7.76 -18.30
CA CYS A 25 2.19 -8.63 -17.85
C CYS A 25 1.03 -7.85 -17.21
N GLU A 26 1.32 -6.66 -16.68
CA GLU A 26 0.30 -5.83 -16.04
C GLU A 26 -0.35 -4.86 -17.03
N ARG A 27 0.18 -4.80 -18.24
CA ARG A 27 -0.20 -3.79 -19.22
C ARG A 27 -0.04 -4.31 -20.63
N GLN A 28 0.07 -3.41 -21.59
CA GLN A 28 0.29 -3.78 -22.98
C GLN A 28 1.55 -3.11 -23.51
N ALA A 29 2.48 -2.86 -22.61
CA ALA A 29 3.73 -2.18 -22.96
C ALA A 29 4.88 -2.66 -22.09
N ARG A 30 6.02 -2.93 -22.71
CA ARG A 30 7.23 -3.30 -21.97
C ARG A 30 8.01 -2.04 -21.60
N LEU A 31 8.24 -1.85 -20.32
CA LEU A 31 8.99 -0.70 -19.86
C LEU A 31 10.33 -1.12 -19.29
N PHE A 32 11.29 -0.21 -19.31
CA PHE A 32 12.59 -0.46 -18.73
C PHE A 32 12.98 0.73 -17.85
N PHE A 33 13.64 0.45 -16.74
CA PHE A 33 14.00 1.50 -15.81
C PHE A 33 15.49 1.46 -15.51
N HIS A 34 16.01 2.53 -14.95
CA HIS A 34 17.40 2.59 -14.57
C HIS A 34 17.52 2.65 -13.05
N PHE A 35 18.63 2.16 -12.52
CA PHE A 35 18.83 2.07 -11.08
C PHE A 35 18.84 3.45 -10.42
N SER A 36 19.12 4.47 -11.21
CA SER A 36 19.14 5.84 -10.71
C SER A 36 17.73 6.35 -10.43
N GLN A 37 16.74 5.71 -11.03
CA GLN A 37 15.35 6.14 -10.90
C GLN A 37 14.63 5.37 -9.80
N PHE A 38 15.09 4.16 -9.52
CA PHE A 38 14.47 3.32 -8.51
C PHE A 38 14.70 3.90 -7.12
N SER A 39 13.62 4.35 -6.49
CA SER A 39 13.70 4.94 -5.17
C SER A 39 13.49 3.87 -4.10
N GLY A 40 14.59 3.36 -3.58
CA GLY A 40 14.53 2.34 -2.55
C GLY A 40 15.82 1.55 -2.50
N ASN A 41 15.86 0.54 -1.65
CA ASN A 41 17.04 -0.29 -1.55
C ASN A 41 17.10 -1.28 -2.71
N ILE A 42 17.84 -0.90 -3.76
CA ILE A 42 18.01 -1.74 -4.94
C ILE A 42 18.65 -3.07 -4.57
N ASP A 43 19.40 -3.06 -3.49
CA ASP A 43 20.09 -4.24 -2.99
C ASP A 43 19.11 -5.33 -2.59
N HIS A 44 17.88 -4.93 -2.24
CA HIS A 44 16.87 -5.87 -1.80
C HIS A 44 15.78 -6.05 -2.85
N LEU A 45 16.08 -5.66 -4.08
CA LEU A 45 15.15 -5.83 -5.19
C LEU A 45 15.53 -7.09 -5.95
N LYS A 46 14.58 -8.00 -6.14
CA LYS A 46 14.86 -9.24 -6.84
C LYS A 46 13.91 -9.39 -8.02
N ILE A 47 14.12 -10.42 -8.83
CA ILE A 47 13.26 -10.68 -9.98
C ILE A 47 11.89 -11.16 -9.52
N GLY A 48 10.84 -10.56 -10.06
CA GLY A 48 9.50 -10.95 -9.66
C GLY A 48 8.92 -10.02 -8.63
N ASP A 49 9.68 -8.99 -8.28
CA ASP A 49 9.20 -7.97 -7.34
C ASP A 49 8.21 -7.04 -8.05
N PRO A 50 7.00 -6.90 -7.49
CA PRO A 50 5.96 -6.04 -8.06
C PRO A 50 6.15 -4.56 -7.69
N VAL A 51 6.07 -3.70 -8.69
CA VAL A 51 6.28 -2.27 -8.48
C VAL A 51 5.25 -1.43 -9.23
N GLU A 52 5.11 -0.19 -8.83
CA GLU A 52 4.33 0.76 -9.58
C GLU A 52 5.21 1.92 -9.99
N PHE A 53 5.08 2.37 -11.22
CA PHE A 53 5.94 3.42 -11.73
C PHE A 53 5.12 4.49 -12.43
N GLU A 54 5.62 5.70 -12.36
CA GLU A 54 4.97 6.83 -12.99
C GLU A 54 5.48 6.97 -14.42
N MET A 55 4.61 6.67 -15.37
CA MET A 55 4.98 6.69 -16.79
C MET A 55 4.93 8.12 -17.31
N THR A 56 6.08 8.73 -17.51
CA THR A 56 6.14 10.13 -17.90
C THR A 56 7.13 10.36 -19.03
N TYR A 57 7.10 11.57 -19.57
CA TYR A 57 8.05 11.97 -20.60
C TYR A 57 8.98 13.05 -20.07
N ASP A 58 10.24 12.71 -19.90
CA ASP A 58 11.24 13.68 -19.47
C ASP A 58 11.55 14.63 -20.61
N ARG A 59 11.37 15.92 -20.37
CA ARG A 59 11.52 16.93 -21.42
C ARG A 59 12.98 17.28 -21.69
N ARG A 60 13.89 16.76 -20.88
CA ARG A 60 15.31 17.02 -21.09
C ARG A 60 15.85 16.05 -22.14
N THR A 61 15.47 14.78 -22.01
CA THR A 61 15.89 13.76 -22.94
C THR A 61 14.89 13.60 -24.09
N GLY A 62 13.62 13.92 -23.81
CA GLY A 62 12.59 13.83 -24.82
C GLY A 62 12.20 12.38 -25.07
N LYS A 63 12.33 11.55 -24.06
CA LYS A 63 12.07 10.12 -24.18
C LYS A 63 11.09 9.67 -23.11
N PRO A 64 10.34 8.58 -23.36
CA PRO A 64 9.43 8.02 -22.36
C PRO A 64 10.20 7.27 -21.29
N ILE A 65 9.97 7.64 -20.05
CA ILE A 65 10.71 7.07 -18.95
C ILE A 65 9.81 6.77 -17.77
N ALA A 66 10.38 6.24 -16.71
CA ALA A 66 9.65 5.99 -15.49
C ALA A 66 10.24 6.86 -14.39
N SER A 67 9.36 7.41 -13.56
CA SER A 67 9.78 8.22 -12.43
C SER A 67 10.43 7.34 -11.34
N GLN A 68 10.25 7.75 -10.09
CA GLN A 68 10.94 7.17 -8.92
C GLN A 68 10.57 5.71 -8.60
N VAL A 69 10.17 4.93 -9.63
CA VAL A 69 9.79 3.50 -9.53
C VAL A 69 9.74 2.99 -8.09
N SER A 70 8.56 2.92 -7.52
CA SER A 70 8.41 2.57 -6.13
C SER A 70 7.72 1.21 -6.00
N LYS A 71 8.22 0.39 -5.09
CA LYS A 71 7.60 -0.90 -4.82
C LYS A 71 6.28 -0.68 -4.11
N ILE A 72 5.29 -1.50 -4.45
CA ILE A 72 3.96 -1.37 -3.87
C ILE A 72 4.00 -1.60 -2.35
N ALA A 73 3.78 -0.53 -1.61
CA ALA A 73 3.88 -0.56 -0.16
C ALA A 73 2.54 -0.26 0.50
N PRO A 74 2.38 -0.59 1.80
CA PRO A 74 1.17 -0.27 2.55
C PRO A 74 0.88 1.23 2.56
N GLU A 75 -0.40 1.58 2.58
CA GLU A 75 -0.82 2.97 2.51
C GLU A 75 -1.10 3.51 3.92
N VAL A 76 -2.07 4.42 4.02
CA VAL A 76 -2.38 5.10 5.27
C VAL A 76 -2.86 4.12 6.33
N VAL A 77 -2.53 4.38 7.59
CA VAL A 77 -2.88 3.48 8.68
C VAL A 77 -4.17 3.95 9.36
N LEU A 78 -5.23 3.17 9.20
CA LEU A 78 -6.51 3.51 9.81
C LEU A 78 -6.89 2.52 10.91
N SER A 79 -6.11 1.46 11.05
CA SER A 79 -6.43 0.39 12.00
C SER A 79 -5.92 0.68 13.40
N GLU A 80 -5.80 1.96 13.76
CA GLU A 80 -5.35 2.32 15.10
C GLU A 80 -6.52 2.49 16.06
N GLU A 81 -7.63 3.03 15.57
CA GLU A 81 -8.82 3.21 16.40
C GLU A 81 -10.03 3.60 15.56
N ARG A 82 -11.20 3.11 15.97
CA ARG A 82 -12.46 3.47 15.35
C ARG A 82 -13.29 4.28 16.34
N VAL A 83 -13.24 5.60 16.21
CA VAL A 83 -13.91 6.47 17.16
C VAL A 83 -15.33 6.78 16.69
N THR A 84 -16.11 7.36 17.60
CA THR A 84 -17.48 7.71 17.31
C THR A 84 -17.64 9.21 17.20
N GLY A 85 -18.43 9.64 16.22
CA GLY A 85 -18.65 11.05 16.02
C GLY A 85 -20.11 11.38 15.79
N THR A 86 -20.43 12.65 15.87
CA THR A 86 -21.78 13.12 15.60
C THR A 86 -21.76 14.07 14.41
N VAL A 87 -22.71 13.90 13.50
CA VAL A 87 -22.82 14.83 12.38
C VAL A 87 -23.26 16.19 12.88
N THR A 88 -22.48 17.20 12.57
CA THR A 88 -22.80 18.55 12.95
C THR A 88 -23.27 19.37 11.75
N THR A 89 -22.84 18.95 10.57
CA THR A 89 -23.25 19.62 9.34
C THR A 89 -23.20 18.64 8.17
N GLU A 90 -24.27 18.61 7.38
CA GLU A 90 -24.32 17.76 6.20
C GLU A 90 -23.83 18.54 4.98
N LEU A 91 -23.99 17.92 3.81
CA LEU A 91 -23.73 18.62 2.55
C LEU A 91 -24.81 19.67 2.35
N ARG A 92 -24.40 20.91 2.10
CA ARG A 92 -25.36 22.01 1.98
C ARG A 92 -26.25 21.82 0.76
N THR A 93 -27.52 21.57 1.02
CA THR A 93 -28.53 21.46 -0.02
C THR A 93 -29.56 22.56 0.15
N ASP A 94 -29.59 23.48 -0.81
CA ASP A 94 -30.46 24.64 -0.71
C ASP A 94 -31.93 24.24 -0.84
N SER A 95 -32.27 23.65 -1.97
CA SER A 95 -33.62 23.20 -2.22
C SER A 95 -33.69 21.68 -2.10
N ALA A 96 -34.87 21.15 -1.78
CA ALA A 96 -35.05 19.72 -1.60
C ALA A 96 -34.85 18.96 -2.92
N ASN A 97 -35.08 19.66 -4.02
CA ASN A 97 -34.92 19.07 -5.35
C ASN A 97 -33.49 19.28 -5.86
N ASN A 98 -32.80 20.26 -5.29
CA ASN A 98 -31.48 20.63 -5.75
C ASN A 98 -30.42 20.10 -4.81
N VAL A 99 -29.78 19.03 -5.22
CA VAL A 99 -28.74 18.42 -4.42
C VAL A 99 -27.38 18.69 -5.03
N LEU A 100 -26.46 19.20 -4.23
CA LEU A 100 -25.15 19.58 -4.73
C LEU A 100 -24.06 18.95 -3.88
N ASN A 101 -23.56 17.84 -4.39
CA ASN A 101 -22.46 17.13 -3.73
C ASN A 101 -21.14 17.64 -4.26
N SER A 102 -20.87 18.91 -4.00
CA SER A 102 -19.62 19.53 -4.40
C SER A 102 -18.65 19.51 -3.21
N SER A 103 -17.38 19.33 -3.51
CA SER A 103 -16.37 19.17 -2.48
C SER A 103 -15.99 20.49 -1.82
N GLU A 104 -16.69 21.57 -2.17
CA GLU A 104 -16.46 22.85 -1.51
C GLU A 104 -17.30 22.95 -0.24
N THR A 105 -18.47 22.35 -0.27
CA THR A 105 -19.33 22.30 0.90
C THR A 105 -19.15 20.94 1.57
N THR A 106 -18.16 20.88 2.45
CA THR A 106 -17.83 19.65 3.13
C THR A 106 -18.53 19.57 4.49
N GLY A 107 -19.13 18.42 4.76
CA GLY A 107 -19.82 18.23 6.02
C GLY A 107 -18.86 18.14 7.19
N ARG A 108 -19.41 18.18 8.40
CA ARG A 108 -18.58 18.16 9.60
C ARG A 108 -19.07 17.14 10.61
N ILE A 109 -18.13 16.39 11.15
CA ILE A 109 -18.40 15.45 12.23
C ILE A 109 -17.69 15.93 13.49
N SER A 110 -18.44 16.08 14.56
CA SER A 110 -17.90 16.51 15.84
C SER A 110 -17.64 15.29 16.71
N TYR A 111 -16.43 15.15 17.21
CA TYR A 111 -16.09 14.05 18.09
C TYR A 111 -15.30 14.56 19.28
N GLU A 112 -15.37 13.84 20.39
CA GLU A 112 -14.73 14.26 21.62
C GLU A 112 -13.63 13.27 22.02
N ASN A 113 -12.42 13.77 22.14
CA ASN A 113 -11.27 12.94 22.49
C ASN A 113 -10.14 13.82 23.02
N ARG A 114 -9.41 13.30 24.01
CA ARG A 114 -8.30 14.04 24.65
C ARG A 114 -8.80 15.28 25.36
N GLY A 115 -10.09 15.29 25.66
CA GLY A 115 -10.71 16.44 26.33
C GLY A 115 -11.06 17.55 25.36
N GLU A 116 -10.80 17.32 24.08
CA GLU A 116 -11.06 18.31 23.06
C GLU A 116 -12.15 17.79 22.12
N CYS A 117 -12.90 18.71 21.54
CA CYS A 117 -13.93 18.35 20.58
C CYS A 117 -13.65 19.03 19.23
N PHE A 118 -13.16 18.23 18.29
CA PHE A 118 -12.79 18.75 16.98
C PHE A 118 -13.84 18.38 15.93
N PHE A 119 -13.71 18.98 14.76
CA PHE A 119 -14.64 18.76 13.67
C PHE A 119 -13.91 18.21 12.45
N LEU A 120 -14.33 17.05 11.98
CA LEU A 120 -13.69 16.41 10.84
C LEU A 120 -14.54 16.57 9.59
N PRO A 121 -13.90 16.86 8.45
CA PRO A 121 -14.59 16.97 7.16
C PRO A 121 -14.93 15.60 6.58
N TYR A 122 -16.09 15.49 5.94
CA TYR A 122 -16.48 14.24 5.29
C TYR A 122 -17.29 14.52 4.04
N THR A 123 -17.22 13.60 3.09
CA THR A 123 -18.03 13.66 1.89
C THR A 123 -19.02 12.50 1.86
N LYS A 124 -20.11 12.66 1.12
CA LYS A 124 -21.17 11.66 1.09
C LYS A 124 -20.70 10.37 0.44
N ASP A 125 -19.73 10.49 -0.46
CA ASP A 125 -19.22 9.36 -1.22
C ASP A 125 -18.41 8.41 -0.33
N ASP A 126 -18.03 8.90 0.85
CA ASP A 126 -17.15 8.17 1.74
C ASP A 126 -17.91 7.55 2.90
N VAL A 127 -19.21 7.34 2.70
CA VAL A 127 -20.06 6.78 3.74
C VAL A 127 -20.29 5.28 3.53
N GLU A 128 -19.79 4.48 4.46
CA GLU A 128 -19.93 3.04 4.42
C GLU A 128 -21.32 2.68 4.94
N GLY A 129 -21.86 1.56 4.48
CA GLY A 129 -23.22 1.20 4.81
C GLY A 129 -24.22 1.84 3.86
N ASN A 130 -23.75 2.85 3.13
CA ASN A 130 -24.58 3.57 2.15
C ASN A 130 -25.76 4.29 2.82
N VAL A 131 -25.60 4.59 4.09
CA VAL A 131 -26.67 5.25 4.84
C VAL A 131 -26.56 6.76 4.69
N ASN A 132 -27.70 7.42 4.51
CA ASN A 132 -27.70 8.87 4.38
C ASN A 132 -27.68 9.50 5.76
N LEU A 133 -26.49 9.78 6.24
CA LEU A 133 -26.30 10.38 7.56
C LEU A 133 -26.73 11.85 7.55
N ARG A 134 -27.31 12.29 8.66
CA ARG A 134 -27.77 13.66 8.82
C ARG A 134 -27.47 14.15 10.23
N ALA A 135 -27.22 15.45 10.35
CA ALA A 135 -26.82 16.03 11.61
C ALA A 135 -27.75 15.62 12.75
N GLY A 136 -27.15 15.05 13.79
CA GLY A 136 -27.92 14.58 14.93
C GLY A 136 -27.78 13.08 15.17
N ASP A 137 -27.46 12.31 14.14
CA ASP A 137 -27.25 10.87 14.31
C ASP A 137 -25.81 10.57 14.71
N LYS A 138 -25.51 9.29 14.95
CA LYS A 138 -24.18 8.90 15.40
C LYS A 138 -23.49 8.00 14.38
N VAL A 139 -22.33 8.43 13.95
CA VAL A 139 -21.55 7.70 12.97
C VAL A 139 -20.20 7.30 13.55
N SER A 140 -19.60 6.27 12.97
CA SER A 140 -18.25 5.89 13.34
C SER A 140 -17.33 6.12 12.16
N PHE A 141 -16.21 6.79 12.40
CA PHE A 141 -15.26 7.05 11.35
C PHE A 141 -13.89 6.58 11.78
N GLN A 142 -13.18 5.98 10.85
CA GLN A 142 -11.89 5.40 11.13
C GLN A 142 -10.79 6.40 10.81
N ILE A 143 -10.06 6.80 11.83
CA ILE A 143 -9.03 7.83 11.67
C ILE A 143 -7.79 7.24 11.03
N ALA A 144 -7.52 7.65 9.80
CA ALA A 144 -6.38 7.16 9.06
C ALA A 144 -5.22 8.13 9.16
N THR A 145 -4.19 7.73 9.89
CA THR A 145 -3.02 8.57 10.11
C THR A 145 -2.01 8.40 8.96
N ASN A 146 -1.71 9.50 8.29
CA ASN A 146 -0.71 9.49 7.22
C ASN A 146 0.69 9.36 7.80
N GLN A 147 1.66 9.17 6.90
CA GLN A 147 3.05 8.91 7.29
C GLN A 147 3.65 10.04 8.15
N ARG A 148 3.09 11.24 8.07
CA ARG A 148 3.64 12.35 8.84
C ARG A 148 2.71 12.77 9.97
N GLY A 149 1.54 12.15 10.05
CA GLY A 149 0.66 12.39 11.18
C GLY A 149 -0.45 13.39 10.90
N ASN A 150 -0.65 13.76 9.64
CA ASN A 150 -1.78 14.61 9.28
C ASN A 150 -2.90 13.72 8.74
N LEU A 151 -4.12 13.93 9.22
CA LEU A 151 -5.23 13.06 8.85
C LEU A 151 -6.56 13.81 8.77
N GLY A 152 -7.60 13.06 8.47
CA GLY A 152 -8.95 13.60 8.43
C GLY A 152 -9.96 12.57 8.88
N ALA A 153 -10.93 12.27 8.04
CA ALA A 153 -11.93 11.26 8.35
C ALA A 153 -12.19 10.37 7.13
N CYS A 154 -12.16 9.06 7.34
CA CYS A 154 -12.41 8.11 6.28
C CYS A 154 -13.20 6.94 6.83
N HIS A 155 -13.86 6.21 5.93
CA HIS A 155 -14.65 5.03 6.28
C HIS A 155 -15.73 5.39 7.30
N ILE A 156 -16.56 6.37 6.97
CA ILE A 156 -17.62 6.80 7.87
C ILE A 156 -18.83 5.89 7.73
N ARG A 157 -19.13 5.15 8.78
CA ARG A 157 -20.26 4.24 8.76
C ARG A 157 -21.25 4.62 9.86
N LEU A 158 -22.51 4.75 9.48
CA LEU A 158 -23.55 5.14 10.42
C LEU A 158 -23.94 3.95 11.29
N GLU A 159 -23.71 4.09 12.59
CA GLU A 159 -23.99 3.02 13.55
C GLU A 159 -25.38 3.17 14.13
N ASN A 160 -25.67 4.33 14.69
CA ASN A 160 -26.94 4.55 15.37
C ASN A 160 -27.68 5.73 14.75
N PRO A 161 -28.76 5.44 13.99
CA PRO A 161 -29.56 6.48 13.36
C PRO A 161 -30.49 7.17 14.34
N ALA A 162 -31.31 8.08 13.83
CA ALA A 162 -32.26 8.79 14.65
C ALA A 162 -33.58 8.95 13.90
N GLN A 163 -34.65 8.43 14.49
CA GLN A 163 -36.00 8.51 13.94
C GLN A 163 -36.10 7.71 12.64
N PRO A 164 -36.49 6.42 12.74
CA PRO A 164 -36.62 5.54 11.58
C PRO A 164 -37.81 5.92 10.69
N VAL A 165 -37.56 6.02 9.39
CA VAL A 165 -38.61 6.38 8.44
C VAL A 165 -39.19 5.13 7.80
N GLY A 1 5.08 19.61 -13.64
CA GLY A 1 3.96 20.12 -12.87
C GLY A 1 2.85 19.09 -12.73
N ALA A 2 3.00 17.98 -13.44
CA ALA A 2 2.02 16.92 -13.41
C ALA A 2 2.62 15.66 -12.80
N ASP A 3 2.15 15.30 -11.61
CA ASP A 3 2.68 14.14 -10.90
C ASP A 3 1.61 13.08 -10.73
N ASP A 4 0.48 13.51 -10.20
CA ASP A 4 -0.63 12.63 -9.87
C ASP A 4 -1.54 12.39 -11.08
N GLU A 5 -0.92 12.17 -12.23
CA GLU A 5 -1.65 11.92 -13.46
C GLU A 5 -2.21 10.51 -13.48
N GLU A 6 -1.34 9.55 -13.71
CA GLU A 6 -1.71 8.15 -13.80
C GLU A 6 -0.65 7.28 -13.14
N ARG A 7 -1.09 6.35 -12.32
CA ARG A 7 -0.19 5.42 -11.65
C ARG A 7 -0.28 4.06 -12.32
N GLU A 8 0.86 3.56 -12.80
CA GLU A 8 0.88 2.28 -13.50
C GLU A 8 1.83 1.30 -12.80
N THR A 9 1.39 0.06 -12.70
CA THR A 9 2.17 -0.96 -12.01
C THR A 9 2.74 -1.98 -12.99
N GLY A 10 3.77 -2.70 -12.54
CA GLY A 10 4.37 -3.74 -13.35
C GLY A 10 5.28 -4.62 -12.51
N ILE A 11 5.79 -5.67 -13.11
CA ILE A 11 6.70 -6.57 -12.41
C ILE A 11 8.11 -6.43 -12.96
N ILE A 12 9.11 -6.57 -12.10
CA ILE A 12 10.51 -6.57 -12.53
C ILE A 12 10.79 -7.80 -13.38
N GLU A 13 11.09 -7.59 -14.65
CA GLU A 13 11.32 -8.69 -15.59
C GLU A 13 12.69 -9.32 -15.37
N LYS A 14 13.74 -8.52 -15.41
CA LYS A 14 15.09 -9.05 -15.19
C LYS A 14 16.02 -7.91 -14.79
N LEU A 15 16.86 -8.17 -13.79
CA LEU A 15 17.81 -7.17 -13.34
C LEU A 15 19.16 -7.35 -14.03
N LEU A 16 19.54 -6.33 -14.77
CA LEU A 16 20.86 -6.24 -15.38
C LEU A 16 21.63 -5.15 -14.66
N HIS A 17 22.85 -4.89 -15.08
CA HIS A 17 23.67 -3.91 -14.38
C HIS A 17 23.40 -2.53 -14.97
N SER A 18 23.14 -1.57 -14.07
CA SER A 18 22.83 -0.19 -14.42
C SER A 18 21.41 -0.02 -14.98
N TYR A 19 21.02 -0.93 -15.86
CA TYR A 19 19.69 -0.87 -16.47
C TYR A 19 18.89 -2.15 -16.19
N GLY A 20 17.58 -2.00 -16.10
CA GLY A 20 16.71 -3.13 -15.90
C GLY A 20 15.44 -3.01 -16.73
N PHE A 21 14.66 -4.09 -16.79
CA PHE A 21 13.45 -4.09 -17.60
C PHE A 21 12.21 -4.37 -16.77
N ILE A 22 11.10 -3.74 -17.13
CA ILE A 22 9.83 -3.93 -16.47
C ILE A 22 8.91 -4.77 -17.36
N GLN A 23 8.33 -5.82 -16.78
CA GLN A 23 7.55 -6.79 -17.53
C GLN A 23 6.17 -6.26 -17.86
N CYS A 24 5.77 -6.42 -19.11
CA CYS A 24 4.44 -6.05 -19.57
C CYS A 24 3.38 -7.14 -19.33
N CYS A 25 3.77 -8.26 -18.74
CA CYS A 25 2.89 -9.45 -18.68
C CYS A 25 1.57 -9.20 -17.95
N GLU A 26 1.55 -8.21 -17.07
CA GLU A 26 0.35 -7.90 -16.30
C GLU A 26 -0.37 -6.69 -16.88
N ARG A 27 0.40 -5.81 -17.48
CA ARG A 27 -0.11 -4.60 -18.12
C ARG A 27 -0.09 -4.76 -19.64
N GLN A 28 -0.09 -3.64 -20.36
CA GLN A 28 0.00 -3.69 -21.81
C GLN A 28 1.20 -2.89 -22.31
N ALA A 29 2.18 -2.66 -21.43
CA ALA A 29 3.35 -1.85 -21.78
C ALA A 29 4.59 -2.29 -21.00
N ARG A 30 5.59 -2.79 -21.74
CA ARG A 30 6.90 -3.10 -21.16
C ARG A 30 7.76 -1.85 -21.20
N LEU A 31 8.55 -1.63 -20.17
CA LEU A 31 9.38 -0.42 -20.09
C LEU A 31 10.77 -0.74 -19.57
N PHE A 32 11.69 0.17 -19.79
CA PHE A 32 13.04 0.04 -19.27
C PHE A 32 13.29 1.12 -18.23
N PHE A 33 14.12 0.81 -17.24
CA PHE A 33 14.46 1.77 -16.21
C PHE A 33 15.91 1.55 -15.79
N HIS A 34 16.50 2.56 -15.18
CA HIS A 34 17.87 2.45 -14.70
C HIS A 34 17.86 2.35 -13.19
N PHE A 35 18.97 1.90 -12.62
CA PHE A 35 19.08 1.79 -11.17
C PHE A 35 19.07 3.16 -10.52
N SER A 36 19.35 4.18 -11.31
CA SER A 36 19.28 5.56 -10.85
C SER A 36 17.83 6.05 -10.77
N GLN A 37 16.93 5.30 -11.41
CA GLN A 37 15.50 5.62 -11.38
C GLN A 37 14.76 4.74 -10.40
N PHE A 38 15.48 4.16 -9.46
CA PHE A 38 14.86 3.34 -8.41
C PHE A 38 15.22 3.90 -7.05
N SER A 39 14.25 4.52 -6.39
CA SER A 39 14.48 5.12 -5.10
C SER A 39 14.11 4.17 -3.98
N GLY A 40 15.14 3.61 -3.36
CA GLY A 40 14.96 2.66 -2.29
C GLY A 40 16.21 1.84 -2.09
N ASN A 41 16.11 0.75 -1.35
CA ASN A 41 17.27 -0.12 -1.17
C ASN A 41 17.24 -1.23 -2.20
N ILE A 42 18.28 -1.30 -3.03
CA ILE A 42 18.33 -2.26 -4.12
C ILE A 42 18.40 -3.70 -3.59
N ASP A 43 18.81 -3.83 -2.33
CA ASP A 43 18.86 -5.13 -1.66
C ASP A 43 17.47 -5.66 -1.36
N HIS A 44 16.45 -4.85 -1.65
CA HIS A 44 15.07 -5.23 -1.44
C HIS A 44 14.32 -5.23 -2.76
N LEU A 45 15.07 -5.36 -3.85
CA LEU A 45 14.49 -5.33 -5.18
C LEU A 45 14.92 -6.58 -5.94
N LYS A 46 13.96 -7.46 -6.21
CA LYS A 46 14.25 -8.74 -6.84
C LYS A 46 13.52 -8.88 -8.16
N ILE A 47 13.74 -10.01 -8.82
CA ILE A 47 13.06 -10.34 -10.06
C ILE A 47 11.73 -11.01 -9.75
N GLY A 48 10.67 -10.54 -10.37
CA GLY A 48 9.33 -11.00 -10.01
C GLY A 48 8.72 -10.13 -8.93
N ASP A 49 9.38 -9.00 -8.68
CA ASP A 49 8.96 -8.04 -7.66
C ASP A 49 7.99 -7.04 -8.28
N PRO A 50 6.78 -6.91 -7.71
CA PRO A 50 5.78 -5.94 -8.19
C PRO A 50 6.14 -4.49 -7.85
N VAL A 51 6.16 -3.64 -8.86
CA VAL A 51 6.55 -2.25 -8.68
C VAL A 51 5.47 -1.30 -9.20
N GLU A 52 5.41 -0.11 -8.61
CA GLU A 52 4.53 0.95 -9.08
C GLU A 52 5.38 2.11 -9.60
N PHE A 53 5.07 2.58 -10.79
CA PHE A 53 5.88 3.61 -11.43
C PHE A 53 5.02 4.55 -12.25
N GLU A 54 5.65 5.59 -12.79
CA GLU A 54 4.95 6.55 -13.62
C GLU A 54 5.63 6.64 -14.99
N MET A 55 4.82 6.72 -16.03
CA MET A 55 5.33 6.81 -17.40
C MET A 55 5.46 8.29 -17.78
N THR A 56 6.68 8.77 -17.94
CA THR A 56 6.89 10.18 -18.20
C THR A 56 7.90 10.42 -19.33
N TYR A 57 7.55 11.30 -20.24
CA TYR A 57 8.46 11.69 -21.31
C TYR A 57 9.33 12.86 -20.86
N ASP A 58 10.61 12.59 -20.65
CA ASP A 58 11.53 13.64 -20.26
C ASP A 58 11.91 14.47 -21.48
N ARG A 59 11.23 15.60 -21.64
CA ARG A 59 11.46 16.46 -22.80
C ARG A 59 12.80 17.19 -22.70
N ARG A 60 13.48 17.02 -21.58
CA ARG A 60 14.81 17.57 -21.41
C ARG A 60 15.79 16.81 -22.30
N THR A 61 15.49 15.53 -22.52
CA THR A 61 16.29 14.71 -23.42
C THR A 61 15.50 14.31 -24.66
N GLY A 62 14.21 14.06 -24.48
CA GLY A 62 13.34 13.68 -25.57
C GLY A 62 13.03 12.19 -25.56
N LYS A 63 13.25 11.55 -24.41
CA LYS A 63 13.06 10.12 -24.29
C LYS A 63 12.03 9.78 -23.21
N PRO A 64 11.29 8.69 -23.39
CA PRO A 64 10.34 8.21 -22.38
C PRO A 64 11.03 7.43 -21.27
N ILE A 65 10.78 7.85 -20.04
CA ILE A 65 11.37 7.19 -18.88
C ILE A 65 10.31 6.93 -17.82
N ALA A 66 10.64 6.09 -16.87
CA ALA A 66 9.80 5.88 -15.73
C ALA A 66 10.25 6.80 -14.60
N SER A 67 9.36 7.09 -13.66
CA SER A 67 9.71 7.90 -12.51
C SER A 67 10.63 7.10 -11.57
N GLN A 68 10.74 7.54 -10.33
CA GLN A 68 11.69 6.98 -9.39
C GLN A 68 11.26 5.60 -8.86
N VAL A 69 10.20 5.05 -9.45
CA VAL A 69 9.73 3.68 -9.18
C VAL A 69 9.52 3.42 -7.69
N SER A 70 8.28 3.50 -7.26
CA SER A 70 7.95 3.29 -5.86
C SER A 70 7.52 1.84 -5.63
N LYS A 71 8.11 1.21 -4.64
CA LYS A 71 7.77 -0.16 -4.32
C LYS A 71 6.45 -0.22 -3.57
N ILE A 72 5.57 -1.11 -4.01
CA ILE A 72 4.24 -1.22 -3.44
C ILE A 72 4.30 -1.75 -2.02
N ALA A 73 3.94 -0.90 -1.08
CA ALA A 73 3.98 -1.23 0.34
C ALA A 73 2.74 -2.01 0.75
N PRO A 74 2.75 -2.64 1.95
CA PRO A 74 1.57 -3.31 2.50
C PRO A 74 0.39 -2.36 2.70
N GLU A 75 -0.80 -2.92 2.77
CA GLU A 75 -2.01 -2.12 2.89
C GLU A 75 -2.23 -1.72 4.35
N VAL A 76 -3.17 -0.78 4.57
CA VAL A 76 -3.49 -0.28 5.90
C VAL A 76 -3.86 -1.43 6.85
N VAL A 77 -3.43 -1.31 8.10
CA VAL A 77 -3.69 -2.33 9.10
C VAL A 77 -5.13 -2.26 9.61
N LEU A 78 -5.95 -3.17 9.12
CA LEU A 78 -7.34 -3.28 9.56
C LEU A 78 -7.45 -4.38 10.62
N SER A 79 -6.30 -4.77 11.16
CA SER A 79 -6.28 -5.79 12.19
C SER A 79 -6.08 -5.14 13.57
N GLU A 80 -7.16 -4.57 14.07
CA GLU A 80 -7.18 -3.92 15.36
C GLU A 80 -8.57 -4.07 15.94
N GLU A 81 -8.67 -4.93 16.94
CA GLU A 81 -9.95 -5.29 17.56
C GLU A 81 -10.82 -4.07 17.82
N ARG A 82 -12.11 -4.25 17.59
CA ARG A 82 -13.08 -3.17 17.71
C ARG A 82 -13.11 -2.60 19.12
N VAL A 83 -12.55 -1.41 19.28
CA VAL A 83 -12.54 -0.73 20.55
C VAL A 83 -13.71 0.23 20.66
N THR A 84 -14.10 0.53 21.87
CA THR A 84 -15.21 1.42 22.11
C THR A 84 -14.75 2.68 22.81
N GLY A 85 -15.31 3.80 22.40
CA GLY A 85 -14.93 5.06 22.99
C GLY A 85 -16.12 5.99 23.15
N THR A 86 -15.93 7.04 23.92
CA THR A 86 -16.98 8.02 24.16
C THR A 86 -16.81 9.20 23.21
N VAL A 87 -17.89 9.55 22.51
CA VAL A 87 -17.86 10.71 21.63
C VAL A 87 -17.67 11.98 22.44
N THR A 88 -16.65 12.75 22.09
CA THR A 88 -16.39 14.00 22.76
C THR A 88 -16.65 15.19 21.84
N THR A 89 -16.88 14.91 20.57
CA THR A 89 -17.16 15.95 19.60
C THR A 89 -18.03 15.41 18.46
N GLU A 90 -19.01 16.20 18.03
CA GLU A 90 -19.98 15.75 17.03
C GLU A 90 -19.92 16.64 15.79
N LEU A 91 -20.46 16.13 14.69
CA LEU A 91 -20.61 16.92 13.47
C LEU A 91 -22.08 17.20 13.24
N ARG A 92 -22.39 18.36 12.68
CA ARG A 92 -23.76 18.81 12.58
C ARG A 92 -24.19 18.96 11.12
N THR A 93 -25.47 19.23 10.91
CA THR A 93 -26.00 19.57 9.60
C THR A 93 -25.98 21.07 9.40
N ASP A 94 -25.32 21.52 8.35
CA ASP A 94 -25.13 22.94 8.14
C ASP A 94 -25.89 23.41 6.89
N SER A 95 -25.64 24.66 6.50
CA SER A 95 -26.30 25.29 5.35
C SER A 95 -27.80 25.45 5.61
N ALA A 96 -28.57 24.38 5.39
CA ALA A 96 -30.01 24.43 5.60
C ALA A 96 -30.58 23.01 5.75
N ASN A 97 -30.26 22.38 6.89
CA ASN A 97 -30.81 21.07 7.24
C ASN A 97 -30.37 19.98 6.27
N ASN A 98 -29.39 20.27 5.45
CA ASN A 98 -28.91 19.31 4.46
C ASN A 98 -27.67 18.59 4.98
N VAL A 99 -27.46 17.36 4.54
CA VAL A 99 -26.30 16.61 4.96
C VAL A 99 -25.06 17.04 4.18
N LEU A 100 -24.00 17.30 4.92
CA LEU A 100 -22.75 17.74 4.37
C LEU A 100 -21.66 17.24 5.30
N ASN A 101 -20.75 16.46 4.75
CA ASN A 101 -19.65 15.89 5.49
C ASN A 101 -18.96 16.92 6.38
N SER A 102 -18.60 18.05 5.77
CA SER A 102 -17.90 19.13 6.46
C SER A 102 -16.57 18.59 7.00
N SER A 103 -15.77 18.05 6.08
CA SER A 103 -14.53 17.38 6.43
C SER A 103 -13.46 18.35 6.95
N GLU A 104 -13.84 19.60 7.15
CA GLU A 104 -12.95 20.60 7.72
C GLU A 104 -13.14 20.67 9.23
N THR A 105 -14.20 20.04 9.71
CA THR A 105 -14.42 19.94 11.13
C THR A 105 -14.44 18.47 11.52
N THR A 106 -13.94 18.16 12.71
CA THR A 106 -13.77 16.77 13.11
C THR A 106 -14.46 16.46 14.42
N GLY A 107 -15.36 15.49 14.37
CA GLY A 107 -15.87 14.91 15.59
C GLY A 107 -14.79 14.05 16.20
N ARG A 108 -14.84 13.82 17.51
CA ARG A 108 -13.76 13.09 18.14
C ARG A 108 -14.28 12.04 19.10
N ILE A 109 -13.59 10.91 19.11
CA ILE A 109 -13.90 9.82 20.02
C ILE A 109 -12.74 9.65 21.00
N SER A 110 -13.06 9.63 22.29
CA SER A 110 -12.04 9.42 23.31
C SER A 110 -12.16 8.00 23.85
N TYR A 111 -11.08 7.24 23.75
CA TYR A 111 -11.09 5.85 24.20
C TYR A 111 -9.88 5.58 25.09
N GLU A 112 -9.89 4.44 25.76
CA GLU A 112 -8.77 4.01 26.56
C GLU A 112 -8.54 2.53 26.33
N ASN A 113 -7.37 2.19 25.81
CA ASN A 113 -7.03 0.80 25.54
C ASN A 113 -5.65 0.47 26.07
N ARG A 114 -5.59 -0.41 27.07
CA ARG A 114 -4.33 -0.92 27.62
C ARG A 114 -3.53 0.20 28.29
N GLY A 115 -4.21 1.26 28.69
CA GLY A 115 -3.55 2.38 29.34
C GLY A 115 -3.18 3.48 28.37
N GLU A 116 -3.61 3.34 27.12
CA GLU A 116 -3.38 4.37 26.12
C GLU A 116 -4.71 5.03 25.75
N CYS A 117 -4.79 6.32 26.01
CA CYS A 117 -6.00 7.08 25.72
C CYS A 117 -5.71 8.21 24.73
N PHE A 118 -6.43 8.25 23.63
CA PHE A 118 -6.23 9.26 22.60
C PHE A 118 -7.57 9.83 22.15
N PHE A 119 -7.50 10.88 21.34
CA PHE A 119 -8.68 11.46 20.73
C PHE A 119 -8.64 11.21 19.23
N LEU A 120 -9.64 10.51 18.73
CA LEU A 120 -9.68 10.17 17.31
C LEU A 120 -10.68 11.04 16.57
N PRO A 121 -10.22 11.84 15.61
CA PRO A 121 -11.09 12.66 14.80
C PRO A 121 -11.75 11.85 13.68
N TYR A 122 -13.06 11.99 13.53
CA TYR A 122 -13.80 11.25 12.53
C TYR A 122 -14.74 12.19 11.78
N THR A 123 -15.10 11.80 10.57
CA THR A 123 -16.07 12.53 9.79
C THR A 123 -17.34 11.71 9.63
N LYS A 124 -18.40 12.33 9.13
CA LYS A 124 -19.70 11.66 9.03
C LYS A 124 -19.71 10.58 7.97
N ASP A 125 -18.76 10.64 7.06
CA ASP A 125 -18.63 9.62 6.03
C ASP A 125 -17.88 8.40 6.57
N ASP A 126 -17.38 8.50 7.80
CA ASP A 126 -16.69 7.38 8.43
C ASP A 126 -17.67 6.46 9.14
N VAL A 127 -18.89 6.94 9.33
CA VAL A 127 -19.91 6.16 10.02
C VAL A 127 -21.10 5.88 9.10
N GLU A 128 -21.29 4.63 8.75
CA GLU A 128 -22.42 4.22 7.92
C GLU A 128 -23.58 3.75 8.78
N GLY A 129 -24.71 3.46 8.15
CA GLY A 129 -25.88 3.00 8.89
C GLY A 129 -26.77 4.16 9.28
N ASN A 130 -26.26 5.38 9.13
CA ASN A 130 -27.01 6.59 9.39
C ASN A 130 -27.50 6.64 10.84
N VAL A 131 -26.64 6.23 11.75
CA VAL A 131 -26.93 6.31 13.17
C VAL A 131 -26.60 7.70 13.70
N ASN A 132 -27.33 8.12 14.72
CA ASN A 132 -27.08 9.43 15.33
C ASN A 132 -26.28 9.27 16.62
N LEU A 133 -24.98 9.20 16.47
CA LEU A 133 -24.09 9.05 17.62
C LEU A 133 -23.97 10.36 18.38
N ARG A 134 -24.19 10.28 19.68
CA ARG A 134 -24.26 11.46 20.54
C ARG A 134 -22.99 11.57 21.38
N ALA A 135 -22.53 12.79 21.61
CA ALA A 135 -21.39 13.01 22.51
C ALA A 135 -21.77 12.59 23.92
N GLY A 136 -21.10 11.55 24.40
CA GLY A 136 -21.46 10.97 25.68
C GLY A 136 -21.96 9.54 25.52
N ASP A 137 -22.20 9.17 24.27
CA ASP A 137 -22.66 7.81 23.94
C ASP A 137 -21.45 6.90 23.74
N LYS A 138 -21.68 5.63 23.42
CA LYS A 138 -20.59 4.68 23.28
C LYS A 138 -20.60 4.04 21.90
N VAL A 139 -19.56 4.30 21.12
CA VAL A 139 -19.49 3.79 19.76
C VAL A 139 -18.26 2.90 19.58
N SER A 140 -18.38 1.93 18.69
CA SER A 140 -17.29 1.04 18.38
C SER A 140 -16.62 1.46 17.08
N PHE A 141 -15.31 1.49 17.06
CA PHE A 141 -14.58 1.92 15.89
C PHE A 141 -13.28 1.13 15.74
N GLN A 142 -12.85 0.94 14.51
CA GLN A 142 -11.62 0.22 14.23
C GLN A 142 -10.51 1.20 13.90
N ILE A 143 -9.31 0.94 14.41
CA ILE A 143 -8.17 1.82 14.21
C ILE A 143 -7.24 1.25 13.13
N ALA A 144 -7.36 1.77 11.93
CA ALA A 144 -6.53 1.31 10.82
C ALA A 144 -5.33 2.23 10.62
N THR A 145 -4.15 1.72 10.94
CA THR A 145 -2.93 2.49 10.81
C THR A 145 -2.44 2.54 9.35
N ASN A 146 -2.53 3.72 8.74
CA ASN A 146 -2.09 3.91 7.36
C ASN A 146 -0.58 4.16 7.32
N GLN A 147 -0.01 4.06 6.11
CA GLN A 147 1.44 4.10 5.89
C GLN A 147 2.13 5.27 6.58
N ARG A 148 1.56 6.48 6.50
CA ARG A 148 2.23 7.65 7.06
C ARG A 148 2.00 7.77 8.57
N GLY A 149 1.32 6.78 9.14
CA GLY A 149 0.98 6.84 10.55
C GLY A 149 -0.32 7.57 10.79
N ASN A 150 -1.16 7.62 9.77
CA ASN A 150 -2.44 8.30 9.86
C ASN A 150 -3.55 7.30 10.19
N LEU A 151 -4.31 7.59 11.21
CA LEU A 151 -5.45 6.76 11.57
C LEU A 151 -6.48 7.59 12.33
N GLY A 152 -7.69 7.06 12.41
CA GLY A 152 -8.75 7.73 13.14
C GLY A 152 -9.80 6.75 13.57
N ALA A 153 -10.97 6.85 12.97
CA ALA A 153 -12.06 5.93 13.25
C ALA A 153 -12.90 5.73 12.00
N CYS A 154 -12.84 4.53 11.43
CA CYS A 154 -13.58 4.24 10.22
C CYS A 154 -14.60 3.16 10.50
N HIS A 155 -15.62 3.09 9.65
CA HIS A 155 -16.78 2.20 9.81
C HIS A 155 -17.21 2.11 11.27
N ILE A 156 -17.67 3.24 11.78
CA ILE A 156 -18.08 3.37 13.17
C ILE A 156 -19.47 2.76 13.39
N ARG A 157 -19.61 1.97 14.44
CA ARG A 157 -20.88 1.32 14.71
C ARG A 157 -21.35 1.61 16.12
N LEU A 158 -22.56 2.14 16.23
CA LEU A 158 -23.16 2.43 17.52
C LEU A 158 -23.86 1.18 18.03
N GLU A 159 -23.27 0.54 19.02
CA GLU A 159 -23.77 -0.72 19.53
C GLU A 159 -24.47 -0.56 20.88
N ASN A 160 -23.88 0.23 21.76
CA ASN A 160 -24.42 0.41 23.10
C ASN A 160 -24.73 1.88 23.34
N PRO A 161 -25.98 2.29 23.09
CA PRO A 161 -26.39 3.70 23.21
C PRO A 161 -26.54 4.14 24.66
N ALA A 162 -26.43 5.44 24.88
CA ALA A 162 -26.50 6.00 26.21
C ALA A 162 -27.21 7.35 26.19
N GLN A 163 -27.73 7.75 27.34
CA GLN A 163 -28.34 9.07 27.49
C GLN A 163 -27.48 9.93 28.40
N PRO A 164 -26.89 11.00 27.85
CA PRO A 164 -25.98 11.90 28.60
C PRO A 164 -26.52 12.34 29.96
N VAL A 165 -25.63 12.39 30.95
CA VAL A 165 -25.98 12.74 32.31
C VAL A 165 -26.75 14.08 32.37
N GLY A 1 2.57 21.85 -11.11
CA GLY A 1 1.44 20.99 -10.79
C GLY A 1 1.20 19.96 -11.87
N ALA A 2 0.19 19.11 -11.65
CA ALA A 2 -0.18 18.05 -12.61
C ALA A 2 0.97 17.09 -12.85
N ASP A 3 1.85 16.95 -11.85
CA ASP A 3 3.02 16.09 -11.98
C ASP A 3 2.76 14.76 -11.28
N ASP A 4 1.52 14.59 -10.83
CA ASP A 4 1.08 13.36 -10.18
C ASP A 4 -0.28 12.98 -10.72
N GLU A 5 -0.33 12.12 -11.73
CA GLU A 5 -1.61 11.78 -12.33
C GLU A 5 -1.99 10.32 -12.10
N GLU A 6 -1.48 9.45 -12.94
CA GLU A 6 -1.90 8.06 -12.93
C GLU A 6 -0.70 7.12 -12.97
N ARG A 7 -0.64 6.25 -11.98
CA ARG A 7 0.47 5.32 -11.83
C ARG A 7 0.12 3.94 -12.36
N GLU A 8 1.07 3.32 -13.03
CA GLU A 8 0.88 2.02 -13.63
C GLU A 8 1.68 0.96 -12.88
N THR A 9 1.07 -0.19 -12.67
CA THR A 9 1.74 -1.28 -11.98
C THR A 9 2.42 -2.22 -12.97
N GLY A 10 3.56 -2.77 -12.56
CA GLY A 10 4.28 -3.72 -13.40
C GLY A 10 5.09 -4.69 -12.56
N ILE A 11 5.85 -5.55 -13.22
CA ILE A 11 6.64 -6.56 -12.53
C ILE A 11 8.09 -6.48 -12.99
N ILE A 12 9.04 -6.67 -12.08
CA ILE A 12 10.45 -6.68 -12.44
C ILE A 12 10.77 -7.91 -13.29
N GLU A 13 11.30 -7.67 -14.49
CA GLU A 13 11.61 -8.74 -15.44
C GLU A 13 12.94 -9.39 -15.12
N LYS A 14 13.98 -8.57 -15.02
CA LYS A 14 15.34 -9.05 -14.76
C LYS A 14 16.20 -7.94 -14.19
N LEU A 15 17.15 -8.32 -13.34
CA LEU A 15 18.10 -7.36 -12.78
C LEU A 15 19.39 -7.34 -13.58
N LEU A 16 19.47 -6.39 -14.51
CA LEU A 16 20.68 -6.17 -15.28
C LEU A 16 21.54 -5.13 -14.58
N HIS A 17 22.70 -4.82 -15.15
CA HIS A 17 23.63 -3.91 -14.53
C HIS A 17 23.37 -2.48 -15.00
N SER A 18 23.07 -1.59 -14.03
CA SER A 18 22.79 -0.18 -14.27
C SER A 18 21.35 0.03 -14.78
N TYR A 19 20.90 -0.84 -15.67
CA TYR A 19 19.57 -0.75 -16.23
C TYR A 19 18.74 -1.99 -15.91
N GLY A 20 17.46 -1.80 -15.73
CA GLY A 20 16.57 -2.91 -15.44
C GLY A 20 15.37 -2.91 -16.35
N PHE A 21 14.68 -4.04 -16.43
CA PHE A 21 13.52 -4.16 -17.33
C PHE A 21 12.26 -4.48 -16.54
N ILE A 22 11.14 -3.92 -17.00
CA ILE A 22 9.85 -4.15 -16.38
C ILE A 22 8.96 -4.98 -17.31
N GLN A 23 8.39 -6.03 -16.76
CA GLN A 23 7.57 -6.95 -17.53
C GLN A 23 6.20 -6.37 -17.83
N CYS A 24 5.75 -6.63 -19.03
CA CYS A 24 4.46 -6.17 -19.51
C CYS A 24 3.30 -7.04 -19.01
N CYS A 25 3.61 -8.06 -18.21
CA CYS A 25 2.60 -9.02 -17.75
C CYS A 25 1.38 -8.33 -17.11
N GLU A 26 1.64 -7.28 -16.35
CA GLU A 26 0.59 -6.57 -15.63
C GLU A 26 0.00 -5.43 -16.50
N ARG A 27 0.68 -5.11 -17.57
CA ARG A 27 0.29 -3.99 -18.41
C ARG A 27 0.21 -4.41 -19.88
N GLN A 28 0.29 -3.47 -20.79
CA GLN A 28 0.41 -3.79 -22.21
C GLN A 28 1.65 -3.14 -22.80
N ALA A 29 2.58 -2.77 -21.92
CA ALA A 29 3.81 -2.12 -22.35
C ALA A 29 4.99 -2.64 -21.56
N ARG A 30 6.04 -3.01 -22.27
CA ARG A 30 7.29 -3.43 -21.66
C ARG A 30 8.22 -2.24 -21.57
N LEU A 31 8.72 -1.94 -20.37
CA LEU A 31 9.52 -0.75 -20.16
C LEU A 31 10.87 -1.09 -19.56
N PHE A 32 11.79 -0.16 -19.67
CA PHE A 32 13.10 -0.28 -19.04
C PHE A 32 13.36 0.94 -18.18
N PHE A 33 14.11 0.76 -17.10
CA PHE A 33 14.40 1.86 -16.19
C PHE A 33 15.83 1.72 -15.67
N HIS A 34 16.42 2.84 -15.31
CA HIS A 34 17.77 2.82 -14.78
C HIS A 34 17.72 2.81 -13.27
N PHE A 35 18.83 2.42 -12.64
CA PHE A 35 18.90 2.36 -11.17
C PHE A 35 18.76 3.75 -10.56
N SER A 36 18.87 4.77 -11.40
CA SER A 36 18.66 6.14 -10.96
C SER A 36 17.17 6.42 -10.76
N GLN A 37 16.32 5.59 -11.39
CA GLN A 37 14.87 5.76 -11.31
C GLN A 37 14.26 4.81 -10.31
N PHE A 38 15.05 4.34 -9.35
CA PHE A 38 14.54 3.47 -8.30
C PHE A 38 14.83 4.06 -6.93
N SER A 39 13.78 4.48 -6.24
CA SER A 39 13.93 5.05 -4.92
C SER A 39 13.85 3.96 -3.86
N GLY A 40 15.01 3.42 -3.50
CA GLY A 40 15.07 2.39 -2.49
C GLY A 40 16.37 1.61 -2.53
N ASN A 41 16.56 0.73 -1.56
CA ASN A 41 17.74 -0.12 -1.51
C ASN A 41 17.63 -1.23 -2.54
N ILE A 42 18.55 -1.24 -3.49
CA ILE A 42 18.51 -2.17 -4.62
C ILE A 42 18.66 -3.62 -4.15
N ASP A 43 19.19 -3.81 -2.95
CA ASP A 43 19.42 -5.15 -2.39
C ASP A 43 18.15 -5.99 -2.39
N HIS A 44 17.01 -5.34 -2.13
CA HIS A 44 15.75 -6.05 -1.96
C HIS A 44 14.87 -5.96 -3.20
N LEU A 45 15.47 -5.70 -4.35
CA LEU A 45 14.74 -5.69 -5.59
C LEU A 45 15.03 -6.97 -6.38
N LYS A 46 14.05 -7.86 -6.43
CA LYS A 46 14.22 -9.13 -7.10
C LYS A 46 13.29 -9.26 -8.28
N ILE A 47 13.46 -10.33 -9.04
CA ILE A 47 12.60 -10.60 -10.18
C ILE A 47 11.31 -11.23 -9.67
N GLY A 48 10.20 -10.63 -10.05
CA GLY A 48 8.90 -11.11 -9.61
C GLY A 48 8.24 -10.13 -8.65
N ASP A 49 9.02 -9.17 -8.16
CA ASP A 49 8.48 -8.11 -7.32
C ASP A 49 7.60 -7.18 -8.13
N PRO A 50 6.35 -6.98 -7.69
CA PRO A 50 5.44 -6.01 -8.31
C PRO A 50 5.82 -4.58 -7.92
N VAL A 51 5.90 -3.71 -8.91
CA VAL A 51 6.32 -2.35 -8.66
C VAL A 51 5.31 -1.35 -9.20
N GLU A 52 5.30 -0.16 -8.61
CA GLU A 52 4.44 0.92 -9.04
C GLU A 52 5.28 2.01 -9.71
N PHE A 53 4.93 2.38 -10.92
CA PHE A 53 5.67 3.41 -11.63
C PHE A 53 4.72 4.34 -12.39
N GLU A 54 5.22 5.50 -12.75
CA GLU A 54 4.43 6.44 -13.52
C GLU A 54 5.17 6.78 -14.81
N MET A 55 4.63 6.29 -15.92
CA MET A 55 5.27 6.48 -17.23
C MET A 55 4.97 7.86 -17.76
N THR A 56 6.01 8.63 -18.00
CA THR A 56 5.86 10.00 -18.45
C THR A 56 6.88 10.32 -19.54
N TYR A 57 6.55 11.25 -20.42
CA TYR A 57 7.46 11.66 -21.48
C TYR A 57 8.22 12.91 -21.06
N ASP A 58 9.53 12.79 -20.96
CA ASP A 58 10.37 13.88 -20.49
C ASP A 58 10.89 14.72 -21.66
N ARG A 59 10.68 16.02 -21.56
CA ARG A 59 11.10 16.95 -22.60
C ARG A 59 12.59 17.27 -22.51
N ARG A 60 13.21 16.89 -21.39
CA ARG A 60 14.61 17.19 -21.13
C ARG A 60 15.51 16.21 -21.89
N THR A 61 15.25 14.93 -21.70
CA THR A 61 15.99 13.88 -22.40
C THR A 61 15.37 13.61 -23.77
N GLY A 62 14.04 13.66 -23.82
CA GLY A 62 13.33 13.37 -25.05
C GLY A 62 12.89 11.93 -25.10
N LYS A 63 12.94 11.27 -23.96
CA LYS A 63 12.63 9.85 -23.87
C LYS A 63 11.42 9.62 -22.99
N PRO A 64 10.65 8.55 -23.25
CA PRO A 64 9.61 8.10 -22.32
C PRO A 64 10.25 7.41 -21.12
N ILE A 65 9.95 7.89 -19.93
CA ILE A 65 10.59 7.37 -18.74
C ILE A 65 9.57 6.91 -17.71
N ALA A 66 10.07 6.24 -16.69
CA ALA A 66 9.25 5.88 -15.55
C ALA A 66 9.63 6.78 -14.38
N SER A 67 8.72 6.91 -13.44
CA SER A 67 9.01 7.67 -12.23
C SER A 67 10.00 6.92 -11.34
N GLN A 68 10.07 7.30 -10.07
CA GLN A 68 11.08 6.77 -9.16
C GLN A 68 10.78 5.33 -8.72
N VAL A 69 9.77 4.74 -9.35
CA VAL A 69 9.41 3.32 -9.16
C VAL A 69 9.30 2.94 -7.68
N SER A 70 8.09 3.06 -7.15
CA SER A 70 7.84 2.71 -5.78
C SER A 70 7.69 1.21 -5.61
N LYS A 71 8.66 0.60 -4.95
CA LYS A 71 8.62 -0.83 -4.68
C LYS A 71 7.53 -1.14 -3.68
N ILE A 72 6.50 -1.82 -4.14
CA ILE A 72 5.32 -2.08 -3.33
C ILE A 72 5.66 -2.93 -2.11
N ALA A 73 5.31 -2.42 -0.94
CA ALA A 73 5.57 -3.12 0.32
C ALA A 73 4.31 -3.80 0.83
N PRO A 74 4.44 -5.03 1.36
CA PRO A 74 3.29 -5.83 1.82
C PRO A 74 2.89 -5.55 3.27
N GLU A 75 3.33 -4.42 3.79
CA GLU A 75 3.06 -4.06 5.18
C GLU A 75 1.72 -3.34 5.31
N VAL A 76 1.33 -3.06 6.54
CA VAL A 76 0.05 -2.42 6.82
C VAL A 76 0.28 -0.97 7.23
N VAL A 77 -0.70 -0.11 6.97
CA VAL A 77 -0.56 1.32 7.26
C VAL A 77 -0.63 1.60 8.75
N LEU A 78 0.54 1.70 9.38
CA LEU A 78 0.64 2.01 10.80
C LEU A 78 0.59 3.52 11.03
N SER A 79 1.05 4.29 10.06
CA SER A 79 1.16 5.73 10.22
C SER A 79 0.15 6.49 9.35
N GLU A 80 -1.07 6.56 9.86
CA GLU A 80 -2.07 7.49 9.32
C GLU A 80 -2.04 8.75 10.18
N GLU A 81 -2.45 8.61 11.43
CA GLU A 81 -2.35 9.69 12.39
C GLU A 81 -2.09 9.13 13.77
N ARG A 82 -1.27 9.84 14.53
CA ARG A 82 -0.90 9.40 15.87
C ARG A 82 -1.98 9.82 16.87
N VAL A 83 -2.83 8.88 17.23
CA VAL A 83 -3.92 9.15 18.14
C VAL A 83 -3.60 8.72 19.57
N THR A 84 -4.23 9.38 20.51
CA THR A 84 -4.07 9.02 21.91
C THR A 84 -5.41 8.54 22.47
N GLY A 85 -5.37 7.52 23.31
CA GLY A 85 -6.60 6.95 23.81
C GLY A 85 -6.49 6.54 25.26
N THR A 86 -7.61 6.12 25.82
CA THR A 86 -7.63 5.68 27.20
C THR A 86 -8.23 4.28 27.32
N VAL A 87 -7.51 3.39 27.99
CA VAL A 87 -7.95 2.02 28.19
C VAL A 87 -9.11 1.98 29.17
N THR A 88 -10.15 1.26 28.82
CA THR A 88 -11.28 1.12 29.72
C THR A 88 -11.46 -0.34 30.15
N THR A 89 -10.71 -1.23 29.52
CA THR A 89 -10.74 -2.66 29.85
C THR A 89 -9.40 -3.30 29.52
N GLU A 90 -8.79 -3.95 30.50
CA GLU A 90 -7.49 -4.61 30.30
C GLU A 90 -7.65 -6.13 30.25
N LEU A 91 -6.56 -6.83 29.98
CA LEU A 91 -6.58 -8.28 29.92
C LEU A 91 -5.98 -8.88 31.18
N ARG A 92 -6.46 -10.06 31.54
CA ARG A 92 -6.01 -10.73 32.74
C ARG A 92 -4.72 -11.48 32.52
N THR A 93 -3.67 -11.04 33.20
CA THR A 93 -2.36 -11.67 33.16
C THR A 93 -1.60 -11.33 34.43
N ASP A 94 -0.81 -12.27 34.92
CA ASP A 94 -0.03 -12.07 36.14
C ASP A 94 1.08 -11.03 35.92
N SER A 95 1.73 -11.11 34.77
CA SER A 95 2.86 -10.24 34.48
C SER A 95 3.16 -10.25 32.99
N ALA A 96 4.36 -9.80 32.64
CA ALA A 96 4.80 -9.81 31.23
C ALA A 96 4.99 -11.23 30.74
N ASN A 97 5.92 -11.96 31.34
CA ASN A 97 6.17 -13.34 30.95
C ASN A 97 5.33 -14.28 31.80
N ASN A 98 4.02 -14.18 31.64
CA ASN A 98 3.06 -15.04 32.32
C ASN A 98 1.68 -14.76 31.76
N VAL A 99 1.30 -15.54 30.76
CA VAL A 99 0.09 -15.26 30.00
C VAL A 99 -0.84 -16.46 29.92
N LEU A 100 -0.68 -17.41 30.83
CA LEU A 100 -1.53 -18.60 30.83
C LEU A 100 -2.82 -18.36 31.60
N ASN A 101 -3.09 -17.08 31.87
CA ASN A 101 -4.31 -16.66 32.55
C ASN A 101 -5.46 -16.57 31.55
N SER A 102 -5.19 -17.00 30.32
CA SER A 102 -6.16 -17.02 29.24
C SER A 102 -6.56 -15.60 28.82
N SER A 103 -5.75 -15.01 27.95
CA SER A 103 -6.04 -13.68 27.40
C SER A 103 -7.03 -13.78 26.26
N GLU A 104 -8.15 -14.43 26.52
CA GLU A 104 -9.17 -14.71 25.50
C GLU A 104 -10.08 -13.51 25.29
N THR A 105 -10.15 -12.65 26.29
CA THR A 105 -11.04 -11.51 26.26
C THR A 105 -10.38 -10.33 25.56
N THR A 106 -11.17 -9.44 25.00
CA THR A 106 -10.66 -8.28 24.31
C THR A 106 -10.74 -7.03 25.16
N GLY A 107 -9.60 -6.36 25.34
CA GLY A 107 -9.58 -5.10 26.04
C GLY A 107 -10.23 -4.01 25.22
N ARG A 108 -10.51 -2.87 25.83
CA ARG A 108 -11.21 -1.80 25.13
C ARG A 108 -10.51 -0.46 25.33
N ILE A 109 -10.33 0.25 24.23
CA ILE A 109 -9.81 1.59 24.25
C ILE A 109 -10.89 2.56 23.80
N SER A 110 -11.06 3.66 24.53
CA SER A 110 -12.02 4.66 24.15
C SER A 110 -11.40 5.62 23.14
N TYR A 111 -12.14 5.91 22.08
CA TYR A 111 -11.57 6.60 20.93
C TYR A 111 -12.65 7.32 20.13
N GLU A 112 -12.31 8.49 19.62
CA GLU A 112 -13.23 9.31 18.86
C GLU A 112 -12.56 9.73 17.55
N ASN A 113 -13.27 9.56 16.45
CA ASN A 113 -12.75 9.98 15.16
C ASN A 113 -13.90 10.32 14.21
N ARG A 114 -13.79 11.47 13.55
CA ARG A 114 -14.71 11.84 12.48
C ARG A 114 -16.14 12.01 12.99
N GLY A 115 -16.28 12.23 14.28
CA GLY A 115 -17.60 12.41 14.88
C GLY A 115 -18.15 11.11 15.44
N GLU A 116 -17.43 10.01 15.21
CA GLU A 116 -17.84 8.72 15.73
C GLU A 116 -17.09 8.39 17.02
N CYS A 117 -17.83 7.95 18.01
CA CYS A 117 -17.24 7.62 19.31
C CYS A 117 -17.51 6.17 19.66
N PHE A 118 -16.46 5.37 19.75
CA PHE A 118 -16.62 3.94 20.02
C PHE A 118 -15.34 3.36 20.64
N PHE A 119 -15.42 2.10 21.03
CA PHE A 119 -14.31 1.42 21.67
C PHE A 119 -13.69 0.40 20.71
N LEU A 120 -12.38 0.29 20.72
CA LEU A 120 -11.69 -0.70 19.89
C LEU A 120 -11.22 -1.85 20.79
N PRO A 121 -11.33 -3.10 20.31
CA PRO A 121 -10.87 -4.27 21.05
C PRO A 121 -9.39 -4.58 20.77
N TYR A 122 -8.62 -4.81 21.82
CA TYR A 122 -7.20 -5.14 21.67
C TYR A 122 -6.81 -6.27 22.61
N THR A 123 -5.82 -7.05 22.21
CA THR A 123 -5.25 -8.06 23.07
C THR A 123 -3.79 -7.71 23.39
N LYS A 124 -3.14 -8.51 24.21
CA LYS A 124 -1.76 -8.24 24.59
C LYS A 124 -0.82 -8.48 23.41
N ASP A 125 -1.32 -9.22 22.42
CA ASP A 125 -0.55 -9.50 21.21
C ASP A 125 -0.53 -8.30 20.29
N ASP A 126 -1.57 -7.48 20.35
CA ASP A 126 -1.69 -6.31 19.49
C ASP A 126 -0.76 -5.20 19.96
N VAL A 127 -0.44 -5.20 21.24
CA VAL A 127 0.45 -4.19 21.80
C VAL A 127 1.91 -4.65 21.74
N GLU A 128 2.66 -4.03 20.84
CA GLU A 128 4.08 -4.30 20.71
C GLU A 128 4.87 -3.22 21.46
N GLY A 129 5.92 -3.62 22.14
CA GLY A 129 6.69 -2.67 22.94
C GLY A 129 7.05 -3.24 24.30
N ASN A 130 6.42 -4.36 24.66
CA ASN A 130 6.71 -5.08 25.91
C ASN A 130 6.27 -4.28 27.14
N VAL A 131 5.37 -3.33 26.93
CA VAL A 131 4.86 -2.52 28.02
C VAL A 131 3.57 -3.12 28.57
N ASN A 132 3.40 -3.00 29.88
CA ASN A 132 2.19 -3.50 30.53
C ASN A 132 1.28 -2.35 30.91
N LEU A 133 0.30 -2.11 30.04
CA LEU A 133 -0.64 -1.01 30.23
C LEU A 133 -1.85 -1.46 31.03
N ARG A 134 -2.43 -0.53 31.77
CA ARG A 134 -3.60 -0.82 32.58
C ARG A 134 -4.75 0.11 32.17
N ALA A 135 -5.96 -0.25 32.54
CA ALA A 135 -7.09 0.62 32.27
C ALA A 135 -7.08 1.83 33.19
N GLY A 136 -7.08 3.01 32.57
CA GLY A 136 -7.06 4.23 33.34
C GLY A 136 -5.82 5.08 33.07
N ASP A 137 -4.81 4.52 32.42
CA ASP A 137 -3.65 5.32 32.05
C ASP A 137 -3.77 5.80 30.60
N LYS A 138 -2.81 6.60 30.17
CA LYS A 138 -2.89 7.24 28.86
C LYS A 138 -1.92 6.59 27.88
N VAL A 139 -2.48 5.96 26.85
CA VAL A 139 -1.68 5.27 25.86
C VAL A 139 -1.87 5.88 24.46
N SER A 140 -1.08 5.42 23.53
CA SER A 140 -1.20 5.83 22.14
C SER A 140 -1.03 4.61 21.25
N PHE A 141 -1.96 4.43 20.33
CA PHE A 141 -1.99 3.21 19.52
C PHE A 141 -2.05 3.54 18.04
N GLN A 142 -1.31 2.78 17.25
CA GLN A 142 -1.26 2.98 15.82
C GLN A 142 -2.28 2.11 15.13
N ILE A 143 -3.31 2.73 14.58
CA ILE A 143 -4.37 2.00 13.90
C ILE A 143 -3.91 1.59 12.51
N ALA A 144 -3.50 0.34 12.37
CA ALA A 144 -3.04 -0.16 11.10
C ALA A 144 -4.22 -0.53 10.21
N THR A 145 -4.42 0.26 9.17
CA THR A 145 -5.51 0.02 8.24
C THR A 145 -4.98 -0.61 6.97
N ASN A 146 -5.55 -1.74 6.60
CA ASN A 146 -5.19 -2.40 5.36
C ASN A 146 -6.12 -1.98 4.23
N GLN A 147 -6.01 -2.64 3.09
CA GLN A 147 -6.79 -2.26 1.92
C GLN A 147 -8.18 -2.88 1.96
N ARG A 148 -8.39 -3.77 2.91
CA ARG A 148 -9.67 -4.44 3.05
C ARG A 148 -10.59 -3.63 3.97
N GLY A 149 -9.96 -2.81 4.81
CA GLY A 149 -10.71 -2.00 5.75
C GLY A 149 -11.10 -2.78 7.00
N ASN A 150 -10.36 -3.85 7.27
CA ASN A 150 -10.64 -4.69 8.42
C ASN A 150 -9.46 -4.65 9.39
N LEU A 151 -9.66 -4.01 10.53
CA LEU A 151 -8.60 -3.82 11.50
C LEU A 151 -9.15 -3.64 12.92
N GLY A 152 -8.24 -3.46 13.87
CA GLY A 152 -8.62 -3.17 15.24
C GLY A 152 -7.68 -2.16 15.85
N ALA A 153 -6.68 -2.65 16.56
CA ALA A 153 -5.65 -1.81 17.14
C ALA A 153 -4.30 -2.54 17.07
N CYS A 154 -3.21 -1.79 17.08
CA CYS A 154 -1.88 -2.39 17.01
C CYS A 154 -0.83 -1.38 17.46
N HIS A 155 0.35 -1.87 17.82
CA HIS A 155 1.48 -1.03 18.25
C HIS A 155 1.04 0.00 19.28
N ILE A 156 0.67 -0.50 20.45
CA ILE A 156 0.18 0.33 21.53
C ILE A 156 1.32 0.71 22.48
N ARG A 157 1.60 2.00 22.59
CA ARG A 157 2.65 2.46 23.49
C ARG A 157 2.04 3.19 24.69
N LEU A 158 2.79 3.27 25.77
CA LEU A 158 2.32 3.91 26.98
C LEU A 158 2.96 5.30 27.10
N GLU A 159 2.15 6.33 27.00
CA GLU A 159 2.64 7.71 27.02
C GLU A 159 2.84 8.20 28.44
N ASN A 160 1.78 8.18 29.24
CA ASN A 160 1.84 8.70 30.58
C ASN A 160 1.13 7.76 31.54
N PRO A 161 1.89 6.94 32.27
CA PRO A 161 1.33 6.02 33.27
C PRO A 161 0.80 6.76 34.48
N ALA A 162 -0.07 6.13 35.23
CA ALA A 162 -0.68 6.77 36.38
C ALA A 162 -0.61 5.88 37.61
N GLN A 163 -0.40 6.51 38.75
CA GLN A 163 -0.44 5.81 40.03
C GLN A 163 -1.89 5.76 40.52
N PRO A 164 -2.21 4.85 41.46
CA PRO A 164 -3.58 4.70 41.98
C PRO A 164 -4.27 6.03 42.27
N VAL A 165 -5.27 6.35 41.46
CA VAL A 165 -6.00 7.60 41.59
C VAL A 165 -7.22 7.45 42.51
N GLY A 1 0.58 18.39 -20.22
CA GLY A 1 -0.60 18.53 -19.41
C GLY A 1 -0.57 17.64 -18.19
N ALA A 2 -1.26 16.52 -18.26
CA ALA A 2 -1.25 15.55 -17.16
C ALA A 2 -0.26 14.43 -17.47
N ASP A 3 1.02 14.79 -17.49
CA ASP A 3 2.08 13.84 -17.82
C ASP A 3 2.37 12.96 -16.61
N ASP A 4 2.62 13.61 -15.47
CA ASP A 4 2.85 12.91 -14.20
C ASP A 4 1.52 12.50 -13.57
N GLU A 5 0.80 11.63 -14.25
CA GLU A 5 -0.48 11.17 -13.76
C GLU A 5 -0.68 9.68 -14.06
N GLU A 6 -0.21 9.27 -15.22
CA GLU A 6 -0.36 7.89 -15.65
C GLU A 6 0.67 7.02 -14.94
N ARG A 7 0.20 6.26 -13.97
CA ARG A 7 1.09 5.46 -13.12
C ARG A 7 0.86 3.97 -13.33
N GLU A 8 1.90 3.31 -13.81
CA GLU A 8 1.84 1.92 -14.20
C GLU A 8 2.49 1.05 -13.13
N THR A 9 1.93 -0.13 -12.90
CA THR A 9 2.53 -1.09 -12.00
C THR A 9 3.19 -2.20 -12.80
N GLY A 10 4.10 -2.95 -12.20
CA GLY A 10 4.75 -4.03 -12.91
C GLY A 10 5.74 -4.81 -12.06
N ILE A 11 6.26 -5.87 -12.64
CA ILE A 11 7.28 -6.68 -12.00
C ILE A 11 8.53 -6.69 -12.87
N ILE A 12 9.70 -6.79 -12.27
CA ILE A 12 10.94 -6.77 -13.05
C ILE A 12 11.21 -8.14 -13.67
N GLU A 13 11.50 -8.13 -14.97
CA GLU A 13 11.72 -9.35 -15.74
C GLU A 13 13.07 -9.98 -15.41
N LYS A 14 14.11 -9.16 -15.39
CA LYS A 14 15.45 -9.64 -15.07
C LYS A 14 16.31 -8.50 -14.57
N LEU A 15 17.02 -8.74 -13.48
CA LEU A 15 17.95 -7.76 -12.94
C LEU A 15 19.25 -7.74 -13.73
N LEU A 16 19.46 -6.66 -14.45
CA LEU A 16 20.73 -6.40 -15.11
C LEU A 16 21.41 -5.25 -14.39
N HIS A 17 22.60 -4.89 -14.80
CA HIS A 17 23.32 -3.81 -14.14
C HIS A 17 23.17 -2.52 -14.93
N SER A 18 22.99 -1.42 -14.20
CA SER A 18 22.81 -0.07 -14.76
C SER A 18 21.39 0.11 -15.30
N TYR A 19 20.92 -0.87 -16.06
CA TYR A 19 19.58 -0.84 -16.63
C TYR A 19 18.86 -2.15 -16.33
N GLY A 20 17.53 -2.10 -16.30
CA GLY A 20 16.74 -3.30 -16.04
C GLY A 20 15.46 -3.30 -16.84
N PHE A 21 14.82 -4.47 -16.95
CA PHE A 21 13.60 -4.60 -17.74
C PHE A 21 12.38 -4.82 -16.84
N ILE A 22 11.32 -4.10 -17.14
CA ILE A 22 10.07 -4.24 -16.43
C ILE A 22 9.11 -5.11 -17.24
N GLN A 23 8.59 -6.15 -16.63
CA GLN A 23 7.72 -7.09 -17.30
C GLN A 23 6.31 -6.53 -17.41
N CYS A 24 5.76 -6.59 -18.61
CA CYS A 24 4.47 -6.00 -18.96
C CYS A 24 3.28 -6.69 -18.27
N CYS A 25 3.52 -7.68 -17.42
CA CYS A 25 2.42 -8.51 -16.84
C CYS A 25 1.30 -7.68 -16.22
N GLU A 26 1.59 -6.47 -15.77
CA GLU A 26 0.59 -5.62 -15.12
C GLU A 26 0.01 -4.58 -16.07
N ARG A 27 0.56 -4.48 -17.27
CA ARG A 27 0.18 -3.42 -18.22
C ARG A 27 0.40 -3.89 -19.67
N GLN A 28 0.50 -2.94 -20.59
CA GLN A 28 0.75 -3.28 -21.99
C GLN A 28 2.10 -2.71 -22.44
N ALA A 29 2.92 -2.35 -21.49
CA ALA A 29 4.20 -1.72 -21.78
C ALA A 29 5.35 -2.41 -21.07
N ARG A 30 6.23 -3.03 -21.86
CA ARG A 30 7.48 -3.55 -21.33
C ARG A 30 8.54 -2.44 -21.40
N LEU A 31 8.85 -1.87 -20.25
CA LEU A 31 9.77 -0.74 -20.20
C LEU A 31 11.12 -1.16 -19.65
N PHE A 32 12.14 -0.35 -19.91
CA PHE A 32 13.42 -0.52 -19.29
C PHE A 32 13.64 0.64 -18.32
N PHE A 33 14.02 0.33 -17.09
CA PHE A 33 14.15 1.35 -16.07
C PHE A 33 15.62 1.54 -15.72
N HIS A 34 16.00 2.78 -15.50
CA HIS A 34 17.36 3.10 -15.08
C HIS A 34 17.45 3.02 -13.57
N PHE A 35 18.53 2.43 -13.07
CA PHE A 35 18.71 2.27 -11.63
C PHE A 35 18.82 3.60 -10.90
N SER A 36 18.99 4.67 -11.67
CA SER A 36 19.00 6.01 -11.12
C SER A 36 17.61 6.43 -10.67
N GLN A 37 16.59 5.86 -11.31
CA GLN A 37 15.21 6.23 -11.05
C GLN A 37 14.49 5.15 -10.24
N PHE A 38 15.18 4.58 -9.27
CA PHE A 38 14.54 3.65 -8.35
C PHE A 38 14.52 4.26 -6.96
N SER A 39 13.35 4.28 -6.33
CA SER A 39 13.19 4.84 -5.00
C SER A 39 12.97 3.72 -3.99
N GLY A 40 13.92 3.57 -3.08
CA GLY A 40 13.84 2.53 -2.07
C GLY A 40 15.08 1.67 -2.03
N ASN A 41 14.95 0.46 -1.53
CA ASN A 41 16.09 -0.44 -1.45
C ASN A 41 16.16 -1.34 -2.68
N ILE A 42 17.06 -1.02 -3.59
CA ILE A 42 17.24 -1.79 -4.80
C ILE A 42 17.78 -3.19 -4.48
N ASP A 43 18.41 -3.33 -3.32
CA ASP A 43 18.94 -4.62 -2.87
C ASP A 43 17.80 -5.58 -2.56
N HIS A 44 16.62 -5.03 -2.33
CA HIS A 44 15.43 -5.83 -2.03
C HIS A 44 14.57 -5.99 -3.28
N LEU A 45 15.14 -5.61 -4.41
CA LEU A 45 14.44 -5.69 -5.69
C LEU A 45 14.94 -6.92 -6.45
N LYS A 46 14.05 -7.87 -6.67
CA LYS A 46 14.41 -9.13 -7.30
C LYS A 46 13.58 -9.38 -8.56
N ILE A 47 13.79 -10.53 -9.19
CA ILE A 47 13.08 -10.87 -10.41
C ILE A 47 11.67 -11.33 -10.08
N GLY A 48 10.69 -10.60 -10.58
CA GLY A 48 9.31 -10.91 -10.27
C GLY A 48 8.80 -10.08 -9.11
N ASP A 49 9.66 -9.25 -8.55
CA ASP A 49 9.29 -8.40 -7.42
C ASP A 49 8.43 -7.24 -7.92
N PRO A 50 7.24 -7.08 -7.33
CA PRO A 50 6.27 -6.09 -7.79
C PRO A 50 6.57 -4.66 -7.32
N VAL A 51 6.58 -3.74 -8.27
CA VAL A 51 6.80 -2.33 -7.98
C VAL A 51 5.72 -1.48 -8.65
N GLU A 52 5.56 -0.26 -8.19
CA GLU A 52 4.63 0.67 -8.83
C GLU A 52 5.40 1.92 -9.25
N PHE A 53 5.26 2.28 -10.51
CA PHE A 53 6.02 3.38 -11.08
C PHE A 53 5.11 4.33 -11.84
N GLU A 54 5.71 5.36 -12.40
CA GLU A 54 4.98 6.39 -13.10
C GLU A 54 5.60 6.57 -14.48
N MET A 55 4.77 6.51 -15.52
CA MET A 55 5.28 6.54 -16.89
C MET A 55 5.11 7.93 -17.48
N THR A 56 6.20 8.61 -17.71
CA THR A 56 6.15 9.98 -18.18
C THR A 56 7.07 10.20 -19.38
N TYR A 57 6.96 11.37 -20.00
CA TYR A 57 7.81 11.69 -21.15
C TYR A 57 8.70 12.87 -20.79
N ASP A 58 9.99 12.60 -20.66
CA ASP A 58 10.92 13.63 -20.23
C ASP A 58 11.25 14.57 -21.37
N ARG A 59 11.01 15.86 -21.14
CA ARG A 59 11.22 16.90 -22.16
C ARG A 59 12.70 17.27 -22.26
N ARG A 60 13.49 16.86 -21.27
CA ARG A 60 14.90 17.21 -21.21
C ARG A 60 15.71 16.34 -22.17
N THR A 61 15.71 15.04 -21.94
CA THR A 61 16.48 14.12 -22.76
C THR A 61 15.65 13.65 -23.96
N GLY A 62 14.33 13.73 -23.84
CA GLY A 62 13.46 13.39 -24.94
C GLY A 62 13.09 11.92 -25.00
N LYS A 63 13.28 11.23 -23.88
CA LYS A 63 12.99 9.79 -23.79
C LYS A 63 11.69 9.56 -23.03
N PRO A 64 10.88 8.58 -23.46
CA PRO A 64 9.78 8.10 -22.63
C PRO A 64 10.34 7.19 -21.54
N ILE A 65 10.05 7.50 -20.29
CA ILE A 65 10.73 6.83 -19.21
C ILE A 65 9.81 6.53 -18.04
N ALA A 66 10.34 5.77 -17.09
CA ALA A 66 9.66 5.53 -15.84
C ALA A 66 10.21 6.49 -14.79
N SER A 67 9.34 6.96 -13.91
CA SER A 67 9.74 7.86 -12.84
C SER A 67 10.58 7.10 -11.80
N GLN A 68 10.59 7.60 -10.58
CA GLN A 68 11.47 7.10 -9.52
C GLN A 68 11.00 5.75 -8.93
N VAL A 69 10.32 4.93 -9.76
CA VAL A 69 9.95 3.52 -9.47
C VAL A 69 9.98 3.17 -7.97
N SER A 70 8.82 3.07 -7.36
CA SER A 70 8.73 2.83 -5.94
C SER A 70 8.38 1.37 -5.64
N LYS A 71 8.98 0.85 -4.56
CA LYS A 71 8.68 -0.49 -4.09
C LYS A 71 7.28 -0.55 -3.49
N ILE A 72 6.55 -1.62 -3.77
CA ILE A 72 5.25 -1.82 -3.14
C ILE A 72 5.44 -2.40 -1.75
N ALA A 73 5.35 -1.54 -0.75
CA ALA A 73 5.57 -1.92 0.63
C ALA A 73 4.45 -2.81 1.16
N PRO A 74 4.75 -3.66 2.15
CA PRO A 74 3.77 -4.59 2.76
C PRO A 74 2.47 -3.90 3.15
N GLU A 75 1.36 -4.59 2.91
CA GLU A 75 0.03 -4.03 3.14
C GLU A 75 -0.50 -4.37 4.52
N VAL A 76 -1.23 -5.48 4.62
CA VAL A 76 -1.86 -5.88 5.87
C VAL A 76 -0.95 -6.79 6.68
N VAL A 77 -1.10 -6.76 8.00
CA VAL A 77 -0.36 -7.67 8.85
C VAL A 77 -1.02 -9.03 8.87
N LEU A 78 -0.52 -9.90 8.02
CA LEU A 78 -1.06 -11.25 7.88
C LEU A 78 -0.23 -12.25 8.67
N SER A 79 1.04 -11.91 8.91
CA SER A 79 1.96 -12.88 9.47
C SER A 79 2.18 -12.66 10.97
N GLU A 80 1.53 -13.50 11.76
CA GLU A 80 1.80 -13.60 13.19
C GLU A 80 2.03 -15.06 13.53
N GLU A 81 0.98 -15.85 13.33
CA GLU A 81 1.02 -17.29 13.50
C GLU A 81 -0.27 -17.87 12.92
N ARG A 82 -0.19 -19.08 12.37
CA ARG A 82 -1.36 -19.71 11.78
C ARG A 82 -2.26 -20.26 12.87
N VAL A 83 -3.30 -19.50 13.22
CA VAL A 83 -4.20 -19.91 14.29
C VAL A 83 -5.24 -20.90 13.78
N THR A 84 -5.79 -21.66 14.71
CA THR A 84 -6.86 -22.61 14.40
C THR A 84 -8.06 -22.32 15.29
N GLY A 85 -9.25 -22.54 14.77
CA GLY A 85 -10.43 -22.24 15.54
C GLY A 85 -11.51 -23.28 15.33
N THR A 86 -12.68 -23.03 15.88
CA THR A 86 -13.80 -23.92 15.74
C THR A 86 -15.04 -23.15 15.32
N VAL A 87 -15.73 -23.63 14.30
CA VAL A 87 -16.97 -23.02 13.85
C VAL A 87 -18.03 -23.11 14.93
N THR A 88 -18.65 -21.99 15.24
CA THR A 88 -19.73 -21.98 16.20
C THR A 88 -21.06 -21.62 15.52
N THR A 89 -20.98 -21.19 14.26
CA THR A 89 -22.17 -20.88 13.49
C THR A 89 -21.89 -21.08 12.00
N GLU A 90 -22.75 -21.83 11.34
CA GLU A 90 -22.60 -22.14 9.92
C GLU A 90 -23.48 -21.22 9.08
N LEU A 91 -23.27 -21.26 7.78
CA LEU A 91 -24.14 -20.57 6.85
C LEU A 91 -25.31 -21.45 6.47
N ARG A 92 -26.50 -20.89 6.52
CA ARG A 92 -27.69 -21.63 6.15
C ARG A 92 -27.96 -21.50 4.65
N THR A 93 -27.77 -22.57 3.93
CA THR A 93 -28.14 -22.61 2.52
C THR A 93 -28.60 -24.02 2.15
N ASP A 94 -29.41 -24.12 1.11
CA ASP A 94 -29.93 -25.40 0.65
C ASP A 94 -28.97 -26.03 -0.36
N SER A 95 -28.49 -25.22 -1.28
CA SER A 95 -27.58 -25.68 -2.31
C SER A 95 -26.51 -24.61 -2.54
N ALA A 96 -25.67 -24.82 -3.55
CA ALA A 96 -24.61 -23.87 -3.87
C ALA A 96 -25.21 -22.52 -4.28
N ASN A 97 -26.07 -22.54 -5.28
CA ASN A 97 -26.69 -21.32 -5.79
C ASN A 97 -28.10 -21.11 -5.25
N ASN A 98 -28.66 -22.13 -4.63
CA ASN A 98 -30.00 -21.99 -4.07
C ASN A 98 -29.93 -21.32 -2.71
N VAL A 99 -29.90 -20.01 -2.75
CA VAL A 99 -29.78 -19.19 -1.55
C VAL A 99 -31.08 -18.42 -1.33
N LEU A 100 -31.31 -17.98 -0.10
CA LEU A 100 -32.50 -17.22 0.25
C LEU A 100 -32.54 -15.94 -0.56
N ASN A 101 -31.75 -14.98 -0.13
CA ASN A 101 -31.58 -13.73 -0.86
C ASN A 101 -30.11 -13.49 -1.18
N SER A 102 -29.24 -13.68 -0.20
CA SER A 102 -27.82 -13.43 -0.37
C SER A 102 -27.04 -14.01 0.80
N SER A 103 -25.83 -13.50 1.02
CA SER A 103 -25.03 -13.89 2.18
C SER A 103 -25.56 -13.21 3.44
N GLU A 104 -26.83 -13.44 3.73
CA GLU A 104 -27.51 -12.82 4.86
C GLU A 104 -27.17 -13.53 6.15
N THR A 105 -26.60 -14.72 6.01
CA THR A 105 -26.18 -15.52 7.14
C THR A 105 -24.67 -15.42 7.32
N THR A 106 -24.23 -14.91 8.46
CA THR A 106 -22.82 -14.76 8.74
C THR A 106 -22.34 -15.85 9.69
N GLY A 107 -21.44 -16.70 9.20
CA GLY A 107 -20.89 -17.75 10.02
C GLY A 107 -19.99 -17.19 11.11
N ARG A 108 -19.75 -17.99 12.14
CA ARG A 108 -18.94 -17.56 13.26
C ARG A 108 -17.85 -18.58 13.57
N ILE A 109 -16.63 -18.10 13.64
CA ILE A 109 -15.50 -18.91 14.04
C ILE A 109 -14.99 -18.44 15.39
N SER A 110 -14.85 -19.36 16.33
CA SER A 110 -14.37 -19.00 17.65
C SER A 110 -12.99 -19.62 17.90
N TYR A 111 -12.09 -18.84 18.49
CA TYR A 111 -10.77 -19.33 18.85
C TYR A 111 -10.35 -18.70 20.16
N GLU A 112 -9.46 -19.35 20.89
CA GLU A 112 -9.01 -18.85 22.18
C GLU A 112 -7.56 -18.41 22.11
N ASN A 113 -7.31 -17.16 22.49
CA ASN A 113 -5.96 -16.61 22.50
C ASN A 113 -5.70 -15.96 23.85
N ARG A 114 -4.75 -16.49 24.61
CA ARG A 114 -4.42 -15.94 25.93
C ARG A 114 -5.62 -15.99 26.88
N GLY A 115 -6.57 -16.87 26.58
CA GLY A 115 -7.74 -17.01 27.42
C GLY A 115 -8.91 -16.18 26.93
N GLU A 116 -8.71 -15.40 25.88
CA GLU A 116 -9.79 -14.61 25.29
C GLU A 116 -10.32 -15.33 24.06
N CYS A 117 -11.63 -15.45 23.96
CA CYS A 117 -12.25 -16.11 22.82
C CYS A 117 -13.10 -15.12 22.03
N PHE A 118 -12.74 -14.92 20.78
CA PHE A 118 -13.47 -14.01 19.91
C PHE A 118 -14.24 -14.80 18.86
N PHE A 119 -15.31 -14.20 18.36
CA PHE A 119 -16.11 -14.81 17.30
C PHE A 119 -15.93 -14.03 16.01
N LEU A 120 -15.51 -14.72 14.96
CA LEU A 120 -15.21 -14.07 13.70
C LEU A 120 -16.32 -14.32 12.70
N PRO A 121 -16.95 -13.24 12.21
CA PRO A 121 -17.97 -13.32 11.16
C PRO A 121 -17.35 -13.54 9.79
N TYR A 122 -17.89 -14.50 9.03
CA TYR A 122 -17.40 -14.76 7.68
C TYR A 122 -18.55 -15.17 6.79
N THR A 123 -18.39 -14.94 5.49
CA THR A 123 -19.39 -15.33 4.52
C THR A 123 -18.91 -16.53 3.72
N LYS A 124 -19.67 -16.93 2.72
CA LYS A 124 -19.32 -18.05 1.86
C LYS A 124 -18.15 -17.66 0.94
N ASP A 125 -17.95 -16.36 0.78
CA ASP A 125 -16.92 -15.83 -0.12
C ASP A 125 -15.55 -15.83 0.56
N ASP A 126 -15.54 -15.71 1.88
CA ASP A 126 -14.29 -15.61 2.65
C ASP A 126 -13.59 -16.96 2.74
N VAL A 127 -14.33 -18.03 2.50
CA VAL A 127 -13.78 -19.37 2.57
C VAL A 127 -13.64 -19.98 1.18
N GLU A 128 -12.41 -20.09 0.71
CA GLU A 128 -12.15 -20.67 -0.61
C GLU A 128 -11.93 -22.17 -0.48
N GLY A 129 -12.51 -22.91 -1.40
CA GLY A 129 -12.42 -24.35 -1.38
C GLY A 129 -13.78 -25.00 -1.53
N ASN A 130 -14.82 -24.23 -1.25
CA ASN A 130 -16.21 -24.68 -1.39
C ASN A 130 -16.47 -25.87 -0.46
N VAL A 131 -15.78 -25.87 0.68
CA VAL A 131 -15.94 -26.92 1.65
C VAL A 131 -17.04 -26.56 2.64
N ASN A 132 -17.87 -27.52 2.99
CA ASN A 132 -18.97 -27.29 3.93
C ASN A 132 -18.46 -27.36 5.36
N LEU A 133 -18.29 -26.20 5.97
CA LEU A 133 -17.83 -26.12 7.34
C LEU A 133 -18.96 -26.48 8.29
N ARG A 134 -18.66 -27.30 9.28
CA ARG A 134 -19.68 -27.74 10.23
C ARG A 134 -19.27 -27.35 11.64
N ALA A 135 -20.16 -26.67 12.33
CA ALA A 135 -19.86 -26.15 13.65
C ALA A 135 -19.44 -27.26 14.60
N GLY A 136 -18.19 -27.22 15.00
CA GLY A 136 -17.63 -28.27 15.81
C GLY A 136 -16.45 -28.97 15.12
N ASP A 137 -16.13 -28.57 13.89
CA ASP A 137 -14.93 -29.07 13.23
C ASP A 137 -13.77 -28.10 13.43
N LYS A 138 -12.61 -28.46 12.91
CA LYS A 138 -11.42 -27.62 13.05
C LYS A 138 -11.18 -26.82 11.79
N VAL A 139 -11.13 -25.51 11.94
CA VAL A 139 -10.86 -24.62 10.82
C VAL A 139 -9.62 -23.79 11.09
N SER A 140 -8.94 -23.40 10.02
CA SER A 140 -7.74 -22.61 10.14
C SER A 140 -7.88 -21.33 9.31
N PHE A 141 -7.61 -20.20 9.92
CA PHE A 141 -7.68 -18.91 9.25
C PHE A 141 -6.48 -18.07 9.62
N GLN A 142 -6.12 -17.14 8.74
CA GLN A 142 -4.97 -16.30 8.97
C GLN A 142 -5.42 -14.86 9.19
N ILE A 143 -5.20 -14.35 10.39
CA ILE A 143 -5.71 -13.04 10.77
C ILE A 143 -4.82 -11.93 10.20
N ALA A 144 -5.35 -11.22 9.21
CA ALA A 144 -4.69 -10.04 8.68
C ALA A 144 -5.33 -8.79 9.26
N THR A 145 -4.61 -8.08 10.11
CA THR A 145 -5.14 -6.92 10.78
C THR A 145 -4.98 -5.66 9.94
N ASN A 146 -6.10 -5.16 9.42
CA ASN A 146 -6.13 -3.92 8.66
C ASN A 146 -5.73 -2.75 9.58
N GLN A 147 -5.04 -1.76 9.03
CA GLN A 147 -4.50 -0.66 9.84
C GLN A 147 -5.59 0.18 10.50
N ARG A 148 -6.82 0.09 10.01
CA ARG A 148 -7.91 0.82 10.62
C ARG A 148 -8.52 0.01 11.78
N GLY A 149 -7.92 -1.15 12.03
CA GLY A 149 -8.29 -1.97 13.17
C GLY A 149 -9.61 -2.71 12.98
N ASN A 150 -10.04 -2.80 11.74
CA ASN A 150 -11.27 -3.51 11.41
C ASN A 150 -10.95 -4.65 10.45
N LEU A 151 -11.11 -5.88 10.92
CA LEU A 151 -10.75 -7.05 10.15
C LEU A 151 -11.71 -8.20 10.40
N GLY A 152 -11.45 -9.33 9.75
CA GLY A 152 -12.24 -10.52 9.97
C GLY A 152 -11.39 -11.76 9.86
N ALA A 153 -11.98 -12.88 9.48
CA ALA A 153 -11.23 -14.10 9.29
C ALA A 153 -10.94 -14.32 7.82
N CYS A 154 -9.66 -14.35 7.47
CA CYS A 154 -9.27 -14.48 6.07
C CYS A 154 -8.50 -15.77 5.84
N HIS A 155 -8.45 -16.22 4.59
CA HIS A 155 -7.74 -17.44 4.20
C HIS A 155 -8.29 -18.66 4.92
N ILE A 156 -9.60 -18.63 5.16
CA ILE A 156 -10.26 -19.70 5.90
C ILE A 156 -10.20 -21.02 5.15
N ARG A 157 -9.69 -22.04 5.82
CA ARG A 157 -9.58 -23.37 5.26
C ARG A 157 -9.92 -24.40 6.32
N LEU A 158 -10.27 -25.60 5.87
CA LEU A 158 -10.59 -26.68 6.79
C LEU A 158 -9.30 -27.26 7.35
N GLU A 159 -9.14 -27.18 8.66
CA GLU A 159 -7.91 -27.61 9.31
C GLU A 159 -7.96 -29.11 9.55
N ASN A 160 -9.07 -29.57 10.10
CA ASN A 160 -9.26 -30.98 10.39
C ASN A 160 -10.74 -31.27 10.60
N PRO A 161 -11.36 -32.05 9.69
CA PRO A 161 -12.80 -32.35 9.77
C PRO A 161 -13.14 -33.20 10.99
N ALA A 162 -14.36 -33.06 11.47
CA ALA A 162 -14.80 -33.78 12.64
C ALA A 162 -16.02 -34.62 12.32
N GLN A 163 -16.08 -35.80 12.92
CA GLN A 163 -17.21 -36.69 12.73
C GLN A 163 -18.19 -36.55 13.90
N PRO A 164 -19.51 -36.55 13.63
CA PRO A 164 -20.52 -36.46 14.68
C PRO A 164 -20.45 -37.66 15.63
N VAL A 165 -19.96 -37.41 16.84
CA VAL A 165 -19.79 -38.47 17.82
C VAL A 165 -20.97 -38.54 18.78
N GLY A 1 3.11 20.02 -12.27
CA GLY A 1 1.68 19.78 -12.28
C GLY A 1 1.34 18.33 -12.55
N ALA A 2 1.47 17.93 -13.82
CA ALA A 2 1.14 16.57 -14.22
C ALA A 2 2.29 15.61 -13.91
N ASP A 3 2.55 15.43 -12.63
CA ASP A 3 3.59 14.51 -12.15
C ASP A 3 2.93 13.40 -11.34
N ASP A 4 1.62 13.42 -11.35
CA ASP A 4 0.80 12.53 -10.53
C ASP A 4 -0.53 12.28 -11.24
N GLU A 5 -0.65 11.13 -11.91
CA GLU A 5 -1.87 10.81 -12.65
C GLU A 5 -2.33 9.38 -12.43
N GLU A 6 -1.74 8.48 -13.19
CA GLU A 6 -2.23 7.11 -13.25
C GLU A 6 -1.15 6.09 -12.91
N ARG A 7 -1.10 5.73 -11.63
CA ARG A 7 -0.17 4.70 -11.18
C ARG A 7 -0.60 3.33 -11.71
N GLU A 8 0.37 2.54 -12.16
CA GLU A 8 0.10 1.18 -12.59
C GLU A 8 1.24 0.26 -12.16
N THR A 9 1.00 -1.03 -12.15
CA THR A 9 1.96 -1.98 -11.58
C THR A 9 2.63 -2.82 -12.66
N GLY A 10 3.79 -3.34 -12.33
CA GLY A 10 4.51 -4.25 -13.19
C GLY A 10 5.53 -5.03 -12.40
N ILE A 11 5.92 -6.19 -12.91
CA ILE A 11 6.91 -7.00 -12.21
C ILE A 11 8.26 -6.92 -12.91
N ILE A 12 9.33 -6.88 -12.14
CA ILE A 12 10.67 -6.81 -12.71
C ILE A 12 11.05 -8.16 -13.29
N GLU A 13 11.41 -8.18 -14.56
CA GLU A 13 11.67 -9.44 -15.27
C GLU A 13 13.13 -9.87 -15.15
N LYS A 14 14.04 -8.91 -15.12
CA LYS A 14 15.47 -9.24 -15.12
C LYS A 14 16.30 -8.07 -14.61
N LEU A 15 17.19 -8.35 -13.66
CA LEU A 15 18.09 -7.34 -13.13
C LEU A 15 19.40 -7.32 -13.90
N LEU A 16 19.57 -6.29 -14.72
CA LEU A 16 20.82 -6.08 -15.41
C LEU A 16 21.66 -5.08 -14.62
N HIS A 17 22.84 -4.75 -15.11
CA HIS A 17 23.73 -3.90 -14.35
C HIS A 17 23.49 -2.44 -14.69
N SER A 18 23.04 -1.69 -13.68
CA SER A 18 22.81 -0.24 -13.76
C SER A 18 21.49 0.08 -14.48
N TYR A 19 20.91 -0.91 -15.15
CA TYR A 19 19.65 -0.75 -15.84
C TYR A 19 18.84 -2.05 -15.76
N GLY A 20 17.55 -1.96 -16.03
CA GLY A 20 16.68 -3.12 -15.95
C GLY A 20 15.44 -2.98 -16.81
N PHE A 21 14.63 -4.03 -16.84
CA PHE A 21 13.40 -4.02 -17.62
C PHE A 21 12.20 -4.39 -16.77
N ILE A 22 11.06 -3.82 -17.12
CA ILE A 22 9.80 -4.10 -16.42
C ILE A 22 8.90 -4.94 -17.31
N GLN A 23 8.44 -6.06 -16.77
CA GLN A 23 7.63 -7.01 -17.53
C GLN A 23 6.23 -6.46 -17.75
N CYS A 24 5.69 -6.75 -18.92
CA CYS A 24 4.39 -6.27 -19.35
C CYS A 24 3.25 -7.07 -18.70
N CYS A 25 3.59 -7.96 -17.77
CA CYS A 25 2.62 -8.88 -17.18
C CYS A 25 1.37 -8.15 -16.68
N GLU A 26 1.55 -6.97 -16.08
CA GLU A 26 0.40 -6.17 -15.66
C GLU A 26 0.34 -4.84 -16.40
N ARG A 27 1.22 -4.68 -17.38
CA ARG A 27 1.36 -3.40 -18.08
C ARG A 27 1.09 -3.60 -19.56
N GLN A 28 0.42 -2.66 -20.18
CA GLN A 28 0.07 -2.78 -21.60
C GLN A 28 1.28 -2.49 -22.50
N ALA A 29 2.48 -2.72 -21.96
CA ALA A 29 3.73 -2.53 -22.67
C ALA A 29 4.89 -2.85 -21.74
N ARG A 30 5.96 -3.41 -22.29
CA ARG A 30 7.16 -3.65 -21.51
C ARG A 30 8.04 -2.41 -21.53
N LEU A 31 8.53 -2.01 -20.36
CA LEU A 31 9.23 -0.74 -20.22
C LEU A 31 10.65 -0.95 -19.70
N PHE A 32 11.48 0.06 -19.88
CA PHE A 32 12.86 0.02 -19.43
C PHE A 32 13.07 1.09 -18.37
N PHE A 33 13.96 0.81 -17.42
CA PHE A 33 14.30 1.78 -16.39
C PHE A 33 15.74 1.57 -15.93
N HIS A 34 16.23 2.46 -15.09
CA HIS A 34 17.59 2.35 -14.61
C HIS A 34 17.66 2.60 -13.10
N PHE A 35 18.80 2.25 -12.51
CA PHE A 35 18.97 2.28 -11.05
C PHE A 35 18.92 3.71 -10.50
N SER A 36 19.14 4.68 -11.38
CA SER A 36 19.10 6.08 -10.96
C SER A 36 17.67 6.64 -11.00
N GLN A 37 16.71 5.77 -11.34
CA GLN A 37 15.31 6.18 -11.34
C GLN A 37 14.56 5.48 -10.20
N PHE A 38 15.02 4.28 -9.86
CA PHE A 38 14.44 3.49 -8.79
C PHE A 38 14.89 4.04 -7.44
N SER A 39 13.93 4.43 -6.63
CA SER A 39 14.21 4.97 -5.30
C SER A 39 14.08 3.88 -4.25
N GLY A 40 15.00 3.89 -3.29
CA GLY A 40 14.91 2.95 -2.20
C GLY A 40 15.96 1.88 -2.29
N ASN A 41 15.81 0.88 -1.45
CA ASN A 41 16.74 -0.24 -1.39
C ASN A 41 16.58 -1.14 -2.61
N ILE A 42 17.58 -1.13 -3.47
CA ILE A 42 17.61 -1.95 -4.67
C ILE A 42 17.97 -3.39 -4.31
N ASP A 43 18.60 -3.55 -3.15
CA ASP A 43 19.02 -4.85 -2.65
C ASP A 43 17.81 -5.75 -2.41
N HIS A 44 16.70 -5.13 -2.06
CA HIS A 44 15.46 -5.87 -1.80
C HIS A 44 14.55 -5.84 -3.04
N LEU A 45 15.17 -5.65 -4.20
CA LEU A 45 14.46 -5.66 -5.47
C LEU A 45 14.92 -6.89 -6.25
N LYS A 46 13.99 -7.77 -6.60
CA LYS A 46 14.35 -9.07 -7.16
C LYS A 46 13.50 -9.38 -8.39
N ILE A 47 13.78 -10.50 -9.04
CA ILE A 47 13.00 -10.93 -10.19
C ILE A 47 11.61 -11.37 -9.76
N GLY A 48 10.59 -10.81 -10.40
CA GLY A 48 9.23 -11.19 -10.07
C GLY A 48 8.65 -10.35 -8.96
N ASP A 49 9.34 -9.28 -8.58
CA ASP A 49 8.84 -8.41 -7.53
C ASP A 49 7.92 -7.35 -8.11
N PRO A 50 6.66 -7.31 -7.65
CA PRO A 50 5.68 -6.35 -8.13
C PRO A 50 5.92 -4.93 -7.60
N VAL A 51 6.03 -3.99 -8.53
CA VAL A 51 6.22 -2.59 -8.18
C VAL A 51 5.13 -1.75 -8.81
N GLU A 52 4.81 -0.62 -8.21
CA GLU A 52 3.86 0.31 -8.80
C GLU A 52 4.56 1.60 -9.17
N PHE A 53 4.35 2.04 -10.40
CA PHE A 53 5.07 3.18 -10.93
C PHE A 53 4.16 4.12 -11.71
N GLU A 54 4.72 5.25 -12.10
CA GLU A 54 4.02 6.24 -12.90
C GLU A 54 4.76 6.40 -14.22
N MET A 55 4.04 6.41 -15.32
CA MET A 55 4.66 6.51 -16.64
C MET A 55 4.56 7.94 -17.16
N THR A 56 5.69 8.54 -17.46
CA THR A 56 5.70 9.92 -17.91
C THR A 56 6.62 10.09 -19.12
N TYR A 57 6.22 10.96 -20.02
CA TYR A 57 7.02 11.26 -21.20
C TYR A 57 7.94 12.43 -20.89
N ASP A 58 9.23 12.13 -20.78
CA ASP A 58 10.21 13.13 -20.37
C ASP A 58 10.34 14.25 -21.38
N ARG A 59 10.02 15.45 -20.93
CA ARG A 59 10.11 16.64 -21.76
C ARG A 59 11.54 17.16 -21.85
N ARG A 60 12.41 16.65 -21.00
CA ARG A 60 13.79 17.12 -20.94
C ARG A 60 14.57 16.62 -22.15
N THR A 61 14.62 15.31 -22.31
CA THR A 61 15.36 14.70 -23.40
C THR A 61 14.42 14.20 -24.49
N GLY A 62 13.29 13.63 -24.09
CA GLY A 62 12.33 13.13 -25.06
C GLY A 62 12.18 11.62 -25.01
N LYS A 63 12.63 11.02 -23.93
CA LYS A 63 12.54 9.57 -23.75
C LYS A 63 11.38 9.23 -22.81
N PRO A 64 10.72 8.08 -23.00
CA PRO A 64 9.66 7.65 -22.09
C PRO A 64 10.26 7.03 -20.85
N ILE A 65 9.88 7.53 -19.70
CA ILE A 65 10.47 7.06 -18.45
C ILE A 65 9.41 6.67 -17.44
N ALA A 66 9.82 5.93 -16.45
CA ALA A 66 9.00 5.64 -15.31
C ALA A 66 9.40 6.55 -14.16
N SER A 67 8.54 6.70 -13.17
CA SER A 67 8.86 7.50 -12.01
C SER A 67 9.83 6.75 -11.10
N GLN A 68 9.81 7.05 -9.81
CA GLN A 68 10.79 6.51 -8.87
C GLN A 68 10.64 5.00 -8.66
N VAL A 69 9.61 4.42 -9.28
CA VAL A 69 9.36 2.97 -9.23
C VAL A 69 9.39 2.44 -7.79
N SER A 70 8.24 2.49 -7.15
CA SER A 70 8.16 2.12 -5.75
C SER A 70 7.67 0.69 -5.60
N LYS A 71 8.40 -0.09 -4.81
CA LYS A 71 8.00 -1.45 -4.50
C LYS A 71 6.73 -1.41 -3.65
N ILE A 72 5.81 -2.33 -3.91
CA ILE A 72 4.52 -2.34 -3.20
C ILE A 72 4.71 -2.67 -1.72
N ALA A 73 4.78 -1.61 -0.91
CA ALA A 73 4.92 -1.73 0.54
C ALA A 73 4.56 -0.39 1.18
N PRO A 74 3.79 -0.41 2.28
CA PRO A 74 3.39 0.82 2.97
C PRO A 74 4.54 1.46 3.76
N GLU A 75 4.68 2.76 3.65
CA GLU A 75 5.69 3.49 4.40
C GLU A 75 5.05 4.23 5.57
N VAL A 76 5.52 5.45 5.85
CA VAL A 76 5.02 6.22 6.97
C VAL A 76 3.55 6.59 6.77
N VAL A 77 2.90 7.01 7.85
CA VAL A 77 1.47 7.30 7.84
C VAL A 77 1.19 8.73 7.37
N LEU A 78 0.46 8.85 6.26
CA LEU A 78 0.04 10.15 5.75
C LEU A 78 -1.37 10.48 6.20
N SER A 79 -1.87 9.72 7.16
CA SER A 79 -3.20 9.93 7.69
C SER A 79 -3.15 10.33 9.16
N GLU A 80 -3.63 9.43 10.02
CA GLU A 80 -3.61 9.63 11.47
C GLU A 80 -4.35 10.91 11.87
N GLU A 81 -5.39 11.23 11.09
CA GLU A 81 -6.24 12.41 11.30
C GLU A 81 -5.54 13.69 10.84
N ARG A 82 -6.13 14.35 9.85
CA ARG A 82 -5.57 15.59 9.34
C ARG A 82 -5.90 16.74 10.29
N VAL A 83 -5.01 16.97 11.23
CA VAL A 83 -5.21 18.02 12.21
C VAL A 83 -4.91 19.39 11.63
N THR A 84 -5.42 20.41 12.28
CA THR A 84 -5.20 21.78 11.86
C THR A 84 -4.25 22.47 12.84
N GLY A 85 -3.34 23.25 12.31
CA GLY A 85 -2.37 23.92 13.15
C GLY A 85 -2.20 25.37 12.78
N THR A 86 -1.65 26.13 13.71
CA THR A 86 -1.37 27.53 13.49
C THR A 86 0.12 27.77 13.57
N VAL A 87 0.69 28.36 12.53
CA VAL A 87 2.09 28.75 12.55
C VAL A 87 2.27 29.88 13.54
N THR A 88 3.15 29.67 14.51
CA THR A 88 3.39 30.70 15.50
C THR A 88 4.71 31.40 15.26
N THR A 89 5.59 30.76 14.51
CA THR A 89 6.91 31.29 14.24
C THR A 89 7.43 30.78 12.89
N GLU A 90 7.83 31.70 12.02
CA GLU A 90 8.45 31.35 10.75
C GLU A 90 9.93 31.06 10.94
N LEU A 91 10.64 30.86 9.85
CA LEU A 91 12.09 30.65 9.92
C LEU A 91 12.80 31.99 9.87
N ARG A 92 13.92 32.09 10.57
CA ARG A 92 14.59 33.38 10.71
C ARG A 92 15.90 33.41 9.92
N THR A 93 16.29 34.60 9.51
CA THR A 93 17.50 34.82 8.76
C THR A 93 18.71 34.94 9.70
N ASP A 94 19.81 34.32 9.31
CA ASP A 94 21.06 34.47 10.04
C ASP A 94 21.78 35.72 9.57
N SER A 95 22.16 35.71 8.30
CA SER A 95 22.81 36.86 7.70
C SER A 95 21.80 37.63 6.84
N ALA A 96 22.26 38.68 6.18
CA ALA A 96 21.37 39.51 5.39
C ALA A 96 21.34 39.09 3.92
N ASN A 97 22.40 38.43 3.48
CA ASN A 97 22.57 38.10 2.07
C ASN A 97 21.99 36.73 1.73
N ASN A 98 21.37 36.09 2.71
CA ASN A 98 20.82 34.76 2.50
C ASN A 98 19.67 34.46 3.46
N VAL A 99 18.80 33.55 3.03
CA VAL A 99 17.70 33.09 3.86
C VAL A 99 17.94 31.64 4.29
N LEU A 100 19.14 31.18 4.01
CA LEU A 100 19.55 29.82 4.29
C LEU A 100 21.03 29.77 4.61
N ASN A 101 21.33 29.61 5.88
CA ASN A 101 22.71 29.46 6.34
C ASN A 101 22.80 28.30 7.32
N SER A 102 21.92 28.31 8.31
CA SER A 102 21.84 27.20 9.24
C SER A 102 20.42 26.63 9.24
N SER A 103 20.31 25.33 9.49
CA SER A 103 19.01 24.66 9.47
C SER A 103 18.44 24.56 10.89
N GLU A 104 19.17 25.11 11.87
CA GLU A 104 18.74 25.05 13.26
C GLU A 104 17.55 25.98 13.51
N THR A 105 17.30 26.87 12.55
CA THR A 105 16.14 27.73 12.63
C THR A 105 14.92 26.98 12.11
N THR A 106 14.00 26.69 13.00
CA THR A 106 12.82 25.91 12.66
C THR A 106 11.56 26.70 12.97
N GLY A 107 10.52 26.46 12.20
CA GLY A 107 9.24 27.07 12.48
C GLY A 107 8.48 26.26 13.51
N ARG A 108 7.47 26.85 14.11
CA ARG A 108 6.67 26.16 15.10
C ARG A 108 5.19 26.20 14.73
N ILE A 109 4.57 25.04 14.73
CA ILE A 109 3.13 24.94 14.51
C ILE A 109 2.45 24.45 15.78
N SER A 110 1.47 25.20 16.25
CA SER A 110 0.72 24.83 17.45
C SER A 110 -0.61 24.19 17.05
N TYR A 111 -0.99 23.13 17.74
CA TYR A 111 -2.22 22.42 17.43
C TYR A 111 -2.81 21.80 18.69
N GLU A 112 -4.06 21.36 18.60
CA GLU A 112 -4.72 20.69 19.71
C GLU A 112 -4.99 19.23 19.38
N ASN A 113 -4.56 18.34 20.27
CA ASN A 113 -4.78 16.91 20.10
C ASN A 113 -4.82 16.24 21.45
N ARG A 114 -5.85 15.43 21.69
CA ARG A 114 -6.01 14.71 22.96
C ARG A 114 -6.23 15.67 24.12
N GLY A 115 -6.65 16.88 23.80
CA GLY A 115 -6.79 17.91 24.81
C GLY A 115 -5.45 18.48 25.23
N GLU A 116 -4.45 18.27 24.39
CA GLU A 116 -3.10 18.78 24.64
C GLU A 116 -2.68 19.69 23.50
N CYS A 117 -1.93 20.72 23.83
CA CYS A 117 -1.46 21.67 22.84
C CYS A 117 0.06 21.75 22.86
N PHE A 118 0.68 21.35 21.76
CA PHE A 118 2.13 21.36 21.66
C PHE A 118 2.58 22.00 20.35
N PHE A 119 3.81 22.48 20.32
CA PHE A 119 4.38 23.10 19.13
C PHE A 119 5.27 22.10 18.40
N LEU A 120 5.05 21.94 17.11
CA LEU A 120 5.87 21.03 16.31
C LEU A 120 6.84 21.82 15.45
N PRO A 121 8.07 21.30 15.25
CA PRO A 121 9.05 21.93 14.38
C PRO A 121 8.79 21.60 12.90
N TYR A 122 9.14 22.53 12.03
CA TYR A 122 9.07 22.31 10.59
C TYR A 122 10.06 23.24 9.89
N THR A 123 10.68 22.77 8.83
CA THR A 123 11.61 23.57 8.08
C THR A 123 11.06 23.89 6.69
N LYS A 124 11.86 24.56 5.87
CA LYS A 124 11.47 24.89 4.51
C LYS A 124 11.30 23.63 3.67
N ASP A 125 12.04 22.60 4.06
CA ASP A 125 12.11 21.36 3.30
C ASP A 125 10.85 20.52 3.49
N ASP A 126 10.15 20.75 4.59
CA ASP A 126 8.99 19.92 4.95
C ASP A 126 7.72 20.37 4.23
N VAL A 127 7.76 21.53 3.59
CA VAL A 127 6.61 22.03 2.86
C VAL A 127 6.93 22.23 1.37
N GLU A 128 6.39 21.35 0.55
CA GLU A 128 6.55 21.46 -0.89
C GLU A 128 5.22 21.87 -1.53
N GLY A 129 5.29 22.58 -2.65
CA GLY A 129 4.08 23.01 -3.34
C GLY A 129 4.05 24.50 -3.58
N ASN A 130 5.21 25.15 -3.47
CA ASN A 130 5.33 26.59 -3.71
C ASN A 130 4.51 27.39 -2.68
N VAL A 131 4.27 26.76 -1.54
CA VAL A 131 3.44 27.36 -0.50
C VAL A 131 4.25 28.35 0.33
N ASN A 132 3.71 29.54 0.52
CA ASN A 132 4.35 30.56 1.33
C ASN A 132 3.55 30.80 2.60
N LEU A 133 4.12 30.41 3.73
CA LEU A 133 3.44 30.51 5.02
C LEU A 133 3.89 31.75 5.78
N ARG A 134 3.00 32.28 6.60
CA ARG A 134 3.33 33.39 7.48
C ARG A 134 2.53 33.28 8.76
N ALA A 135 3.25 33.18 9.88
CA ALA A 135 2.64 32.89 11.18
C ALA A 135 1.39 33.72 11.45
N GLY A 136 0.35 33.04 11.87
CA GLY A 136 -0.95 33.67 12.02
C GLY A 136 -1.98 33.04 11.09
N ASP A 137 -1.48 32.25 10.14
CA ASP A 137 -2.36 31.53 9.20
C ASP A 137 -2.74 30.18 9.76
N LYS A 138 -3.61 29.47 9.04
CA LYS A 138 -4.08 28.17 9.49
C LYS A 138 -3.77 27.12 8.44
N VAL A 139 -2.97 26.15 8.83
CA VAL A 139 -2.49 25.13 7.92
C VAL A 139 -2.90 23.74 8.38
N SER A 140 -2.90 22.81 7.45
CA SER A 140 -3.13 21.40 7.77
C SER A 140 -1.83 20.63 7.58
N PHE A 141 -1.53 19.73 8.50
CA PHE A 141 -0.35 18.90 8.40
C PHE A 141 -0.66 17.48 8.83
N GLN A 142 -0.11 16.52 8.11
CA GLN A 142 -0.36 15.13 8.42
C GLN A 142 0.79 14.58 9.24
N ILE A 143 0.48 14.09 10.43
CA ILE A 143 1.49 13.59 11.33
C ILE A 143 1.95 12.20 10.91
N ALA A 144 3.16 12.13 10.38
CA ALA A 144 3.71 10.86 9.94
C ALA A 144 4.56 10.22 11.03
N THR A 145 4.03 9.15 11.61
CA THR A 145 4.74 8.41 12.65
C THR A 145 5.68 7.38 12.05
N ASN A 146 6.99 7.64 12.15
CA ASN A 146 8.00 6.69 11.70
C ASN A 146 8.09 5.54 12.71
N GLN A 147 8.62 4.40 12.26
CA GLN A 147 8.70 3.20 13.10
C GLN A 147 9.46 3.45 14.40
N ARG A 148 10.34 4.44 14.37
CA ARG A 148 11.15 4.80 15.53
C ARG A 148 10.26 5.42 16.62
N GLY A 149 9.10 5.92 16.22
CA GLY A 149 8.19 6.55 17.17
C GLY A 149 8.37 8.06 17.21
N ASN A 150 9.25 8.55 16.36
CA ASN A 150 9.48 9.98 16.23
C ASN A 150 8.73 10.52 15.02
N LEU A 151 8.09 11.66 15.20
CA LEU A 151 7.32 12.28 14.13
C LEU A 151 7.39 13.80 14.21
N GLY A 152 6.83 14.45 13.20
CA GLY A 152 6.82 15.89 13.15
C GLY A 152 5.73 16.38 12.23
N ALA A 153 5.85 17.62 11.78
CA ALA A 153 4.87 18.19 10.88
C ALA A 153 5.36 18.13 9.43
N CYS A 154 4.74 17.28 8.64
CA CYS A 154 5.09 17.14 7.24
C CYS A 154 3.82 17.19 6.42
N HIS A 155 3.97 17.15 5.09
CA HIS A 155 2.83 17.17 4.17
C HIS A 155 2.01 18.43 4.41
N ILE A 156 2.71 19.52 4.67
CA ILE A 156 2.10 20.76 5.13
C ILE A 156 1.48 21.53 3.98
N ARG A 157 0.22 21.90 4.13
CA ARG A 157 -0.49 22.64 3.10
C ARG A 157 -1.25 23.82 3.71
N LEU A 158 -1.24 24.93 3.01
CA LEU A 158 -1.92 26.14 3.49
C LEU A 158 -3.22 26.33 2.72
N GLU A 159 -4.33 26.06 3.37
CA GLU A 159 -5.63 26.17 2.74
C GLU A 159 -6.42 27.34 3.30
N ASN A 160 -6.10 27.74 4.51
CA ASN A 160 -6.71 28.93 5.11
C ASN A 160 -5.66 29.99 5.41
N PRO A 161 -5.33 30.83 4.41
CA PRO A 161 -4.37 31.91 4.58
C PRO A 161 -5.01 33.15 5.20
N ALA A 162 -4.19 33.97 5.82
CA ALA A 162 -4.68 35.18 6.48
C ALA A 162 -4.33 36.41 5.65
N GLN A 163 -5.33 37.01 5.04
CA GLN A 163 -5.14 38.23 4.28
C GLN A 163 -6.18 39.29 4.68
N PRO A 164 -5.84 40.58 4.56
CA PRO A 164 -6.76 41.66 4.87
C PRO A 164 -7.88 41.77 3.83
N VAL A 165 -9.12 41.76 4.30
CA VAL A 165 -10.29 41.84 3.44
C VAL A 165 -10.98 43.18 3.57
N GLY A 1 -2.33 18.06 -13.31
CA GLY A 1 -2.34 17.19 -14.48
C GLY A 1 -1.09 17.37 -15.32
N ALA A 2 -0.18 16.40 -15.20
CA ALA A 2 1.11 16.42 -15.90
C ALA A 2 2.01 15.30 -15.38
N ASP A 3 2.11 15.23 -14.06
CA ASP A 3 3.07 14.32 -13.41
C ASP A 3 2.33 13.26 -12.58
N ASP A 4 1.00 13.25 -12.66
CA ASP A 4 0.18 12.38 -11.81
C ASP A 4 -0.88 11.67 -12.64
N GLU A 5 -0.52 11.30 -13.86
CA GLU A 5 -1.49 10.77 -14.83
C GLU A 5 -2.03 9.41 -14.42
N GLU A 6 -1.36 8.35 -14.86
CA GLU A 6 -1.79 6.99 -14.58
C GLU A 6 -0.60 6.10 -14.27
N ARG A 7 -0.77 5.22 -13.31
CA ARG A 7 0.27 4.27 -12.93
C ARG A 7 -0.27 2.85 -12.87
N GLU A 8 -0.02 2.09 -13.92
CA GLU A 8 -0.31 0.67 -13.90
C GLU A 8 0.87 -0.08 -13.30
N THR A 9 0.62 -1.24 -12.72
CA THR A 9 1.65 -1.98 -12.04
C THR A 9 2.42 -2.89 -12.98
N GLY A 10 3.60 -3.31 -12.56
CA GLY A 10 4.40 -4.21 -13.36
C GLY A 10 5.38 -4.98 -12.50
N ILE A 11 5.92 -6.07 -13.04
CA ILE A 11 6.89 -6.86 -12.32
C ILE A 11 8.25 -6.80 -13.01
N ILE A 12 9.32 -6.89 -12.23
CA ILE A 12 10.66 -6.83 -12.77
C ILE A 12 11.03 -8.14 -13.45
N GLU A 13 11.40 -8.06 -14.72
CA GLU A 13 11.71 -9.24 -15.53
C GLU A 13 13.04 -9.85 -15.12
N LYS A 14 14.04 -9.00 -14.96
CA LYS A 14 15.39 -9.46 -14.66
C LYS A 14 16.20 -8.34 -14.03
N LEU A 15 17.11 -8.71 -13.14
CA LEU A 15 18.00 -7.75 -12.49
C LEU A 15 19.34 -7.71 -13.21
N LEU A 16 19.55 -6.64 -13.96
CA LEU A 16 20.82 -6.40 -14.61
C LEU A 16 21.53 -5.26 -13.88
N HIS A 17 22.73 -4.91 -14.32
CA HIS A 17 23.48 -3.85 -13.66
C HIS A 17 23.18 -2.51 -14.31
N SER A 18 22.84 -1.53 -13.47
CA SER A 18 22.52 -0.17 -13.90
C SER A 18 21.11 -0.08 -14.52
N TYR A 19 20.71 -1.10 -15.27
CA TYR A 19 19.40 -1.10 -15.92
C TYR A 19 18.62 -2.36 -15.57
N GLY A 20 17.30 -2.25 -15.62
CA GLY A 20 16.45 -3.40 -15.37
C GLY A 20 15.25 -3.38 -16.30
N PHE A 21 14.54 -4.49 -16.40
CA PHE A 21 13.39 -4.58 -17.30
C PHE A 21 12.09 -4.78 -16.53
N ILE A 22 11.02 -4.21 -17.06
CA ILE A 22 9.70 -4.30 -16.45
C ILE A 22 8.73 -5.03 -17.38
N GLN A 23 8.09 -6.07 -16.85
CA GLN A 23 7.25 -6.95 -17.65
C GLN A 23 5.88 -6.34 -17.95
N CYS A 24 5.49 -6.43 -19.21
CA CYS A 24 4.25 -5.86 -19.69
C CYS A 24 3.02 -6.74 -19.41
N CYS A 25 3.23 -7.90 -18.78
CA CYS A 25 2.12 -8.82 -18.49
C CYS A 25 1.09 -8.16 -17.56
N GLU A 26 1.58 -7.47 -16.55
CA GLU A 26 0.73 -6.77 -15.60
C GLU A 26 0.47 -5.35 -16.08
N ARG A 27 1.18 -4.96 -17.13
CA ARG A 27 1.14 -3.62 -17.65
C ARG A 27 0.49 -3.61 -19.04
N GLN A 28 0.63 -2.49 -19.72
CA GLN A 28 0.23 -2.39 -21.12
C GLN A 28 1.39 -1.82 -21.93
N ALA A 29 2.59 -1.95 -21.36
CA ALA A 29 3.81 -1.47 -21.99
C ALA A 29 5.02 -2.07 -21.29
N ARG A 30 5.92 -2.66 -22.07
CA ARG A 30 7.18 -3.17 -21.55
C ARG A 30 8.22 -2.05 -21.53
N LEU A 31 9.03 -1.98 -20.49
CA LEU A 31 9.97 -0.88 -20.33
C LEU A 31 11.26 -1.33 -19.68
N PHE A 32 12.29 -0.52 -19.85
CA PHE A 32 13.55 -0.72 -19.16
C PHE A 32 13.85 0.53 -18.33
N PHE A 33 14.17 0.33 -17.07
CA PHE A 33 14.42 1.45 -16.18
C PHE A 33 15.84 1.39 -15.65
N HIS A 34 16.35 2.52 -15.23
CA HIS A 34 17.70 2.58 -14.68
C HIS A 34 17.64 2.80 -13.18
N PHE A 35 18.67 2.32 -12.49
CA PHE A 35 18.70 2.30 -11.02
C PHE A 35 18.53 3.68 -10.39
N SER A 36 18.91 4.73 -11.10
CA SER A 36 18.77 6.10 -10.60
C SER A 36 17.30 6.50 -10.49
N GLN A 37 16.43 5.71 -11.12
CA GLN A 37 15.01 5.98 -11.13
C GLN A 37 14.27 4.90 -10.36
N PHE A 38 14.85 4.45 -9.27
CA PHE A 38 14.19 3.51 -8.37
C PHE A 38 14.20 4.04 -6.96
N SER A 39 13.01 4.28 -6.43
CA SER A 39 12.86 4.81 -5.10
C SER A 39 13.02 3.70 -4.07
N GLY A 40 14.24 3.52 -3.60
CA GLY A 40 14.52 2.52 -2.58
C GLY A 40 15.85 1.85 -2.77
N ASN A 41 16.03 0.72 -2.11
CA ASN A 41 17.26 -0.07 -2.22
C ASN A 41 17.16 -1.00 -3.41
N ILE A 42 17.97 -0.75 -4.44
CA ILE A 42 17.88 -1.51 -5.67
C ILE A 42 18.34 -2.97 -5.48
N ASP A 43 19.24 -3.19 -4.53
CA ASP A 43 19.77 -4.53 -4.28
C ASP A 43 18.72 -5.36 -3.53
N HIS A 44 17.70 -4.67 -3.02
CA HIS A 44 16.62 -5.32 -2.30
C HIS A 44 15.45 -5.60 -3.24
N LEU A 45 15.66 -5.34 -4.51
CA LEU A 45 14.66 -5.61 -5.54
C LEU A 45 14.90 -6.98 -6.17
N LYS A 46 13.87 -7.82 -6.16
CA LYS A 46 14.02 -9.20 -6.62
C LYS A 46 13.43 -9.37 -8.01
N ILE A 47 13.72 -10.50 -8.62
CA ILE A 47 13.20 -10.81 -9.94
C ILE A 47 11.81 -11.41 -9.83
N GLY A 48 10.83 -10.69 -10.34
CA GLY A 48 9.44 -11.05 -10.10
C GLY A 48 8.82 -10.17 -9.04
N ASP A 49 9.55 -9.13 -8.66
CA ASP A 49 9.10 -8.18 -7.64
C ASP A 49 8.12 -7.18 -8.28
N PRO A 50 6.90 -7.06 -7.73
CA PRO A 50 5.87 -6.16 -8.26
C PRO A 50 6.03 -4.71 -7.80
N VAL A 51 6.01 -3.80 -8.77
CA VAL A 51 6.12 -2.37 -8.50
C VAL A 51 5.06 -1.57 -9.27
N GLU A 52 4.88 -0.32 -8.89
CA GLU A 52 4.02 0.60 -9.61
C GLU A 52 4.81 1.82 -10.05
N PHE A 53 4.78 2.10 -11.35
CA PHE A 53 5.62 3.15 -11.90
C PHE A 53 4.83 4.06 -12.82
N GLU A 54 5.26 5.31 -12.87
CA GLU A 54 4.67 6.31 -13.75
C GLU A 54 5.37 6.29 -15.11
N MET A 55 4.63 6.62 -16.15
CA MET A 55 5.17 6.63 -17.50
C MET A 55 5.15 8.05 -18.04
N THR A 56 6.30 8.58 -18.42
CA THR A 56 6.42 9.95 -18.88
C THR A 56 7.36 10.06 -20.08
N TYR A 57 7.41 11.25 -20.68
CA TYR A 57 8.25 11.47 -21.85
C TYR A 57 9.17 12.65 -21.63
N ASP A 58 10.46 12.44 -21.79
CA ASP A 58 11.42 13.55 -21.72
C ASP A 58 11.57 14.23 -23.06
N ARG A 59 11.35 15.53 -23.09
CA ARG A 59 11.44 16.31 -24.32
C ARG A 59 12.89 16.64 -24.65
N ARG A 60 13.74 16.67 -23.64
CA ARG A 60 15.11 17.13 -23.83
C ARG A 60 15.93 16.13 -24.62
N THR A 61 16.01 14.89 -24.14
CA THR A 61 16.77 13.87 -24.83
C THR A 61 15.88 13.11 -25.80
N GLY A 62 14.59 13.04 -25.48
CA GLY A 62 13.65 12.37 -26.36
C GLY A 62 13.40 10.92 -25.99
N LYS A 63 13.89 10.54 -24.81
CA LYS A 63 13.69 9.17 -24.33
C LYS A 63 12.46 9.09 -23.44
N PRO A 64 11.57 8.12 -23.69
CA PRO A 64 10.46 7.82 -22.77
C PRO A 64 11.00 7.31 -21.45
N ILE A 65 10.59 7.93 -20.36
CA ILE A 65 11.16 7.61 -19.06
C ILE A 65 10.08 7.26 -18.05
N ALA A 66 10.44 6.37 -17.15
CA ALA A 66 9.61 6.09 -16.01
C ALA A 66 10.05 6.98 -14.86
N SER A 67 9.14 7.25 -13.94
CA SER A 67 9.45 8.10 -12.80
C SER A 67 10.31 7.35 -11.77
N GLN A 68 10.19 7.70 -10.50
CA GLN A 68 11.04 7.14 -9.45
C GLN A 68 10.74 5.66 -9.21
N VAL A 69 9.65 5.16 -9.81
CA VAL A 69 9.26 3.75 -9.67
C VAL A 69 9.09 3.36 -8.19
N SER A 70 7.86 3.41 -7.72
CA SER A 70 7.59 3.04 -6.35
C SER A 70 7.19 1.57 -6.28
N LYS A 71 7.52 0.91 -5.19
CA LYS A 71 7.13 -0.48 -5.03
C LYS A 71 5.69 -0.54 -4.54
N ILE A 72 5.03 -1.66 -4.75
CA ILE A 72 3.66 -1.81 -4.27
C ILE A 72 3.68 -2.01 -2.76
N ALA A 73 3.69 -0.91 -2.04
CA ALA A 73 3.67 -0.94 -0.59
C ALA A 73 2.42 -0.23 -0.07
N PRO A 74 1.31 -0.96 0.07
CA PRO A 74 0.06 -0.41 0.55
C PRO A 74 0.03 -0.30 2.06
N GLU A 75 -0.92 0.46 2.57
CA GLU A 75 -1.11 0.58 4.01
C GLU A 75 -1.75 -0.69 4.54
N VAL A 76 -2.37 -1.43 3.64
CA VAL A 76 -2.94 -2.73 3.95
C VAL A 76 -1.84 -3.78 3.85
N VAL A 77 -1.78 -4.68 4.81
CA VAL A 77 -0.70 -5.66 4.88
C VAL A 77 -0.79 -6.66 3.74
N LEU A 78 0.07 -6.48 2.73
CA LEU A 78 0.13 -7.36 1.59
C LEU A 78 0.88 -8.64 1.95
N SER A 79 0.14 -9.57 2.57
CA SER A 79 0.60 -10.94 2.91
C SER A 79 2.11 -11.10 3.04
N GLU A 80 2.62 -11.02 4.26
CA GLU A 80 4.02 -11.34 4.51
C GLU A 80 4.29 -12.80 4.18
N GLU A 81 3.26 -13.62 4.36
CA GLU A 81 3.30 -15.02 4.00
C GLU A 81 2.42 -15.27 2.77
N ARG A 82 3.02 -15.71 1.69
CA ARG A 82 2.29 -15.99 0.46
C ARG A 82 1.65 -17.36 0.54
N VAL A 83 0.46 -17.47 -0.04
CA VAL A 83 -0.29 -18.72 -0.02
C VAL A 83 -0.75 -19.11 -1.41
N THR A 84 -0.93 -20.40 -1.61
CA THR A 84 -1.38 -20.94 -2.88
C THR A 84 -2.74 -21.58 -2.73
N GLY A 85 -3.57 -21.48 -3.74
CA GLY A 85 -4.91 -22.01 -3.65
C GLY A 85 -5.32 -22.79 -4.88
N THR A 86 -6.40 -23.55 -4.77
CA THR A 86 -6.94 -24.31 -5.88
C THR A 86 -8.35 -23.83 -6.17
N VAL A 87 -8.64 -23.54 -7.43
CA VAL A 87 -9.97 -23.09 -7.82
C VAL A 87 -10.93 -24.27 -7.80
N THR A 88 -12.00 -24.15 -7.05
CA THR A 88 -13.02 -25.18 -7.03
C THR A 88 -14.20 -24.76 -7.90
N THR A 89 -14.32 -23.45 -8.09
CA THR A 89 -15.42 -22.88 -8.86
C THR A 89 -14.91 -21.72 -9.72
N GLU A 90 -15.03 -21.86 -11.03
CA GLU A 90 -14.55 -20.83 -11.95
C GLU A 90 -15.70 -19.92 -12.40
N LEU A 91 -15.35 -18.77 -12.96
CA LEU A 91 -16.33 -17.81 -13.43
C LEU A 91 -16.79 -18.17 -14.83
N ARG A 92 -18.02 -18.65 -14.94
CA ARG A 92 -18.57 -19.04 -16.23
C ARG A 92 -19.99 -18.48 -16.37
N THR A 93 -20.65 -18.83 -17.45
CA THR A 93 -21.96 -18.29 -17.77
C THR A 93 -23.08 -19.15 -17.19
N ASP A 94 -24.24 -18.53 -16.99
CA ASP A 94 -25.42 -19.24 -16.52
C ASP A 94 -26.19 -19.80 -17.72
N SER A 95 -26.13 -19.07 -18.82
CA SER A 95 -26.80 -19.46 -20.04
C SER A 95 -25.90 -19.17 -21.23
N ALA A 96 -25.72 -17.90 -21.54
CA ALA A 96 -24.88 -17.50 -22.67
C ALA A 96 -24.02 -16.30 -22.29
N ASN A 97 -24.64 -15.32 -21.64
CA ASN A 97 -23.94 -14.13 -21.20
C ASN A 97 -24.04 -14.04 -19.68
N ASN A 98 -24.31 -12.84 -19.18
CA ASN A 98 -24.53 -12.58 -17.75
C ASN A 98 -23.22 -12.71 -16.95
N VAL A 99 -22.26 -13.46 -17.47
CA VAL A 99 -20.97 -13.66 -16.83
C VAL A 99 -20.31 -12.30 -16.55
N LEU A 100 -19.93 -12.10 -15.28
CA LEU A 100 -19.22 -10.89 -14.80
C LEU A 100 -20.01 -9.61 -15.06
N ASN A 101 -21.23 -9.76 -15.53
CA ASN A 101 -22.09 -8.61 -15.81
C ASN A 101 -22.61 -8.03 -14.51
N SER A 102 -22.71 -8.89 -13.50
CA SER A 102 -23.14 -8.47 -12.18
C SER A 102 -22.49 -9.38 -11.13
N SER A 103 -22.42 -8.92 -9.90
CA SER A 103 -21.78 -9.67 -8.83
C SER A 103 -22.73 -10.71 -8.25
N GLU A 104 -23.43 -11.41 -9.13
CA GLU A 104 -24.33 -12.47 -8.73
C GLU A 104 -23.66 -13.82 -8.90
N THR A 105 -22.40 -13.79 -9.32
CA THR A 105 -21.59 -14.99 -9.43
C THR A 105 -20.18 -14.71 -8.94
N THR A 106 -19.59 -15.66 -8.26
CA THR A 106 -18.26 -15.49 -7.71
C THR A 106 -17.53 -16.82 -7.72
N GLY A 107 -16.22 -16.76 -7.87
CA GLY A 107 -15.43 -17.97 -7.91
C GLY A 107 -15.05 -18.44 -6.52
N ARG A 108 -14.54 -19.65 -6.43
CA ARG A 108 -14.15 -20.22 -5.16
C ARG A 108 -12.70 -20.68 -5.21
N ILE A 109 -11.88 -20.12 -4.34
CA ILE A 109 -10.51 -20.57 -4.19
C ILE A 109 -10.33 -21.26 -2.85
N SER A 110 -9.80 -22.47 -2.87
CA SER A 110 -9.62 -23.25 -1.66
C SER A 110 -8.14 -23.29 -1.27
N TYR A 111 -7.85 -22.98 -0.02
CA TYR A 111 -6.50 -23.09 0.49
C TYR A 111 -6.55 -23.48 1.96
N GLU A 112 -5.41 -23.89 2.52
CA GLU A 112 -5.37 -24.29 3.92
C GLU A 112 -4.65 -23.25 4.76
N ASN A 113 -5.36 -22.75 5.75
CA ASN A 113 -4.80 -21.82 6.71
C ASN A 113 -4.83 -22.46 8.09
N ARG A 114 -3.65 -22.73 8.64
CA ARG A 114 -3.50 -23.37 9.94
C ARG A 114 -4.05 -24.79 9.91
N GLY A 115 -4.15 -25.35 8.72
CA GLY A 115 -4.65 -26.70 8.56
C GLY A 115 -6.12 -26.72 8.22
N GLU A 116 -6.74 -25.54 8.21
CA GLU A 116 -8.14 -25.41 7.91
C GLU A 116 -8.35 -24.92 6.49
N CYS A 117 -9.18 -25.62 5.74
CA CYS A 117 -9.48 -25.24 4.36
C CYS A 117 -10.53 -24.15 4.34
N PHE A 118 -10.22 -23.04 3.68
CA PHE A 118 -11.15 -21.93 3.54
C PHE A 118 -11.41 -21.63 2.08
N PHE A 119 -12.63 -21.19 1.79
CA PHE A 119 -13.01 -20.82 0.43
C PHE A 119 -13.18 -19.31 0.33
N LEU A 120 -12.45 -18.69 -0.56
CA LEU A 120 -12.52 -17.24 -0.72
C LEU A 120 -13.29 -16.88 -1.97
N PRO A 121 -14.21 -15.91 -1.89
CA PRO A 121 -14.93 -15.38 -3.04
C PRO A 121 -14.06 -14.41 -3.84
N TYR A 122 -14.05 -14.57 -5.15
CA TYR A 122 -13.28 -13.68 -6.00
C TYR A 122 -14.00 -13.48 -7.32
N THR A 123 -13.85 -12.30 -7.90
CA THR A 123 -14.38 -12.02 -9.21
C THR A 123 -13.25 -11.82 -10.21
N LYS A 124 -13.57 -11.55 -11.46
CA LYS A 124 -12.55 -11.48 -12.50
C LYS A 124 -11.72 -10.21 -12.37
N ASP A 125 -12.27 -9.24 -11.67
CA ASP A 125 -11.58 -7.97 -11.42
C ASP A 125 -10.63 -8.10 -10.22
N ASP A 126 -10.64 -9.25 -9.55
CA ASP A 126 -9.72 -9.50 -8.44
C ASP A 126 -8.42 -10.11 -8.95
N VAL A 127 -8.43 -10.56 -10.20
CA VAL A 127 -7.27 -11.19 -10.78
C VAL A 127 -6.65 -10.31 -11.86
N GLU A 128 -5.43 -9.88 -11.61
CA GLU A 128 -4.66 -9.07 -12.54
C GLU A 128 -3.66 -9.95 -13.30
N GLY A 129 -2.91 -9.34 -14.20
CA GLY A 129 -1.96 -10.10 -15.00
C GLY A 129 -2.53 -10.45 -16.35
N ASN A 130 -3.83 -10.23 -16.54
CA ASN A 130 -4.52 -10.49 -17.80
C ASN A 130 -4.56 -11.98 -18.12
N VAL A 131 -4.49 -12.82 -17.09
CA VAL A 131 -4.48 -14.26 -17.27
C VAL A 131 -5.84 -14.85 -16.92
N ASN A 132 -6.27 -15.84 -17.69
CA ASN A 132 -7.53 -16.53 -17.43
C ASN A 132 -7.26 -17.83 -16.66
N LEU A 133 -7.97 -18.02 -15.56
CA LEU A 133 -7.83 -19.21 -14.73
C LEU A 133 -9.12 -20.02 -14.76
N ARG A 134 -8.99 -21.32 -14.61
CA ARG A 134 -10.14 -22.21 -14.60
C ARG A 134 -10.15 -23.04 -13.34
N ALA A 135 -11.20 -23.82 -13.13
CA ALA A 135 -11.27 -24.67 -11.97
C ALA A 135 -10.37 -25.89 -12.11
N GLY A 136 -9.45 -26.04 -11.17
CA GLY A 136 -8.60 -27.20 -11.15
C GLY A 136 -7.13 -26.89 -11.33
N ASP A 137 -6.81 -25.68 -11.78
CA ASP A 137 -5.40 -25.30 -11.92
C ASP A 137 -4.87 -24.74 -10.61
N LYS A 138 -3.62 -24.30 -10.62
CA LYS A 138 -2.96 -23.87 -9.39
C LYS A 138 -2.58 -22.40 -9.45
N VAL A 139 -3.19 -21.62 -8.58
CA VAL A 139 -2.94 -20.20 -8.52
C VAL A 139 -2.35 -19.80 -7.17
N SER A 140 -1.76 -18.62 -7.14
CA SER A 140 -1.20 -18.07 -5.92
C SER A 140 -1.78 -16.68 -5.72
N PHE A 141 -2.29 -16.41 -4.52
CA PHE A 141 -2.93 -15.14 -4.26
C PHE A 141 -2.34 -14.49 -3.02
N GLN A 142 -2.29 -13.18 -3.02
CA GLN A 142 -1.66 -12.45 -1.94
C GLN A 142 -2.73 -11.80 -1.07
N ILE A 143 -2.83 -12.27 0.16
CA ILE A 143 -3.86 -11.82 1.08
C ILE A 143 -3.47 -10.53 1.77
N ALA A 144 -4.01 -9.42 1.30
CA ALA A 144 -3.82 -8.15 1.97
C ALA A 144 -4.83 -8.01 3.10
N THR A 145 -4.33 -8.05 4.31
CA THR A 145 -5.18 -8.05 5.49
C THR A 145 -5.53 -6.64 5.93
N ASN A 146 -6.83 -6.30 5.86
CA ASN A 146 -7.30 -5.00 6.29
C ASN A 146 -7.31 -4.90 7.81
N GLN A 147 -7.45 -3.69 8.33
CA GLN A 147 -7.34 -3.42 9.77
C GLN A 147 -8.43 -4.15 10.56
N ARG A 148 -9.60 -4.31 9.96
CA ARG A 148 -10.72 -4.95 10.63
C ARG A 148 -10.53 -6.46 10.67
N GLY A 149 -9.71 -6.98 9.74
CA GLY A 149 -9.46 -8.40 9.70
C GLY A 149 -10.28 -9.11 8.64
N ASN A 150 -10.91 -8.34 7.77
CA ASN A 150 -11.73 -8.91 6.70
C ASN A 150 -11.11 -8.60 5.34
N LEU A 151 -10.91 -9.64 4.54
CA LEU A 151 -10.21 -9.49 3.27
C LEU A 151 -10.74 -10.47 2.21
N GLY A 152 -10.11 -10.46 1.05
CA GLY A 152 -10.45 -11.38 0.00
C GLY A 152 -9.20 -11.90 -0.69
N ALA A 153 -9.28 -12.10 -2.00
CA ALA A 153 -8.13 -12.57 -2.76
C ALA A 153 -7.84 -11.61 -3.91
N CYS A 154 -6.73 -10.90 -3.81
CA CYS A 154 -6.36 -9.92 -4.81
C CYS A 154 -4.98 -10.25 -5.37
N HIS A 155 -4.66 -9.69 -6.54
CA HIS A 155 -3.38 -9.95 -7.21
C HIS A 155 -3.19 -11.43 -7.46
N ILE A 156 -4.29 -12.10 -7.79
CA ILE A 156 -4.30 -13.52 -8.07
C ILE A 156 -3.39 -13.85 -9.27
N ARG A 157 -2.33 -14.59 -9.00
CA ARG A 157 -1.34 -14.90 -10.04
C ARG A 157 -1.40 -16.38 -10.40
N LEU A 158 -1.20 -16.68 -11.67
CA LEU A 158 -1.09 -18.05 -12.13
C LEU A 158 0.37 -18.38 -12.39
N GLU A 159 1.05 -18.95 -11.38
CA GLU A 159 2.46 -19.25 -11.51
C GLU A 159 2.68 -20.68 -11.95
N ASN A 160 1.75 -21.55 -11.60
CA ASN A 160 1.75 -22.92 -12.09
C ASN A 160 0.52 -23.14 -12.96
N PRO A 161 0.62 -22.76 -14.25
CA PRO A 161 -0.50 -22.80 -15.18
C PRO A 161 -0.75 -24.18 -15.77
N ALA A 162 -1.96 -24.40 -16.25
CA ALA A 162 -2.31 -25.64 -16.91
C ALA A 162 -2.07 -25.52 -18.41
N GLN A 163 -0.98 -26.12 -18.89
CA GLN A 163 -0.66 -26.12 -20.30
C GLN A 163 -1.66 -27.00 -21.07
N PRO A 164 -1.85 -26.74 -22.38
CA PRO A 164 -2.81 -27.48 -23.21
C PRO A 164 -2.64 -28.99 -23.11
N VAL A 165 -3.65 -29.65 -22.56
CA VAL A 165 -3.64 -31.09 -22.41
C VAL A 165 -4.26 -31.76 -23.63
#